data_9UI4
#
_entry.id   9UI4
#
_cell.length_a   1.00
_cell.length_b   1.00
_cell.length_c   1.00
_cell.angle_alpha   90.00
_cell.angle_beta   90.00
_cell.angle_gamma   90.00
#
_symmetry.space_group_name_H-M   'P 1'
#
loop_
_entity.id
_entity.type
_entity.pdbx_description
1 polymer 'DNA (27-MER)'
2 polymer 'DNA repair protein RAD51 homolog 1'
3 non-polymer 'PHOSPHOAMINOPHOSPHONIC ACID-ADENYLATE ESTER'
4 non-polymer 'MAGNESIUM ION'
#
loop_
_entity_poly.entity_id
_entity_poly.type
_entity_poly.pdbx_seq_one_letter_code
_entity_poly.pdbx_strand_id
1 'polydeoxyribonucleotide'
;(DT)(DT)(DT)(DC)(DG)(DT)(DC)(DG)(DC)(DC)(DC)(DA)(DC)(DG)(DC)(DT)(DT)(DT)(DT)(DT)
(DT)(DT)(DT)(DT)(DT)(DT)(DT)
;
L
2 'polypeptide(L)'
;MASWSHPQFEKGADDDDKVPDPMAMQMQLEASADTSVEEESFGPQPISRLEQCGINANDVKKLEEAGYHTVEAVAYAPKK
ELINIKGISEAKADKILTEAAKLVPMGFTTATEFHQRRSEIIQITTGSKELDKLLQGGIETGSITEMFGEFRTGKTQICH
TLAVTCQLPIDRGGGEGKAMYIDTEGTFRPERLLAVAERYGLSGSDVLDNVAYARGFNTDHQTQLLYQAEDMMVESRYAL
LIVDSATALYRTDYSGRGELSARQMHLARFLRMLLRLADEFGVAVVITNQVVAQVDGAAMFAADPKKPIGGNIIAHASTT
RLYLRKGRGETRICKIYDSPCLPEAEAMFAINADGVGDAKD
;
C,B,A,F,I,E,H,D,G
#
# COMPACT_ATOMS: atom_id res chain seq x y z
N PRO B 44 36.34 -8.29 24.21
CA PRO B 44 37.58 -8.89 23.72
C PRO B 44 38.33 -7.98 22.75
N GLN B 45 37.62 -7.41 21.78
CA GLN B 45 38.22 -6.50 20.80
C GLN B 45 37.30 -5.30 20.62
N PRO B 46 37.86 -4.14 20.31
CA PRO B 46 37.04 -2.92 20.20
C PRO B 46 36.36 -2.80 18.85
N ILE B 47 35.43 -1.85 18.77
CA ILE B 47 34.72 -1.58 17.52
C ILE B 47 35.67 -1.00 16.48
N SER B 48 36.74 -0.34 16.92
CA SER B 48 37.60 0.42 16.01
C SER B 48 38.17 -0.45 14.90
N ARG B 49 38.39 -1.74 15.17
CA ARG B 49 38.96 -2.61 14.16
C ARG B 49 38.14 -2.60 12.87
N LEU B 50 36.84 -2.36 12.97
CA LEU B 50 35.98 -2.32 11.80
C LEU B 50 36.45 -1.26 10.81
N GLU B 51 36.77 -0.05 11.30
CA GLU B 51 37.24 0.97 10.39
C GLU B 51 38.67 0.73 9.93
N GLN B 52 39.38 -0.19 10.58
CA GLN B 52 40.67 -0.62 10.05
C GLN B 52 40.50 -1.51 8.83
N CYS B 53 39.35 -2.17 8.71
CA CYS B 53 39.09 -3.09 7.61
C CYS B 53 38.75 -2.37 6.31
N GLY B 54 38.39 -1.08 6.37
CA GLY B 54 38.12 -0.35 5.15
C GLY B 54 36.76 0.31 5.05
N ILE B 55 36.14 0.64 6.18
CA ILE B 55 34.89 1.37 6.21
C ILE B 55 35.15 2.75 6.80
N ASN B 56 34.62 3.79 6.15
CA ASN B 56 34.95 5.15 6.53
C ASN B 56 34.32 5.45 7.89
N ALA B 57 35.01 6.29 8.67
CA ALA B 57 34.68 6.45 10.08
C ALA B 57 33.26 6.95 10.32
N ASN B 58 32.66 7.65 9.35
CA ASN B 58 31.31 8.16 9.58
C ASN B 58 30.31 7.02 9.69
N ASP B 59 30.48 5.97 8.88
CA ASP B 59 29.64 4.80 9.01
C ASP B 59 29.86 4.09 10.33
N VAL B 60 31.09 4.08 10.84
CA VAL B 60 31.36 3.49 12.15
C VAL B 60 30.63 4.28 13.24
N LYS B 61 30.66 5.61 13.16
CA LYS B 61 29.97 6.41 14.16
C LYS B 61 28.45 6.25 14.06
N LYS B 62 27.93 6.09 12.83
CA LYS B 62 26.50 5.83 12.67
C LYS B 62 26.12 4.48 13.27
N LEU B 63 26.96 3.46 13.06
CA LEU B 63 26.71 2.15 13.66
C LEU B 63 26.75 2.23 15.18
N GLU B 64 27.72 2.97 15.73
CA GLU B 64 27.83 3.10 17.18
C GLU B 64 26.67 3.88 17.77
N GLU B 65 26.15 4.86 17.04
CA GLU B 65 25.02 5.64 17.54
C GLU B 65 23.79 4.77 17.72
N ALA B 66 23.59 3.79 16.82
CA ALA B 66 22.49 2.85 16.97
C ALA B 66 22.64 1.98 18.20
N GLY B 67 23.85 1.81 18.71
CA GLY B 67 24.06 1.02 19.91
C GLY B 67 25.12 -0.06 19.74
N TYR B 68 25.63 -0.21 18.52
CA TYR B 68 26.63 -1.23 18.22
C TYR B 68 28.00 -0.71 18.66
N HIS B 69 28.29 -0.92 19.94
CA HIS B 69 29.53 -0.45 20.54
C HIS B 69 30.69 -1.42 20.35
N THR B 70 30.46 -2.55 19.68
CA THR B 70 31.50 -3.53 19.42
C THR B 70 31.25 -4.16 18.07
N VAL B 71 32.32 -4.69 17.47
CA VAL B 71 32.19 -5.39 16.19
C VAL B 71 31.33 -6.63 16.35
N GLU B 72 31.52 -7.36 17.45
CA GLU B 72 30.70 -8.54 17.71
C GLU B 72 29.23 -8.18 17.82
N ALA B 73 28.91 -7.06 18.47
CA ALA B 73 27.52 -6.65 18.60
C ALA B 73 26.89 -6.34 17.25
N VAL B 74 27.62 -5.65 16.36
CA VAL B 74 27.08 -5.35 15.04
C VAL B 74 26.99 -6.62 14.20
N ALA B 75 27.87 -7.58 14.44
CA ALA B 75 27.78 -8.86 13.72
C ALA B 75 26.57 -9.67 14.18
N TYR B 76 26.21 -9.57 15.46
CA TYR B 76 25.07 -10.32 15.98
C TYR B 76 23.78 -9.88 15.32
N ALA B 77 23.60 -8.57 15.12
CA ALA B 77 22.37 -8.08 14.53
C ALA B 77 22.29 -8.47 13.06
N PRO B 78 21.12 -8.85 12.56
CA PRO B 78 20.97 -9.19 11.15
C PRO B 78 20.95 -7.93 10.29
N LYS B 79 20.85 -8.13 8.98
CA LYS B 79 20.77 -7.02 8.05
C LYS B 79 19.53 -6.17 8.25
N LYS B 80 18.48 -6.75 8.84
CA LYS B 80 17.27 -5.98 9.13
C LYS B 80 17.55 -4.87 10.14
N GLU B 81 18.36 -5.16 11.15
CA GLU B 81 18.72 -4.14 12.13
C GLU B 81 19.83 -3.22 11.64
N LEU B 82 20.50 -3.56 10.55
CA LEU B 82 21.51 -2.68 9.96
C LEU B 82 20.88 -1.69 8.98
N ILE B 83 19.89 -2.13 8.21
CA ILE B 83 19.16 -1.21 7.34
C ILE B 83 18.34 -0.22 8.17
N ASN B 84 17.95 -0.63 9.38
CA ASN B 84 17.16 0.25 10.23
C ASN B 84 17.94 1.44 10.74
N ILE B 85 19.27 1.38 10.72
CA ILE B 85 20.07 2.52 11.12
C ILE B 85 19.95 3.62 10.05
N LYS B 86 19.60 4.82 10.48
CA LYS B 86 19.41 5.92 9.55
C LYS B 86 20.73 6.28 8.88
N GLY B 87 20.70 6.45 7.57
CA GLY B 87 21.89 6.74 6.80
C GLY B 87 22.65 5.54 6.30
N ILE B 88 22.24 4.33 6.69
CA ILE B 88 22.89 3.09 6.25
C ILE B 88 21.86 2.33 5.41
N SER B 89 22.05 2.34 4.10
CA SER B 89 21.15 1.65 3.19
C SER B 89 21.67 0.25 2.90
N GLU B 90 21.07 -0.42 1.91
CA GLU B 90 21.54 -1.74 1.53
C GLU B 90 22.95 -1.70 0.95
N ALA B 91 23.36 -0.54 0.43
CA ALA B 91 24.74 -0.37 0.01
C ALA B 91 25.67 -0.51 1.21
N LYS B 92 26.83 -1.13 0.97
CA LYS B 92 27.86 -1.39 1.97
C LYS B 92 27.38 -2.32 3.09
N ALA B 93 26.14 -2.81 3.02
CA ALA B 93 25.64 -3.72 4.04
C ALA B 93 26.45 -5.01 4.04
N ASP B 94 26.88 -5.48 2.87
CA ASP B 94 27.79 -6.62 2.83
C ASP B 94 29.13 -6.27 3.46
N LYS B 95 29.61 -5.05 3.24
CA LYS B 95 30.86 -4.61 3.86
C LYS B 95 30.75 -4.47 5.36
N ILE B 96 29.54 -4.51 5.91
CA ILE B 96 29.33 -4.45 7.35
C ILE B 96 29.11 -5.87 7.86
N LEU B 97 28.49 -6.72 7.04
CA LEU B 97 28.15 -8.06 7.47
C LEU B 97 29.34 -9.01 7.36
N THR B 98 29.84 -9.23 6.13
CA THR B 98 30.87 -10.25 5.94
C THR B 98 32.24 -9.78 6.44
N GLU B 99 32.52 -8.48 6.37
CA GLU B 99 33.78 -7.96 6.90
C GLU B 99 33.85 -8.16 8.41
N ALA B 100 32.73 -7.92 9.11
CA ALA B 100 32.69 -8.19 10.54
C ALA B 100 32.70 -9.69 10.83
N ALA B 101 32.00 -10.48 10.01
CA ALA B 101 31.95 -11.92 10.21
C ALA B 101 33.30 -12.60 9.99
N LYS B 102 34.18 -11.97 9.20
CA LYS B 102 35.53 -12.52 9.05
C LYS B 102 36.33 -12.44 10.35
N LEU B 103 35.91 -11.59 11.30
CA LEU B 103 36.61 -11.44 12.56
C LEU B 103 36.04 -12.31 13.68
N VAL B 104 34.93 -12.99 13.44
CA VAL B 104 34.32 -13.89 14.43
C VAL B 104 34.17 -15.25 13.80
N PRO B 105 34.14 -16.35 14.58
CA PRO B 105 34.00 -17.68 13.97
C PRO B 105 32.73 -17.81 13.14
N MET B 106 31.56 -17.63 13.77
CA MET B 106 30.27 -17.63 13.10
C MET B 106 30.13 -18.81 12.13
N GLY B 107 30.52 -19.99 12.60
CA GLY B 107 30.51 -21.16 11.75
C GLY B 107 30.38 -22.46 12.51
N PHE B 108 30.69 -23.57 11.84
CA PHE B 108 30.51 -24.91 12.42
C PHE B 108 31.82 -25.35 13.07
N THR B 109 31.89 -25.25 14.39
CA THR B 109 32.99 -25.82 15.15
C THR B 109 32.70 -27.31 15.37
N THR B 110 33.46 -27.94 16.24
CA THR B 110 33.20 -29.31 16.65
C THR B 110 32.90 -29.34 18.14
N ALA B 111 32.23 -30.42 18.57
CA ALA B 111 31.86 -30.52 19.98
C ALA B 111 33.09 -30.68 20.87
N THR B 112 34.17 -31.24 20.35
CA THR B 112 35.41 -31.33 21.11
C THR B 112 35.97 -29.95 21.41
N GLU B 113 35.96 -29.05 20.42
CA GLU B 113 36.43 -27.69 20.66
C GLU B 113 35.53 -26.96 21.65
N PHE B 114 34.22 -27.16 21.55
CA PHE B 114 33.30 -26.53 22.50
C PHE B 114 33.53 -27.06 23.91
N HIS B 115 33.78 -28.36 24.05
CA HIS B 115 34.06 -28.92 25.37
C HIS B 115 35.39 -28.40 25.91
N GLN B 116 36.38 -28.21 25.04
CA GLN B 116 37.64 -27.60 25.47
C GLN B 116 37.41 -26.17 25.95
N ARG B 117 36.56 -25.41 25.25
CA ARG B 117 36.22 -24.07 25.69
C ARG B 117 35.40 -24.11 26.98
N ARG B 118 34.68 -25.20 27.23
CA ARG B 118 33.89 -25.34 28.45
C ARG B 118 34.76 -25.31 29.70
N SER B 119 36.04 -25.66 29.59
CA SER B 119 36.94 -25.53 30.74
C SER B 119 37.30 -24.08 31.01
N GLU B 120 37.28 -23.24 29.97
CA GLU B 120 37.60 -21.83 30.13
C GLU B 120 36.61 -21.09 31.01
N ILE B 121 35.37 -21.59 31.10
CA ILE B 121 34.32 -20.86 31.81
C ILE B 121 34.75 -20.60 33.25
N ILE B 122 34.45 -19.40 33.74
CA ILE B 122 34.91 -19.00 35.06
C ILE B 122 34.16 -19.76 36.14
N GLN B 123 32.86 -19.98 35.95
CA GLN B 123 32.00 -20.63 36.93
C GLN B 123 32.04 -19.88 38.27
N ILE B 124 31.50 -18.66 38.23
CA ILE B 124 31.43 -17.81 39.41
C ILE B 124 30.77 -18.58 40.54
N THR B 125 31.36 -18.49 41.73
CA THR B 125 31.04 -19.37 42.84
C THR B 125 30.24 -18.63 43.90
N THR B 126 29.29 -19.33 44.51
CA THR B 126 28.49 -18.80 45.61
C THR B 126 29.31 -18.88 46.91
N GLY B 127 28.65 -18.64 48.03
CA GLY B 127 29.30 -18.67 49.33
C GLY B 127 29.13 -19.94 50.11
N SER B 128 28.33 -20.90 49.63
CA SER B 128 28.03 -22.12 50.35
C SER B 128 28.59 -23.32 49.62
N LYS B 129 29.08 -24.30 50.38
CA LYS B 129 29.60 -25.53 49.78
C LYS B 129 28.46 -26.41 49.28
N GLU B 130 27.37 -26.52 50.04
CA GLU B 130 26.22 -27.29 49.59
C GLU B 130 25.58 -26.63 48.37
N LEU B 131 25.47 -25.30 48.38
CA LEU B 131 24.98 -24.59 47.20
C LEU B 131 25.93 -24.78 46.03
N ASP B 132 27.23 -24.82 46.29
CA ASP B 132 28.20 -25.09 45.23
C ASP B 132 27.97 -26.46 44.62
N LYS B 133 27.72 -27.47 45.46
CA LYS B 133 27.41 -28.80 44.96
C LYS B 133 26.10 -28.80 44.18
N LEU B 134 25.15 -27.94 44.57
CA LEU B 134 23.89 -27.84 43.84
C LEU B 134 24.11 -27.37 42.41
N LEU B 135 24.89 -26.30 42.23
CA LEU B 135 25.13 -25.73 40.92
C LEU B 135 26.39 -26.26 40.26
N GLN B 136 27.05 -27.25 40.88
CA GLN B 136 28.29 -27.85 40.37
C GLN B 136 29.36 -26.78 40.11
N GLY B 137 29.76 -26.13 41.20
CA GLY B 137 30.79 -25.12 41.17
C GLY B 137 30.30 -23.69 41.25
N GLY B 138 29.00 -23.46 41.14
CA GLY B 138 28.44 -22.13 41.13
C GLY B 138 27.80 -21.79 39.79
N ILE B 139 27.33 -20.55 39.70
CA ILE B 139 26.74 -20.08 38.45
C ILE B 139 27.83 -20.06 37.37
N GLU B 140 27.41 -20.19 36.13
CA GLU B 140 28.35 -20.33 35.01
C GLU B 140 28.46 -19.02 34.24
N THR B 141 29.58 -18.91 33.52
CA THR B 141 29.88 -17.71 32.75
C THR B 141 29.13 -17.71 31.43
N GLY B 142 28.70 -16.53 31.00
CA GLY B 142 27.97 -16.40 29.75
C GLY B 142 26.61 -17.06 29.78
N SER B 143 25.85 -16.85 30.85
CA SER B 143 24.52 -17.43 30.96
C SER B 143 23.67 -16.57 31.88
N ILE B 144 22.36 -16.79 31.80
CA ILE B 144 21.36 -16.02 32.52
C ILE B 144 20.77 -16.90 33.61
N THR B 145 20.89 -16.45 34.86
CA THR B 145 20.30 -17.12 36.01
C THR B 145 19.20 -16.22 36.56
N GLU B 146 17.98 -16.73 36.58
CA GLU B 146 16.83 -16.04 37.13
C GLU B 146 16.39 -16.74 38.40
N MET B 147 16.43 -16.02 39.51
CA MET B 147 16.06 -16.58 40.80
C MET B 147 14.73 -15.96 41.22
N PHE B 148 13.75 -16.81 41.51
CA PHE B 148 12.43 -16.35 41.87
C PHE B 148 11.96 -17.03 43.15
N GLY B 149 11.05 -16.34 43.83
CA GLY B 149 10.47 -16.87 45.05
C GLY B 149 9.64 -15.79 45.72
N GLU B 150 9.08 -16.16 46.86
CA GLU B 150 8.33 -15.20 47.67
C GLU B 150 9.29 -14.16 48.25
N PHE B 151 8.74 -13.26 49.06
CA PHE B 151 9.56 -12.28 49.76
C PHE B 151 10.52 -13.00 50.71
N ARG B 152 11.57 -12.27 51.11
CA ARG B 152 12.65 -12.77 51.99
C ARG B 152 13.08 -14.19 51.63
N THR B 153 13.60 -14.34 50.41
CA THR B 153 14.14 -15.61 49.97
C THR B 153 15.63 -15.53 49.63
N GLY B 154 16.31 -14.46 50.04
CA GLY B 154 17.73 -14.34 49.82
C GLY B 154 18.16 -13.93 48.43
N LYS B 155 17.29 -13.28 47.66
CA LYS B 155 17.63 -12.92 46.29
C LYS B 155 18.72 -11.86 46.25
N THR B 156 18.45 -10.70 46.84
CA THR B 156 19.44 -9.61 46.80
C THR B 156 20.70 -9.98 47.56
N GLN B 157 20.60 -10.80 48.62
CA GLN B 157 21.79 -11.29 49.28
C GLN B 157 22.64 -12.14 48.34
N ILE B 158 21.98 -13.00 47.55
CA ILE B 158 22.70 -13.78 46.56
C ILE B 158 23.36 -12.88 45.53
N CYS B 159 22.64 -11.83 45.09
CA CYS B 159 23.21 -10.90 44.13
C CYS B 159 24.45 -10.21 44.70
N HIS B 160 24.36 -9.75 45.95
CA HIS B 160 25.48 -9.06 46.58
C HIS B 160 26.68 -9.99 46.72
N THR B 161 26.45 -11.22 47.19
CA THR B 161 27.57 -12.13 47.38
C THR B 161 28.19 -12.54 46.05
N LEU B 162 27.37 -12.73 45.01
CA LEU B 162 27.91 -13.08 43.70
C LEU B 162 28.71 -11.93 43.11
N ALA B 163 28.24 -10.69 43.29
CA ALA B 163 29.02 -9.54 42.83
C ALA B 163 30.32 -9.41 43.62
N VAL B 164 30.32 -9.76 44.90
CA VAL B 164 31.56 -9.73 45.66
C VAL B 164 32.54 -10.75 45.11
N THR B 165 32.08 -11.98 44.86
CA THR B 165 32.97 -12.98 44.28
C THR B 165 33.41 -12.62 42.87
N CYS B 166 32.63 -11.83 42.13
CA CYS B 166 33.11 -11.35 40.84
C CYS B 166 34.15 -10.25 41.02
N GLN B 167 34.05 -9.47 42.09
CA GLN B 167 35.08 -8.50 42.45
C GLN B 167 36.13 -9.13 43.38
N LEU B 168 36.64 -10.29 43.00
CA LEU B 168 37.56 -11.05 43.83
C LEU B 168 38.41 -11.93 42.93
N PRO B 169 39.57 -12.37 43.39
CA PRO B 169 40.42 -13.25 42.57
C PRO B 169 39.78 -14.62 42.37
N ILE B 170 40.41 -15.42 41.52
CA ILE B 170 39.90 -16.73 41.14
C ILE B 170 39.80 -17.70 42.31
N ASP B 171 40.44 -17.38 43.43
CA ASP B 171 40.37 -18.26 44.60
C ASP B 171 38.94 -18.41 45.09
N ARG B 172 38.16 -17.32 45.05
CA ARG B 172 36.77 -17.39 45.48
C ARG B 172 35.89 -18.10 44.45
N GLY B 173 36.22 -17.96 43.17
CA GLY B 173 35.44 -18.58 42.12
C GLY B 173 35.28 -17.74 40.88
N GLY B 174 35.39 -16.42 41.03
CA GLY B 174 35.34 -15.51 39.90
C GLY B 174 36.72 -14.98 39.56
N GLY B 175 37.00 -14.88 38.26
CA GLY B 175 38.33 -14.48 37.82
C GLY B 175 38.68 -13.05 38.18
N GLU B 176 38.01 -12.09 37.55
CA GLU B 176 38.23 -10.67 37.82
C GLU B 176 37.14 -9.89 37.11
N GLY B 177 36.99 -8.63 37.51
CA GLY B 177 36.03 -7.75 36.88
C GLY B 177 35.15 -7.00 37.87
N LYS B 178 34.60 -5.88 37.42
CA LYS B 178 33.71 -5.08 38.25
C LYS B 178 32.34 -5.76 38.37
N ALA B 179 31.46 -5.16 39.15
CA ALA B 179 30.10 -5.66 39.34
C ALA B 179 29.12 -4.60 38.87
N MET B 180 28.23 -4.97 37.96
CA MET B 180 27.26 -4.05 37.39
C MET B 180 25.92 -4.28 38.10
N TYR B 181 25.39 -3.23 38.71
CA TYR B 181 24.10 -3.28 39.38
C TYR B 181 23.07 -2.47 38.59
N ILE B 182 21.88 -3.04 38.45
CA ILE B 182 20.74 -2.36 37.80
C ILE B 182 19.56 -2.56 38.74
N ASP B 183 19.30 -1.57 39.59
CA ASP B 183 18.34 -1.69 40.67
C ASP B 183 17.12 -0.84 40.38
N THR B 184 15.94 -1.45 40.52
CA THR B 184 14.67 -0.73 40.39
C THR B 184 13.80 -0.97 41.61
N GLU B 185 13.91 -2.17 42.20
CA GLU B 185 13.12 -2.49 43.38
C GLU B 185 13.55 -1.68 44.60
N GLY B 186 14.74 -1.09 44.58
CA GLY B 186 15.16 -0.18 45.62
C GLY B 186 15.96 -0.78 46.76
N THR B 187 16.20 -2.10 46.74
CA THR B 187 16.96 -2.75 47.82
C THR B 187 18.46 -2.53 47.69
N PHE B 188 18.91 -1.66 46.78
CA PHE B 188 20.33 -1.34 46.67
C PHE B 188 20.69 -0.38 47.79
N ARG B 189 20.95 -0.97 48.97
CA ARG B 189 21.43 -0.20 50.11
C ARG B 189 22.91 -0.50 50.26
N PRO B 190 23.81 0.45 49.96
CA PRO B 190 25.23 0.20 50.17
C PRO B 190 25.63 -0.09 51.60
N GLU B 191 24.68 -0.01 52.55
CA GLU B 191 24.94 -0.53 53.89
C GLU B 191 25.22 -2.03 53.83
N ARG B 192 24.41 -2.77 53.07
CA ARG B 192 24.64 -4.20 52.91
C ARG B 192 25.91 -4.47 52.12
N LEU B 193 26.23 -3.61 51.15
CA LEU B 193 27.48 -3.75 50.42
C LEU B 193 28.67 -3.58 51.35
N LEU B 194 28.61 -2.57 52.23
CA LEU B 194 29.67 -2.38 53.20
C LEU B 194 29.75 -3.56 54.16
N ALA B 195 28.60 -4.07 54.60
CA ALA B 195 28.58 -5.20 55.52
C ALA B 195 29.19 -6.44 54.91
N VAL B 196 28.88 -6.71 53.64
CA VAL B 196 29.46 -7.88 52.97
C VAL B 196 30.94 -7.68 52.68
N ALA B 197 31.41 -6.43 52.68
CA ALA B 197 32.82 -6.17 52.41
C ALA B 197 33.72 -6.54 53.58
N GLU B 198 33.18 -6.62 54.80
CA GLU B 198 34.01 -6.96 55.96
C GLU B 198 34.47 -8.41 55.92
N ARG B 199 33.59 -9.32 55.52
CA ARG B 199 33.94 -10.74 55.54
C ARG B 199 35.04 -11.07 54.54
N TYR B 200 35.03 -10.41 53.38
CA TYR B 200 35.98 -10.71 52.33
C TYR B 200 37.25 -9.90 52.41
N GLY B 201 37.34 -8.95 53.35
CA GLY B 201 38.56 -8.20 53.54
C GLY B 201 38.97 -7.35 52.36
N LEU B 202 38.03 -6.60 51.78
CA LEU B 202 38.29 -5.71 50.67
C LEU B 202 37.94 -4.29 51.07
N SER B 203 38.84 -3.36 50.78
CA SER B 203 38.60 -1.96 51.13
C SER B 203 37.44 -1.39 50.33
N GLY B 204 36.65 -0.53 50.97
CA GLY B 204 35.47 0.01 50.34
C GLY B 204 35.74 0.91 49.15
N SER B 205 36.95 1.47 49.05
CA SER B 205 37.26 2.37 47.95
C SER B 205 37.24 1.63 46.61
N ASP B 206 37.72 0.39 46.58
CA ASP B 206 37.90 -0.35 45.34
C ASP B 206 36.73 -1.28 45.01
N VAL B 207 35.65 -1.26 45.79
CA VAL B 207 34.48 -2.10 45.53
C VAL B 207 33.22 -1.26 45.27
N LEU B 208 32.97 -0.25 46.12
CA LEU B 208 31.80 0.59 45.90
C LEU B 208 32.00 1.57 44.75
N ASP B 209 33.23 1.95 44.44
CA ASP B 209 33.48 2.77 43.27
C ASP B 209 33.47 1.95 41.98
N ASN B 210 33.57 0.63 42.09
CA ASN B 210 33.57 -0.27 40.94
C ASN B 210 32.19 -0.81 40.62
N VAL B 211 31.15 -0.39 41.33
CA VAL B 211 29.79 -0.88 41.14
C VAL B 211 28.89 0.31 40.82
N ALA B 212 27.95 0.10 39.90
CA ALA B 212 27.09 1.17 39.40
C ALA B 212 25.72 1.10 40.07
N TYR B 213 24.79 1.92 39.57
CA TYR B 213 23.45 2.01 40.12
C TYR B 213 22.49 2.44 39.03
N ALA B 214 21.22 2.04 39.18
CA ALA B 214 20.16 2.41 38.25
C ALA B 214 19.16 3.30 38.97
N ARG B 215 18.90 4.49 38.41
CA ARG B 215 17.97 5.44 39.01
C ARG B 215 16.61 5.44 38.34
N GLY B 216 16.54 5.15 37.04
CA GLY B 216 15.28 5.18 36.33
C GLY B 216 14.42 3.96 36.54
N PHE B 217 13.20 4.17 37.03
CA PHE B 217 12.25 3.08 37.24
C PHE B 217 11.32 2.99 36.02
N ASN B 218 11.91 2.61 34.90
CA ASN B 218 11.16 2.47 33.65
C ASN B 218 11.59 1.21 32.94
N THR B 219 10.64 0.61 32.20
CA THR B 219 10.93 -0.60 31.45
C THR B 219 11.98 -0.35 30.36
N ASP B 220 11.88 0.77 29.67
CA ASP B 220 12.88 1.13 28.67
C ASP B 220 14.19 1.61 29.30
N HIS B 221 14.14 2.06 30.56
CA HIS B 221 15.35 2.56 31.19
C HIS B 221 16.39 1.45 31.36
N GLN B 222 15.95 0.25 31.73
CA GLN B 222 16.90 -0.85 31.91
C GLN B 222 17.57 -1.23 30.59
N THR B 223 16.80 -1.28 29.51
CA THR B 223 17.39 -1.60 28.21
C THR B 223 18.36 -0.50 27.77
N GLN B 224 17.98 0.77 27.94
CA GLN B 224 18.89 1.85 27.57
C GLN B 224 20.15 1.81 28.42
N LEU B 225 20.01 1.55 29.71
CA LEU B 225 21.17 1.52 30.59
C LEU B 225 22.07 0.33 30.29
N LEU B 226 21.49 -0.78 29.81
CA LEU B 226 22.33 -1.91 29.41
C LEU B 226 23.04 -1.63 28.09
N TYR B 227 22.38 -0.94 27.16
CA TYR B 227 23.05 -0.49 25.95
C TYR B 227 24.21 0.45 26.28
N GLN B 228 24.03 1.30 27.30
CA GLN B 228 25.11 2.18 27.72
C GLN B 228 26.19 1.43 28.47
N ALA B 229 25.81 0.45 29.29
CA ALA B 229 26.79 -0.40 29.95
C ALA B 229 27.58 -1.21 28.94
N GLU B 230 27.05 -1.40 27.73
CA GLU B 230 27.84 -2.02 26.66
C GLU B 230 29.11 -1.22 26.39
N ASP B 231 28.97 0.10 26.17
CA ASP B 231 30.16 0.92 25.94
C ASP B 231 30.94 1.15 27.22
N MET B 232 30.27 1.10 28.37
CA MET B 232 30.98 1.18 29.64
C MET B 232 31.93 -0.02 29.81
N MET B 233 31.48 -1.21 29.43
CA MET B 233 32.22 -2.43 29.68
C MET B 233 33.17 -2.77 28.54
N VAL B 234 32.93 -2.24 27.33
CA VAL B 234 33.89 -2.44 26.26
C VAL B 234 35.21 -1.74 26.57
N GLU B 235 35.18 -0.75 27.46
CA GLU B 235 36.39 -0.07 27.93
C GLU B 235 36.93 -0.65 29.23
N SER B 236 36.32 -1.71 29.75
CA SER B 236 36.68 -2.25 31.06
C SER B 236 36.49 -3.77 31.02
N ARG B 237 36.43 -4.38 32.20
CA ARG B 237 36.19 -5.81 32.33
C ARG B 237 35.09 -6.04 33.37
N TYR B 238 34.17 -6.94 33.05
CA TYR B 238 33.04 -7.24 33.91
C TYR B 238 32.87 -8.75 34.05
N ALA B 239 32.30 -9.16 35.16
CA ALA B 239 32.04 -10.58 35.41
C ALA B 239 30.59 -10.88 35.74
N LEU B 240 29.93 -10.01 36.51
CA LEU B 240 28.54 -10.20 36.89
C LEU B 240 27.72 -8.96 36.56
N LEU B 241 26.50 -9.20 36.08
CA LEU B 241 25.55 -8.13 35.77
C LEU B 241 24.20 -8.48 36.38
N ILE B 242 23.68 -7.59 37.21
CA ILE B 242 22.50 -7.87 38.04
C ILE B 242 21.38 -6.93 37.63
N VAL B 243 20.23 -7.51 37.26
CA VAL B 243 19.01 -6.76 36.97
C VAL B 243 17.90 -7.41 37.79
N ASP B 244 17.68 -6.90 39.01
CA ASP B 244 16.75 -7.56 39.93
C ASP B 244 15.31 -7.43 39.47
N SER B 245 14.90 -6.22 39.09
CA SER B 245 13.53 -5.98 38.64
C SER B 245 13.40 -6.25 37.15
N ALA B 246 13.76 -7.47 36.76
CA ALA B 246 13.66 -7.87 35.36
C ALA B 246 12.21 -7.85 34.89
N THR B 247 11.30 -8.34 35.73
CA THR B 247 9.87 -8.33 35.43
C THR B 247 9.06 -7.53 36.43
N ALA B 248 9.67 -7.01 37.49
CA ALA B 248 8.92 -6.24 38.47
C ALA B 248 8.35 -4.96 37.88
N LEU B 249 9.07 -4.36 36.93
CA LEU B 249 8.58 -3.14 36.30
C LEU B 249 7.30 -3.39 35.53
N TYR B 250 7.23 -4.51 34.80
CA TYR B 250 6.12 -4.79 33.90
C TYR B 250 4.82 -5.07 34.62
N ARG B 251 4.85 -5.34 35.93
CA ARG B 251 3.62 -5.56 36.67
C ARG B 251 2.75 -4.31 36.68
N THR B 252 3.37 -3.14 36.85
CA THR B 252 2.64 -1.88 36.88
C THR B 252 2.79 -1.06 35.61
N ASP B 253 3.89 -1.23 34.86
CA ASP B 253 4.08 -0.43 33.64
C ASP B 253 3.01 -0.76 32.61
N TYR B 254 2.66 -2.03 32.45
CA TYR B 254 1.62 -2.47 31.52
C TYR B 254 0.57 -3.19 32.35
N SER B 255 -0.50 -2.48 32.70
CA SER B 255 -1.54 -3.00 33.57
C SER B 255 -2.79 -3.34 32.75
N GLY B 256 -3.31 -4.53 32.96
CA GLY B 256 -4.57 -4.92 32.35
C GLY B 256 -4.39 -5.73 31.08
N ARG B 257 -5.31 -6.66 30.86
CA ARG B 257 -5.35 -7.37 29.59
C ARG B 257 -5.73 -6.42 28.47
N GLY B 258 -5.03 -6.53 27.35
CA GLY B 258 -5.20 -5.60 26.26
C GLY B 258 -3.88 -4.93 25.93
N GLU B 259 -3.10 -4.63 26.96
CA GLU B 259 -1.75 -4.13 26.81
C GLU B 259 -0.70 -5.21 27.10
N LEU B 260 -1.14 -6.46 27.24
CA LEU B 260 -0.22 -7.53 27.58
C LEU B 260 0.76 -7.83 26.46
N SER B 261 0.29 -7.79 25.21
CA SER B 261 1.14 -8.18 24.08
C SER B 261 2.34 -7.26 23.93
N ALA B 262 2.10 -5.94 23.95
CA ALA B 262 3.20 -4.99 23.83
C ALA B 262 4.18 -5.16 24.97
N ARG B 263 3.66 -5.41 26.17
CA ARG B 263 4.52 -5.68 27.33
C ARG B 263 5.42 -6.88 27.08
N GLN B 264 4.86 -7.95 26.50
CA GLN B 264 5.65 -9.16 26.33
C GLN B 264 6.66 -9.04 25.19
N MET B 265 6.31 -8.35 24.10
CA MET B 265 7.34 -8.05 23.10
C MET B 265 8.45 -7.20 23.69
N HIS B 266 8.11 -6.21 24.52
CA HIS B 266 9.15 -5.40 25.14
C HIS B 266 10.06 -6.25 26.03
N LEU B 267 9.45 -7.13 26.83
CA LEU B 267 10.23 -8.02 27.69
C LEU B 267 11.11 -8.95 26.89
N ALA B 268 10.58 -9.51 25.79
CA ALA B 268 11.37 -10.42 24.97
C ALA B 268 12.54 -9.71 24.31
N ARG B 269 12.33 -8.49 23.82
CA ARG B 269 13.43 -7.72 23.24
C ARG B 269 14.50 -7.42 24.28
N PHE B 270 14.08 -7.04 25.49
CA PHE B 270 15.04 -6.81 26.56
C PHE B 270 15.83 -8.07 26.86
N LEU B 271 15.14 -9.22 26.94
CA LEU B 271 15.83 -10.47 27.24
C LEU B 271 16.80 -10.85 26.14
N ARG B 272 16.43 -10.62 24.88
CA ARG B 272 17.31 -11.01 23.78
C ARG B 272 18.56 -10.14 23.74
N MET B 273 18.41 -8.83 23.90
CA MET B 273 19.62 -8.01 23.94
C MET B 273 20.43 -8.25 25.20
N LEU B 274 19.79 -8.71 26.28
CA LEU B 274 20.53 -9.12 27.47
C LEU B 274 21.34 -10.37 27.21
N LEU B 275 20.77 -11.34 26.47
CA LEU B 275 21.50 -12.53 26.08
C LEU B 275 22.67 -12.18 25.17
N ARG B 276 22.46 -11.23 24.26
CA ARG B 276 23.55 -10.77 23.40
C ARG B 276 24.68 -10.17 24.23
N LEU B 277 24.34 -9.33 25.21
CA LEU B 277 25.35 -8.76 26.08
C LEU B 277 26.08 -9.84 26.87
N ALA B 278 25.35 -10.85 27.35
CA ALA B 278 25.97 -11.93 28.11
C ALA B 278 26.95 -12.72 27.25
N ASP B 279 26.57 -13.03 26.02
CA ASP B 279 27.41 -13.85 25.17
C ASP B 279 28.63 -13.08 24.67
N GLU B 280 28.43 -11.82 24.26
CA GLU B 280 29.48 -11.10 23.54
C GLU B 280 30.69 -10.83 24.43
N PHE B 281 30.47 -10.58 25.72
CA PHE B 281 31.57 -10.27 26.63
C PHE B 281 31.79 -11.33 27.70
N GLY B 282 31.11 -12.48 27.59
CA GLY B 282 31.31 -13.56 28.54
C GLY B 282 31.02 -13.16 29.96
N VAL B 283 29.90 -12.46 30.17
CA VAL B 283 29.49 -11.99 31.49
C VAL B 283 28.36 -12.88 31.97
N ALA B 284 28.32 -13.12 33.29
CA ALA B 284 27.22 -13.86 33.89
C ALA B 284 26.14 -12.90 34.33
N VAL B 285 24.89 -13.19 33.96
CA VAL B 285 23.77 -12.29 34.24
C VAL B 285 22.84 -12.93 35.25
N VAL B 286 22.38 -12.13 36.20
CA VAL B 286 21.41 -12.54 37.21
C VAL B 286 20.20 -11.63 37.09
N ILE B 287 19.01 -12.23 37.04
CA ILE B 287 17.76 -11.47 36.97
C ILE B 287 16.73 -12.07 37.91
N THR B 288 16.56 -11.48 39.09
CA THR B 288 15.59 -12.01 40.04
C THR B 288 14.16 -11.75 39.55
N ASN B 289 13.21 -12.47 40.13
CA ASN B 289 11.83 -12.40 39.68
C ASN B 289 10.88 -12.44 40.87
N GLN B 290 9.67 -11.93 40.64
CA GLN B 290 8.59 -11.96 41.61
C GLN B 290 7.71 -13.19 41.36
N VAL B 291 6.64 -13.32 42.15
CA VAL B 291 5.72 -14.44 42.03
C VAL B 291 4.29 -13.94 42.00
N VAL B 292 3.41 -14.78 41.47
CA VAL B 292 1.97 -14.58 41.51
C VAL B 292 1.32 -15.85 42.03
N ALA B 293 0.30 -15.70 42.86
CA ALA B 293 -0.40 -16.84 43.43
C ALA B 293 -1.48 -17.32 42.47
N GLN B 294 -1.45 -18.62 42.16
CA GLN B 294 -2.45 -19.21 41.30
C GLN B 294 -3.76 -19.37 42.07
N VAL B 295 -4.81 -18.70 41.58
CA VAL B 295 -6.11 -18.71 42.26
C VAL B 295 -7.04 -19.77 41.67
N ASP B 296 -6.53 -20.65 40.82
CA ASP B 296 -7.35 -21.70 40.22
C ASP B 296 -7.90 -22.65 41.28
N PRO B 305 1.60 -22.88 45.46
CA PRO B 305 0.87 -22.30 44.33
C PRO B 305 1.39 -20.93 43.92
N LYS B 306 2.70 -20.84 43.68
CA LYS B 306 3.34 -19.60 43.26
C LYS B 306 4.02 -19.83 41.92
N LYS B 307 3.87 -18.87 41.02
CA LYS B 307 4.45 -18.97 39.69
C LYS B 307 5.21 -17.70 39.36
N PRO B 308 6.37 -17.82 38.71
CA PRO B 308 7.08 -16.61 38.28
C PRO B 308 6.24 -15.81 37.29
N ILE B 309 6.37 -14.49 37.37
CA ILE B 309 5.56 -13.61 36.54
C ILE B 309 6.25 -13.42 35.19
N GLY B 310 5.48 -12.94 34.22
CA GLY B 310 5.97 -12.79 32.85
C GLY B 310 6.29 -14.10 32.18
N GLY B 311 5.44 -15.12 32.37
CA GLY B 311 5.74 -16.45 31.90
C GLY B 311 5.76 -16.56 30.40
N ASN B 312 6.31 -17.69 29.93
CA ASN B 312 6.40 -18.10 28.53
C ASN B 312 7.29 -17.18 27.70
N ILE B 313 7.84 -16.12 28.28
CA ILE B 313 8.80 -15.26 27.63
C ILE B 313 10.12 -15.21 28.41
N ILE B 314 10.03 -15.02 29.72
CA ILE B 314 11.19 -15.14 30.57
C ILE B 314 11.50 -16.58 30.94
N ALA B 315 10.53 -17.48 30.75
CA ALA B 315 10.77 -18.89 31.06
C ALA B 315 11.78 -19.49 30.08
N HIS B 316 11.62 -19.22 28.79
CA HIS B 316 12.54 -19.76 27.80
C HIS B 316 13.88 -19.06 27.84
N ALA B 317 13.87 -17.73 27.92
CA ALA B 317 15.11 -16.95 27.81
C ALA B 317 16.09 -17.27 28.92
N SER B 318 15.60 -17.38 30.15
CA SER B 318 16.44 -17.70 31.29
C SER B 318 16.96 -19.13 31.14
N THR B 319 18.27 -19.28 30.93
CA THR B 319 18.84 -20.61 30.78
C THR B 319 18.95 -21.35 32.11
N THR B 320 18.95 -20.63 33.23
CA THR B 320 18.96 -21.24 34.54
C THR B 320 17.93 -20.55 35.41
N ARG B 321 17.17 -21.32 36.17
CA ARG B 321 16.19 -20.79 37.11
C ARG B 321 16.42 -21.39 38.48
N LEU B 322 16.36 -20.55 39.50
CA LEU B 322 16.55 -20.97 40.89
C LEU B 322 15.33 -20.57 41.70
N TYR B 323 14.65 -21.57 42.26
CA TYR B 323 13.44 -21.36 43.04
C TYR B 323 13.81 -21.36 44.52
N LEU B 324 13.54 -20.26 45.20
CA LEU B 324 13.95 -20.08 46.59
C LEU B 324 12.74 -20.13 47.51
N ARG B 325 12.83 -20.95 48.55
CA ARG B 325 11.78 -21.10 49.54
C ARG B 325 12.32 -20.71 50.92
N LYS B 326 11.44 -20.14 51.74
CA LYS B 326 11.77 -19.88 53.13
C LYS B 326 11.67 -21.16 53.93
N GLY B 327 12.70 -21.42 54.75
CA GLY B 327 12.71 -22.62 55.57
C GLY B 327 12.32 -22.34 57.01
N ARG B 328 13.23 -22.60 57.94
CA ARG B 328 13.02 -22.33 59.35
C ARG B 328 14.02 -21.28 59.82
N GLY B 329 13.55 -20.34 60.63
CA GLY B 329 14.40 -19.27 61.10
C GLY B 329 14.78 -18.31 59.99
N GLU B 330 16.04 -18.34 59.58
CA GLU B 330 16.51 -17.54 58.45
C GLU B 330 17.01 -18.39 57.30
N THR B 331 17.13 -19.71 57.46
CA THR B 331 17.62 -20.57 56.41
C THR B 331 16.61 -20.66 55.27
N ARG B 332 17.14 -20.71 54.04
CA ARG B 332 16.34 -20.86 52.83
C ARG B 332 16.75 -22.12 52.10
N ILE B 333 15.91 -22.51 51.14
CA ILE B 333 16.14 -23.69 50.31
C ILE B 333 16.14 -23.24 48.85
N CYS B 334 17.20 -23.59 48.13
CA CYS B 334 17.31 -23.27 46.71
C CYS B 334 17.17 -24.56 45.92
N LYS B 335 16.21 -24.60 45.01
CA LYS B 335 15.98 -25.74 44.14
C LYS B 335 16.20 -25.32 42.70
N ILE B 336 16.84 -26.17 41.92
CA ILE B 336 17.19 -25.84 40.54
C ILE B 336 15.92 -26.03 39.70
N TYR B 337 15.20 -24.93 39.45
CA TYR B 337 13.98 -25.00 38.67
C TYR B 337 14.25 -25.43 37.24
N ASP B 338 15.17 -24.74 36.57
CA ASP B 338 15.49 -25.02 35.17
C ASP B 338 17.00 -25.02 34.97
N SER B 339 17.49 -26.00 34.24
CA SER B 339 18.91 -26.07 33.89
C SER B 339 19.13 -27.11 32.80
N PRO B 340 20.00 -26.84 31.83
CA PRO B 340 20.28 -27.83 30.78
C PRO B 340 21.30 -28.88 31.17
N CYS B 341 22.00 -28.71 32.30
CA CYS B 341 23.01 -29.66 32.74
C CYS B 341 22.80 -30.14 34.18
N LEU B 342 22.39 -29.25 35.08
CA LEU B 342 22.26 -29.59 36.49
C LEU B 342 20.97 -30.36 36.76
N PRO B 343 20.99 -31.30 37.71
CA PRO B 343 19.81 -32.11 37.98
C PRO B 343 18.82 -31.37 38.87
N GLU B 344 17.75 -32.07 39.24
CA GLU B 344 16.69 -31.52 40.09
C GLU B 344 17.06 -31.74 41.56
N ALA B 345 18.01 -30.94 42.02
CA ALA B 345 18.52 -31.03 43.38
C ALA B 345 18.01 -29.85 44.21
N GLU B 346 18.11 -30.00 45.53
CA GLU B 346 17.74 -28.96 46.48
C GLU B 346 18.87 -28.78 47.48
N ALA B 347 19.20 -27.52 47.78
CA ALA B 347 20.30 -27.18 48.68
C ALA B 347 19.81 -26.20 49.73
N MET B 348 19.98 -26.55 51.00
CA MET B 348 19.64 -25.67 52.09
C MET B 348 20.84 -24.78 52.40
N PHE B 349 20.61 -23.47 52.42
CA PHE B 349 21.63 -22.54 52.87
C PHE B 349 21.06 -21.67 53.98
N ALA B 350 21.94 -21.06 54.76
CA ALA B 350 21.55 -20.27 55.93
C ALA B 350 22.22 -18.91 55.83
N ILE B 351 21.45 -17.89 55.46
CA ILE B 351 22.00 -16.55 55.30
C ILE B 351 22.52 -16.06 56.65
N ASN B 352 23.79 -15.71 56.70
CA ASN B 352 24.39 -15.19 57.92
C ASN B 352 25.08 -13.87 57.65
N ALA B 353 25.84 -13.36 58.62
CA ALA B 353 26.54 -12.09 58.44
C ALA B 353 27.63 -12.21 57.39
N ASP B 354 28.28 -13.38 57.29
CA ASP B 354 29.36 -13.54 56.31
C ASP B 354 28.84 -13.42 54.88
N GLY B 355 27.71 -14.02 54.58
CA GLY B 355 27.16 -13.99 53.24
C GLY B 355 25.98 -14.93 53.07
N VAL B 356 25.97 -15.71 52.00
CA VAL B 356 24.92 -16.71 51.82
C VAL B 356 25.01 -17.77 52.89
N GLY B 357 26.22 -18.27 53.16
CA GLY B 357 26.42 -19.22 54.23
C GLY B 357 25.77 -20.57 53.95
N ASP B 358 25.89 -21.46 54.93
CA ASP B 358 25.31 -22.79 54.82
C ASP B 358 25.07 -23.41 56.20
N PRO C 44 14.03 15.71 45.41
CA PRO C 44 13.30 16.96 45.15
C PRO C 44 14.06 17.90 44.23
N GLN C 45 13.69 17.91 42.94
CA GLN C 45 14.33 18.78 41.94
C GLN C 45 13.24 19.53 41.19
N PRO C 46 12.68 20.60 41.79
CA PRO C 46 11.74 21.47 41.08
C PRO C 46 12.46 22.58 40.31
N ILE C 47 13.46 22.19 39.53
CA ILE C 47 14.29 23.18 38.83
C ILE C 47 13.47 23.87 37.74
N SER C 48 13.77 25.15 37.52
CA SER C 48 13.16 25.89 36.43
C SER C 48 13.59 25.38 35.06
N ARG C 49 14.61 24.52 35.01
CA ARG C 49 15.05 23.94 33.75
C ARG C 49 13.92 23.16 33.08
N LEU C 50 13.02 22.56 33.88
CA LEU C 50 11.95 21.74 33.33
C LEU C 50 11.07 22.53 32.36
N GLU C 51 10.92 23.83 32.58
CA GLU C 51 10.12 24.66 31.69
C GLU C 51 10.96 25.51 30.74
N GLN C 52 12.19 25.83 31.12
CA GLN C 52 13.04 26.70 30.32
C GLN C 52 13.85 25.96 29.26
N CYS C 53 13.65 24.66 29.11
CA CYS C 53 14.39 23.88 28.13
C CYS C 53 13.79 24.11 26.75
N GLY C 54 14.16 23.26 25.78
CA GLY C 54 13.67 23.43 24.43
C GLY C 54 12.16 23.44 24.31
N ILE C 55 11.48 22.72 25.22
CA ILE C 55 10.02 22.71 25.22
C ILE C 55 9.51 23.96 25.91
N ASN C 56 8.82 24.82 25.15
CA ASN C 56 8.17 26.01 25.69
C ASN C 56 6.80 26.09 25.01
N ALA C 57 5.82 25.46 25.62
CA ALA C 57 4.47 25.36 25.06
C ALA C 57 3.54 24.91 26.18
N ASN C 58 2.32 24.54 25.81
CA ASN C 58 1.35 24.07 26.79
C ASN C 58 1.62 22.66 27.29
N ASP C 59 2.67 21.99 26.80
CA ASP C 59 2.94 20.62 27.22
C ASP C 59 3.24 20.56 28.72
N VAL C 60 3.96 21.55 29.24
CA VAL C 60 4.28 21.56 30.66
C VAL C 60 3.01 21.65 31.50
N LYS C 61 2.09 22.55 31.12
CA LYS C 61 0.85 22.68 31.87
C LYS C 61 -0.03 21.45 31.73
N LYS C 62 0.01 20.80 30.55
CA LYS C 62 -0.73 19.54 30.41
C LYS C 62 -0.17 18.49 31.35
N LEU C 63 1.16 18.40 31.47
CA LEU C 63 1.77 17.44 32.37
C LEU C 63 1.41 17.75 33.83
N GLU C 64 1.43 19.02 34.21
CA GLU C 64 1.06 19.39 35.57
C GLU C 64 -0.39 19.04 35.87
N GLU C 65 -1.29 19.31 34.91
CA GLU C 65 -2.70 19.03 35.13
C GLU C 65 -2.99 17.53 35.11
N ALA C 66 -2.17 16.74 34.42
CA ALA C 66 -2.40 15.30 34.35
C ALA C 66 -2.19 14.61 35.70
N GLY C 67 -1.56 15.28 36.66
CA GLY C 67 -1.34 14.73 37.97
C GLY C 67 0.05 14.17 38.24
N TYR C 68 0.97 14.28 37.27
CA TYR C 68 2.34 13.79 37.42
C TYR C 68 3.27 14.92 37.01
N HIS C 69 3.61 15.78 37.96
CA HIS C 69 4.42 16.96 37.70
C HIS C 69 5.83 16.76 38.27
N THR C 70 6.63 17.83 38.18
CA THR C 70 8.06 17.83 38.50
C THR C 70 8.83 16.99 37.47
N VAL C 71 10.13 17.26 37.33
CA VAL C 71 10.91 16.67 36.24
C VAL C 71 10.97 15.15 36.36
N GLU C 72 11.05 14.63 37.58
CA GLU C 72 11.14 13.19 37.78
C GLU C 72 9.85 12.45 37.41
N ALA C 73 8.84 13.16 36.93
CA ALA C 73 7.65 12.54 36.36
C ALA C 73 7.79 12.25 34.87
N VAL C 74 8.92 12.61 34.27
CA VAL C 74 9.16 12.40 32.84
C VAL C 74 10.13 11.26 32.60
N ALA C 75 11.36 11.37 33.15
CA ALA C 75 12.37 10.34 32.92
C ALA C 75 12.04 9.03 33.62
N TYR C 76 11.12 9.05 34.58
CA TYR C 76 10.68 7.83 35.26
C TYR C 76 9.32 7.35 34.78
N ALA C 77 8.79 7.93 33.70
CA ALA C 77 7.47 7.54 33.23
C ALA C 77 7.55 6.86 31.87
N PRO C 78 6.78 5.80 31.66
CA PRO C 78 6.78 5.13 30.36
C PRO C 78 6.10 5.98 29.29
N LYS C 79 6.34 5.61 28.04
CA LYS C 79 5.79 6.35 26.91
C LYS C 79 4.27 6.25 26.83
N LYS C 80 3.69 5.16 27.35
CA LYS C 80 2.24 4.98 27.26
C LYS C 80 1.50 6.05 28.05
N GLU C 81 2.03 6.43 29.22
CA GLU C 81 1.40 7.50 29.99
C GLU C 81 1.45 8.82 29.24
N LEU C 82 2.47 9.03 28.41
CA LEU C 82 2.55 10.21 27.56
C LEU C 82 1.87 9.96 26.21
N ILE C 83 0.65 9.41 26.26
CA ILE C 83 -0.16 9.23 25.05
C ILE C 83 -1.55 9.80 25.31
N ASN C 84 -2.21 9.33 26.37
CA ASN C 84 -3.59 9.71 26.65
C ASN C 84 -3.70 11.14 27.17
N ILE C 85 -2.61 11.71 27.67
CA ILE C 85 -2.65 13.09 28.13
C ILE C 85 -2.99 14.01 26.96
N LYS C 86 -3.68 15.11 27.25
CA LYS C 86 -4.06 16.05 26.21
C LYS C 86 -2.83 16.62 25.53
N GLY C 87 -2.83 16.60 24.20
CA GLY C 87 -1.64 16.88 23.42
C GLY C 87 -1.05 15.59 22.91
N ILE C 88 -1.32 15.26 21.66
CA ILE C 88 -0.98 13.95 21.08
C ILE C 88 0.19 14.17 20.14
N SER C 89 1.38 13.78 20.58
CA SER C 89 2.58 13.88 19.74
C SER C 89 3.62 12.92 20.29
N GLU C 90 3.91 11.86 19.54
CA GLU C 90 4.92 10.90 19.99
C GLU C 90 6.32 11.49 19.92
N ALA C 91 6.57 12.39 18.96
CA ALA C 91 7.86 13.08 18.90
C ALA C 91 8.07 13.96 20.12
N LYS C 92 7.01 14.64 20.57
CA LYS C 92 7.12 15.48 21.76
C LYS C 92 7.47 14.66 22.99
N ALA C 93 7.07 13.39 23.04
CA ALA C 93 7.41 12.55 24.18
C ALA C 93 8.92 12.40 24.30
N ASP C 94 9.59 11.99 23.22
CA ASP C 94 11.04 11.86 23.29
C ASP C 94 11.75 13.20 23.33
N LYS C 95 11.12 14.27 22.83
CA LYS C 95 11.71 15.59 22.97
C LYS C 95 11.75 16.02 24.44
N ILE C 96 10.64 15.86 25.15
CA ILE C 96 10.60 16.17 26.57
C ILE C 96 11.54 15.24 27.34
N LEU C 97 11.59 13.97 26.94
CA LEU C 97 12.49 13.03 27.63
C LEU C 97 13.94 13.46 27.48
N THR C 98 14.35 13.81 26.26
CA THR C 98 15.73 14.24 26.05
C THR C 98 16.03 15.55 26.78
N GLU C 99 15.09 16.49 26.76
CA GLU C 99 15.30 17.79 27.39
C GLU C 99 15.17 17.77 28.90
N ALA C 100 14.61 16.71 29.48
CA ALA C 100 14.41 16.64 30.92
C ALA C 100 14.95 15.36 31.53
N ALA C 101 15.85 14.66 30.84
CA ALA C 101 16.58 13.54 31.42
C ALA C 101 17.92 13.95 32.02
N LYS C 102 18.22 15.26 32.04
CA LYS C 102 19.50 15.75 32.56
C LYS C 102 19.34 16.04 34.05
N LEU C 103 19.42 14.98 34.85
CA LEU C 103 19.28 15.06 36.30
C LEU C 103 20.49 14.43 36.97
N VAL C 104 20.37 14.18 38.27
CA VAL C 104 21.34 13.37 38.99
C VAL C 104 21.59 12.10 38.17
N PRO C 105 22.83 11.57 38.15
CA PRO C 105 23.21 10.60 37.11
C PRO C 105 22.19 9.50 36.86
N MET C 106 21.61 9.51 35.66
CA MET C 106 20.72 8.46 35.20
C MET C 106 21.34 7.58 34.14
N GLY C 107 22.33 8.10 33.41
CA GLY C 107 23.16 7.27 32.56
C GLY C 107 24.19 6.58 33.42
N PHE C 108 23.74 5.55 34.14
CA PHE C 108 24.44 4.91 35.26
C PHE C 108 25.07 5.93 36.20
N THR C 109 25.86 5.44 37.15
CA THR C 109 26.58 6.25 38.13
C THR C 109 27.54 5.31 38.85
N THR C 110 28.19 5.81 39.89
CA THR C 110 28.92 4.95 40.82
C THR C 110 28.17 4.89 42.14
N ALA C 111 28.29 3.75 42.82
CA ALA C 111 27.50 3.52 44.01
C ALA C 111 28.05 4.25 45.24
N THR C 112 29.31 4.68 45.20
CA THR C 112 29.84 5.43 46.33
C THR C 112 29.30 6.86 46.36
N GLU C 113 28.94 7.40 45.20
CA GLU C 113 28.49 8.79 45.13
C GLU C 113 27.20 8.99 45.92
N PHE C 114 26.27 8.03 45.82
CA PHE C 114 25.06 8.09 46.62
C PHE C 114 25.16 7.25 47.89
N HIS C 115 26.19 6.39 48.00
CA HIS C 115 26.49 5.78 49.29
C HIS C 115 26.87 6.85 50.31
N GLN C 116 27.64 7.85 49.88
CA GLN C 116 27.90 8.99 50.74
C GLN C 116 26.63 9.79 51.02
N ARG C 117 25.75 9.92 50.01
CA ARG C 117 24.49 10.63 50.20
C ARG C 117 23.62 9.95 51.24
N ARG C 118 23.65 8.62 51.28
CA ARG C 118 22.91 7.86 52.27
C ARG C 118 23.73 7.59 53.53
N SER C 119 24.98 8.02 53.58
CA SER C 119 25.67 8.11 54.88
C SER C 119 25.21 9.34 55.65
N GLU C 120 24.88 10.42 54.95
CA GLU C 120 24.29 11.60 55.55
C GLU C 120 22.76 11.55 55.54
N ILE C 121 22.18 10.36 55.33
CA ILE C 121 20.73 10.25 55.29
C ILE C 121 20.16 10.49 56.68
N ILE C 122 18.89 10.90 56.72
CA ILE C 122 18.27 11.25 57.99
C ILE C 122 18.12 10.03 58.87
N GLN C 123 17.41 9.01 58.39
CA GLN C 123 17.15 7.78 59.15
C GLN C 123 16.49 8.11 60.50
N ILE C 124 15.26 8.62 60.39
CA ILE C 124 14.47 9.07 61.54
C ILE C 124 14.41 7.98 62.59
N THR C 125 14.95 8.24 63.77
CA THR C 125 15.00 7.23 64.82
C THR C 125 13.61 6.95 65.37
N THR C 126 13.42 5.73 65.84
CA THR C 126 12.14 5.32 66.40
C THR C 126 11.91 6.03 67.74
N GLY C 127 10.64 6.12 68.12
CA GLY C 127 10.25 6.80 69.34
C GLY C 127 10.45 5.96 70.59
N SER C 128 11.44 5.08 70.56
CA SER C 128 11.74 4.24 71.71
C SER C 128 13.23 3.99 71.77
N LYS C 129 13.77 3.93 72.99
CA LYS C 129 15.18 3.63 73.20
C LYS C 129 15.42 2.13 73.34
N GLU C 130 14.38 1.31 73.32
CA GLU C 130 14.55 -0.14 73.36
C GLU C 130 15.04 -0.70 72.02
N LEU C 131 14.79 0.01 70.92
CA LEU C 131 15.18 -0.44 69.59
C LEU C 131 16.46 0.21 69.12
N ASP C 132 17.40 0.46 70.02
CA ASP C 132 18.70 0.99 69.64
C ASP C 132 19.64 -0.10 69.13
N LYS C 133 19.31 -1.37 69.33
CA LYS C 133 20.06 -2.49 68.76
C LYS C 133 19.40 -3.01 67.50
N LEU C 134 18.15 -3.41 67.59
CA LEU C 134 17.38 -3.81 66.41
C LEU C 134 17.07 -2.60 65.55
N LEU C 135 16.70 -2.87 64.30
CA LEU C 135 16.30 -1.86 63.32
C LEU C 135 17.49 -1.04 62.84
N GLN C 136 18.66 -1.27 63.46
CA GLN C 136 19.91 -0.61 63.08
C GLN C 136 19.73 0.91 63.00
N GLY C 137 19.40 1.49 64.15
CA GLY C 137 19.17 2.92 64.21
C GLY C 137 17.69 3.26 64.32
N GLY C 138 17.11 3.73 63.22
CA GLY C 138 15.69 4.02 63.19
C GLY C 138 15.03 3.66 61.88
N ILE C 139 13.85 4.24 61.63
CA ILE C 139 13.17 4.04 60.35
C ILE C 139 14.05 4.60 59.25
N GLU C 140 14.51 3.72 58.37
CA GLU C 140 15.45 4.12 57.32
C GLU C 140 14.74 4.95 56.26
N THR C 141 15.24 6.16 56.04
CA THR C 141 14.68 7.02 55.00
C THR C 141 15.05 6.47 53.63
N GLY C 142 14.21 6.76 52.64
CA GLY C 142 14.39 6.22 51.31
C GLY C 142 13.93 4.78 51.14
N SER C 143 13.53 4.12 52.22
CA SER C 143 13.06 2.74 52.19
C SER C 143 11.54 2.73 52.19
N ILE C 144 10.98 1.52 52.21
CA ILE C 144 9.53 1.31 52.27
C ILE C 144 9.30 0.26 53.35
N THR C 145 8.99 0.71 54.56
CA THR C 145 8.74 -0.20 55.68
C THR C 145 7.25 -0.55 55.71
N GLU C 146 6.95 -1.80 56.07
CA GLU C 146 5.57 -2.28 56.13
C GLU C 146 5.28 -2.80 57.53
N MET C 147 4.13 -2.40 58.07
CA MET C 147 3.63 -2.86 59.35
C MET C 147 2.29 -3.56 59.15
N PHE C 148 2.02 -4.57 59.98
CA PHE C 148 0.71 -5.23 59.97
C PHE C 148 0.55 -5.98 61.28
N GLY C 149 -0.51 -6.80 61.35
CA GLY C 149 -0.85 -7.54 62.54
C GLY C 149 -1.99 -6.97 63.34
N GLU C 150 -2.36 -5.71 63.09
CA GLU C 150 -3.44 -5.04 63.80
C GLU C 150 -4.39 -4.43 62.79
N PHE C 151 -5.56 -3.99 63.27
CA PHE C 151 -6.58 -3.40 62.43
C PHE C 151 -6.63 -1.87 62.54
N ARG C 152 -6.88 -1.35 63.73
CA ARG C 152 -6.90 0.09 63.97
C ARG C 152 -6.06 0.52 65.17
N THR C 153 -5.64 -0.40 66.01
CA THR C 153 -4.72 -0.12 67.10
C THR C 153 -3.33 -0.61 66.70
N GLY C 154 -2.40 -0.59 67.66
CA GLY C 154 -1.09 -1.18 67.41
C GLY C 154 -0.22 -0.35 66.50
N LYS C 155 -0.03 -0.82 65.26
CA LYS C 155 0.81 -0.09 64.32
C LYS C 155 0.29 1.31 64.07
N THR C 156 -1.03 1.52 64.17
CA THR C 156 -1.58 2.85 64.02
C THR C 156 -1.05 3.80 65.08
N GLN C 157 -0.87 3.30 66.30
CA GLN C 157 -0.25 4.11 67.34
C GLN C 157 1.17 4.49 66.95
N ILE C 158 1.88 3.58 66.29
CA ILE C 158 3.22 3.89 65.80
C ILE C 158 3.20 4.98 64.74
N CYS C 159 2.01 5.30 64.20
CA CYS C 159 1.91 6.46 63.33
C CYS C 159 1.89 7.77 64.13
N HIS C 160 1.28 7.75 65.31
CA HIS C 160 1.18 8.94 66.17
C HIS C 160 2.34 9.01 67.16
N THR C 161 3.57 8.89 66.67
CA THR C 161 4.76 8.84 67.51
C THR C 161 5.97 9.03 66.60
N LEU C 162 7.16 8.73 67.13
CA LEU C 162 8.43 8.89 66.42
C LEU C 162 8.71 10.37 66.16
N ALA C 163 9.27 10.66 65.00
CA ALA C 163 9.67 12.02 64.61
C ALA C 163 10.62 12.65 65.61
N VAL C 164 11.30 11.83 66.43
CA VAL C 164 12.24 12.35 67.41
C VAL C 164 13.41 13.01 66.71
N THR C 165 13.90 12.40 65.62
CA THR C 165 14.94 13.03 64.81
C THR C 165 14.44 14.32 64.19
N CYS C 166 13.16 14.39 63.85
CA CYS C 166 12.60 15.61 63.28
C CYS C 166 12.68 16.76 64.29
N GLN C 167 12.32 16.50 65.55
CA GLN C 167 12.46 17.51 66.59
C GLN C 167 13.93 17.82 66.86
N LEU C 168 14.77 16.79 66.92
CA LEU C 168 16.17 16.96 67.24
C LEU C 168 16.92 17.56 66.06
N PRO C 169 18.10 18.16 66.29
CA PRO C 169 18.91 18.67 65.19
C PRO C 169 19.58 17.56 64.39
N GLY C 174 18.25 22.57 59.69
CA GLY C 174 18.64 21.66 60.74
C GLY C 174 17.55 20.68 61.13
N GLY C 175 17.92 19.41 61.28
CA GLY C 175 16.94 18.40 61.60
C GLY C 175 15.95 18.21 60.46
N GLU C 176 14.77 17.71 60.81
CA GLU C 176 13.68 17.55 59.84
C GLU C 176 12.48 18.43 60.20
N GLY C 177 11.91 18.25 61.40
CA GLY C 177 10.72 18.98 61.78
C GLY C 177 9.51 18.73 60.91
N LYS C 178 9.45 17.57 60.26
CA LYS C 178 8.38 17.27 59.31
C LYS C 178 7.89 15.84 59.50
N ALA C 179 6.58 15.65 59.34
CA ALA C 179 5.96 14.34 59.41
C ALA C 179 4.62 14.39 58.69
N MET C 180 4.16 13.22 58.22
CA MET C 180 2.92 13.11 57.48
C MET C 180 1.94 12.16 58.15
N TYR C 181 0.82 11.97 57.45
CA TYR C 181 -0.20 10.98 57.74
C TYR C 181 -1.09 10.85 56.50
N ILE C 182 -1.22 9.64 55.98
CA ILE C 182 -2.20 9.37 54.92
C ILE C 182 -3.15 8.32 55.49
N ASP C 183 -4.15 7.93 54.72
CA ASP C 183 -5.09 6.94 55.22
C ASP C 183 -5.83 6.29 54.06
N THR C 184 -6.40 5.12 54.35
CA THR C 184 -7.41 4.49 53.50
C THR C 184 -8.73 4.32 54.23
N GLU C 185 -8.70 3.72 55.43
CA GLU C 185 -9.84 3.68 56.36
C GLU C 185 -9.25 3.79 57.76
N GLY C 186 -9.17 5.02 58.28
CA GLY C 186 -8.45 5.25 59.52
C GLY C 186 -9.18 6.21 60.45
N THR C 187 -8.58 6.39 61.63
CA THR C 187 -9.12 7.18 62.73
C THR C 187 -8.04 8.08 63.32
N PHE C 188 -7.36 8.84 62.47
CA PHE C 188 -6.27 9.71 62.92
C PHE C 188 -6.73 10.66 64.01
N ARG C 189 -5.89 10.84 65.02
CA ARG C 189 -6.19 11.69 66.17
C ARG C 189 -5.00 12.58 66.49
N PRO C 190 -5.05 13.86 66.12
CA PRO C 190 -3.89 14.74 66.36
C PRO C 190 -3.57 14.96 67.82
N GLU C 191 -4.50 14.71 68.73
CA GLU C 191 -4.21 14.85 70.15
C GLU C 191 -3.13 13.86 70.58
N ARG C 192 -3.05 12.71 69.91
CA ARG C 192 -1.95 11.79 70.17
C ARG C 192 -0.61 12.41 69.79
N LEU C 193 -0.55 13.08 68.64
CA LEU C 193 0.67 13.78 68.26
C LEU C 193 1.01 14.87 69.27
N LEU C 194 0.00 15.61 69.74
CA LEU C 194 0.23 16.65 70.74
C LEU C 194 0.83 16.06 72.01
N ALA C 195 0.25 14.96 72.51
CA ALA C 195 0.77 14.34 73.72
C ALA C 195 2.18 13.80 73.53
N VAL C 196 2.43 13.16 72.38
CA VAL C 196 3.76 12.60 72.12
C VAL C 196 4.80 13.71 72.04
N ALA C 197 4.49 14.80 71.35
CA ALA C 197 5.41 15.92 71.27
C ALA C 197 5.64 16.53 72.65
N GLU C 198 4.57 16.63 73.45
CA GLU C 198 4.71 17.13 74.81
C GLU C 198 5.55 16.22 75.68
N ARG C 199 5.64 14.92 75.36
CA ARG C 199 6.55 14.04 76.07
C ARG C 199 7.99 14.51 75.93
N TYR C 200 8.39 14.87 74.71
CA TYR C 200 9.72 15.39 74.45
C TYR C 200 9.72 16.91 74.64
N GLY C 201 10.78 17.57 74.22
CA GLY C 201 10.91 19.01 74.35
C GLY C 201 10.14 19.82 73.33
N LEU C 202 9.48 19.18 72.38
CA LEU C 202 8.70 19.88 71.36
C LEU C 202 7.35 20.25 71.96
N SER C 203 7.31 21.42 72.61
CA SER C 203 6.11 21.90 73.26
C SER C 203 5.19 22.68 72.32
N GLY C 204 5.65 22.99 71.11
CA GLY C 204 4.85 23.79 70.20
C GLY C 204 3.58 23.07 69.79
N SER C 205 2.60 23.86 69.34
CA SER C 205 1.30 23.37 68.95
C SER C 205 1.01 23.53 67.47
N ASP C 206 1.15 24.75 66.94
CA ASP C 206 0.85 24.99 65.54
C ASP C 206 1.88 24.31 64.62
N VAL C 207 3.11 24.14 65.10
CA VAL C 207 4.13 23.46 64.30
C VAL C 207 3.77 21.99 64.07
N LEU C 208 2.90 21.43 64.90
CA LEU C 208 2.46 20.05 64.73
C LEU C 208 1.36 19.90 63.69
N ASP C 209 0.82 21.00 63.17
CA ASP C 209 -0.31 20.96 62.26
C ASP C 209 0.11 21.44 60.87
N ASN C 210 -0.88 21.46 59.97
CA ASN C 210 -0.75 21.88 58.57
C ASN C 210 0.16 20.98 57.75
N VAL C 211 0.49 19.77 58.26
CA VAL C 211 1.31 18.82 57.54
C VAL C 211 0.59 17.49 57.34
N ALA C 212 -0.11 17.01 58.35
CA ALA C 212 -0.66 15.65 58.36
C ALA C 212 -2.01 15.63 57.66
N TYR C 213 -2.08 14.93 56.54
CA TYR C 213 -3.36 14.63 55.90
C TYR C 213 -4.16 13.66 56.76
N ALA C 214 -5.49 13.75 56.66
CA ALA C 214 -6.37 12.88 57.42
C ALA C 214 -7.56 12.45 56.57
N ARG C 215 -7.32 12.08 55.31
CA ARG C 215 -8.39 11.81 54.38
C ARG C 215 -8.21 10.45 53.72
N GLY C 216 -9.33 9.87 53.32
CA GLY C 216 -9.37 8.63 52.57
C GLY C 216 -10.41 7.66 53.10
N PHE C 217 -11.38 7.29 52.27
CA PHE C 217 -12.39 6.29 52.59
C PHE C 217 -12.58 5.25 51.51
N ASN C 218 -12.52 5.65 50.24
CA ASN C 218 -12.74 4.76 49.11
C ASN C 218 -11.57 4.90 48.15
N THR C 219 -11.17 3.77 47.54
CA THR C 219 -9.94 3.72 46.76
C THR C 219 -9.91 4.81 45.67
N ASP C 220 -10.97 4.87 44.87
CA ASP C 220 -11.05 5.86 43.80
C ASP C 220 -11.18 7.28 44.33
N HIS C 221 -11.44 7.45 45.63
CA HIS C 221 -11.42 8.79 46.21
C HIS C 221 -10.00 9.27 46.45
N GLN C 222 -9.16 8.46 47.10
CA GLN C 222 -7.80 8.90 47.40
C GLN C 222 -6.81 8.56 46.30
N THR C 223 -7.26 8.01 45.18
CA THR C 223 -6.41 8.00 43.99
C THR C 223 -5.89 9.40 43.71
N GLN C 224 -6.79 10.39 43.68
CA GLN C 224 -6.35 11.77 43.48
C GLN C 224 -5.53 12.29 44.65
N LEU C 225 -5.77 11.76 45.86
CA LEU C 225 -4.99 12.22 47.02
C LEU C 225 -3.52 11.85 46.85
N LEU C 226 -3.24 10.59 46.53
CA LEU C 226 -1.86 10.22 46.27
C LEU C 226 -1.33 10.76 44.94
N TYR C 227 -2.22 11.15 44.01
CA TYR C 227 -1.74 11.86 42.83
C TYR C 227 -1.24 13.25 43.20
N GLN C 228 -1.98 13.95 44.07
CA GLN C 228 -1.74 15.35 44.39
C GLN C 228 -0.85 15.55 45.61
N ALA C 229 -0.43 14.46 46.26
CA ALA C 229 0.54 14.60 47.36
C ALA C 229 1.76 15.41 46.93
N GLU C 230 2.25 15.17 45.71
CA GLU C 230 3.40 15.91 45.21
C GLU C 230 3.11 17.40 45.01
N ASP C 231 1.84 17.77 44.85
CA ASP C 231 1.50 19.17 44.61
C ASP C 231 1.92 20.06 45.78
N MET C 232 1.98 19.50 46.98
CA MET C 232 2.51 20.21 48.13
C MET C 232 3.76 19.56 48.72
N MET C 233 4.17 18.39 48.20
CA MET C 233 5.40 17.75 48.68
C MET C 233 6.65 18.43 48.14
N VAL C 234 6.56 19.18 47.04
CA VAL C 234 7.75 19.75 46.41
C VAL C 234 7.85 21.24 46.72
N GLU C 235 6.73 21.86 47.12
CA GLU C 235 6.78 23.26 47.53
C GLU C 235 7.66 23.44 48.75
N SER C 236 7.54 22.54 49.72
CA SER C 236 8.36 22.56 50.93
C SER C 236 8.96 21.16 51.13
N ARG C 237 10.21 21.12 51.59
CA ARG C 237 10.87 19.86 51.83
C ARG C 237 10.16 19.11 52.96
N TYR C 238 10.30 17.78 52.95
CA TYR C 238 9.47 16.94 53.81
C TYR C 238 10.20 15.66 54.14
N ALA C 239 9.87 15.07 55.30
CA ALA C 239 10.66 14.01 55.91
C ALA C 239 10.16 12.61 55.60
N LEU C 240 8.92 12.28 56.00
CA LEU C 240 8.45 10.90 55.98
C LEU C 240 6.99 10.89 55.54
N LEU C 241 6.43 9.68 55.40
CA LEU C 241 5.07 9.52 54.89
C LEU C 241 4.50 8.19 55.40
N ILE C 242 3.58 8.26 56.35
CA ILE C 242 2.83 7.08 56.76
C ILE C 242 1.56 7.02 55.92
N VAL C 243 1.15 5.82 55.54
CA VAL C 243 -0.14 5.60 54.89
C VAL C 243 -0.92 4.65 55.80
N ASP C 244 -1.71 5.22 56.70
CA ASP C 244 -2.44 4.43 57.68
C ASP C 244 -3.50 3.57 56.98
N SER C 245 -3.59 2.31 57.42
CA SER C 245 -4.57 1.36 56.90
C SER C 245 -4.48 1.24 55.38
N ALA C 246 -3.29 1.41 54.84
CA ALA C 246 -3.11 1.45 53.39
C ALA C 246 -3.54 0.13 52.76
N THR C 247 -4.40 0.22 51.75
CA THR C 247 -4.96 -0.94 51.07
C THR C 247 -5.46 -1.98 52.07
N ALA C 248 -6.18 -1.49 53.07
CA ALA C 248 -6.61 -2.30 54.21
C ALA C 248 -7.45 -3.49 53.78
N LEU C 249 -8.64 -3.21 53.25
CA LEU C 249 -9.56 -4.27 52.81
C LEU C 249 -10.18 -3.76 51.51
N TYR C 250 -9.54 -4.06 50.39
CA TYR C 250 -10.05 -3.62 49.10
C TYR C 250 -11.38 -4.27 48.76
N ARG C 251 -11.67 -5.42 49.36
CA ARG C 251 -12.92 -6.12 49.08
C ARG C 251 -14.15 -5.44 49.70
N THR C 252 -14.02 -4.23 50.25
CA THR C 252 -15.19 -3.45 50.62
C THR C 252 -15.85 -2.85 49.38
N ASP C 253 -15.05 -2.37 48.43
CA ASP C 253 -15.55 -1.80 47.19
C ASP C 253 -15.09 -2.58 45.96
N TYR C 254 -13.79 -2.88 45.87
CA TYR C 254 -13.26 -3.71 44.79
C TYR C 254 -13.39 -5.17 45.23
N SER C 255 -14.61 -5.67 45.15
CA SER C 255 -14.96 -6.98 45.68
C SER C 255 -15.50 -7.88 44.59
N GLY C 256 -15.18 -9.17 44.71
CA GLY C 256 -15.73 -10.17 43.81
C GLY C 256 -14.68 -10.99 43.06
N ARG C 257 -15.00 -12.24 42.79
CA ARG C 257 -14.12 -13.07 41.96
C ARG C 257 -14.07 -12.50 40.54
N GLY C 258 -12.90 -12.56 39.93
CA GLY C 258 -12.64 -11.90 38.67
C GLY C 258 -12.26 -10.44 38.88
N GLU C 259 -12.93 -9.78 39.83
CA GLU C 259 -12.56 -8.43 40.20
C GLU C 259 -11.26 -8.39 41.00
N LEU C 260 -10.88 -9.50 41.63
CA LEU C 260 -9.68 -9.51 42.46
C LEU C 260 -8.45 -9.13 41.66
N SER C 261 -8.38 -9.55 40.39
CA SER C 261 -7.24 -9.21 39.56
C SER C 261 -7.12 -7.71 39.38
N ALA C 262 -8.22 -7.03 39.05
CA ALA C 262 -8.19 -5.59 38.89
C ALA C 262 -7.82 -4.89 40.19
N ARG C 263 -8.32 -5.42 41.32
CA ARG C 263 -7.91 -4.92 42.62
C ARG C 263 -6.40 -4.98 42.79
N GLN C 264 -5.81 -6.12 42.45
CA GLN C 264 -4.37 -6.30 42.63
C GLN C 264 -3.58 -5.38 41.69
N MET C 265 -4.07 -5.17 40.47
CA MET C 265 -3.45 -4.18 39.60
C MET C 265 -3.51 -2.78 40.23
N HIS C 266 -4.63 -2.45 40.86
CA HIS C 266 -4.75 -1.15 41.52
C HIS C 266 -3.72 -0.99 42.64
N LEU C 267 -3.59 -2.01 43.50
CA LEU C 267 -2.57 -1.93 44.54
C LEU C 267 -1.16 -1.84 43.93
N ALA C 268 -0.89 -2.61 42.88
CA ALA C 268 0.42 -2.55 42.27
C ALA C 268 0.73 -1.14 41.77
N ARG C 269 -0.24 -0.50 41.12
CA ARG C 269 -0.07 0.87 40.67
C ARG C 269 0.18 1.81 41.87
N PHE C 270 -0.59 1.62 42.94
CA PHE C 270 -0.48 2.53 44.07
C PHE C 270 0.89 2.46 44.73
N LEU C 271 1.40 1.26 45.00
CA LEU C 271 2.73 1.22 45.59
C LEU C 271 3.85 1.46 44.57
N ARG C 272 3.59 1.32 43.26
CA ARG C 272 4.59 1.82 42.32
C ARG C 272 4.74 3.32 42.45
N MET C 273 3.60 4.05 42.51
CA MET C 273 3.66 5.49 42.74
C MET C 273 4.28 5.81 44.10
N LEU C 274 3.95 5.01 45.12
CA LEU C 274 4.50 5.25 46.45
C LEU C 274 6.02 5.07 46.47
N LEU C 275 6.52 4.03 45.80
CA LEU C 275 7.96 3.83 45.70
C LEU C 275 8.62 4.96 44.93
N ARG C 276 7.98 5.41 43.85
CA ARG C 276 8.50 6.55 43.11
C ARG C 276 8.63 7.78 43.99
N LEU C 277 7.59 8.07 44.77
CA LEU C 277 7.65 9.24 45.66
C LEU C 277 8.69 9.07 46.75
N ALA C 278 8.80 7.87 47.31
CA ALA C 278 9.77 7.63 48.38
C ALA C 278 11.20 7.79 47.89
N ASP C 279 11.50 7.26 46.70
CA ASP C 279 12.86 7.32 46.19
C ASP C 279 13.20 8.69 45.62
N GLU C 280 12.24 9.35 44.97
CA GLU C 280 12.54 10.63 44.32
C GLU C 280 12.67 11.75 45.34
N PHE C 281 11.81 11.77 46.36
CA PHE C 281 11.86 12.81 47.38
C PHE C 281 12.74 12.43 48.57
N GLY C 282 13.25 11.20 48.61
CA GLY C 282 14.10 10.77 49.71
C GLY C 282 13.38 10.76 51.04
N VAL C 283 12.21 10.13 51.08
CA VAL C 283 11.40 10.06 52.29
C VAL C 283 11.24 8.61 52.72
N ALA C 284 10.96 8.42 54.00
CA ALA C 284 10.69 7.10 54.57
C ALA C 284 9.18 6.89 54.60
N VAL C 285 8.70 5.87 53.89
CA VAL C 285 7.28 5.59 53.79
C VAL C 285 6.95 4.37 54.63
N VAL C 286 5.78 4.40 55.27
CA VAL C 286 5.34 3.34 56.17
C VAL C 286 3.96 2.89 55.72
N ILE C 287 3.87 1.71 55.14
CA ILE C 287 2.61 1.11 54.72
C ILE C 287 2.10 0.21 55.85
N THR C 288 0.78 0.19 56.04
CA THR C 288 0.16 -0.58 57.10
C THR C 288 -1.02 -1.39 56.56
N ASN C 289 -1.13 -2.64 56.99
CA ASN C 289 -2.19 -3.54 56.55
C ASN C 289 -2.73 -4.28 57.76
N GLN C 290 -3.57 -5.29 57.51
CA GLN C 290 -4.21 -6.06 58.56
C GLN C 290 -4.13 -7.54 58.22
N VAL C 291 -4.23 -8.37 59.26
CA VAL C 291 -4.07 -9.81 59.10
C VAL C 291 -5.29 -10.43 58.43
N VAL C 292 -5.17 -11.68 57.99
CA VAL C 292 -6.25 -12.38 57.30
C VAL C 292 -6.65 -13.66 58.01
N ALA C 293 -5.92 -14.11 59.03
CA ALA C 293 -6.24 -15.33 59.77
C ALA C 293 -6.28 -16.53 58.81
N GLN C 294 -5.09 -16.87 58.30
CA GLN C 294 -4.92 -17.98 57.37
C GLN C 294 -5.59 -19.24 57.90
N VAL C 295 -6.36 -19.90 57.04
CA VAL C 295 -7.10 -21.10 57.38
C VAL C 295 -6.53 -22.33 56.68
N ASP C 296 -5.38 -22.21 56.04
CA ASP C 296 -4.76 -23.32 55.35
C ASP C 296 -4.07 -24.27 56.34
N LYS C 306 -2.21 -15.38 59.99
CA LYS C 306 -1.02 -14.68 60.46
C LYS C 306 -0.29 -13.99 59.31
N LYS C 307 -0.97 -13.87 58.18
CA LYS C 307 -0.48 -13.14 57.03
C LYS C 307 -1.27 -11.85 56.85
N PRO C 308 -0.70 -10.84 56.21
CA PRO C 308 -1.44 -9.59 55.98
C PRO C 308 -2.20 -9.58 54.66
N ILE C 309 -3.18 -8.67 54.59
CA ILE C 309 -3.83 -8.34 53.33
C ILE C 309 -2.78 -7.90 52.33
N GLY C 310 -2.94 -8.31 51.08
CA GLY C 310 -2.09 -7.81 50.01
C GLY C 310 -1.61 -8.89 49.07
N GLY C 311 -1.55 -10.12 49.57
CA GLY C 311 -1.08 -11.22 48.74
C GLY C 311 0.34 -10.98 48.28
N ASN C 312 0.57 -11.18 46.98
CA ASN C 312 1.88 -11.06 46.39
C ASN C 312 2.14 -9.69 45.78
N ILE C 313 1.21 -8.75 45.92
CA ILE C 313 1.40 -7.43 45.33
C ILE C 313 2.25 -6.55 46.23
N ILE C 314 1.78 -6.32 47.47
CA ILE C 314 2.58 -5.52 48.39
C ILE C 314 3.77 -6.33 48.91
N ALA C 315 3.69 -7.65 48.82
CA ALA C 315 4.80 -8.49 49.24
C ALA C 315 6.03 -8.25 48.39
N HIS C 316 5.83 -7.99 47.10
CA HIS C 316 6.90 -7.70 46.17
C HIS C 316 7.01 -6.21 45.86
N ALA C 317 6.53 -5.35 46.76
CA ALA C 317 6.64 -3.91 46.60
C ALA C 317 6.95 -3.22 47.92
N SER C 318 7.70 -3.90 48.80
CA SER C 318 8.11 -3.35 50.08
C SER C 318 9.60 -3.60 50.28
N THR C 319 10.14 -2.99 51.33
CA THR C 319 11.58 -3.08 51.60
C THR C 319 11.90 -3.69 52.95
N THR C 320 11.26 -3.23 54.02
CA THR C 320 11.64 -3.63 55.38
C THR C 320 10.40 -4.01 56.19
N ARG C 321 9.57 -4.88 55.61
CA ARG C 321 8.34 -5.29 56.28
C ARG C 321 8.65 -5.92 57.63
N LEU C 322 7.76 -5.74 58.59
CA LEU C 322 7.93 -6.32 59.92
C LEU C 322 6.59 -6.51 60.63
N TYR C 323 6.36 -7.73 61.08
CA TYR C 323 5.13 -8.12 61.77
C TYR C 323 5.02 -7.45 63.13
N LEU C 324 3.79 -7.11 63.52
CA LEU C 324 3.49 -6.61 64.86
C LEU C 324 2.54 -7.57 65.56
N ARG C 325 2.88 -7.94 66.79
CA ARG C 325 2.10 -8.90 67.57
C ARG C 325 1.70 -8.28 68.90
N LYS C 326 1.13 -9.10 69.78
CA LYS C 326 0.65 -8.67 71.08
C LYS C 326 1.42 -9.41 72.17
N GLY C 327 1.89 -8.66 73.17
CA GLY C 327 2.63 -9.25 74.27
C GLY C 327 1.80 -9.39 75.53
N ARG C 328 2.30 -8.84 76.64
CA ARG C 328 1.62 -8.87 77.93
C ARG C 328 1.24 -7.45 78.33
N GLY C 329 -0.03 -7.23 78.59
CA GLY C 329 -0.49 -5.90 78.95
C GLY C 329 -0.30 -4.94 77.79
N GLU C 330 0.43 -3.86 78.04
CA GLU C 330 0.69 -2.86 77.01
C GLU C 330 1.88 -3.21 76.13
N THR C 331 2.55 -4.32 76.38
CA THR C 331 3.69 -4.73 75.57
C THR C 331 3.24 -5.08 74.16
N ARG C 332 3.84 -4.44 73.17
CA ARG C 332 3.54 -4.65 71.77
C ARG C 332 4.81 -5.14 71.09
N ILE C 333 5.04 -6.46 71.15
CA ILE C 333 6.26 -7.02 70.58
C ILE C 333 6.25 -6.83 69.06
N CYS C 334 7.35 -6.32 68.53
CA CYS C 334 7.43 -5.84 67.15
C CYS C 334 8.47 -6.67 66.42
N LYS C 335 8.06 -7.83 65.89
CA LYS C 335 8.99 -8.72 65.21
C LYS C 335 9.35 -8.16 63.83
N ILE C 336 10.43 -8.69 63.27
CA ILE C 336 10.94 -8.19 62.00
C ILE C 336 10.82 -9.26 60.93
N TYR C 337 10.85 -8.80 59.68
CA TYR C 337 10.66 -9.64 58.50
C TYR C 337 11.67 -9.17 57.46
N ASP C 338 11.41 -9.49 56.19
CA ASP C 338 12.33 -9.20 55.09
C ASP C 338 13.01 -7.84 55.22
N SER C 339 14.32 -7.83 54.98
CA SER C 339 15.12 -6.62 55.07
C SER C 339 16.49 -6.85 54.45
N PRO C 340 16.98 -5.93 53.61
CA PRO C 340 18.28 -6.16 52.95
C PRO C 340 19.44 -6.29 53.90
N CYS C 341 19.45 -5.59 55.03
CA CYS C 341 20.62 -5.57 55.89
C CYS C 341 20.26 -5.64 57.37
N LEU C 342 19.19 -6.34 57.71
CA LEU C 342 18.77 -6.45 59.11
C LEU C 342 18.67 -7.91 59.52
N PRO C 343 19.54 -8.39 60.41
CA PRO C 343 19.40 -9.78 60.90
C PRO C 343 18.07 -9.99 61.60
N GLU C 344 17.49 -11.17 61.40
CA GLU C 344 16.18 -11.46 61.95
C GLU C 344 16.23 -11.49 63.49
N ALA C 345 15.25 -10.84 64.10
CA ALA C 345 15.13 -10.78 65.55
C ALA C 345 13.72 -10.29 65.88
N GLU C 346 13.49 -10.03 67.16
CA GLU C 346 12.21 -9.48 67.63
C GLU C 346 12.48 -8.33 68.58
N ALA C 347 11.72 -7.25 68.41
CA ALA C 347 11.90 -6.04 69.19
C ALA C 347 10.96 -6.05 70.39
N MET C 348 11.02 -4.98 71.17
CA MET C 348 10.18 -4.81 72.36
C MET C 348 9.68 -3.38 72.37
N PHE C 349 8.39 -3.20 72.18
CA PHE C 349 7.76 -1.88 72.15
C PHE C 349 6.75 -1.77 73.29
N ALA C 350 6.28 -0.54 73.52
CA ALA C 350 5.27 -0.29 74.53
C ALA C 350 4.44 0.92 74.11
N ILE C 351 3.14 0.86 74.38
CA ILE C 351 2.23 1.95 74.09
C ILE C 351 1.49 2.30 75.38
N ASN C 352 1.36 3.61 75.64
CA ASN C 352 0.70 4.11 76.84
C ASN C 352 -0.12 5.33 76.46
N ALA C 353 -0.85 5.87 77.43
CA ALA C 353 -1.72 7.00 77.17
C ALA C 353 -0.94 8.20 76.64
N ASP C 354 0.28 8.39 77.13
CA ASP C 354 1.12 9.47 76.63
C ASP C 354 1.49 9.26 75.17
N GLY C 355 1.82 8.02 74.80
CA GLY C 355 2.20 7.72 73.43
C GLY C 355 2.94 6.40 73.35
N VAL C 356 3.73 6.26 72.29
CA VAL C 356 4.48 5.05 72.01
C VAL C 356 5.92 5.27 72.41
N GLY C 357 6.48 4.34 73.18
CA GLY C 357 7.86 4.43 73.62
C GLY C 357 8.18 3.45 74.73
N ASP C 358 8.83 3.92 75.78
CA ASP C 358 9.16 3.12 76.95
C ASP C 358 9.93 1.85 76.58
N PRO D 44 -25.77 15.22 55.77
CA PRO D 44 -27.20 15.50 55.74
C PRO D 44 -27.59 16.33 54.51
N GLN D 45 -26.64 16.53 53.61
CA GLN D 45 -26.89 17.33 52.42
C GLN D 45 -27.88 16.60 51.51
N PRO D 46 -28.94 17.27 51.05
CA PRO D 46 -29.97 16.60 50.26
C PRO D 46 -29.68 16.62 48.76
N ILE D 47 -30.60 16.00 48.01
CA ILE D 47 -30.48 15.88 46.56
C ILE D 47 -30.95 17.14 45.86
N SER D 48 -31.59 18.06 46.59
CA SER D 48 -32.16 19.25 45.96
C SER D 48 -31.10 20.07 45.22
N ARG D 49 -29.88 20.13 45.76
CA ARG D 49 -28.82 20.87 45.08
C ARG D 49 -28.24 20.10 43.91
N LEU D 50 -28.45 18.77 43.86
CA LEU D 50 -27.96 17.99 42.73
C LEU D 50 -28.84 18.18 41.49
N GLU D 51 -30.16 18.35 41.69
CA GLU D 51 -31.07 18.54 40.57
C GLU D 51 -30.90 19.88 39.89
N GLN D 52 -30.15 20.81 40.49
CA GLN D 52 -29.94 22.13 39.93
C GLN D 52 -28.46 22.49 39.94
N CYS D 53 -27.60 21.52 39.59
CA CYS D 53 -26.16 21.72 39.52
C CYS D 53 -25.63 21.24 38.18
N GLY D 54 -26.33 21.59 37.10
CA GLY D 54 -25.92 21.16 35.78
C GLY D 54 -26.13 19.69 35.49
N ILE D 55 -26.87 18.98 36.34
CA ILE D 55 -27.12 17.56 36.18
C ILE D 55 -28.61 17.32 36.21
N ASN D 56 -29.13 16.68 35.18
CA ASN D 56 -30.56 16.39 35.10
C ASN D 56 -30.96 15.32 36.12
N ALA D 57 -32.25 15.29 36.44
CA ALA D 57 -32.79 14.35 37.40
C ALA D 57 -33.54 13.20 36.72
N ASN D 58 -33.36 13.02 35.42
CA ASN D 58 -34.06 11.96 34.70
C ASN D 58 -33.60 10.56 35.10
N ASP D 59 -32.49 10.44 35.84
CA ASP D 59 -32.01 9.15 36.30
C ASP D 59 -31.67 9.13 37.78
N VAL D 60 -31.89 10.23 38.52
CA VAL D 60 -31.60 10.24 39.94
C VAL D 60 -32.53 9.27 40.68
N LYS D 61 -33.81 9.25 40.31
CA LYS D 61 -34.71 8.24 40.86
C LYS D 61 -34.29 6.84 40.44
N LYS D 62 -33.75 6.70 39.23
CA LYS D 62 -33.22 5.41 38.79
C LYS D 62 -32.01 4.98 39.62
N LEU D 63 -31.42 5.90 40.39
CA LEU D 63 -30.40 5.55 41.37
C LEU D 63 -31.01 5.27 42.73
N GLU D 64 -31.94 6.12 43.17
CA GLU D 64 -32.52 6.00 44.51
C GLU D 64 -33.52 4.86 44.62
N GLU D 65 -33.88 4.21 43.52
CA GLU D 65 -34.81 3.08 43.61
C GLU D 65 -34.25 1.94 44.44
N ALA D 66 -32.92 1.82 44.52
CA ALA D 66 -32.30 0.78 45.34
C ALA D 66 -30.91 1.31 45.72
N GLY D 67 -30.79 1.77 46.96
CA GLY D 67 -29.55 2.40 47.40
C GLY D 67 -29.42 3.80 46.83
N TYR D 68 -28.29 4.43 47.13
CA TYR D 68 -27.97 5.77 46.64
C TYR D 68 -29.06 6.77 47.00
N HIS D 69 -29.60 6.64 48.21
CA HIS D 69 -30.69 7.50 48.66
C HIS D 69 -30.25 8.93 48.98
N THR D 70 -28.95 9.19 49.03
CA THR D 70 -28.45 10.52 49.39
C THR D 70 -27.45 10.99 48.34
N VAL D 71 -27.38 12.31 48.17
CA VAL D 71 -26.38 12.90 47.28
C VAL D 71 -24.99 12.66 47.83
N GLU D 72 -24.85 12.49 49.16
CA GLU D 72 -23.56 12.22 49.76
C GLU D 72 -23.18 10.74 49.68
N ALA D 73 -24.12 9.88 49.31
CA ALA D 73 -23.77 8.49 49.05
C ALA D 73 -22.84 8.37 47.85
N VAL D 74 -23.10 9.13 46.80
CA VAL D 74 -22.20 9.16 45.65
C VAL D 74 -20.95 9.97 45.91
N ALA D 75 -20.92 10.75 46.99
CA ALA D 75 -19.68 11.41 47.39
C ALA D 75 -18.64 10.38 47.80
N TYR D 76 -19.06 9.35 48.53
CA TYR D 76 -18.19 8.23 48.90
C TYR D 76 -18.70 7.02 48.11
N ALA D 77 -18.22 6.87 46.89
CA ALA D 77 -18.71 5.79 46.02
C ALA D 77 -17.69 5.52 44.94
N PRO D 78 -17.54 4.27 44.51
CA PRO D 78 -16.65 3.98 43.37
C PRO D 78 -17.39 4.03 42.05
N LYS D 79 -16.66 3.82 40.95
CA LYS D 79 -17.26 3.88 39.62
C LYS D 79 -17.89 2.57 39.18
N LYS D 80 -17.37 1.43 39.66
CA LYS D 80 -17.93 0.14 39.25
C LYS D 80 -19.36 -0.02 39.75
N GLU D 81 -19.65 0.48 40.95
CA GLU D 81 -21.01 0.43 41.47
C GLU D 81 -21.96 1.24 40.59
N LEU D 82 -21.54 2.42 40.15
CA LEU D 82 -22.36 3.21 39.22
C LEU D 82 -22.53 2.48 37.90
N ILE D 83 -21.48 1.81 37.43
CA ILE D 83 -21.59 1.02 36.20
C ILE D 83 -22.63 -0.08 36.36
N ASN D 84 -22.67 -0.71 37.53
CA ASN D 84 -23.64 -1.78 37.76
C ASN D 84 -25.06 -1.23 37.79
N ILE D 85 -25.25 -0.04 38.37
CA ILE D 85 -26.60 0.51 38.53
C ILE D 85 -27.13 1.07 37.22
N LYS D 86 -26.44 2.09 36.69
CA LYS D 86 -26.87 2.73 35.46
C LYS D 86 -26.35 1.98 34.25
N GLY D 87 -27.02 2.16 33.11
CA GLY D 87 -26.68 1.45 31.89
C GLY D 87 -25.24 1.62 31.43
N ILE D 88 -24.87 2.83 31.03
CA ILE D 88 -23.52 3.08 30.53
C ILE D 88 -22.70 3.78 31.61
N SER D 89 -23.37 4.62 32.41
CA SER D 89 -22.74 5.31 33.54
C SER D 89 -21.54 6.15 33.11
N GLU D 90 -21.54 6.61 31.87
CA GLU D 90 -20.45 7.44 31.37
C GLU D 90 -21.00 8.71 30.73
N ALA D 91 -22.20 8.62 30.16
CA ALA D 91 -22.81 9.80 29.56
C ALA D 91 -23.13 10.86 30.60
N LYS D 92 -23.70 10.45 31.73
CA LYS D 92 -24.09 11.38 32.78
C LYS D 92 -23.55 11.00 34.14
N ALA D 93 -23.49 9.71 34.47
CA ALA D 93 -23.17 9.28 35.82
C ALA D 93 -21.71 9.50 36.18
N ASP D 94 -20.84 9.83 35.22
CA ASP D 94 -19.47 10.18 35.55
C ASP D 94 -19.35 11.54 36.20
N LYS D 95 -20.42 12.34 36.20
CA LYS D 95 -20.40 13.67 36.78
C LYS D 95 -21.01 13.73 38.17
N ILE D 96 -22.04 12.91 38.46
CA ILE D 96 -22.61 12.90 39.80
C ILE D 96 -21.57 12.43 40.82
N LEU D 97 -20.70 11.50 40.40
CA LEU D 97 -19.61 11.08 41.26
C LEU D 97 -18.66 12.23 41.55
N THR D 98 -18.56 13.19 40.64
CA THR D 98 -17.69 14.36 40.82
C THR D 98 -18.57 15.54 41.24
N GLU D 99 -18.82 15.62 42.54
CA GLU D 99 -19.64 16.71 43.08
C GLU D 99 -18.87 18.03 42.93
N ALA D 100 -19.41 18.93 42.10
CA ALA D 100 -18.72 20.18 41.83
C ALA D 100 -18.69 21.07 43.08
N ALA D 101 -19.83 21.24 43.74
CA ALA D 101 -19.91 22.14 44.88
C ALA D 101 -20.56 21.47 46.09
N LYS D 102 -21.46 20.53 45.85
CA LYS D 102 -22.17 19.85 46.93
C LYS D 102 -21.36 18.65 47.42
N LEU D 103 -20.18 18.94 47.96
CA LEU D 103 -19.27 17.91 48.42
C LEU D 103 -18.61 18.32 49.72
N VAL D 104 -18.28 17.32 50.53
CA VAL D 104 -17.43 17.50 51.71
C VAL D 104 -16.02 17.76 51.19
N PRO D 105 -15.21 18.60 51.87
CA PRO D 105 -13.82 18.78 51.44
C PRO D 105 -13.09 17.47 51.22
N MET D 106 -12.72 17.22 49.96
CA MET D 106 -12.20 15.92 49.55
C MET D 106 -10.68 15.86 49.55
N GLY D 107 -10.01 17.00 49.51
CA GLY D 107 -8.57 17.03 49.38
C GLY D 107 -7.81 16.94 50.68
N PHE D 108 -6.68 17.66 50.75
CA PHE D 108 -5.83 17.62 51.93
C PHE D 108 -6.60 18.13 53.16
N THR D 109 -6.52 17.36 54.24
CA THR D 109 -7.19 17.71 55.50
C THR D 109 -6.16 18.33 56.43
N THR D 110 -6.30 19.63 56.67
CA THR D 110 -5.37 20.33 57.55
C THR D 110 -5.52 19.84 58.99
N ALA D 111 -4.39 19.69 59.67
CA ALA D 111 -4.42 19.14 61.02
C ALA D 111 -5.07 20.10 62.02
N THR D 112 -5.04 21.41 61.74
CA THR D 112 -5.77 22.35 62.59
C THR D 112 -7.27 22.12 62.49
N GLU D 113 -7.77 21.83 61.29
CA GLU D 113 -9.19 21.50 61.15
C GLU D 113 -9.55 20.27 61.95
N PHE D 114 -8.65 19.28 62.01
CA PHE D 114 -8.92 18.10 62.81
C PHE D 114 -8.79 18.41 64.30
N HIS D 115 -7.91 19.34 64.67
CA HIS D 115 -7.88 19.82 66.06
C HIS D 115 -9.23 20.39 66.46
N GLN D 116 -9.82 21.20 65.58
CA GLN D 116 -11.15 21.73 65.84
C GLN D 116 -12.21 20.62 65.87
N ARG D 117 -12.10 19.66 64.94
CA ARG D 117 -13.06 18.57 64.87
C ARG D 117 -13.03 17.71 66.12
N ARG D 118 -11.87 17.64 66.78
CA ARG D 118 -11.77 16.86 68.02
C ARG D 118 -12.68 17.41 69.11
N SER D 119 -13.15 18.64 68.98
CA SER D 119 -14.01 19.26 69.99
C SER D 119 -15.39 19.63 69.49
N GLU D 120 -15.57 19.96 68.21
CA GLU D 120 -16.87 20.43 67.75
C GLU D 120 -17.86 19.30 67.54
N ILE D 121 -17.44 18.04 67.69
CA ILE D 121 -18.33 16.91 67.44
C ILE D 121 -19.52 16.95 68.38
N ILE D 122 -20.69 16.57 67.88
CA ILE D 122 -21.89 16.45 68.71
C ILE D 122 -21.92 15.01 69.24
N GLN D 123 -21.32 14.80 70.40
CA GLN D 123 -21.20 13.47 70.97
C GLN D 123 -22.32 13.23 71.98
N ILE D 124 -22.37 12.00 72.48
CA ILE D 124 -23.32 11.62 73.50
C ILE D 124 -22.67 11.50 74.87
N THR D 125 -21.52 12.16 75.05
CA THR D 125 -20.68 12.05 76.25
C THR D 125 -21.50 12.20 77.53
N THR D 126 -21.57 11.12 78.31
CA THR D 126 -22.26 11.13 79.60
C THR D 126 -21.35 10.71 80.75
N GLY D 127 -20.62 9.60 80.59
CA GLY D 127 -19.81 9.10 81.68
C GLY D 127 -20.66 8.49 82.78
N SER D 128 -20.13 8.57 84.01
CA SER D 128 -20.81 8.13 85.22
C SER D 128 -21.44 6.74 85.09
N LYS D 129 -22.77 6.68 85.02
CA LYS D 129 -23.49 5.41 85.11
C LYS D 129 -23.19 4.50 83.92
N GLU D 130 -22.84 5.07 82.77
CA GLU D 130 -22.63 4.26 81.57
C GLU D 130 -21.17 4.14 81.18
N LEU D 131 -20.43 5.24 81.13
CA LEU D 131 -19.06 5.24 80.63
C LEU D 131 -18.16 6.10 81.51
N ASP D 132 -18.24 5.92 82.83
CA ASP D 132 -17.47 6.74 83.77
C ASP D 132 -15.99 6.75 83.40
N LYS D 133 -15.34 5.60 83.45
CA LYS D 133 -13.93 5.48 83.10
C LYS D 133 -13.70 5.09 81.65
N LEU D 134 -14.76 4.91 80.88
CA LEU D 134 -14.64 4.49 79.48
C LEU D 134 -14.72 5.71 78.57
N LEU D 135 -13.60 6.45 78.56
CA LEU D 135 -13.48 7.69 77.79
C LEU D 135 -14.56 8.69 78.21
N GLN D 136 -14.94 8.65 79.49
CA GLN D 136 -15.95 9.51 80.11
C GLN D 136 -17.16 9.76 79.21
N GLY D 137 -17.54 8.75 78.44
CA GLY D 137 -18.55 8.89 77.41
C GLY D 137 -17.90 9.22 76.08
N GLY D 138 -17.96 8.30 75.12
CA GLY D 138 -17.22 8.51 73.89
C GLY D 138 -17.89 8.03 72.62
N ILE D 139 -19.15 7.62 72.69
CA ILE D 139 -19.85 7.19 71.49
C ILE D 139 -20.14 8.42 70.63
N GLU D 140 -19.58 8.43 69.42
CA GLU D 140 -19.68 9.60 68.55
C GLU D 140 -20.16 9.22 67.16
N THR D 141 -20.09 10.16 66.23
CA THR D 141 -20.46 9.93 64.85
C THR D 141 -19.20 9.64 64.03
N GLY D 142 -19.32 8.72 63.08
CA GLY D 142 -18.21 8.31 62.25
C GLY D 142 -17.45 7.10 62.74
N SER D 143 -17.73 6.63 63.95
CA SER D 143 -17.04 5.48 64.52
C SER D 143 -18.05 4.47 65.05
N ILE D 144 -17.80 3.19 64.81
CA ILE D 144 -18.67 2.13 65.30
C ILE D 144 -18.31 1.82 66.75
N THR D 145 -19.33 1.71 67.60
CA THR D 145 -19.16 1.58 69.04
C THR D 145 -19.73 0.27 69.55
N GLU D 146 -19.47 -0.83 68.84
CA GLU D 146 -20.07 -2.11 69.18
C GLU D 146 -19.54 -2.64 70.50
N MET D 147 -20.42 -3.26 71.29
CA MET D 147 -20.06 -4.00 72.49
C MET D 147 -20.28 -5.49 72.25
N PHE D 148 -19.72 -6.31 73.13
CA PHE D 148 -19.88 -7.75 73.02
C PHE D 148 -19.68 -8.42 74.38
N GLY D 149 -20.20 -9.64 74.48
CA GLY D 149 -20.13 -10.42 75.69
C GLY D 149 -20.70 -11.79 75.44
N GLU D 150 -20.73 -12.60 76.49
CA GLU D 150 -21.27 -13.96 76.34
C GLU D 150 -22.79 -13.96 76.45
N PHE D 151 -23.31 -13.60 77.63
CA PHE D 151 -24.73 -13.58 77.92
C PHE D 151 -24.91 -12.99 79.30
N ARG D 152 -26.07 -12.39 79.53
CA ARG D 152 -26.40 -11.75 80.81
C ARG D 152 -25.35 -10.71 81.20
N THR D 153 -24.78 -10.03 80.21
CA THR D 153 -23.82 -8.96 80.43
C THR D 153 -24.44 -7.58 80.32
N GLY D 154 -25.76 -7.49 80.19
CA GLY D 154 -26.41 -6.23 79.91
C GLY D 154 -26.37 -5.85 78.45
N LYS D 155 -26.28 -6.83 77.55
CA LYS D 155 -26.10 -6.53 76.13
C LYS D 155 -27.33 -5.84 75.53
N THR D 156 -28.51 -6.00 76.14
CA THR D 156 -29.68 -5.33 75.61
C THR D 156 -29.92 -3.98 76.26
N GLN D 157 -29.66 -3.85 77.56
CA GLN D 157 -29.89 -2.59 78.24
C GLN D 157 -28.84 -1.53 77.92
N ILE D 158 -27.68 -1.90 77.39
CA ILE D 158 -26.68 -0.90 77.07
C ILE D 158 -27.19 0.03 75.97
N CYS D 159 -27.92 -0.51 75.01
CA CYS D 159 -28.58 0.31 74.00
C CYS D 159 -30.01 0.68 74.37
N HIS D 160 -30.65 -0.10 75.27
CA HIS D 160 -31.98 0.26 75.74
C HIS D 160 -31.96 1.56 76.53
N THR D 161 -30.96 1.71 77.40
CA THR D 161 -30.83 2.90 78.25
C THR D 161 -30.01 4.00 77.61
N LEU D 162 -29.96 4.05 76.28
CA LEU D 162 -29.17 5.05 75.59
C LEU D 162 -30.02 5.81 74.58
N ALA D 163 -30.97 5.13 73.95
CA ALA D 163 -31.81 5.72 72.92
C ALA D 163 -33.19 6.11 73.43
N VAL D 164 -33.40 6.07 74.75
CA VAL D 164 -34.71 6.44 75.28
C VAL D 164 -34.99 7.93 75.08
N THR D 165 -34.02 8.77 75.42
CA THR D 165 -34.20 10.22 75.39
C THR D 165 -33.22 10.81 74.36
N CYS D 166 -33.71 11.06 73.15
CA CYS D 166 -32.92 11.71 72.12
C CYS D 166 -33.09 13.21 72.12
N GLN D 167 -33.92 13.76 72.99
CA GLN D 167 -34.13 15.20 73.09
C GLN D 167 -33.19 15.86 74.08
N LEU D 168 -32.32 15.09 74.74
CA LEU D 168 -31.42 15.65 75.74
C LEU D 168 -30.38 16.53 75.06
N PRO D 169 -30.24 17.80 75.47
CA PRO D 169 -29.22 18.66 74.86
C PRO D 169 -27.82 18.31 75.33
N ILE D 170 -26.84 19.15 74.97
CA ILE D 170 -25.45 18.92 75.31
C ILE D 170 -25.20 18.88 76.81
N ASP D 171 -26.21 19.19 77.63
CA ASP D 171 -26.05 19.11 79.08
C ASP D 171 -25.75 17.69 79.54
N ARG D 172 -26.26 16.68 78.82
CA ARG D 172 -26.01 15.30 79.18
C ARG D 172 -25.70 14.43 77.98
N GLY D 173 -25.52 15.01 76.78
CA GLY D 173 -25.22 14.24 75.59
C GLY D 173 -26.47 13.64 74.98
N GLY D 174 -26.97 12.55 75.58
CA GLY D 174 -28.20 11.91 75.15
C GLY D 174 -28.28 11.64 73.67
N GLY D 175 -29.17 12.35 72.99
CA GLY D 175 -29.25 12.31 71.54
C GLY D 175 -29.48 13.69 70.96
N GLU D 176 -29.79 13.76 69.68
CA GLU D 176 -30.09 15.06 69.07
C GLU D 176 -31.40 15.07 68.30
N GLY D 177 -31.76 13.97 67.64
CA GLY D 177 -32.99 13.89 66.90
C GLY D 177 -33.98 12.89 67.44
N LYS D 178 -34.05 11.71 66.82
CA LYS D 178 -34.94 10.64 67.26
C LYS D 178 -34.17 9.33 67.40
N ALA D 179 -34.88 8.23 67.65
CA ALA D 179 -34.25 6.93 67.85
C ALA D 179 -34.95 5.88 67.02
N MET D 180 -34.16 4.99 66.40
CA MET D 180 -34.70 3.92 65.56
C MET D 180 -34.88 2.62 66.34
N TYR D 181 -33.78 2.04 66.82
CA TYR D 181 -33.79 0.82 67.64
C TYR D 181 -34.59 -0.30 66.98
N ILE D 182 -34.11 -0.76 65.84
CA ILE D 182 -34.66 -1.98 65.25
C ILE D 182 -34.06 -3.16 66.00
N ASP D 183 -34.85 -4.22 66.17
CA ASP D 183 -34.40 -5.32 67.02
C ASP D 183 -34.73 -6.66 66.38
N THR D 184 -33.89 -7.65 66.66
CA THR D 184 -34.06 -9.00 66.18
C THR D 184 -34.09 -9.96 67.37
N GLU D 185 -34.54 -11.19 67.10
CA GLU D 185 -34.66 -12.30 68.05
C GLU D 185 -35.71 -12.05 69.13
N GLY D 186 -36.35 -10.90 69.15
CA GLY D 186 -37.39 -10.62 70.11
C GLY D 186 -36.92 -10.05 71.43
N THR D 187 -35.77 -9.39 71.47
CA THR D 187 -35.26 -8.76 72.68
C THR D 187 -35.79 -7.34 72.87
N PHE D 188 -36.63 -6.85 71.97
CA PHE D 188 -37.23 -5.53 72.10
C PHE D 188 -38.36 -5.63 73.12
N ARG D 189 -38.10 -5.14 74.33
CA ARG D 189 -39.09 -5.17 75.40
C ARG D 189 -39.53 -3.75 75.73
N PRO D 190 -40.73 -3.33 75.33
CA PRO D 190 -41.17 -1.97 75.66
C PRO D 190 -41.33 -1.72 77.15
N GLU D 191 -41.49 -2.78 77.95
CA GLU D 191 -41.57 -2.60 79.40
C GLU D 191 -40.26 -2.02 79.95
N ARG D 192 -39.14 -2.53 79.48
CA ARG D 192 -37.85 -1.99 79.90
C ARG D 192 -37.68 -0.55 79.44
N LEU D 193 -38.16 -0.22 78.23
CA LEU D 193 -38.11 1.16 77.77
C LEU D 193 -38.94 2.06 78.67
N LEU D 194 -40.13 1.61 79.07
CA LEU D 194 -40.94 2.39 79.98
C LEU D 194 -40.24 2.59 81.33
N ALA D 195 -39.59 1.54 81.83
CA ALA D 195 -38.86 1.66 83.08
C ALA D 195 -37.72 2.66 82.97
N VAL D 196 -36.95 2.61 81.87
CA VAL D 196 -35.87 3.56 81.65
C VAL D 196 -36.40 4.96 81.39
N ALA D 197 -37.66 5.09 81.00
CA ALA D 197 -38.29 6.40 80.81
C ALA D 197 -38.65 7.03 82.16
N GLU D 198 -37.62 7.22 82.97
CA GLU D 198 -37.74 7.82 84.29
C GLU D 198 -36.69 8.90 84.57
N ARG D 199 -35.57 8.91 83.85
CA ARG D 199 -34.51 9.88 84.10
C ARG D 199 -35.02 11.31 83.87
N TYR D 200 -35.78 11.52 82.80
CA TYR D 200 -36.28 12.84 82.45
C TYR D 200 -37.75 12.81 82.09
N GLY D 201 -38.53 11.95 82.77
CA GLY D 201 -39.94 11.85 82.44
C GLY D 201 -40.15 11.25 81.06
N LEU D 202 -41.21 11.70 80.39
CA LEU D 202 -41.57 11.26 79.04
C LEU D 202 -41.70 9.73 78.99
N SER D 203 -42.67 9.23 79.76
CA SER D 203 -42.87 7.78 79.85
C SER D 203 -43.24 7.19 78.50
N GLY D 204 -44.19 7.81 77.80
CA GLY D 204 -44.61 7.31 76.51
C GLY D 204 -44.82 8.40 75.48
N SER D 205 -44.64 9.66 75.88
CA SER D 205 -44.88 10.77 74.98
C SER D 205 -43.90 10.77 73.81
N ASP D 206 -42.63 10.50 74.08
CA ASP D 206 -41.61 10.45 73.04
C ASP D 206 -40.79 9.18 73.03
N VAL D 207 -40.87 8.35 74.08
CA VAL D 207 -40.10 7.11 74.11
C VAL D 207 -40.82 6.02 73.31
N LEU D 208 -42.10 5.80 73.58
CA LEU D 208 -42.86 4.80 72.85
C LEU D 208 -43.08 5.22 71.40
N ASP D 209 -43.14 6.52 71.13
CA ASP D 209 -43.26 7.04 69.78
C ASP D 209 -41.89 7.43 69.25
N ASN D 210 -41.87 7.95 68.03
CA ASN D 210 -40.63 8.29 67.32
C ASN D 210 -39.68 7.09 67.27
N VAL D 211 -40.24 5.91 66.98
CA VAL D 211 -39.48 4.68 66.87
C VAL D 211 -39.76 4.06 65.51
N ALA D 212 -38.81 3.25 65.05
CA ALA D 212 -38.90 2.60 63.75
C ALA D 212 -38.47 1.14 63.85
N TYR D 213 -39.03 0.43 64.83
CA TYR D 213 -38.70 -0.97 65.07
C TYR D 213 -38.81 -1.79 63.78
N ALA D 214 -37.92 -2.77 63.64
CA ALA D 214 -37.91 -3.65 62.48
C ALA D 214 -37.29 -4.98 62.88
N ARG D 215 -37.86 -6.07 62.35
CA ARG D 215 -37.44 -7.41 62.76
C ARG D 215 -36.01 -7.71 62.32
N GLY D 216 -35.71 -7.51 61.03
CA GLY D 216 -34.39 -7.81 60.51
C GLY D 216 -33.98 -9.26 60.69
N PHE D 217 -34.86 -10.21 60.33
CA PHE D 217 -34.58 -11.62 60.61
C PHE D 217 -33.53 -12.21 59.68
N ASN D 218 -33.18 -11.55 58.58
CA ASN D 218 -32.20 -12.06 57.64
C ASN D 218 -31.10 -11.03 57.42
N THR D 219 -29.94 -11.49 56.97
CA THR D 219 -28.83 -10.58 56.70
C THR D 219 -29.12 -9.72 55.48
N ASP D 220 -29.59 -10.34 54.39
CA ASP D 220 -29.97 -9.56 53.22
C ASP D 220 -31.19 -8.69 53.51
N HIS D 221 -32.14 -9.21 54.29
CA HIS D 221 -33.27 -8.41 54.71
C HIS D 221 -32.81 -7.22 55.53
N GLN D 222 -31.79 -7.41 56.37
CA GLN D 222 -31.30 -6.33 57.21
C GLN D 222 -30.51 -5.31 56.40
N THR D 223 -29.80 -5.75 55.36
CA THR D 223 -29.19 -4.81 54.43
C THR D 223 -30.26 -3.99 53.72
N GLN D 224 -31.35 -4.63 53.31
CA GLN D 224 -32.47 -3.89 52.70
C GLN D 224 -33.07 -2.91 53.69
N LEU D 225 -33.16 -3.31 54.97
CA LEU D 225 -33.67 -2.42 56.00
C LEU D 225 -32.78 -1.20 56.17
N LEU D 226 -31.46 -1.40 56.11
CA LEU D 226 -30.53 -0.28 56.16
C LEU D 226 -30.71 0.62 54.94
N TYR D 227 -30.89 0.03 53.76
CA TYR D 227 -31.13 0.82 52.56
C TYR D 227 -32.40 1.66 52.71
N GLN D 228 -33.46 1.07 53.24
CA GLN D 228 -34.70 1.79 53.46
C GLN D 228 -34.54 2.88 54.51
N ALA D 229 -33.79 2.59 55.58
CA ALA D 229 -33.54 3.58 56.63
C ALA D 229 -32.66 4.71 56.15
N GLU D 230 -31.94 4.53 55.05
CA GLU D 230 -31.19 5.63 54.46
C GLU D 230 -32.09 6.82 54.11
N ASP D 231 -33.38 6.57 53.86
CA ASP D 231 -34.34 7.63 53.56
C ASP D 231 -34.99 8.22 54.81
N MET D 232 -34.61 7.79 56.00
CA MET D 232 -35.16 8.36 57.22
C MET D 232 -34.32 9.49 57.80
N MET D 233 -33.28 9.93 57.10
CA MET D 233 -32.47 11.05 57.55
C MET D 233 -32.22 12.08 56.47
N VAL D 234 -32.40 11.73 55.19
CA VAL D 234 -32.17 12.71 54.11
C VAL D 234 -33.07 13.92 54.28
N GLU D 235 -34.32 13.71 54.70
CA GLU D 235 -35.26 14.80 54.94
C GLU D 235 -35.59 14.98 56.41
N SER D 236 -35.08 14.12 57.28
CA SER D 236 -35.42 14.12 58.69
C SER D 236 -34.15 14.30 59.51
N ARG D 237 -34.33 14.57 60.81
CA ARG D 237 -33.22 14.73 61.73
C ARG D 237 -33.11 13.47 62.60
N TYR D 238 -33.19 12.30 61.95
CA TYR D 238 -32.96 11.05 62.66
C TYR D 238 -31.53 11.00 63.18
N ALA D 239 -31.37 10.60 64.43
CA ALA D 239 -30.07 10.61 65.07
C ALA D 239 -29.56 9.21 65.41
N LEU D 240 -30.33 8.44 66.16
CA LEU D 240 -29.84 7.17 66.70
C LEU D 240 -30.38 5.99 65.90
N LEU D 241 -29.66 4.88 65.97
CA LEU D 241 -30.08 3.64 65.34
C LEU D 241 -29.34 2.48 65.99
N ILE D 242 -30.07 1.43 66.33
CA ILE D 242 -29.49 0.22 66.91
C ILE D 242 -29.97 -0.96 66.10
N VAL D 243 -29.05 -1.84 65.71
CA VAL D 243 -29.38 -2.98 64.87
C VAL D 243 -29.22 -4.26 65.69
N ASP D 244 -29.38 -4.14 67.01
CA ASP D 244 -29.15 -5.26 67.92
C ASP D 244 -27.79 -5.89 67.64
N SER D 245 -27.67 -7.20 67.80
CA SER D 245 -26.45 -7.91 67.43
C SER D 245 -26.49 -8.21 65.94
N ALA D 246 -25.70 -7.48 65.15
CA ALA D 246 -25.72 -7.67 63.71
C ALA D 246 -25.26 -9.07 63.33
N THR D 247 -24.23 -9.58 64.02
CA THR D 247 -23.67 -10.87 63.71
C THR D 247 -24.46 -12.03 64.31
N ALA D 248 -25.52 -11.75 65.07
CA ALA D 248 -26.33 -12.82 65.63
C ALA D 248 -26.99 -13.67 64.54
N LEU D 249 -27.12 -13.13 63.32
CA LEU D 249 -27.72 -13.87 62.21
C LEU D 249 -26.69 -14.45 61.26
N TYR D 250 -25.49 -13.87 61.19
CA TYR D 250 -24.47 -14.39 60.29
C TYR D 250 -23.97 -15.76 60.74
N ARG D 251 -23.91 -15.98 62.06
CA ARG D 251 -23.47 -17.27 62.57
C ARG D 251 -24.45 -18.39 62.25
N THR D 252 -25.70 -18.06 61.92
CA THR D 252 -26.73 -19.05 61.65
C THR D 252 -27.16 -19.09 60.18
N ASP D 253 -26.71 -18.15 59.36
CA ASP D 253 -27.05 -18.12 57.94
C ASP D 253 -25.90 -18.62 57.07
N TYR D 254 -24.88 -19.24 57.66
CA TYR D 254 -23.74 -19.72 56.90
C TYR D 254 -23.21 -20.99 57.56
N SER D 255 -22.47 -21.77 56.78
CA SER D 255 -21.93 -23.03 57.26
C SER D 255 -20.63 -22.80 58.05
N GLY D 256 -20.04 -23.89 58.52
CA GLY D 256 -18.81 -23.79 59.28
C GLY D 256 -17.64 -23.28 58.46
N ARG D 257 -17.51 -23.80 57.23
CA ARG D 257 -16.43 -23.38 56.34
C ARG D 257 -16.94 -23.41 54.91
N GLY D 258 -16.22 -22.73 54.04
CA GLY D 258 -16.66 -22.56 52.66
C GLY D 258 -17.53 -21.35 52.49
N GLU D 259 -18.59 -21.25 53.29
CA GLU D 259 -19.40 -20.04 53.33
C GLU D 259 -18.84 -18.98 54.26
N LEU D 260 -17.71 -19.26 54.92
CA LEU D 260 -17.07 -18.26 55.77
C LEU D 260 -16.58 -17.08 54.96
N SER D 261 -15.99 -17.34 53.78
CA SER D 261 -15.52 -16.25 52.94
C SER D 261 -16.66 -15.36 52.50
N ALA D 262 -17.78 -15.95 52.07
CA ALA D 262 -18.93 -15.15 51.67
C ALA D 262 -19.55 -14.43 52.86
N ARG D 263 -19.57 -15.07 54.03
CA ARG D 263 -20.08 -14.43 55.23
C ARG D 263 -19.26 -13.19 55.57
N GLN D 264 -17.93 -13.32 55.51
CA GLN D 264 -17.06 -12.17 55.78
C GLN D 264 -17.21 -11.11 54.70
N MET D 265 -17.44 -11.52 53.45
CA MET D 265 -17.66 -10.56 52.38
C MET D 265 -18.91 -9.72 52.65
N HIS D 266 -20.03 -10.39 52.95
CA HIS D 266 -21.27 -9.67 53.24
C HIS D 266 -21.14 -8.81 54.48
N LEU D 267 -20.47 -9.33 55.51
CA LEU D 267 -20.25 -8.55 56.72
C LEU D 267 -19.40 -7.31 56.43
N ALA D 268 -18.37 -7.46 55.59
CA ALA D 268 -17.54 -6.32 55.23
C ALA D 268 -18.35 -5.27 54.48
N ARG D 269 -19.18 -5.69 53.53
CA ARG D 269 -20.02 -4.73 52.82
C ARG D 269 -20.98 -4.02 53.77
N PHE D 270 -21.62 -4.79 54.65
CA PHE D 270 -22.57 -4.21 55.61
C PHE D 270 -21.88 -3.19 56.52
N LEU D 271 -20.71 -3.56 57.05
CA LEU D 271 -20.04 -2.67 57.99
C LEU D 271 -19.41 -1.47 57.30
N ARG D 272 -19.00 -1.63 56.03
CA ARG D 272 -18.57 -0.47 55.27
C ARG D 272 -19.73 0.50 55.05
N MET D 273 -20.91 -0.03 54.74
CA MET D 273 -22.08 0.84 54.58
C MET D 273 -22.43 1.53 55.88
N LEU D 274 -22.36 0.80 57.01
CA LEU D 274 -22.66 1.40 58.31
C LEU D 274 -21.65 2.49 58.67
N LEU D 275 -20.36 2.24 58.43
CA LEU D 275 -19.35 3.25 58.71
C LEU D 275 -19.54 4.47 57.82
N ARG D 276 -19.90 4.25 56.56
CA ARG D 276 -20.22 5.38 55.68
C ARG D 276 -21.38 6.19 56.25
N LEU D 277 -22.46 5.51 56.64
CA LEU D 277 -23.60 6.22 57.23
C LEU D 277 -23.17 7.02 58.45
N ALA D 278 -22.30 6.44 59.27
CA ALA D 278 -21.82 7.14 60.46
C ALA D 278 -21.03 8.39 60.09
N ASP D 279 -20.25 8.33 59.00
CA ASP D 279 -19.37 9.46 58.70
C ASP D 279 -19.97 10.48 57.73
N GLU D 280 -21.12 10.22 57.10
CA GLU D 280 -21.72 11.24 56.24
C GLU D 280 -23.01 11.85 56.79
N PHE D 281 -23.75 11.14 57.64
CA PHE D 281 -24.92 11.69 58.30
C PHE D 281 -24.66 12.05 59.76
N GLY D 282 -24.08 11.13 60.52
CA GLY D 282 -23.88 11.33 61.93
C GLY D 282 -24.93 10.59 62.73
N VAL D 283 -24.58 9.41 63.23
CA VAL D 283 -25.53 8.53 63.91
C VAL D 283 -24.88 7.97 65.17
N ALA D 284 -25.72 7.46 66.06
CA ALA D 284 -25.28 6.69 67.23
C ALA D 284 -25.35 5.22 66.82
N VAL D 285 -24.26 4.71 66.29
CA VAL D 285 -24.19 3.35 65.76
C VAL D 285 -23.76 2.43 66.90
N VAL D 286 -24.73 1.71 67.46
CA VAL D 286 -24.54 1.02 68.74
C VAL D 286 -24.87 -0.47 68.63
N ILE D 287 -24.58 -1.05 67.46
CA ILE D 287 -24.77 -2.49 67.27
C ILE D 287 -24.05 -3.27 68.36
N THR D 288 -24.64 -4.40 68.76
CA THR D 288 -24.06 -5.29 69.76
C THR D 288 -23.42 -6.49 69.06
N ASN D 289 -22.76 -7.33 69.84
CA ASN D 289 -21.95 -8.42 69.30
C ASN D 289 -21.86 -9.53 70.35
N GLN D 290 -21.46 -10.71 69.89
CA GLN D 290 -21.34 -11.89 70.75
C GLN D 290 -19.88 -12.32 70.84
N VAL D 291 -19.64 -13.44 71.52
CA VAL D 291 -18.29 -13.97 71.72
C VAL D 291 -18.28 -15.45 71.42
N VAL D 292 -17.06 -15.98 71.27
CA VAL D 292 -16.79 -17.38 70.95
C VAL D 292 -15.78 -17.91 71.95
N ALA D 293 -15.90 -19.21 72.25
CA ALA D 293 -14.95 -19.90 73.12
C ALA D 293 -13.93 -20.62 72.26
N GLN D 294 -12.65 -20.42 72.56
CA GLN D 294 -11.57 -21.03 71.80
C GLN D 294 -11.21 -22.38 72.39
N VAL D 295 -11.21 -23.42 71.54
CA VAL D 295 -10.89 -24.77 71.98
C VAL D 295 -9.40 -25.07 71.88
N ASP D 296 -8.60 -24.13 71.38
CA ASP D 296 -7.16 -24.36 71.27
C ASP D 296 -6.53 -24.56 72.65
N GLY D 297 -6.92 -23.76 73.63
CA GLY D 297 -6.39 -23.87 74.97
C GLY D 297 -4.91 -23.59 75.07
N PRO D 305 -10.58 -16.78 77.46
CA PRO D 305 -11.18 -17.91 76.74
C PRO D 305 -12.30 -17.47 75.81
N LYS D 306 -12.50 -16.15 75.69
CA LYS D 306 -13.56 -15.59 74.85
C LYS D 306 -12.95 -14.62 73.87
N LYS D 307 -13.34 -14.73 72.60
CA LYS D 307 -12.90 -13.82 71.55
C LYS D 307 -14.12 -13.34 70.77
N PRO D 308 -14.11 -12.08 70.31
CA PRO D 308 -15.29 -11.56 69.62
C PRO D 308 -15.59 -12.33 68.33
N ILE D 309 -16.87 -12.62 68.13
CA ILE D 309 -17.30 -13.23 66.86
C ILE D 309 -17.25 -12.17 65.76
N GLY D 310 -17.17 -12.65 64.52
CA GLY D 310 -16.99 -11.80 63.36
C GLY D 310 -15.58 -11.81 62.81
N GLY D 311 -14.64 -12.39 63.53
CA GLY D 311 -13.28 -12.54 63.04
C GLY D 311 -12.57 -11.22 62.80
N ASN D 312 -12.12 -11.03 61.57
CA ASN D 312 -11.27 -9.89 61.23
C ASN D 312 -12.06 -8.69 60.73
N ILE D 313 -13.18 -8.89 60.04
CA ILE D 313 -13.92 -7.77 59.48
C ILE D 313 -14.59 -6.95 60.58
N ILE D 314 -15.12 -7.63 61.60
CA ILE D 314 -15.74 -6.91 62.72
C ILE D 314 -14.71 -6.04 63.43
N ALA D 315 -13.52 -6.59 63.68
CA ALA D 315 -12.46 -5.80 64.30
C ALA D 315 -11.95 -4.71 63.38
N HIS D 316 -12.05 -4.92 62.07
CA HIS D 316 -11.81 -3.85 61.11
C HIS D 316 -12.75 -2.68 61.35
N ALA D 317 -14.05 -2.96 61.40
CA ALA D 317 -15.03 -1.88 61.44
C ALA D 317 -15.19 -1.26 62.82
N SER D 318 -15.16 -2.09 63.86
CA SER D 318 -15.43 -1.61 65.21
C SER D 318 -14.28 -0.74 65.70
N THR D 319 -14.58 0.52 66.01
CA THR D 319 -13.60 1.45 66.56
C THR D 319 -13.70 1.60 68.08
N THR D 320 -14.79 1.13 68.68
CA THR D 320 -15.02 1.30 70.11
C THR D 320 -15.55 -0.01 70.71
N ARG D 321 -14.85 -1.11 70.44
CA ARG D 321 -15.26 -2.39 70.99
C ARG D 321 -15.29 -2.35 72.52
N LEU D 322 -16.27 -3.05 73.10
CA LEU D 322 -16.52 -3.00 74.55
C LEU D 322 -16.84 -4.42 75.02
N TYR D 323 -15.87 -5.08 75.65
CA TYR D 323 -16.06 -6.41 76.20
C TYR D 323 -16.61 -6.31 77.61
N LEU D 324 -17.71 -7.02 77.87
CA LEU D 324 -18.37 -7.02 79.17
C LEU D 324 -18.08 -8.34 79.86
N ARG D 325 -17.35 -8.29 80.97
CA ARG D 325 -16.85 -9.48 81.63
C ARG D 325 -17.84 -10.12 82.59
N LYS D 326 -18.97 -9.45 82.88
CA LYS D 326 -20.02 -9.92 83.79
C LYS D 326 -19.47 -10.57 85.06
N GLY D 327 -18.36 -10.04 85.57
CA GLY D 327 -17.75 -10.63 86.76
C GLY D 327 -18.58 -10.46 88.01
N ARG D 328 -19.13 -9.27 88.21
CA ARG D 328 -19.86 -8.94 89.43
C ARG D 328 -21.30 -9.43 89.31
N GLY D 329 -21.50 -10.70 89.68
CA GLY D 329 -22.84 -11.28 89.65
C GLY D 329 -23.49 -11.27 88.29
N GLU D 330 -22.71 -11.24 87.22
CA GLU D 330 -23.21 -11.21 85.85
C GLU D 330 -24.16 -10.03 85.63
N THR D 331 -23.70 -8.84 86.02
CA THR D 331 -24.47 -7.62 85.78
C THR D 331 -23.77 -6.68 84.81
N ARG D 332 -22.57 -6.20 85.15
CA ARG D 332 -21.83 -5.30 84.26
C ARG D 332 -20.39 -5.07 84.72
N ILE D 333 -19.44 -5.15 83.79
CA ILE D 333 -18.08 -4.68 83.98
C ILE D 333 -17.47 -4.55 82.59
N CYS D 334 -16.79 -3.43 82.32
CA CYS D 334 -16.43 -3.06 80.97
C CYS D 334 -14.92 -3.08 80.75
N LYS D 335 -14.52 -3.38 79.51
CA LYS D 335 -13.12 -3.35 79.10
C LYS D 335 -13.07 -2.97 77.62
N ILE D 336 -12.38 -1.89 77.30
CA ILE D 336 -12.44 -1.31 75.96
C ILE D 336 -11.41 -1.98 75.06
N TYR D 337 -11.79 -2.22 73.81
CA TYR D 337 -10.90 -2.78 72.79
C TYR D 337 -10.87 -1.86 71.57
N ASP D 338 -9.78 -2.00 70.80
CA ASP D 338 -9.70 -1.48 69.43
C ASP D 338 -10.01 0.00 69.34
N SER D 339 -9.51 0.78 70.30
CA SER D 339 -9.73 2.22 70.31
C SER D 339 -8.43 2.93 70.69
N PRO D 340 -7.97 3.89 69.89
CA PRO D 340 -6.76 4.63 70.25
C PRO D 340 -6.98 5.49 71.49
N CYS D 341 -5.90 5.66 72.26
CA CYS D 341 -5.90 6.47 73.47
C CYS D 341 -6.98 6.01 74.44
N LEU D 342 -7.20 4.69 74.50
CA LEU D 342 -8.23 4.12 75.34
C LEU D 342 -7.72 2.84 75.98
N PRO D 343 -7.02 2.95 77.12
CA PRO D 343 -6.57 1.75 77.81
C PRO D 343 -7.75 0.89 78.22
N GLU D 344 -7.53 -0.43 78.20
CA GLU D 344 -8.60 -1.36 78.53
C GLU D 344 -9.15 -1.11 79.93
N ALA D 345 -8.25 -1.02 80.92
CA ALA D 345 -8.58 -0.67 82.30
C ALA D 345 -9.73 -1.59 82.77
N GLU D 346 -10.78 -1.06 83.37
CA GLU D 346 -11.91 -1.85 83.84
C GLU D 346 -13.06 -0.89 84.13
N ALA D 347 -14.13 -1.40 84.73
CA ALA D 347 -15.28 -0.55 85.08
C ALA D 347 -16.08 -1.25 86.17
N MET D 348 -16.16 -0.63 87.34
CA MET D 348 -16.95 -1.16 88.45
C MET D 348 -18.36 -0.58 88.36
N PHE D 349 -19.18 -1.23 87.54
CA PHE D 349 -20.54 -0.79 87.25
C PHE D 349 -21.55 -1.81 87.77
N ALA D 350 -22.82 -1.52 87.56
CA ALA D 350 -23.90 -2.39 88.02
C ALA D 350 -25.13 -2.15 87.16
N ILE D 351 -26.08 -3.07 87.25
CA ILE D 351 -27.32 -3.01 86.48
C ILE D 351 -28.49 -3.13 87.46
N ASN D 352 -29.64 -2.63 87.04
CA ASN D 352 -30.83 -2.58 87.90
C ASN D 352 -32.06 -2.52 87.02
N ALA D 353 -33.21 -2.20 87.64
CA ALA D 353 -34.46 -2.09 86.91
C ALA D 353 -34.46 -0.91 85.94
N ASP D 354 -33.77 0.18 86.30
CA ASP D 354 -33.66 1.33 85.43
C ASP D 354 -32.55 1.19 84.39
N GLY D 355 -31.79 0.10 84.44
CA GLY D 355 -30.73 -0.12 83.47
C GLY D 355 -29.34 0.13 84.04
N VAL D 356 -28.60 1.04 83.42
CA VAL D 356 -27.25 1.36 83.89
C VAL D 356 -27.32 2.04 85.25
N GLY D 357 -26.29 1.82 86.05
CA GLY D 357 -26.25 2.39 87.38
C GLY D 357 -25.02 1.91 88.13
N ASP D 358 -25.00 2.23 89.42
CA ASP D 358 -23.89 1.85 90.29
C ASP D 358 -24.38 1.08 91.50
N PRO E 44 -38.80 -7.93 -34.58
CA PRO E 44 -39.24 -8.52 -35.84
C PRO E 44 -38.27 -8.27 -36.98
N GLN E 45 -38.80 -7.92 -38.17
CA GLN E 45 -38.01 -7.67 -39.37
C GLN E 45 -37.06 -8.82 -39.64
N PRO E 46 -37.56 -9.97 -40.08
CA PRO E 46 -36.70 -11.14 -40.27
C PRO E 46 -35.75 -10.95 -41.45
N ILE E 47 -34.80 -11.88 -41.56
CA ILE E 47 -33.88 -11.90 -42.68
C ILE E 47 -34.64 -12.23 -43.96
N SER E 48 -34.33 -11.50 -45.03
CA SER E 48 -34.95 -11.73 -46.32
C SER E 48 -34.18 -12.73 -47.18
N ARG E 49 -33.11 -13.31 -46.64
CA ARG E 49 -32.32 -14.37 -47.27
C ARG E 49 -31.48 -13.83 -48.42
N LEU E 50 -31.67 -12.56 -48.78
CA LEU E 50 -30.79 -11.81 -49.67
C LEU E 50 -30.65 -12.44 -51.06
N GLU E 51 -31.54 -13.35 -51.44
CA GLU E 51 -31.50 -13.93 -52.78
C GLU E 51 -32.67 -13.52 -53.65
N GLN E 52 -33.65 -12.81 -53.10
CA GLN E 52 -34.79 -12.30 -53.86
C GLN E 52 -35.00 -10.83 -53.59
N CYS E 53 -33.90 -10.08 -53.46
CA CYS E 53 -33.97 -8.64 -53.27
C CYS E 53 -32.91 -7.89 -54.08
N GLY E 54 -32.17 -8.56 -54.93
CA GLY E 54 -31.17 -7.94 -55.76
C GLY E 54 -29.73 -8.36 -55.49
N ILE E 55 -29.50 -9.51 -54.85
CA ILE E 55 -28.16 -9.97 -54.52
C ILE E 55 -28.02 -11.42 -54.96
N ASN E 56 -26.91 -11.73 -55.61
CA ASN E 56 -26.66 -13.08 -56.11
C ASN E 56 -26.53 -14.08 -54.96
N ALA E 57 -26.84 -15.34 -55.27
CA ALA E 57 -26.85 -16.38 -54.24
C ALA E 57 -25.46 -16.65 -53.69
N ASN E 58 -24.44 -16.60 -54.53
CA ASN E 58 -23.08 -16.88 -54.07
C ASN E 58 -22.64 -15.87 -53.02
N ASP E 59 -23.00 -14.60 -53.20
CA ASP E 59 -22.67 -13.59 -52.20
C ASP E 59 -23.35 -13.90 -50.87
N VAL E 60 -24.60 -14.35 -50.91
CA VAL E 60 -25.30 -14.69 -49.67
C VAL E 60 -24.64 -15.89 -48.99
N LYS E 61 -24.23 -16.88 -49.79
CA LYS E 61 -23.53 -18.03 -49.22
C LYS E 61 -22.22 -17.61 -48.55
N LYS E 62 -21.45 -16.76 -49.22
CA LYS E 62 -20.19 -16.29 -48.64
C LYS E 62 -20.43 -15.46 -47.39
N LEU E 63 -21.48 -14.64 -47.39
CA LEU E 63 -21.84 -13.89 -46.19
C LEU E 63 -22.22 -14.83 -45.05
N GLU E 64 -23.02 -15.86 -45.35
CA GLU E 64 -23.36 -16.87 -44.35
C GLU E 64 -22.12 -17.54 -43.79
N GLU E 65 -21.10 -17.72 -44.63
CA GLU E 65 -19.83 -18.24 -44.13
C GLU E 65 -19.21 -17.30 -43.10
N ALA E 66 -19.30 -15.99 -43.34
CA ALA E 66 -18.68 -14.99 -42.47
C ALA E 66 -19.65 -14.49 -41.40
N GLY E 67 -20.28 -15.41 -40.69
CA GLY E 67 -21.09 -15.06 -39.53
C GLY E 67 -22.26 -14.13 -39.81
N TYR E 68 -22.97 -14.34 -40.90
CA TYR E 68 -24.14 -13.55 -41.25
C TYR E 68 -25.38 -14.43 -41.11
N HIS E 69 -26.32 -14.01 -40.26
CA HIS E 69 -27.55 -14.76 -40.07
C HIS E 69 -28.77 -13.86 -39.95
N THR E 70 -28.66 -12.58 -40.29
CA THR E 70 -29.77 -11.64 -40.19
C THR E 70 -29.46 -10.44 -41.06
N VAL E 71 -30.48 -9.93 -41.75
CA VAL E 71 -30.29 -8.76 -42.62
C VAL E 71 -29.86 -7.55 -41.80
N GLU E 72 -30.54 -7.31 -40.67
CA GLU E 72 -30.16 -6.21 -39.79
C GLU E 72 -28.80 -6.41 -39.14
N ALA E 73 -28.35 -7.66 -39.00
CA ALA E 73 -27.04 -7.92 -38.43
C ALA E 73 -25.94 -7.34 -39.29
N VAL E 74 -26.06 -7.47 -40.61
CA VAL E 74 -25.06 -6.95 -41.54
C VAL E 74 -25.49 -5.58 -42.03
N ALA E 75 -26.53 -5.02 -41.42
CA ALA E 75 -26.96 -3.65 -41.69
C ALA E 75 -26.43 -2.68 -40.64
N TYR E 76 -26.64 -2.99 -39.36
CA TYR E 76 -26.08 -2.16 -38.30
C TYR E 76 -24.56 -2.12 -38.33
N ALA E 77 -23.93 -3.12 -38.97
CA ALA E 77 -22.49 -3.13 -39.09
C ALA E 77 -22.04 -2.07 -40.10
N PRO E 78 -20.90 -1.42 -39.86
CA PRO E 78 -20.37 -0.47 -40.84
C PRO E 78 -19.78 -1.17 -42.05
N LYS E 79 -19.74 -0.43 -43.16
CA LYS E 79 -19.19 -0.97 -44.40
C LYS E 79 -17.68 -1.19 -44.35
N LYS E 80 -17.01 -0.64 -43.32
CA LYS E 80 -15.56 -0.81 -43.23
C LYS E 80 -15.19 -2.28 -43.11
N GLU E 81 -15.89 -3.03 -42.28
CA GLU E 81 -15.67 -4.46 -42.16
C GLU E 81 -16.76 -5.30 -42.81
N LEU E 82 -17.94 -4.73 -43.06
CA LEU E 82 -18.96 -5.44 -43.81
C LEU E 82 -18.42 -5.81 -45.19
N ILE E 83 -18.58 -7.07 -45.55
CA ILE E 83 -18.04 -7.66 -46.77
C ILE E 83 -16.53 -7.84 -46.66
N ASN E 84 -15.82 -6.77 -46.28
CA ASN E 84 -14.37 -6.79 -46.16
C ASN E 84 -13.73 -7.29 -47.44
N ILE E 85 -12.89 -8.33 -47.34
CA ILE E 85 -12.16 -8.84 -48.50
C ILE E 85 -12.29 -10.36 -48.57
N LYS E 86 -13.35 -10.91 -47.97
CA LYS E 86 -13.47 -12.36 -47.89
C LYS E 86 -13.55 -13.00 -49.27
N GLY E 87 -14.58 -12.68 -50.05
CA GLY E 87 -14.71 -13.31 -51.35
C GLY E 87 -15.13 -12.43 -52.51
N ILE E 88 -15.51 -11.18 -52.24
CA ILE E 88 -16.00 -10.26 -53.27
C ILE E 88 -15.59 -8.84 -52.93
N SER E 89 -15.87 -7.92 -53.86
CA SER E 89 -15.34 -6.56 -53.83
C SER E 89 -16.21 -5.66 -52.94
N GLU E 90 -15.97 -4.35 -53.01
CA GLU E 90 -16.59 -3.39 -52.11
C GLU E 90 -17.74 -2.60 -52.73
N ALA E 91 -17.81 -2.52 -54.06
CA ALA E 91 -19.01 -1.96 -54.68
C ALA E 91 -20.23 -2.82 -54.36
N LYS E 92 -20.03 -4.15 -54.37
CA LYS E 92 -21.07 -5.05 -53.89
C LYS E 92 -21.38 -4.79 -52.41
N ALA E 93 -20.37 -4.43 -51.62
CA ALA E 93 -20.62 -4.06 -50.23
C ALA E 93 -21.53 -2.84 -50.14
N ASP E 94 -21.28 -1.83 -50.96
CA ASP E 94 -22.11 -0.64 -50.94
C ASP E 94 -23.54 -0.96 -51.37
N LYS E 95 -23.69 -1.80 -52.40
CA LYS E 95 -25.03 -2.16 -52.83
C LYS E 95 -25.76 -2.96 -51.76
N ILE E 96 -25.05 -3.84 -51.06
CA ILE E 96 -25.66 -4.61 -49.97
C ILE E 96 -26.06 -3.68 -48.84
N LEU E 97 -25.22 -2.69 -48.51
CA LEU E 97 -25.57 -1.74 -47.46
C LEU E 97 -26.80 -0.94 -47.82
N THR E 98 -26.87 -0.47 -49.08
CA THR E 98 -28.05 0.30 -49.49
C THR E 98 -29.30 -0.56 -49.47
N GLU E 99 -29.18 -1.83 -49.88
CA GLU E 99 -30.32 -2.75 -49.80
C GLU E 99 -30.76 -2.95 -48.36
N ALA E 100 -29.81 -3.16 -47.44
CA ALA E 100 -30.16 -3.51 -46.07
C ALA E 100 -30.67 -2.31 -45.29
N ALA E 101 -30.23 -1.10 -45.64
CA ALA E 101 -30.69 0.08 -44.92
C ALA E 101 -32.14 0.43 -45.22
N LYS E 102 -32.75 -0.21 -46.22
CA LYS E 102 -34.12 0.11 -46.58
C LYS E 102 -35.11 -0.26 -45.47
N LEU E 103 -35.02 -1.50 -44.98
CA LEU E 103 -36.01 -2.00 -44.04
C LEU E 103 -35.95 -1.27 -42.71
N VAL E 104 -34.76 -1.18 -42.13
CA VAL E 104 -34.58 -0.52 -40.84
C VAL E 104 -34.65 0.98 -41.03
N PRO E 105 -35.14 1.75 -40.06
CA PRO E 105 -35.18 3.21 -40.25
C PRO E 105 -33.80 3.84 -40.35
N MET E 106 -32.92 3.60 -39.37
CA MET E 106 -31.58 4.16 -39.36
C MET E 106 -31.59 5.68 -39.49
N GLY E 107 -32.61 6.33 -38.94
CA GLY E 107 -32.77 7.75 -39.12
C GLY E 107 -33.22 8.49 -37.88
N PHE E 108 -34.30 9.24 -38.01
CA PHE E 108 -34.79 10.10 -36.94
C PHE E 108 -36.03 9.48 -36.29
N THR E 109 -36.01 9.39 -34.97
CA THR E 109 -37.15 8.95 -34.18
C THR E 109 -37.23 9.86 -32.96
N THR E 110 -38.14 10.82 -32.99
CA THR E 110 -38.31 11.79 -31.92
C THR E 110 -38.50 11.08 -30.58
N ALA E 111 -38.22 11.78 -29.48
CA ALA E 111 -38.32 11.15 -28.17
C ALA E 111 -39.73 10.65 -27.89
N THR E 112 -40.75 11.40 -28.33
CA THR E 112 -42.13 10.97 -28.13
C THR E 112 -42.43 9.66 -28.85
N GLU E 113 -41.63 9.30 -29.85
CA GLU E 113 -41.73 7.99 -30.48
C GLU E 113 -40.88 6.96 -29.74
N PHE E 114 -39.71 7.36 -29.26
CA PHE E 114 -38.85 6.47 -28.47
C PHE E 114 -39.24 6.47 -27.00
N HIS E 115 -40.53 6.24 -26.74
CA HIS E 115 -41.02 6.13 -25.38
C HIS E 115 -41.84 4.85 -25.25
N GLN E 116 -42.52 4.47 -26.33
CA GLN E 116 -43.34 3.26 -26.31
C GLN E 116 -42.49 2.00 -26.38
N ARG E 117 -41.43 2.01 -27.20
CA ARG E 117 -40.64 0.80 -27.40
C ARG E 117 -39.98 0.34 -26.12
N ARG E 118 -39.47 1.27 -25.31
CA ARG E 118 -38.94 0.91 -24.01
C ARG E 118 -40.04 0.42 -23.07
N SER E 119 -41.25 0.95 -23.24
CA SER E 119 -42.38 0.50 -22.42
C SER E 119 -42.83 -0.91 -22.77
N GLU E 120 -42.55 -1.38 -23.98
CA GLU E 120 -42.91 -2.74 -24.38
C GLU E 120 -41.80 -3.76 -24.12
N ILE E 121 -40.69 -3.34 -23.49
CA ILE E 121 -39.63 -4.29 -23.15
C ILE E 121 -40.08 -5.18 -22.00
N ILE E 122 -39.70 -6.45 -22.07
CA ILE E 122 -40.12 -7.45 -21.08
C ILE E 122 -39.11 -7.49 -19.95
N GLN E 123 -39.60 -7.36 -18.71
CA GLN E 123 -38.76 -7.36 -17.52
C GLN E 123 -38.88 -8.70 -16.83
N ILE E 124 -37.76 -9.42 -16.69
CA ILE E 124 -37.72 -10.76 -16.13
C ILE E 124 -37.27 -10.70 -14.68
N THR E 125 -37.93 -11.48 -13.82
CA THR E 125 -37.63 -11.52 -12.40
C THR E 125 -36.90 -12.82 -12.05
N THR E 126 -36.00 -12.74 -11.06
CA THR E 126 -35.23 -13.90 -10.62
C THR E 126 -35.54 -14.17 -9.14
N GLY E 127 -36.64 -14.89 -8.91
CA GLY E 127 -36.95 -15.40 -7.58
C GLY E 127 -37.51 -14.40 -6.58
N SER E 128 -36.91 -13.21 -6.52
CA SER E 128 -37.15 -12.28 -5.43
C SER E 128 -38.04 -11.11 -5.85
N LYS E 129 -39.01 -10.80 -5.00
CA LYS E 129 -39.66 -9.50 -5.05
C LYS E 129 -38.65 -8.40 -4.76
N GLU E 130 -37.69 -8.67 -3.88
CA GLU E 130 -36.73 -7.66 -3.46
C GLU E 130 -35.83 -7.21 -4.61
N LEU E 131 -35.67 -8.04 -5.64
CA LEU E 131 -34.97 -7.63 -6.86
C LEU E 131 -35.93 -7.13 -7.94
N ASP E 132 -37.07 -6.57 -7.53
CA ASP E 132 -38.03 -5.98 -8.46
C ASP E 132 -38.56 -4.64 -7.98
N LYS E 133 -38.17 -4.18 -6.80
CA LYS E 133 -38.65 -2.93 -6.24
C LYS E 133 -37.70 -1.76 -6.52
N LEU E 134 -36.41 -1.96 -6.25
CA LEU E 134 -35.39 -0.95 -6.55
C LEU E 134 -34.85 -1.07 -7.97
N LEU E 135 -35.20 -2.13 -8.68
CA LEU E 135 -34.86 -2.28 -10.09
C LEU E 135 -35.95 -1.74 -11.00
N GLN E 136 -36.96 -1.07 -10.43
CA GLN E 136 -38.09 -0.54 -11.19
C GLN E 136 -38.74 -1.63 -12.04
N GLY E 137 -38.90 -2.81 -11.45
CA GLY E 137 -39.39 -3.97 -12.18
C GLY E 137 -38.33 -5.03 -12.30
N GLY E 138 -38.41 -5.86 -13.33
CA GLY E 138 -37.44 -6.91 -13.54
C GLY E 138 -36.20 -6.42 -14.25
N ILE E 139 -35.40 -7.37 -14.70
CA ILE E 139 -34.20 -7.09 -15.46
C ILE E 139 -34.58 -6.86 -16.92
N GLU E 140 -34.19 -5.73 -17.47
CA GLU E 140 -34.52 -5.38 -18.84
C GLU E 140 -33.67 -6.19 -19.81
N THR E 141 -34.32 -6.81 -20.79
CA THR E 141 -33.62 -7.63 -21.78
C THR E 141 -32.97 -6.79 -22.89
N GLY E 142 -33.26 -5.50 -22.96
CA GLY E 142 -32.61 -4.62 -23.91
C GLY E 142 -31.38 -3.95 -23.34
N SER E 143 -30.61 -4.70 -22.56
CA SER E 143 -29.38 -4.19 -21.94
C SER E 143 -28.41 -5.37 -21.81
N ILE E 144 -27.39 -5.19 -20.99
CA ILE E 144 -26.40 -6.23 -20.77
C ILE E 144 -26.72 -6.92 -19.44
N THR E 145 -26.15 -8.11 -19.24
CA THR E 145 -26.49 -8.99 -18.13
C THR E 145 -25.25 -9.55 -17.46
N GLU E 146 -24.31 -8.67 -17.12
CA GLU E 146 -23.07 -9.09 -16.46
C GLU E 146 -23.28 -9.25 -14.96
N MET E 147 -22.47 -10.12 -14.36
CA MET E 147 -22.63 -10.53 -12.97
C MET E 147 -21.26 -10.53 -12.28
N PHE E 148 -21.11 -9.76 -11.21
CA PHE E 148 -19.87 -9.81 -10.43
C PHE E 148 -20.17 -9.82 -8.93
N GLY E 149 -19.27 -10.46 -8.19
CA GLY E 149 -19.38 -10.58 -6.76
C GLY E 149 -18.11 -11.19 -6.20
N GLU E 150 -17.98 -11.12 -4.87
CA GLU E 150 -16.72 -11.51 -4.24
C GLU E 150 -16.39 -12.98 -4.45
N PHE E 151 -17.17 -13.89 -3.87
CA PHE E 151 -16.97 -15.33 -3.99
C PHE E 151 -18.10 -16.05 -3.26
N ARG E 152 -18.42 -17.27 -3.68
CA ARG E 152 -19.56 -18.01 -3.16
C ARG E 152 -20.84 -17.19 -3.24
N THR E 153 -20.80 -16.11 -4.01
CA THR E 153 -21.96 -15.26 -4.20
C THR E 153 -23.06 -16.00 -4.94
N GLY E 154 -22.68 -16.94 -5.80
CA GLY E 154 -23.65 -17.73 -6.51
C GLY E 154 -24.50 -16.92 -7.45
N LYS E 155 -23.88 -16.05 -8.26
CA LYS E 155 -24.64 -15.38 -9.31
C LYS E 155 -25.21 -16.38 -10.31
N THR E 156 -24.66 -17.60 -10.37
CA THR E 156 -25.27 -18.63 -11.18
C THR E 156 -26.60 -19.08 -10.62
N GLN E 157 -26.85 -18.87 -9.32
CA GLN E 157 -28.17 -19.13 -8.76
C GLN E 157 -29.13 -17.98 -9.04
N ILE E 158 -28.65 -16.89 -9.61
CA ILE E 158 -29.53 -15.84 -10.14
C ILE E 158 -29.84 -16.10 -11.61
N CYS E 159 -28.84 -16.50 -12.39
CA CYS E 159 -29.08 -16.85 -13.78
C CYS E 159 -29.87 -18.15 -13.91
N HIS E 160 -29.68 -19.10 -12.99
CA HIS E 160 -30.46 -20.33 -13.01
C HIS E 160 -31.93 -20.05 -12.76
N THR E 161 -32.23 -19.00 -12.00
CA THR E 161 -33.62 -18.59 -11.80
C THR E 161 -34.15 -17.77 -12.97
N LEU E 162 -33.31 -16.87 -13.50
CA LEU E 162 -33.73 -16.03 -14.61
C LEU E 162 -34.00 -16.86 -15.87
N ALA E 163 -33.23 -17.92 -16.09
CA ALA E 163 -33.44 -18.75 -17.26
C ALA E 163 -34.80 -19.45 -17.22
N VAL E 164 -35.17 -19.99 -16.06
CA VAL E 164 -36.45 -20.67 -15.96
C VAL E 164 -37.59 -19.67 -15.92
N THR E 165 -37.32 -18.44 -15.45
CA THR E 165 -38.33 -17.40 -15.60
C THR E 165 -38.52 -17.01 -17.06
N CYS E 166 -37.43 -17.06 -17.84
CA CYS E 166 -37.55 -16.88 -19.28
C CYS E 166 -38.39 -17.98 -19.91
N GLN E 167 -38.14 -19.24 -19.54
CA GLN E 167 -38.96 -20.32 -20.05
C GLN E 167 -40.41 -20.17 -19.64
N LEU E 168 -40.67 -19.47 -18.55
CA LEU E 168 -42.00 -19.21 -18.02
C LEU E 168 -42.70 -18.15 -18.87
N PRO E 169 -44.01 -18.22 -19.01
CA PRO E 169 -44.73 -17.26 -19.86
C PRO E 169 -44.69 -15.84 -19.30
N ILE E 170 -45.25 -14.92 -20.08
CA ILE E 170 -45.25 -13.51 -19.74
C ILE E 170 -46.07 -13.22 -18.49
N ASP E 171 -46.99 -14.12 -18.12
CA ASP E 171 -47.95 -13.84 -17.06
C ASP E 171 -47.25 -13.55 -15.73
N ARG E 172 -46.23 -14.35 -15.39
CA ARG E 172 -45.57 -14.22 -14.10
C ARG E 172 -44.05 -14.11 -14.25
N GLY E 173 -43.58 -13.53 -15.36
CA GLY E 173 -42.15 -13.46 -15.60
C GLY E 173 -41.74 -12.96 -16.96
N GLY E 174 -40.84 -13.68 -17.63
CA GLY E 174 -40.26 -13.24 -18.88
C GLY E 174 -40.91 -13.85 -20.10
N GLY E 175 -40.33 -13.52 -21.25
CA GLY E 175 -40.82 -14.06 -22.52
C GLY E 175 -40.26 -15.44 -22.79
N GLU E 176 -41.12 -16.30 -23.35
CA GLU E 176 -40.76 -17.70 -23.53
C GLU E 176 -39.59 -17.87 -24.49
N GLY E 177 -38.57 -18.60 -24.03
CA GLY E 177 -37.43 -18.91 -24.86
C GLY E 177 -36.66 -20.13 -24.38
N LYS E 178 -36.39 -21.08 -25.28
CA LYS E 178 -35.73 -22.32 -24.91
C LYS E 178 -34.22 -22.10 -24.88
N ALA E 179 -33.61 -22.29 -23.71
CA ALA E 179 -32.21 -21.97 -23.50
C ALA E 179 -31.35 -23.23 -23.56
N MET E 180 -30.20 -23.11 -24.23
CA MET E 180 -29.22 -24.18 -24.32
C MET E 180 -27.90 -23.71 -23.74
N TYR E 181 -27.22 -24.59 -22.99
CA TYR E 181 -25.95 -24.22 -22.40
C TYR E 181 -24.93 -23.89 -23.48
N ILE E 182 -24.19 -22.79 -23.28
CA ILE E 182 -23.29 -22.26 -24.29
C ILE E 182 -21.98 -21.84 -23.63
N ASP E 183 -20.94 -22.66 -23.79
CA ASP E 183 -19.56 -22.20 -23.68
C ASP E 183 -19.13 -21.73 -22.29
N THR E 184 -17.90 -21.24 -22.22
CA THR E 184 -17.32 -20.43 -21.14
C THR E 184 -17.15 -21.14 -19.81
N GLU E 185 -16.44 -20.48 -18.90
CA GLU E 185 -16.03 -21.05 -17.62
C GLU E 185 -17.24 -21.32 -16.73
N GLY E 186 -17.09 -22.30 -15.85
CA GLY E 186 -18.14 -22.66 -14.93
C GLY E 186 -19.05 -23.73 -15.48
N THR E 187 -19.77 -24.39 -14.57
CA THR E 187 -20.62 -25.51 -14.93
C THR E 187 -21.99 -25.31 -14.28
N PHE E 188 -23.05 -25.55 -15.05
CA PHE E 188 -24.36 -25.73 -14.45
C PHE E 188 -24.49 -27.21 -14.09
N ARG E 189 -24.73 -27.47 -12.80
CA ARG E 189 -24.73 -28.91 -12.57
C ARG E 189 -26.14 -29.46 -12.73
N PRO E 190 -26.29 -30.65 -13.31
CA PRO E 190 -27.62 -31.23 -13.49
C PRO E 190 -28.34 -31.44 -12.17
N GLU E 191 -29.66 -31.66 -12.28
CA GLU E 191 -30.56 -31.74 -11.13
C GLU E 191 -30.54 -30.47 -10.29
N ARG E 192 -30.39 -29.32 -10.95
CA ARG E 192 -30.46 -28.03 -10.26
C ARG E 192 -31.35 -27.00 -10.94
N LEU E 193 -31.62 -27.13 -12.23
CA LEU E 193 -32.57 -26.23 -12.88
C LEU E 193 -34.00 -26.70 -12.66
N LEU E 194 -34.20 -28.01 -12.49
CA LEU E 194 -35.55 -28.54 -12.25
C LEU E 194 -36.12 -28.01 -10.94
N ALA E 195 -35.31 -27.98 -9.89
CA ALA E 195 -35.80 -27.53 -8.59
C ALA E 195 -36.25 -26.07 -8.64
N VAL E 196 -35.63 -25.25 -9.48
CA VAL E 196 -36.07 -23.88 -9.64
C VAL E 196 -37.47 -23.84 -10.25
N ALA E 197 -37.67 -24.61 -11.33
CA ALA E 197 -38.98 -24.67 -11.98
C ALA E 197 -40.05 -25.27 -11.08
N GLU E 198 -39.67 -26.10 -10.11
CA GLU E 198 -40.66 -26.73 -9.25
C GLU E 198 -41.44 -25.70 -8.43
N ARG E 199 -40.83 -24.56 -8.12
CA ARG E 199 -41.52 -23.55 -7.33
C ARG E 199 -42.64 -22.89 -8.12
N TYR E 200 -42.35 -22.49 -9.37
CA TYR E 200 -43.31 -21.76 -10.18
C TYR E 200 -44.21 -22.75 -10.93
N GLY E 201 -45.17 -22.20 -11.67
CA GLY E 201 -46.06 -23.04 -12.45
C GLY E 201 -45.36 -23.79 -13.55
N LEU E 202 -44.43 -23.14 -14.24
CA LEU E 202 -43.67 -23.76 -15.31
C LEU E 202 -42.83 -24.91 -14.76
N SER E 203 -43.17 -26.14 -15.13
CA SER E 203 -42.51 -27.32 -14.60
C SER E 203 -42.33 -28.34 -15.71
N GLY E 204 -41.70 -29.46 -15.37
CA GLY E 204 -41.47 -30.55 -16.30
C GLY E 204 -40.01 -30.63 -16.73
N SER E 205 -39.67 -31.78 -17.29
CA SER E 205 -38.33 -32.02 -17.83
C SER E 205 -38.17 -31.54 -19.27
N ASP E 206 -39.21 -30.94 -19.84
CA ASP E 206 -39.13 -30.43 -21.20
C ASP E 206 -38.09 -29.32 -21.31
N VAL E 207 -37.99 -28.48 -20.28
CA VAL E 207 -37.00 -27.40 -20.31
C VAL E 207 -35.59 -27.97 -20.37
N LEU E 208 -35.30 -28.99 -19.56
CA LEU E 208 -33.98 -29.61 -19.59
C LEU E 208 -33.75 -30.36 -20.88
N ASP E 209 -34.81 -30.92 -21.47
CA ASP E 209 -34.70 -31.53 -22.79
C ASP E 209 -34.28 -30.50 -23.83
N ASN E 210 -34.86 -29.30 -23.75
CA ASN E 210 -34.51 -28.23 -24.69
C ASN E 210 -33.07 -27.78 -24.53
N VAL E 211 -32.49 -27.98 -23.34
CA VAL E 211 -31.13 -27.52 -23.08
C VAL E 211 -30.13 -28.40 -23.83
N ALA E 212 -29.32 -27.78 -24.67
CA ALA E 212 -28.22 -28.43 -25.36
C ALA E 212 -26.91 -27.84 -24.85
N TYR E 213 -26.05 -28.67 -24.30
CA TYR E 213 -24.86 -28.21 -23.59
C TYR E 213 -23.62 -28.39 -24.45
N ALA E 214 -22.72 -27.40 -24.37
CA ALA E 214 -21.41 -27.49 -25.04
C ALA E 214 -20.47 -26.53 -24.31
N ARG E 215 -19.60 -27.09 -23.47
CA ARG E 215 -18.66 -26.25 -22.74
C ARG E 215 -17.66 -25.60 -23.69
N GLY E 216 -17.18 -24.43 -23.29
CA GLY E 216 -16.25 -23.68 -24.10
C GLY E 216 -14.86 -23.62 -23.50
N PHE E 217 -13.90 -24.23 -24.19
CA PHE E 217 -12.55 -24.40 -23.68
C PHE E 217 -11.64 -23.22 -24.01
N ASN E 218 -12.13 -22.23 -24.75
CA ASN E 218 -11.33 -21.07 -25.14
C ASN E 218 -12.24 -19.84 -25.18
N THR E 219 -11.66 -18.69 -25.54
CA THR E 219 -12.43 -17.49 -25.82
C THR E 219 -12.76 -17.35 -27.30
N ASP E 220 -11.84 -17.76 -28.18
CA ASP E 220 -12.16 -17.87 -29.59
C ASP E 220 -13.19 -18.98 -29.82
N HIS E 221 -13.18 -20.02 -28.98
CA HIS E 221 -14.24 -21.02 -29.04
C HIS E 221 -15.57 -20.42 -28.61
N GLN E 222 -15.55 -19.40 -27.74
CA GLN E 222 -16.77 -18.66 -27.46
C GLN E 222 -17.24 -17.93 -28.71
N THR E 223 -16.31 -17.43 -29.52
CA THR E 223 -16.69 -16.82 -30.79
C THR E 223 -17.36 -17.83 -31.71
N GLN E 224 -16.82 -19.05 -31.77
CA GLN E 224 -17.42 -20.09 -32.60
C GLN E 224 -18.80 -20.47 -32.08
N LEU E 225 -18.96 -20.54 -30.76
CA LEU E 225 -20.25 -20.93 -30.19
C LEU E 225 -21.26 -19.79 -30.19
N LEU E 226 -20.82 -18.55 -30.39
CA LEU E 226 -21.75 -17.42 -30.48
C LEU E 226 -22.13 -17.13 -31.92
N TYR E 227 -21.20 -17.35 -32.86
CA TYR E 227 -21.53 -17.19 -34.27
C TYR E 227 -22.59 -18.19 -34.72
N GLN E 228 -22.50 -19.43 -34.22
CA GLN E 228 -23.51 -20.43 -34.53
C GLN E 228 -24.83 -20.18 -33.84
N ALA E 229 -24.86 -19.31 -32.83
CA ALA E 229 -26.06 -19.08 -32.04
C ALA E 229 -26.94 -17.97 -32.59
N GLU E 230 -26.47 -17.18 -33.55
CA GLU E 230 -27.26 -16.06 -34.05
C GLU E 230 -28.52 -16.55 -34.75
N ASP E 231 -28.43 -17.67 -35.47
CA ASP E 231 -29.59 -18.22 -36.18
C ASP E 231 -30.62 -18.79 -35.22
N MET E 232 -30.25 -19.09 -33.98
CA MET E 232 -31.19 -19.68 -33.04
C MET E 232 -32.34 -18.75 -32.71
N MET E 233 -32.06 -17.45 -32.53
CA MET E 233 -33.14 -16.52 -32.19
C MET E 233 -33.93 -16.05 -33.40
N VAL E 234 -33.54 -16.45 -34.62
CA VAL E 234 -34.29 -16.06 -35.80
C VAL E 234 -35.09 -17.26 -36.29
N GLU E 235 -34.62 -18.47 -35.99
CA GLU E 235 -35.40 -19.68 -36.27
C GLU E 235 -36.26 -20.09 -35.08
N SER E 236 -36.09 -19.43 -33.94
CA SER E 236 -36.91 -19.66 -32.75
C SER E 236 -37.10 -18.32 -32.06
N ARG E 237 -37.59 -18.35 -30.82
CA ARG E 237 -37.74 -17.16 -30.01
C ARG E 237 -36.99 -17.36 -28.69
N TYR E 238 -36.17 -16.38 -28.33
CA TYR E 238 -35.38 -16.41 -27.11
C TYR E 238 -35.58 -15.11 -26.35
N ALA E 239 -35.58 -15.21 -25.02
CA ALA E 239 -35.42 -14.05 -24.16
C ALA E 239 -34.22 -14.18 -23.23
N LEU E 240 -33.67 -15.39 -23.08
CA LEU E 240 -32.48 -15.62 -22.26
C LEU E 240 -31.83 -16.90 -22.75
N LEU E 241 -30.67 -16.78 -23.41
CA LEU E 241 -29.85 -17.92 -23.78
C LEU E 241 -28.63 -17.92 -22.88
N ILE E 242 -28.44 -19.00 -22.12
CA ILE E 242 -27.51 -18.99 -21.00
C ILE E 242 -26.09 -19.19 -21.50
N VAL E 243 -25.20 -18.26 -21.14
CA VAL E 243 -23.77 -18.35 -21.40
C VAL E 243 -23.06 -18.00 -20.10
N ASP E 244 -22.28 -18.94 -19.57
CA ASP E 244 -21.89 -18.88 -18.17
C ASP E 244 -21.06 -17.66 -17.79
N SER E 245 -19.82 -17.56 -18.27
CA SER E 245 -18.93 -16.51 -17.78
C SER E 245 -17.78 -16.30 -18.75
N ALA E 246 -17.70 -15.12 -19.35
CA ALA E 246 -16.71 -14.85 -20.38
C ALA E 246 -15.43 -14.24 -19.84
N THR E 247 -15.53 -13.23 -18.96
CA THR E 247 -14.32 -12.64 -18.41
C THR E 247 -13.59 -13.60 -17.48
N ALA E 248 -14.27 -14.66 -17.03
CA ALA E 248 -13.57 -15.74 -16.34
C ALA E 248 -12.53 -16.39 -17.23
N LEU E 249 -12.70 -16.29 -18.56
CA LEU E 249 -11.67 -16.71 -19.49
C LEU E 249 -10.74 -15.57 -19.90
N TYR E 250 -11.23 -14.33 -19.87
CA TYR E 250 -10.36 -13.20 -20.16
C TYR E 250 -9.29 -13.05 -19.09
N ARG E 251 -9.60 -13.45 -17.85
CA ARG E 251 -8.63 -13.34 -16.76
C ARG E 251 -7.46 -14.29 -16.92
N THR E 252 -7.56 -15.30 -17.76
CA THR E 252 -6.56 -16.35 -17.84
C THR E 252 -5.99 -16.61 -19.22
N ASP E 253 -6.75 -16.38 -20.30
CA ASP E 253 -6.21 -16.63 -21.64
C ASP E 253 -5.10 -15.65 -21.99
N TYR E 254 -5.25 -14.40 -21.62
CA TYR E 254 -4.25 -13.37 -21.87
C TYR E 254 -3.51 -13.15 -20.55
N SER E 255 -2.50 -13.98 -20.30
CA SER E 255 -1.80 -13.99 -19.02
C SER E 255 -0.64 -13.00 -19.05
N GLY E 256 -0.64 -12.07 -18.10
CA GLY E 256 0.46 -11.14 -17.95
C GLY E 256 0.34 -9.93 -18.85
N ARG E 257 1.23 -8.97 -18.59
CA ARG E 257 1.31 -7.77 -19.41
C ARG E 257 1.88 -8.11 -20.79
N GLY E 258 1.60 -7.23 -21.75
CA GLY E 258 2.00 -7.47 -23.12
C GLY E 258 0.87 -8.07 -23.92
N GLU E 259 0.09 -8.95 -23.30
CA GLU E 259 -1.13 -9.49 -23.87
C GLU E 259 -2.37 -8.76 -23.37
N LEU E 260 -2.19 -7.68 -22.60
CA LEU E 260 -3.32 -7.00 -22.00
C LEU E 260 -4.12 -6.20 -23.04
N SER E 261 -3.41 -5.50 -23.93
CA SER E 261 -4.10 -4.71 -24.94
C SER E 261 -4.93 -5.59 -25.86
N ALA E 262 -4.37 -6.74 -26.27
CA ALA E 262 -5.13 -7.68 -27.10
C ALA E 262 -6.34 -8.20 -26.35
N ARG E 263 -6.19 -8.49 -25.06
CA ARG E 263 -7.31 -8.96 -24.25
C ARG E 263 -8.42 -7.93 -24.21
N GLN E 264 -8.07 -6.68 -23.97
CA GLN E 264 -9.08 -5.64 -23.83
C GLN E 264 -9.77 -5.36 -25.17
N MET E 265 -9.01 -5.32 -26.26
CA MET E 265 -9.63 -5.13 -27.57
C MET E 265 -10.55 -6.29 -27.90
N HIS E 266 -10.14 -7.52 -27.58
CA HIS E 266 -10.98 -8.69 -27.80
C HIS E 266 -12.28 -8.58 -27.01
N LEU E 267 -12.18 -8.22 -25.73
CA LEU E 267 -13.36 -8.10 -24.89
C LEU E 267 -14.30 -7.02 -25.37
N ALA E 268 -13.75 -5.85 -25.77
CA ALA E 268 -14.59 -4.77 -26.27
C ALA E 268 -15.30 -5.17 -27.56
N ARG E 269 -14.57 -5.79 -28.48
CA ARG E 269 -15.17 -6.21 -29.74
C ARG E 269 -16.25 -7.25 -29.51
N PHE E 270 -16.05 -8.15 -28.53
CA PHE E 270 -17.03 -9.18 -28.26
C PHE E 270 -18.26 -8.63 -27.53
N LEU E 271 -18.08 -7.62 -26.68
CA LEU E 271 -19.22 -7.05 -25.96
C LEU E 271 -20.03 -6.09 -26.82
N ARG E 272 -19.40 -5.43 -27.80
CA ARG E 272 -20.19 -4.67 -28.76
C ARG E 272 -21.14 -5.57 -29.54
N MET E 273 -20.74 -6.81 -29.81
CA MET E 273 -21.65 -7.75 -30.46
C MET E 273 -22.85 -8.06 -29.59
N LEU E 274 -22.66 -8.23 -28.29
CA LEU E 274 -23.79 -8.43 -27.39
C LEU E 274 -24.68 -7.20 -27.35
N LEU E 275 -24.07 -6.01 -27.39
CA LEU E 275 -24.87 -4.78 -27.52
C LEU E 275 -25.71 -4.81 -28.78
N ARG E 276 -25.14 -5.27 -29.89
CA ARG E 276 -25.90 -5.44 -31.12
C ARG E 276 -27.08 -6.38 -30.91
N LEU E 277 -26.82 -7.53 -30.28
CA LEU E 277 -27.86 -8.55 -30.12
C LEU E 277 -28.99 -8.11 -29.20
N ALA E 278 -28.80 -7.05 -28.42
CA ALA E 278 -29.87 -6.51 -27.60
C ALA E 278 -30.87 -5.69 -28.41
N ASP E 279 -30.50 -5.27 -29.62
CA ASP E 279 -31.40 -4.52 -30.49
C ASP E 279 -31.86 -5.31 -31.70
N GLU E 280 -31.00 -6.16 -32.26
CA GLU E 280 -31.40 -6.97 -33.41
C GLU E 280 -32.47 -7.98 -33.02
N PHE E 281 -32.35 -8.60 -31.85
CA PHE E 281 -33.26 -9.65 -31.43
C PHE E 281 -33.96 -9.39 -30.11
N GLY E 282 -33.49 -8.43 -29.32
CA GLY E 282 -34.08 -8.20 -28.00
C GLY E 282 -33.84 -9.33 -27.02
N VAL E 283 -32.68 -9.95 -27.06
CA VAL E 283 -32.31 -11.01 -26.14
C VAL E 283 -31.42 -10.42 -25.06
N ALA E 284 -31.22 -11.19 -23.99
CA ALA E 284 -30.38 -10.79 -22.86
C ALA E 284 -29.47 -11.93 -22.44
N VAL E 285 -28.79 -12.53 -23.42
CA VAL E 285 -27.88 -13.64 -23.16
C VAL E 285 -26.98 -13.32 -21.98
N VAL E 286 -26.95 -14.23 -21.00
CA VAL E 286 -26.31 -13.93 -19.73
C VAL E 286 -24.79 -14.06 -19.85
N ILE E 287 -24.09 -13.47 -18.88
CA ILE E 287 -22.64 -13.49 -18.81
C ILE E 287 -22.23 -13.11 -17.40
N THR E 288 -21.21 -13.79 -16.87
CA THR E 288 -20.73 -13.56 -15.52
C THR E 288 -19.27 -13.14 -15.55
N ASN E 289 -18.96 -12.03 -14.89
CA ASN E 289 -17.61 -11.55 -14.70
C ASN E 289 -17.20 -11.74 -13.24
N GLN E 290 -16.03 -11.23 -12.88
CA GLN E 290 -15.50 -11.45 -11.55
C GLN E 290 -14.98 -10.16 -10.92
N VAL E 291 -14.35 -10.29 -9.75
CA VAL E 291 -13.77 -9.16 -9.05
C VAL E 291 -12.29 -9.44 -8.79
N VAL E 292 -11.54 -8.38 -8.56
CA VAL E 292 -10.12 -8.45 -8.26
C VAL E 292 -9.86 -7.54 -7.07
N ALA E 293 -8.98 -7.98 -6.17
CA ALA E 293 -8.67 -7.24 -4.95
C ALA E 293 -7.55 -6.25 -5.26
N GLN E 294 -7.89 -4.97 -5.24
CA GLN E 294 -6.87 -3.94 -5.40
C GLN E 294 -5.96 -3.90 -4.18
N VAL E 295 -4.69 -3.60 -4.42
CA VAL E 295 -3.70 -3.56 -3.36
C VAL E 295 -3.23 -2.12 -3.11
N PRO E 305 -11.62 -2.02 -1.23
CA PRO E 305 -12.00 -3.44 -1.26
C PRO E 305 -11.62 -4.12 -2.58
N LYS E 306 -12.62 -4.40 -3.42
CA LYS E 306 -12.41 -5.10 -4.68
C LYS E 306 -13.16 -4.38 -5.79
N LYS E 307 -12.68 -4.54 -7.02
CA LYS E 307 -13.30 -3.92 -8.17
C LYS E 307 -13.49 -4.94 -9.27
N PRO E 308 -14.51 -4.77 -10.12
CA PRO E 308 -14.74 -5.75 -11.19
C PRO E 308 -13.59 -5.75 -12.19
N ILE E 309 -13.34 -6.93 -12.76
CA ILE E 309 -12.31 -7.06 -13.78
C ILE E 309 -12.88 -6.67 -15.14
N GLY E 310 -11.98 -6.37 -16.07
CA GLY E 310 -12.34 -5.89 -17.39
C GLY E 310 -11.90 -4.48 -17.67
N GLY E 311 -11.42 -3.75 -16.67
CA GLY E 311 -10.89 -2.42 -16.91
C GLY E 311 -11.97 -1.41 -17.27
N ASN E 312 -11.53 -0.36 -17.96
CA ASN E 312 -12.39 0.75 -18.36
C ASN E 312 -13.20 0.48 -19.61
N ILE E 313 -13.37 -0.78 -19.99
CA ILE E 313 -14.12 -1.14 -21.18
C ILE E 313 -15.47 -1.69 -20.78
N ILE E 314 -15.46 -2.73 -19.95
CA ILE E 314 -16.69 -3.32 -19.47
C ILE E 314 -17.47 -2.36 -18.59
N ALA E 315 -16.79 -1.37 -17.98
CA ALA E 315 -17.50 -0.37 -17.19
C ALA E 315 -18.27 0.59 -18.09
N HIS E 316 -17.64 1.05 -19.17
CA HIS E 316 -18.28 2.03 -20.05
C HIS E 316 -19.31 1.39 -20.97
N ALA E 317 -19.13 0.14 -21.36
CA ALA E 317 -19.99 -0.44 -22.38
C ALA E 317 -21.27 -1.01 -21.79
N SER E 318 -21.14 -1.92 -20.83
CA SER E 318 -22.31 -2.59 -20.29
C SER E 318 -23.12 -1.65 -19.41
N THR E 319 -24.37 -2.04 -19.16
CA THR E 319 -25.27 -1.26 -18.33
C THR E 319 -25.78 -2.02 -17.12
N THR E 320 -25.35 -3.28 -16.92
CA THR E 320 -25.79 -4.05 -15.77
C THR E 320 -24.69 -5.01 -15.36
N ARG E 321 -24.06 -4.75 -14.23
CA ARG E 321 -23.08 -5.64 -13.61
C ARG E 321 -23.49 -5.80 -12.15
N LEU E 322 -23.93 -7.00 -11.78
CA LEU E 322 -24.55 -7.19 -10.47
C LEU E 322 -23.52 -7.00 -9.35
N TYR E 323 -24.04 -6.67 -8.17
CA TYR E 323 -23.23 -6.37 -6.98
C TYR E 323 -23.53 -7.36 -5.86
N LEU E 324 -23.55 -8.65 -6.18
CA LEU E 324 -23.86 -9.65 -5.18
C LEU E 324 -22.76 -9.71 -4.14
N ARG E 325 -23.13 -9.59 -2.86
CA ARG E 325 -22.19 -9.73 -1.77
C ARG E 325 -22.94 -10.19 -0.53
N LYS E 326 -22.25 -10.96 0.31
CA LYS E 326 -22.87 -11.54 1.48
C LYS E 326 -23.13 -10.48 2.54
N GLY E 327 -24.34 -10.48 3.09
CA GLY E 327 -24.67 -9.67 4.24
C GLY E 327 -24.44 -10.44 5.53
N ARG E 328 -25.03 -9.93 6.60
CA ARG E 328 -24.94 -10.62 7.89
C ARG E 328 -25.80 -11.88 7.84
N GLY E 329 -25.16 -13.02 8.00
CA GLY E 329 -25.84 -14.28 7.79
C GLY E 329 -25.92 -14.63 6.31
N GLU E 330 -26.64 -15.70 6.01
CA GLU E 330 -26.79 -16.16 4.64
C GLU E 330 -27.93 -15.44 3.91
N THR E 331 -27.88 -14.11 3.96
CA THR E 331 -28.77 -13.25 3.18
C THR E 331 -27.93 -12.22 2.46
N ARG E 332 -27.95 -12.27 1.12
CA ARG E 332 -26.99 -11.53 0.30
C ARG E 332 -27.58 -10.17 -0.06
N ILE E 333 -27.04 -9.10 0.54
CA ILE E 333 -27.41 -7.76 0.09
C ILE E 333 -26.85 -7.52 -1.30
N CYS E 334 -27.45 -6.56 -2.01
CA CYS E 334 -27.10 -6.37 -3.41
C CYS E 334 -27.43 -4.95 -3.85
N LYS E 335 -26.40 -4.16 -4.14
CA LYS E 335 -26.55 -2.96 -4.94
C LYS E 335 -26.54 -3.40 -6.41
N ILE E 336 -26.47 -2.45 -7.34
CA ILE E 336 -26.34 -2.76 -8.76
C ILE E 336 -25.12 -2.09 -9.38
N TYR E 337 -24.88 -0.82 -9.08
CA TYR E 337 -23.68 -0.08 -9.49
C TYR E 337 -23.61 0.13 -10.99
N ASP E 338 -24.66 -0.20 -11.74
CA ASP E 338 -24.69 0.00 -13.20
C ASP E 338 -26.15 0.30 -13.60
N SER E 339 -26.48 1.59 -13.68
CA SER E 339 -27.81 2.01 -14.11
C SER E 339 -27.86 3.50 -14.45
N PRO E 340 -28.40 3.87 -15.61
CA PRO E 340 -28.49 5.29 -15.96
C PRO E 340 -29.80 5.97 -15.61
N CYS E 341 -30.81 5.23 -15.14
CA CYS E 341 -32.13 5.81 -14.89
C CYS E 341 -32.69 5.56 -13.50
N LEU E 342 -32.09 4.68 -12.70
CA LEU E 342 -32.65 4.38 -11.39
C LEU E 342 -31.57 4.38 -10.31
N PRO E 343 -31.87 4.92 -9.13
CA PRO E 343 -30.94 4.79 -8.00
C PRO E 343 -31.20 3.54 -7.18
N GLU E 344 -30.16 2.76 -6.91
CA GLU E 344 -30.27 1.52 -6.16
C GLU E 344 -29.72 1.71 -4.75
N ALA E 345 -30.55 1.41 -3.74
CA ALA E 345 -30.15 1.54 -2.35
C ALA E 345 -29.66 0.23 -1.75
N GLU E 346 -30.54 -0.78 -1.69
CA GLU E 346 -30.21 -2.06 -1.07
C GLU E 346 -31.35 -3.06 -1.23
N ALA E 347 -31.02 -4.36 -1.23
CA ALA E 347 -31.98 -5.44 -1.28
C ALA E 347 -31.27 -6.76 -1.05
N MET E 348 -31.90 -7.67 -0.32
CA MET E 348 -31.34 -8.98 -0.02
C MET E 348 -32.05 -10.06 -0.82
N PHE E 349 -31.56 -11.29 -0.66
CA PHE E 349 -32.24 -12.48 -1.16
C PHE E 349 -31.72 -13.68 -0.39
N ALA E 350 -32.02 -14.88 -0.89
CA ALA E 350 -31.64 -16.13 -0.23
C ALA E 350 -31.03 -17.08 -1.26
N ILE E 351 -30.68 -18.28 -0.79
CA ILE E 351 -29.92 -19.25 -1.57
C ILE E 351 -30.65 -20.59 -1.53
N ASN E 352 -31.97 -20.53 -1.40
CA ASN E 352 -32.79 -21.72 -1.19
C ASN E 352 -32.74 -22.64 -2.41
N ALA E 353 -33.32 -23.83 -2.26
CA ALA E 353 -33.33 -24.81 -3.33
C ALA E 353 -34.34 -24.48 -4.42
N ASP E 354 -35.41 -23.74 -4.08
CA ASP E 354 -36.41 -23.38 -5.06
C ASP E 354 -35.92 -22.28 -6.01
N GLY E 355 -34.77 -21.69 -5.75
CA GLY E 355 -34.25 -20.61 -6.57
C GLY E 355 -33.65 -19.51 -5.74
N VAL E 356 -33.83 -18.27 -6.16
CA VAL E 356 -33.41 -17.14 -5.33
C VAL E 356 -34.21 -17.09 -4.05
N GLY E 357 -35.53 -17.23 -4.16
CA GLY E 357 -36.37 -17.49 -3.01
C GLY E 357 -36.36 -16.44 -1.92
N ASP E 358 -36.21 -15.17 -2.29
CA ASP E 358 -36.25 -14.06 -1.33
C ASP E 358 -35.24 -14.23 -0.20
N PRO F 44 45.58 28.65 -62.28
CA PRO F 44 45.14 28.74 -63.67
C PRO F 44 45.85 29.85 -64.42
N GLN F 45 45.45 30.11 -65.67
CA GLN F 45 46.00 31.20 -66.48
C GLN F 45 44.88 32.01 -67.13
N PRO F 46 44.07 32.77 -66.33
CA PRO F 46 43.11 33.73 -66.92
C PRO F 46 43.77 35.02 -67.41
N ILE F 47 44.89 34.88 -68.12
CA ILE F 47 45.67 36.04 -68.54
C ILE F 47 45.23 36.43 -69.93
N SER F 48 44.22 35.73 -70.46
CA SER F 48 43.61 36.02 -71.76
C SER F 48 44.65 36.13 -72.85
N ARG F 49 45.55 35.14 -72.90
CA ARG F 49 46.53 35.08 -73.98
C ARG F 49 45.88 34.82 -75.34
N LEU F 50 44.61 34.42 -75.37
CA LEU F 50 43.90 34.31 -76.64
C LEU F 50 43.80 35.67 -77.32
N GLU F 51 43.65 36.74 -76.54
CA GLU F 51 43.61 38.07 -77.10
C GLU F 51 44.91 38.47 -77.79
N GLN F 52 46.03 37.86 -77.39
CA GLN F 52 47.30 38.12 -78.07
C GLN F 52 47.23 37.66 -79.53
N CYS F 53 46.62 36.51 -79.78
CA CYS F 53 46.43 36.01 -81.13
C CYS F 53 45.09 36.47 -81.69
N GLY F 54 44.88 37.79 -81.64
CA GLY F 54 43.65 38.37 -82.12
C GLY F 54 42.71 38.78 -81.00
N ILE F 55 42.61 40.08 -80.73
CA ILE F 55 41.74 40.62 -79.69
C ILE F 55 40.66 41.46 -80.35
N ASN F 56 39.40 41.18 -80.02
CA ASN F 56 38.27 41.94 -80.52
C ASN F 56 37.34 42.26 -79.36
N ALA F 57 36.54 43.33 -79.55
CA ALA F 57 35.56 43.69 -78.54
C ALA F 57 34.54 42.57 -78.34
N ASN F 58 34.11 41.94 -79.43
CA ASN F 58 33.19 40.81 -79.32
C ASN F 58 33.82 39.66 -78.54
N ASP F 59 35.09 39.34 -78.85
CA ASP F 59 35.76 38.21 -78.24
C ASP F 59 35.73 38.29 -76.72
N VAL F 60 35.82 39.49 -76.17
CA VAL F 60 35.78 39.68 -74.73
C VAL F 60 34.35 39.80 -74.22
N LYS F 61 33.54 40.65 -74.86
CA LYS F 61 32.24 40.99 -74.31
C LYS F 61 31.27 39.82 -74.39
N LYS F 62 31.19 39.16 -75.55
CA LYS F 62 30.25 38.05 -75.70
C LYS F 62 30.63 36.89 -74.79
N LEU F 63 31.93 36.62 -74.66
CA LEU F 63 32.36 35.56 -73.76
C LEU F 63 32.06 35.91 -72.32
N GLU F 64 32.32 37.16 -71.91
CA GLU F 64 32.07 37.55 -70.52
C GLU F 64 30.59 37.50 -70.17
N GLU F 65 29.74 38.00 -71.08
CA GLU F 65 28.30 37.97 -70.81
C GLU F 65 27.74 36.55 -70.76
N ALA F 66 28.42 35.60 -71.41
CA ALA F 66 28.02 34.21 -71.35
C ALA F 66 28.54 33.50 -70.11
N GLY F 67 29.43 34.11 -69.35
CA GLY F 67 30.00 33.51 -68.18
C GLY F 67 31.34 32.85 -68.38
N TYR F 68 32.12 33.27 -69.37
CA TYR F 68 33.43 32.69 -69.65
C TYR F 68 34.50 33.74 -69.40
N HIS F 69 35.26 33.56 -68.33
CA HIS F 69 36.33 34.48 -67.95
C HIS F 69 37.67 33.77 -67.86
N THR F 70 37.79 32.59 -68.43
CA THR F 70 39.03 31.82 -68.39
C THR F 70 39.17 31.03 -69.68
N VAL F 71 40.41 30.88 -70.14
CA VAL F 71 40.67 30.04 -71.30
C VAL F 71 40.30 28.59 -70.99
N GLU F 72 40.59 28.13 -69.77
CA GLU F 72 40.21 26.79 -69.37
C GLU F 72 38.70 26.61 -69.41
N ALA F 73 37.95 27.62 -68.95
CA ALA F 73 36.50 27.52 -68.93
C ALA F 73 35.93 27.34 -70.34
N VAL F 74 36.46 28.08 -71.31
CA VAL F 74 36.03 27.91 -72.69
C VAL F 74 36.49 26.56 -73.23
N ALA F 75 37.69 26.12 -72.84
CA ALA F 75 38.20 24.85 -73.35
C ALA F 75 37.35 23.68 -72.91
N TYR F 76 36.82 23.72 -71.69
CA TYR F 76 35.99 22.63 -71.17
C TYR F 76 34.55 22.72 -71.65
N ALA F 77 34.29 23.47 -72.73
CA ALA F 77 32.95 23.61 -73.26
C ALA F 77 32.90 23.20 -74.73
N PRO F 78 31.87 22.46 -75.14
CA PRO F 78 31.76 22.08 -76.55
C PRO F 78 31.37 23.26 -77.42
N LYS F 79 31.47 23.05 -78.73
CA LYS F 79 31.18 24.11 -79.70
C LYS F 79 29.71 24.49 -79.73
N LYS F 80 28.81 23.57 -79.35
CA LYS F 80 27.39 23.87 -79.41
C LYS F 80 27.01 25.00 -78.46
N GLU F 81 27.58 25.02 -77.26
CA GLU F 81 27.33 26.12 -76.33
C GLU F 81 27.88 27.43 -76.85
N LEU F 82 29.06 27.39 -77.48
CA LEU F 82 29.69 28.62 -77.96
C LEU F 82 28.92 29.21 -79.14
N ILE F 83 28.51 28.38 -80.09
CA ILE F 83 27.76 28.89 -81.24
C ILE F 83 26.38 29.36 -80.83
N ASN F 84 25.85 28.87 -79.71
CA ASN F 84 24.54 29.33 -79.24
C ASN F 84 24.56 30.78 -78.80
N ILE F 85 25.75 31.33 -78.52
CA ILE F 85 25.85 32.74 -78.20
C ILE F 85 25.49 33.57 -79.43
N LYS F 86 24.82 34.70 -79.21
CA LYS F 86 24.27 35.46 -80.32
C LYS F 86 25.38 36.05 -81.20
N GLY F 87 26.38 36.67 -80.57
CA GLY F 87 27.42 37.34 -81.33
C GLY F 87 28.49 36.44 -81.89
N ILE F 88 28.52 35.18 -81.49
CA ILE F 88 29.58 34.25 -81.89
C ILE F 88 29.11 33.46 -83.11
N SER F 89 29.94 33.43 -84.14
CA SER F 89 29.67 32.67 -85.35
C SER F 89 30.41 31.34 -85.31
N GLU F 90 29.93 30.39 -86.12
CA GLU F 90 30.52 29.05 -86.12
C GLU F 90 31.97 29.07 -86.56
N ALA F 91 32.27 29.82 -87.62
CA ALA F 91 33.65 29.90 -88.11
C ALA F 91 34.55 30.57 -87.09
N LYS F 92 34.07 31.64 -86.46
CA LYS F 92 34.89 32.36 -85.48
C LYS F 92 35.13 31.51 -84.24
N ALA F 93 34.07 30.89 -83.71
CA ALA F 93 34.18 30.14 -82.46
C ALA F 93 35.24 29.05 -82.56
N ASP F 94 35.28 28.35 -83.70
CA ASP F 94 36.28 27.30 -83.89
C ASP F 94 37.69 27.82 -83.60
N LYS F 95 38.00 29.03 -84.07
CA LYS F 95 39.31 29.61 -83.79
C LYS F 95 39.55 29.69 -82.28
N ILE F 96 38.59 30.25 -81.55
CA ILE F 96 38.75 30.36 -80.09
C ILE F 96 38.93 28.98 -79.48
N LEU F 97 38.34 27.95 -80.08
CA LEU F 97 38.56 26.59 -79.60
C LEU F 97 40.00 26.15 -79.86
N THR F 98 40.49 26.34 -81.09
CA THR F 98 41.78 25.78 -81.46
C THR F 98 42.90 26.39 -80.63
N GLU F 99 42.92 27.72 -80.52
CA GLU F 99 43.93 28.38 -79.69
C GLU F 99 43.83 27.94 -78.24
N ALA F 100 42.66 27.46 -77.80
CA ALA F 100 42.55 26.93 -76.45
C ALA F 100 43.50 25.77 -76.24
N ALA F 101 43.64 24.89 -77.24
CA ALA F 101 44.58 23.78 -77.13
C ALA F 101 46.01 24.28 -76.97
N LYS F 102 46.29 25.50 -77.44
CA LYS F 102 47.62 26.06 -77.23
C LYS F 102 47.85 26.47 -75.78
N LEU F 103 46.80 26.92 -75.09
CA LEU F 103 46.94 27.39 -73.72
C LEU F 103 46.69 26.27 -72.71
N VAL F 104 45.48 25.72 -72.72
CA VAL F 104 45.15 24.61 -71.83
C VAL F 104 45.82 23.34 -72.34
N PRO F 105 46.31 22.45 -71.47
CA PRO F 105 46.92 21.20 -71.95
C PRO F 105 45.99 20.41 -72.85
N MET F 106 44.80 20.06 -72.35
CA MET F 106 43.78 19.37 -73.14
C MET F 106 44.32 18.09 -73.76
N GLY F 107 45.12 17.35 -72.99
CA GLY F 107 45.70 16.12 -73.47
C GLY F 107 45.92 15.15 -72.33
N PHE F 108 46.12 13.88 -72.69
CA PHE F 108 46.31 12.83 -71.70
C PHE F 108 47.76 12.77 -71.29
N THR F 109 48.01 12.87 -69.98
CA THR F 109 49.35 12.78 -69.42
C THR F 109 49.62 11.35 -68.96
N THR F 110 50.74 11.14 -68.29
CA THR F 110 51.11 9.84 -67.77
C THR F 110 50.53 9.65 -66.38
N ALA F 111 50.20 8.39 -66.05
CA ALA F 111 49.61 8.09 -64.75
C ALA F 111 50.55 8.50 -63.62
N THR F 112 51.85 8.28 -63.78
CA THR F 112 52.81 8.70 -62.77
C THR F 112 52.81 10.22 -62.62
N GLU F 113 52.69 10.94 -63.74
CA GLU F 113 52.59 12.41 -63.68
C GLU F 113 51.33 12.83 -62.94
N PHE F 114 50.22 12.15 -63.20
CA PHE F 114 48.98 12.48 -62.51
C PHE F 114 49.05 12.17 -61.02
N HIS F 115 49.83 11.15 -60.65
CA HIS F 115 49.92 10.77 -59.24
C HIS F 115 50.52 11.89 -58.40
N GLN F 116 51.54 12.57 -58.91
CA GLN F 116 52.15 13.68 -58.19
C GLN F 116 51.40 14.99 -58.38
N ARG F 117 50.34 15.01 -59.20
CA ARG F 117 49.62 16.25 -59.45
C ARG F 117 48.92 16.75 -58.20
N ARG F 118 48.17 15.89 -57.52
CA ARG F 118 47.41 16.29 -56.34
C ARG F 118 48.22 16.05 -55.06
N SER F 119 49.45 16.56 -55.03
CA SER F 119 50.29 16.46 -53.84
C SER F 119 50.29 17.73 -53.01
N GLU F 120 49.96 18.87 -53.61
CA GLU F 120 49.89 20.14 -52.90
C GLU F 120 48.45 20.62 -52.75
N ILE F 121 47.50 19.69 -52.73
CA ILE F 121 46.09 20.06 -52.63
C ILE F 121 45.84 20.75 -51.29
N ILE F 122 44.87 21.66 -51.28
CA ILE F 122 44.51 22.43 -50.10
C ILE F 122 43.22 21.85 -49.55
N GLN F 123 43.28 21.33 -48.32
CA GLN F 123 42.13 20.74 -47.65
C GLN F 123 41.77 21.60 -46.45
N ILE F 124 40.53 22.13 -46.46
CA ILE F 124 40.04 22.95 -45.36
C ILE F 124 39.70 22.01 -44.20
N THR F 125 40.62 21.90 -43.24
CA THR F 125 40.41 21.01 -42.11
C THR F 125 39.21 21.48 -41.30
N THR F 126 38.26 20.57 -41.08
CA THR F 126 37.03 20.92 -40.38
C THR F 126 37.32 21.31 -38.93
N GLY F 127 38.23 20.59 -38.28
CA GLY F 127 38.55 20.87 -36.89
C GLY F 127 38.16 19.75 -35.96
N SER F 128 38.18 18.51 -36.48
CA SER F 128 37.88 17.33 -35.69
C SER F 128 38.95 16.27 -35.95
N LYS F 129 39.26 15.50 -34.92
CA LYS F 129 40.34 14.52 -35.02
C LYS F 129 39.90 13.29 -35.80
N GLU F 130 38.91 12.56 -35.28
CA GLU F 130 38.48 11.33 -35.93
C GLU F 130 37.84 11.62 -37.29
N LEU F 131 37.10 12.73 -37.39
CA LEU F 131 36.45 13.07 -38.64
C LEU F 131 37.48 13.29 -39.75
N ASP F 132 38.54 14.05 -39.45
CA ASP F 132 39.58 14.25 -40.44
C ASP F 132 40.47 13.02 -40.60
N LYS F 133 40.46 12.12 -39.62
CA LYS F 133 41.11 10.82 -39.81
C LYS F 133 40.39 10.00 -40.87
N LEU F 134 39.06 10.03 -40.85
CA LEU F 134 38.29 9.30 -41.88
C LEU F 134 38.36 9.99 -43.23
N LEU F 135 38.48 11.32 -43.24
CA LEU F 135 38.59 12.08 -44.49
C LEU F 135 40.04 12.24 -44.95
N GLN F 136 41.00 11.66 -44.25
CA GLN F 136 42.42 11.74 -44.59
C GLN F 136 42.94 13.17 -44.58
N GLY F 137 42.23 14.08 -43.91
CA GLY F 137 42.66 15.45 -43.79
C GLY F 137 41.83 16.42 -44.61
N GLY F 138 40.90 17.12 -43.96
CA GLY F 138 40.13 18.18 -44.56
C GLY F 138 39.26 17.73 -45.72
N ILE F 139 38.87 18.72 -46.53
CA ILE F 139 38.08 18.52 -47.73
C ILE F 139 38.73 19.28 -48.87
N GLU F 140 38.80 18.64 -50.04
CA GLU F 140 39.51 19.22 -51.18
C GLU F 140 38.90 20.55 -51.60
N THR F 141 39.76 21.52 -51.87
CA THR F 141 39.31 22.83 -52.35
C THR F 141 38.66 22.69 -53.72
N GLY F 142 37.63 23.50 -53.96
CA GLY F 142 36.86 23.41 -55.16
C GLY F 142 35.78 22.36 -55.13
N SER F 143 35.77 21.49 -54.13
CA SER F 143 34.78 20.43 -54.02
C SER F 143 33.65 20.91 -53.10
N ILE F 144 32.43 20.93 -53.64
CA ILE F 144 31.28 21.39 -52.87
C ILE F 144 30.95 20.39 -51.77
N THR F 145 30.24 20.88 -50.77
CA THR F 145 29.81 20.02 -49.67
C THR F 145 28.77 19.01 -50.17
N GLU F 146 28.94 17.76 -49.77
CA GLU F 146 28.02 16.68 -50.11
C GLU F 146 27.71 15.83 -48.89
N MET F 147 27.35 16.50 -47.79
CA MET F 147 26.95 15.85 -46.56
C MET F 147 25.46 16.11 -46.36
N PHE F 148 24.69 15.05 -46.14
CA PHE F 148 23.24 15.16 -46.07
C PHE F 148 22.71 14.58 -44.76
N GLY F 149 21.76 15.29 -44.16
CA GLY F 149 21.12 14.84 -42.94
C GLY F 149 19.63 15.14 -42.98
N GLU F 150 18.94 14.74 -41.91
CA GLU F 150 17.48 14.80 -41.87
C GLU F 150 16.95 15.84 -40.89
N PHE F 151 17.34 15.78 -39.62
CA PHE F 151 16.82 16.67 -38.60
C PHE F 151 17.75 16.57 -37.39
N ARG F 152 17.81 17.65 -36.62
CA ARG F 152 18.88 17.85 -35.64
C ARG F 152 20.23 17.73 -36.36
N THR F 153 20.32 18.40 -37.50
CA THR F 153 21.43 18.20 -38.43
C THR F 153 22.64 19.05 -38.09
N GLY F 154 22.43 20.32 -37.79
CA GLY F 154 23.52 21.28 -37.80
C GLY F 154 23.86 21.73 -39.21
N LYS F 155 22.84 22.05 -40.00
CA LYS F 155 23.07 22.43 -41.40
C LYS F 155 23.98 23.65 -41.50
N THR F 156 23.77 24.63 -40.63
CA THR F 156 24.61 25.81 -40.56
C THR F 156 25.66 25.72 -39.47
N GLN F 157 25.98 24.50 -39.02
CA GLN F 157 27.02 24.28 -38.02
C GLN F 157 28.20 23.51 -38.59
N ILE F 158 27.97 22.33 -39.16
CA ILE F 158 29.04 21.63 -39.86
C ILE F 158 29.52 22.44 -41.05
N CYS F 159 28.64 23.28 -41.60
CA CYS F 159 28.98 24.10 -42.76
C CYS F 159 29.26 25.55 -42.39
N HIS F 160 29.48 25.84 -41.11
CA HIS F 160 29.97 27.16 -40.71
C HIS F 160 31.35 27.12 -40.10
N THR F 161 31.81 25.95 -39.62
CA THR F 161 33.22 25.80 -39.28
C THR F 161 34.08 25.99 -40.52
N LEU F 162 33.64 25.45 -41.66
CA LEU F 162 34.33 25.69 -42.91
C LEU F 162 34.30 27.17 -43.26
N ALA F 163 33.16 27.83 -43.04
CA ALA F 163 32.99 29.22 -43.42
C ALA F 163 33.99 30.13 -42.71
N VAL F 164 34.43 29.76 -41.51
CA VAL F 164 35.38 30.58 -40.77
C VAL F 164 36.81 30.10 -40.99
N THR F 165 37.04 28.79 -40.93
CA THR F 165 38.39 28.26 -41.08
C THR F 165 38.89 28.30 -42.53
N CYS F 166 38.04 28.64 -43.49
CA CYS F 166 38.50 28.70 -44.88
C CYS F 166 39.54 29.77 -45.11
N GLN F 167 39.60 30.81 -44.29
CA GLN F 167 40.63 31.83 -44.40
C GLN F 167 41.77 31.63 -43.41
N LEU F 168 41.75 30.56 -42.64
CA LEU F 168 42.90 30.20 -41.82
C LEU F 168 44.05 29.81 -42.73
N PRO F 169 45.26 30.32 -42.50
CA PRO F 169 46.38 29.99 -43.41
C PRO F 169 46.64 28.50 -43.46
N ILE F 170 47.34 28.08 -44.51
CA ILE F 170 47.58 26.66 -44.75
C ILE F 170 48.32 26.03 -43.58
N ASP F 171 49.14 26.81 -42.87
CA ASP F 171 49.83 26.29 -41.70
C ASP F 171 48.84 25.81 -40.64
N ARG F 172 47.78 26.58 -40.41
CA ARG F 172 46.72 26.18 -39.48
C ARG F 172 45.62 25.37 -40.15
N GLY F 173 45.64 25.24 -41.48
CA GLY F 173 44.62 24.50 -42.19
C GLY F 173 43.44 25.35 -42.59
N GLY F 174 43.14 25.40 -43.89
CA GLY F 174 42.00 26.14 -44.38
C GLY F 174 42.20 26.89 -45.68
N GLY F 175 43.44 27.25 -45.99
CA GLY F 175 43.73 27.97 -47.21
C GLY F 175 43.48 29.47 -47.08
N GLU F 176 43.72 30.17 -48.18
CA GLU F 176 43.63 31.62 -48.22
C GLU F 176 42.70 32.05 -49.35
N GLY F 177 42.12 33.23 -49.19
CA GLY F 177 41.26 33.79 -50.20
C GLY F 177 40.36 34.87 -49.63
N LYS F 178 39.54 35.42 -50.52
CA LYS F 178 38.57 36.44 -50.15
C LYS F 178 37.29 35.74 -49.64
N ALA F 179 36.21 36.48 -49.52
CA ALA F 179 34.98 35.95 -48.94
C ALA F 179 33.78 36.34 -49.79
N MET F 180 32.72 35.54 -49.69
CA MET F 180 31.49 35.77 -50.44
C MET F 180 30.37 34.98 -49.77
N TYR F 181 29.25 35.64 -49.50
CA TYR F 181 28.24 35.11 -48.59
C TYR F 181 26.83 35.32 -49.15
N ILE F 182 26.62 34.95 -50.41
CA ILE F 182 25.29 35.03 -51.00
C ILE F 182 24.59 33.68 -50.88
N ASP F 183 23.27 33.72 -50.77
CA ASP F 183 22.48 32.51 -50.56
C ASP F 183 21.07 32.74 -51.12
N THR F 184 20.16 31.84 -50.78
CA THR F 184 18.80 31.86 -51.30
C THR F 184 17.79 31.64 -50.19
N GLU F 185 18.08 32.18 -49.01
CA GLU F 185 17.26 31.93 -47.81
C GLU F 185 17.75 32.86 -46.72
N GLY F 186 17.09 32.80 -45.56
CA GLY F 186 17.55 33.48 -44.38
C GLY F 186 18.45 32.59 -43.53
N THR F 187 19.42 31.97 -44.17
CA THR F 187 20.33 31.03 -43.51
C THR F 187 21.60 31.71 -42.99
N PHE F 188 21.74 33.01 -43.19
CA PHE F 188 22.91 33.75 -42.74
C PHE F 188 22.71 34.14 -41.27
N ARG F 189 23.68 33.78 -40.43
CA ARG F 189 23.72 34.20 -39.04
C ARG F 189 25.14 34.64 -38.72
N PRO F 190 25.37 35.91 -38.39
CA PRO F 190 26.75 36.37 -38.13
C PRO F 190 27.30 35.95 -36.79
N GLU F 191 26.43 35.66 -35.80
CA GLU F 191 26.92 35.25 -34.49
C GLU F 191 27.70 33.95 -34.57
N ARG F 192 27.32 33.05 -35.48
CA ARG F 192 28.06 31.81 -35.66
C ARG F 192 29.48 32.09 -36.11
N LEU F 193 29.64 32.95 -37.12
CA LEU F 193 30.98 33.30 -37.59
C LEU F 193 31.76 33.99 -36.48
N LEU F 194 31.10 34.86 -35.71
CA LEU F 194 31.78 35.51 -34.60
C LEU F 194 32.31 34.51 -33.59
N ALA F 195 31.48 33.50 -33.24
CA ALA F 195 31.89 32.51 -32.26
C ALA F 195 33.05 31.66 -32.78
N VAL F 196 32.97 31.20 -34.03
CA VAL F 196 34.08 30.39 -34.56
C VAL F 196 35.35 31.22 -34.69
N ALA F 197 35.24 32.50 -35.03
CA ALA F 197 36.42 33.36 -35.05
C ALA F 197 37.00 33.52 -33.65
N GLU F 198 36.15 33.69 -32.65
CA GLU F 198 36.64 33.88 -31.28
C GLU F 198 37.34 32.63 -30.76
N ARG F 199 36.78 31.45 -31.02
CA ARG F 199 37.37 30.23 -30.48
C ARG F 199 38.74 29.95 -31.13
N TYR F 200 38.80 29.98 -32.45
CA TYR F 200 40.03 29.62 -33.14
C TYR F 200 40.98 30.81 -33.19
N GLY F 201 42.20 30.54 -33.67
CA GLY F 201 43.22 31.57 -33.73
C GLY F 201 43.14 32.47 -34.94
N LEU F 202 42.18 33.38 -34.96
CA LEU F 202 42.06 34.35 -36.04
C LEU F 202 41.43 35.62 -35.49
N SER F 203 41.54 36.69 -36.28
CA SER F 203 40.93 37.95 -35.91
C SER F 203 39.41 37.90 -36.08
N GLY F 204 38.73 38.83 -35.42
CA GLY F 204 37.28 38.93 -35.49
C GLY F 204 36.75 39.78 -36.62
N SER F 205 37.61 40.28 -37.50
CA SER F 205 37.17 41.12 -38.62
C SER F 205 37.69 40.66 -39.97
N ASP F 206 38.68 39.77 -40.02
CA ASP F 206 39.15 39.23 -41.29
C ASP F 206 38.11 38.34 -41.96
N VAL F 207 37.13 37.85 -41.20
CA VAL F 207 36.07 37.00 -41.72
C VAL F 207 34.74 37.73 -41.82
N LEU F 208 34.73 39.04 -41.53
CA LEU F 208 33.49 39.81 -41.54
C LEU F 208 33.51 40.94 -42.55
N ASP F 209 34.53 41.81 -42.51
CA ASP F 209 34.51 43.03 -43.30
C ASP F 209 34.70 42.77 -44.78
N ASN F 210 35.44 41.72 -45.15
CA ASN F 210 35.77 41.44 -46.53
C ASN F 210 34.80 40.46 -47.18
N VAL F 211 33.55 40.45 -46.73
CA VAL F 211 32.56 39.48 -47.20
C VAL F 211 31.42 40.25 -47.86
N ALA F 212 31.17 39.95 -49.14
CA ALA F 212 29.92 40.35 -49.77
C ALA F 212 28.79 39.49 -49.22
N TYR F 213 27.60 40.07 -49.10
CA TYR F 213 26.55 39.41 -48.35
C TYR F 213 25.36 39.06 -49.25
N ALA F 214 24.39 38.37 -48.66
CA ALA F 214 23.40 37.59 -49.38
C ALA F 214 22.37 38.47 -50.07
N ARG F 215 21.64 37.85 -50.99
CA ARG F 215 20.51 38.45 -51.70
C ARG F 215 19.21 37.74 -51.42
N GLY F 216 19.15 36.42 -51.61
CA GLY F 216 17.94 35.68 -51.39
C GLY F 216 17.07 35.58 -52.63
N PHE F 217 15.95 34.87 -52.48
CA PHE F 217 14.93 34.69 -53.51
C PHE F 217 15.44 33.96 -54.75
N ASN F 218 16.68 33.49 -54.72
CA ASN F 218 17.31 32.90 -55.90
C ASN F 218 17.03 31.40 -55.94
N THR F 219 15.74 31.08 -56.01
CA THR F 219 15.31 29.68 -55.99
C THR F 219 15.89 28.92 -57.18
N ASP F 220 15.90 29.53 -58.35
CA ASP F 220 16.59 28.97 -59.50
C ASP F 220 17.54 29.97 -60.13
N HIS F 221 17.81 31.08 -59.44
CA HIS F 221 18.85 32.03 -59.83
C HIS F 221 20.18 31.70 -59.19
N GLN F 222 20.27 30.61 -58.43
CA GLN F 222 21.57 30.16 -57.93
C GLN F 222 22.43 29.61 -59.07
N THR F 223 21.80 29.12 -60.13
CA THR F 223 22.56 28.66 -61.28
C THR F 223 23.19 29.82 -62.05
N GLN F 224 22.62 31.01 -61.95
CA GLN F 224 23.15 32.17 -62.67
C GLN F 224 23.98 33.11 -61.79
N LEU F 225 23.68 33.20 -60.50
CA LEU F 225 24.47 34.06 -59.62
C LEU F 225 25.75 33.36 -59.19
N LEU F 226 25.71 32.06 -58.97
CA LEU F 226 26.94 31.31 -58.80
C LEU F 226 27.72 31.25 -60.11
N TYR F 227 27.02 31.36 -61.24
CA TYR F 227 27.69 31.61 -62.50
C TYR F 227 28.26 33.02 -62.55
N GLN F 228 27.65 33.95 -61.80
CA GLN F 228 28.18 35.29 -61.64
C GLN F 228 29.30 35.36 -60.61
N ALA F 229 29.49 34.30 -59.83
CA ALA F 229 30.61 34.25 -58.89
C ALA F 229 31.95 34.27 -59.60
N GLU F 230 32.00 33.87 -60.87
CA GLU F 230 33.24 33.96 -61.63
C GLU F 230 33.63 35.41 -61.90
N ASP F 231 32.64 36.31 -61.94
CA ASP F 231 32.94 37.73 -62.12
C ASP F 231 33.75 38.27 -60.95
N MET F 232 33.39 37.88 -59.73
CA MET F 232 34.14 38.27 -58.55
C MET F 232 35.33 37.39 -58.28
N MET F 233 35.44 36.25 -58.97
CA MET F 233 36.63 35.41 -58.86
C MET F 233 37.86 36.10 -59.45
N VAL F 234 37.74 36.60 -60.69
CA VAL F 234 38.82 37.10 -61.53
C VAL F 234 40.13 36.37 -61.23
N GLU F 235 41.09 37.06 -60.62
CA GLU F 235 42.36 36.46 -60.25
C GLU F 235 42.53 36.28 -58.75
N SER F 236 41.83 37.06 -57.94
CA SER F 236 41.94 36.94 -56.50
C SER F 236 41.41 35.59 -56.03
N ARG F 237 42.09 35.01 -55.04
CA ARG F 237 41.62 33.76 -54.45
C ARG F 237 40.30 33.99 -53.73
N TYR F 238 39.48 32.93 -53.67
CA TYR F 238 38.21 32.97 -52.97
C TYR F 238 38.14 31.80 -52.00
N ALA F 239 37.61 32.07 -50.81
CA ALA F 239 37.53 31.06 -49.76
C ALA F 239 36.14 30.89 -49.16
N LEU F 240 35.23 31.84 -49.32
CA LEU F 240 33.89 31.76 -48.76
C LEU F 240 32.85 31.73 -49.89
N LEU F 241 31.98 30.72 -49.83
CA LEU F 241 30.82 30.67 -50.73
C LEU F 241 29.80 29.74 -50.07
N ILE F 242 28.80 30.31 -49.41
CA ILE F 242 27.82 29.52 -48.67
C ILE F 242 26.53 29.45 -49.49
N VAL F 243 26.21 28.25 -49.96
CA VAL F 243 24.98 28.01 -50.72
C VAL F 243 24.19 26.94 -49.97
N ASP F 244 24.24 27.01 -48.63
CA ASP F 244 23.53 26.11 -47.72
C ASP F 244 22.15 25.72 -48.22
N SER F 245 21.41 26.69 -48.76
CA SER F 245 20.08 26.44 -49.32
C SER F 245 20.22 25.98 -50.78
N ALA F 246 20.75 24.76 -50.92
CA ALA F 246 21.11 24.23 -52.24
C ALA F 246 19.94 23.48 -52.88
N THR F 247 19.48 22.41 -52.23
CA THR F 247 18.35 21.63 -52.73
C THR F 247 17.04 21.99 -52.06
N ALA F 248 17.04 22.96 -51.14
CA ALA F 248 15.81 23.42 -50.53
C ALA F 248 14.94 24.20 -51.51
N LEU F 249 15.47 24.56 -52.67
CA LEU F 249 14.72 25.28 -53.69
C LEU F 249 14.13 24.34 -54.73
N TYR F 250 14.85 23.28 -55.10
CA TYR F 250 14.34 22.32 -56.07
C TYR F 250 13.15 21.52 -55.54
N ARG F 251 12.88 21.59 -54.23
CA ARG F 251 11.74 20.87 -53.66
C ARG F 251 10.43 21.61 -53.85
N THR F 252 10.48 22.95 -53.99
CA THR F 252 9.28 23.76 -54.09
C THR F 252 9.13 24.47 -55.42
N ASP F 253 10.21 24.72 -56.15
CA ASP F 253 10.11 25.35 -57.46
C ASP F 253 9.35 24.46 -58.44
N TYR F 254 9.60 23.15 -58.39
CA TYR F 254 8.96 22.19 -59.27
C TYR F 254 8.18 21.21 -58.41
N SER F 255 6.94 20.93 -58.83
CA SER F 255 6.03 20.11 -58.01
C SER F 255 5.31 19.10 -58.89
N GLY F 256 5.03 17.94 -58.31
CA GLY F 256 4.28 16.89 -58.97
C GLY F 256 5.15 16.01 -59.84
N ARG F 257 4.50 14.97 -60.40
CA ARG F 257 5.18 14.11 -61.36
C ARG F 257 5.58 14.90 -62.59
N GLY F 258 4.70 15.76 -63.08
CA GLY F 258 5.09 16.74 -64.06
C GLY F 258 6.00 17.78 -63.45
N GLU F 259 6.72 18.49 -64.31
CA GLU F 259 7.72 19.50 -63.95
C GLU F 259 8.94 18.89 -63.28
N LEU F 260 8.99 17.58 -63.08
CA LEU F 260 10.15 16.95 -62.47
C LEU F 260 11.32 16.84 -63.44
N SER F 261 11.02 16.59 -64.72
CA SER F 261 12.08 16.48 -65.71
C SER F 261 12.86 17.79 -65.85
N ALA F 262 12.15 18.92 -65.90
CA ALA F 262 12.83 20.20 -66.00
C ALA F 262 13.69 20.45 -64.77
N ARG F 263 13.19 20.09 -63.59
CA ARG F 263 13.97 20.25 -62.37
C ARG F 263 15.25 19.43 -62.42
N GLN F 264 15.14 18.17 -62.87
CA GLN F 264 16.32 17.31 -62.89
C GLN F 264 17.34 17.78 -63.92
N MET F 265 16.88 18.23 -65.10
CA MET F 265 17.81 18.79 -66.07
C MET F 265 18.48 20.05 -65.53
N HIS F 266 17.73 20.91 -64.83
CA HIS F 266 18.34 22.10 -64.26
C HIS F 266 19.39 21.75 -63.21
N LEU F 267 19.09 20.77 -62.35
CA LEU F 267 20.07 20.35 -61.35
C LEU F 267 21.29 19.73 -62.00
N ALA F 268 21.09 18.97 -63.09
CA ALA F 268 22.23 18.40 -63.80
C ALA F 268 23.11 19.50 -64.38
N ARG F 269 22.49 20.54 -64.95
CA ARG F 269 23.27 21.66 -65.46
C ARG F 269 24.05 22.35 -64.35
N PHE F 270 23.40 22.56 -63.20
CA PHE F 270 24.09 23.18 -62.07
C PHE F 270 25.26 22.35 -61.59
N LEU F 271 25.08 21.04 -61.50
CA LEU F 271 26.16 20.16 -61.06
C LEU F 271 27.29 20.13 -62.07
N ARG F 272 26.98 20.13 -63.37
CA ARG F 272 28.02 20.18 -64.38
C ARG F 272 28.81 21.49 -64.30
N MET F 273 28.11 22.60 -64.06
CA MET F 273 28.80 23.88 -63.90
C MET F 273 29.70 23.88 -62.68
N LEU F 274 29.23 23.30 -61.57
CA LEU F 274 30.10 23.15 -60.40
C LEU F 274 31.30 22.27 -60.71
N LEU F 275 31.09 21.23 -61.51
CA LEU F 275 32.19 20.33 -61.87
C LEU F 275 33.27 21.06 -62.65
N ARG F 276 32.87 21.85 -63.66
CA ARG F 276 33.88 22.59 -64.41
C ARG F 276 34.52 23.68 -63.55
N LEU F 277 33.77 24.26 -62.62
CA LEU F 277 34.38 25.21 -61.69
C LEU F 277 35.45 24.56 -60.83
N ALA F 278 35.17 23.36 -60.34
CA ALA F 278 36.16 22.62 -59.57
C ALA F 278 37.36 22.24 -60.43
N ASP F 279 37.11 21.88 -61.68
CA ASP F 279 38.21 21.50 -62.58
C ASP F 279 39.13 22.68 -62.86
N GLU F 280 38.57 23.88 -63.07
CA GLU F 280 39.42 25.02 -63.43
C GLU F 280 40.21 25.52 -62.24
N PHE F 281 39.59 25.59 -61.06
CA PHE F 281 40.25 26.12 -59.87
C PHE F 281 39.54 25.56 -58.63
N GLY F 282 39.95 26.02 -57.47
CA GLY F 282 39.38 25.55 -56.21
C GLY F 282 38.81 26.68 -55.38
N VAL F 283 37.70 26.41 -54.71
CA VAL F 283 37.04 27.37 -53.83
C VAL F 283 36.11 26.60 -52.90
N ALA F 284 36.05 27.02 -51.65
CA ALA F 284 35.17 26.38 -50.67
C ALA F 284 33.72 26.79 -50.95
N VAL F 285 32.92 25.84 -51.42
CA VAL F 285 31.52 26.06 -51.74
C VAL F 285 30.68 25.15 -50.87
N VAL F 286 29.64 25.70 -50.26
CA VAL F 286 28.79 24.98 -49.31
C VAL F 286 27.51 24.55 -50.04
N ILE F 287 27.27 23.24 -50.08
CA ILE F 287 26.08 22.67 -50.70
C ILE F 287 25.50 21.65 -49.74
N THR F 288 24.23 21.81 -49.40
CA THR F 288 23.54 20.93 -48.45
C THR F 288 22.47 20.15 -49.17
N ASN F 289 22.49 18.82 -48.99
CA ASN F 289 21.48 17.95 -49.55
C ASN F 289 20.51 17.53 -48.44
N GLN F 290 19.22 17.61 -48.72
CA GLN F 290 18.20 17.22 -47.76
C GLN F 290 17.92 15.72 -47.90
N VAL F 291 16.89 15.24 -47.21
CA VAL F 291 16.46 13.86 -47.32
C VAL F 291 14.96 13.82 -47.55
N VAL F 292 14.49 12.71 -48.09
CA VAL F 292 13.08 12.47 -48.31
C VAL F 292 12.74 11.08 -47.76
N ALA F 293 11.62 10.99 -47.06
CA ALA F 293 11.20 9.71 -46.50
C ALA F 293 10.79 8.74 -47.61
N GLN F 294 11.07 7.47 -47.39
CA GLN F 294 10.68 6.41 -48.30
C GLN F 294 9.45 5.70 -47.74
N VAL F 295 8.39 5.62 -48.55
CA VAL F 295 7.13 5.01 -48.15
C VAL F 295 6.94 3.74 -48.95
N ASP F 296 6.60 2.65 -48.25
CA ASP F 296 6.40 1.35 -48.90
C ASP F 296 5.68 0.38 -47.96
N PRO F 305 15.50 4.72 -43.74
CA PRO F 305 14.32 5.27 -44.40
C PRO F 305 14.62 6.55 -45.18
N LYS F 306 15.73 7.20 -44.85
CA LYS F 306 16.10 8.44 -45.51
C LYS F 306 16.61 8.17 -46.92
N LYS F 307 16.67 9.23 -47.72
CA LYS F 307 17.13 9.15 -49.09
C LYS F 307 17.50 10.56 -49.57
N PRO F 308 18.70 10.74 -50.14
CA PRO F 308 19.08 12.07 -50.64
C PRO F 308 18.07 12.58 -51.66
N ILE F 309 17.75 13.87 -51.56
CA ILE F 309 16.62 14.43 -52.28
C ILE F 309 16.89 14.48 -53.78
N GLY F 310 18.12 14.77 -54.19
CA GLY F 310 18.37 15.09 -55.59
C GLY F 310 18.07 13.93 -56.54
N GLY F 311 18.34 12.71 -56.11
CA GLY F 311 18.11 11.56 -56.96
C GLY F 311 19.38 11.03 -57.60
N ASN F 312 19.26 10.51 -58.82
CA ASN F 312 20.42 9.96 -59.50
C ASN F 312 21.38 11.05 -59.95
N ILE F 313 20.87 12.22 -60.29
CA ILE F 313 21.72 13.29 -60.81
C ILE F 313 22.72 13.74 -59.75
N ILE F 314 22.26 13.93 -58.51
CA ILE F 314 23.18 14.33 -57.44
C ILE F 314 24.11 13.17 -57.09
N ALA F 315 23.60 11.94 -57.12
CA ALA F 315 24.41 10.78 -56.73
C ALA F 315 25.59 10.58 -57.68
N HIS F 316 25.36 10.75 -58.98
CA HIS F 316 26.43 10.55 -59.95
C HIS F 316 27.47 11.65 -59.85
N ALA F 317 27.04 12.91 -59.81
CA ALA F 317 27.96 14.04 -59.69
C ALA F 317 28.10 14.39 -58.20
N SER F 318 28.75 13.48 -57.47
CA SER F 318 28.83 13.54 -56.03
C SER F 318 30.25 13.85 -55.60
N THR F 319 30.38 14.61 -54.51
CA THR F 319 31.67 14.88 -53.92
C THR F 319 32.15 13.78 -52.99
N THR F 320 31.27 12.84 -52.61
CA THR F 320 31.61 11.72 -51.75
C THR F 320 32.23 12.20 -50.43
N ARG F 321 31.44 12.98 -49.69
CA ARG F 321 31.91 13.62 -48.47
C ARG F 321 31.50 12.84 -47.21
N LEU F 322 30.19 12.67 -46.98
CA LEU F 322 29.72 12.08 -45.73
C LEU F 322 28.21 11.96 -45.74
N TYR F 323 27.68 11.30 -44.71
CA TYR F 323 26.25 11.25 -44.45
C TYR F 323 26.05 11.25 -42.93
N LEU F 324 25.39 12.27 -42.40
CA LEU F 324 25.26 12.44 -40.96
C LEU F 324 24.05 11.70 -40.41
N ARG F 325 24.09 11.44 -39.11
CA ARG F 325 22.96 10.85 -38.40
C ARG F 325 23.10 11.19 -36.92
N LYS F 326 22.03 11.72 -36.32
CA LYS F 326 22.10 12.15 -34.93
C LYS F 326 22.28 10.96 -34.00
N GLY F 327 23.16 11.13 -33.02
CA GLY F 327 23.40 10.11 -32.02
C GLY F 327 22.47 10.21 -30.83
N ARG F 328 23.04 10.27 -29.63
CA ARG F 328 22.25 10.38 -28.41
C ARG F 328 22.36 11.73 -27.72
N GLY F 329 23.46 12.45 -27.93
CA GLY F 329 23.62 13.78 -27.39
C GLY F 329 24.15 14.76 -28.40
N GLU F 330 25.26 15.42 -28.08
CA GLU F 330 25.91 16.31 -29.05
C GLU F 330 26.68 15.54 -30.11
N THR F 331 26.89 14.25 -29.92
CA THR F 331 27.64 13.43 -30.87
C THR F 331 26.73 12.93 -31.99
N ARG F 332 27.25 13.02 -33.22
CA ARG F 332 26.53 12.53 -34.40
C ARG F 332 27.42 11.55 -35.14
N ILE F 333 26.86 10.39 -35.48
CA ILE F 333 27.58 9.45 -36.32
C ILE F 333 27.60 9.96 -37.76
N CYS F 334 28.60 9.51 -38.52
CA CYS F 334 28.77 9.94 -39.89
C CYS F 334 29.33 8.80 -40.72
N LYS F 335 28.56 8.35 -41.70
CA LYS F 335 28.92 7.22 -42.55
C LYS F 335 29.36 7.71 -43.92
N ILE F 336 30.45 7.15 -44.42
CA ILE F 336 30.94 7.45 -45.77
C ILE F 336 30.30 6.50 -46.76
N TYR F 337 30.28 6.89 -48.04
CA TYR F 337 29.60 6.13 -49.08
C TYR F 337 30.55 5.95 -50.26
N ASP F 338 31.41 4.95 -50.17
CA ASP F 338 32.28 4.50 -51.26
C ASP F 338 32.88 5.66 -52.05
N SER F 339 33.67 6.47 -51.36
CA SER F 339 34.40 7.53 -52.03
C SER F 339 35.38 6.90 -53.03
N PRO F 340 35.78 7.64 -54.08
CA PRO F 340 36.64 7.04 -55.10
C PRO F 340 37.91 6.44 -54.54
N CYS F 341 38.48 7.01 -53.49
CA CYS F 341 39.65 6.45 -52.83
C CYS F 341 39.39 6.01 -51.40
N LEU F 342 38.49 6.66 -50.69
CA LEU F 342 38.29 6.36 -49.27
C LEU F 342 37.40 5.13 -49.12
N PRO F 343 37.83 4.14 -48.33
CA PRO F 343 37.00 2.95 -48.12
C PRO F 343 35.84 3.25 -47.19
N GLU F 344 34.90 2.30 -47.14
CA GLU F 344 33.72 2.47 -46.30
C GLU F 344 34.09 2.37 -44.82
N ALA F 345 33.66 3.37 -44.04
CA ALA F 345 33.93 3.41 -42.61
C ALA F 345 33.02 4.47 -42.00
N GLU F 346 32.95 4.45 -40.67
CA GLU F 346 32.10 5.36 -39.91
C GLU F 346 32.95 6.18 -38.95
N ALA F 347 32.46 7.37 -38.62
CA ALA F 347 33.12 8.28 -37.71
C ALA F 347 32.11 8.82 -36.70
N MET F 348 32.63 9.30 -35.57
CA MET F 348 31.80 9.89 -34.53
C MET F 348 32.39 11.25 -34.19
N PHE F 349 31.68 12.31 -34.54
CA PHE F 349 32.06 13.68 -34.20
C PHE F 349 31.02 14.27 -33.26
N ALA F 350 31.28 15.49 -32.80
CA ALA F 350 30.37 16.17 -31.90
C ALA F 350 30.43 17.66 -32.19
N ILE F 351 29.72 18.44 -31.37
CA ILE F 351 29.71 19.89 -31.51
C ILE F 351 29.32 20.49 -30.16
N ASN F 352 30.11 21.45 -29.66
CA ASN F 352 29.97 21.90 -28.28
C ASN F 352 29.61 23.38 -28.17
N ALA F 353 30.41 24.27 -28.73
CA ALA F 353 30.24 25.69 -28.41
C ALA F 353 30.10 26.58 -29.64
N ASP F 354 30.82 26.28 -30.72
CA ASP F 354 30.71 27.07 -31.94
C ASP F 354 30.69 26.23 -33.21
N GLY F 355 31.04 24.94 -33.16
CA GLY F 355 31.12 24.15 -34.37
C GLY F 355 31.64 22.77 -34.05
N VAL F 356 32.16 22.10 -35.08
CA VAL F 356 32.59 20.71 -34.93
C VAL F 356 33.74 20.64 -33.94
N GLY F 357 33.63 19.72 -32.98
CA GLY F 357 34.67 19.51 -32.00
C GLY F 357 35.04 18.06 -31.85
N ASP F 358 34.98 17.54 -30.63
CA ASP F 358 35.27 16.14 -30.38
C ASP F 358 34.48 15.62 -29.19
N PRO G 44 -11.20 -40.55 -30.27
CA PRO G 44 -11.23 -39.29 -29.51
C PRO G 44 -10.26 -39.28 -28.34
N GLN G 45 -9.92 -40.45 -27.80
CA GLN G 45 -8.95 -40.52 -26.72
C GLN G 45 -7.52 -40.43 -27.22
N PRO G 46 -7.10 -41.19 -28.26
CA PRO G 46 -5.70 -41.11 -28.70
C PRO G 46 -5.37 -39.76 -29.34
N ILE G 47 -4.14 -39.62 -29.85
CA ILE G 47 -3.68 -38.35 -30.40
C ILE G 47 -4.30 -38.12 -31.77
N SER G 48 -4.90 -39.16 -32.34
CA SER G 48 -5.47 -39.06 -33.68
C SER G 48 -6.93 -39.48 -33.66
N ARG G 49 -7.72 -38.86 -34.53
CA ARG G 49 -9.15 -39.15 -34.68
C ARG G 49 -9.44 -39.27 -36.17
N LEU G 50 -9.41 -40.50 -36.69
CA LEU G 50 -9.64 -40.80 -38.10
C LEU G 50 -8.66 -40.04 -39.00
N GLU G 51 -7.43 -39.89 -38.52
CA GLU G 51 -6.35 -39.28 -39.31
C GLU G 51 -6.69 -37.88 -39.78
N GLN G 52 -7.54 -37.17 -39.04
CA GLN G 52 -7.91 -35.82 -39.43
C GLN G 52 -7.12 -34.81 -38.61
N CYS G 53 -7.26 -34.85 -37.28
CA CYS G 53 -6.46 -33.98 -36.43
C CYS G 53 -5.03 -34.50 -36.30
N GLY G 54 -4.88 -35.82 -36.24
CA GLY G 54 -3.57 -36.44 -36.28
C GLY G 54 -3.19 -36.78 -37.71
N ILE G 55 -3.30 -35.80 -38.61
CA ILE G 55 -3.07 -36.04 -40.03
C ILE G 55 -1.59 -36.27 -40.30
N ASN G 56 -0.72 -35.44 -39.72
CA ASN G 56 0.70 -35.49 -40.00
C ASN G 56 1.48 -35.18 -38.72
N ALA G 57 2.80 -35.36 -38.79
CA ALA G 57 3.65 -35.19 -37.62
C ALA G 57 3.67 -33.74 -37.14
N ASN G 58 3.28 -32.79 -38.00
CA ASN G 58 3.21 -31.40 -37.58
C ASN G 58 2.18 -31.21 -36.46
N ASP G 59 1.14 -32.06 -36.45
CA ASP G 59 0.07 -31.97 -35.46
C ASP G 59 0.23 -32.97 -34.33
N VAL G 60 1.40 -33.62 -34.22
CA VAL G 60 1.63 -34.58 -33.15
C VAL G 60 2.81 -34.16 -32.30
N LYS G 61 4.00 -34.13 -32.90
CA LYS G 61 5.22 -33.90 -32.12
C LYS G 61 5.56 -32.43 -31.97
N LYS G 62 5.13 -31.59 -32.91
CA LYS G 62 5.48 -30.18 -32.87
C LYS G 62 4.76 -29.43 -31.75
N LEU G 63 3.66 -29.97 -31.24
CA LEU G 63 2.90 -29.33 -30.18
C LEU G 63 2.78 -30.17 -28.91
N GLU G 64 3.20 -31.43 -28.94
CA GLU G 64 3.12 -32.28 -27.75
C GLU G 64 3.97 -31.76 -26.61
N GLU G 65 4.94 -30.90 -26.90
CA GLU G 65 5.87 -30.40 -25.90
C GLU G 65 5.38 -29.14 -25.20
N ALA G 66 4.18 -28.66 -25.52
CA ALA G 66 3.65 -27.45 -24.92
C ALA G 66 2.41 -27.67 -24.07
N GLY G 67 1.95 -28.91 -23.91
CA GLY G 67 0.81 -29.24 -23.08
C GLY G 67 -0.29 -30.00 -23.78
N TYR G 68 -0.25 -30.11 -25.10
CA TYR G 68 -1.32 -30.76 -25.87
C TYR G 68 -0.89 -32.18 -26.19
N HIS G 69 -1.46 -33.14 -25.45
CA HIS G 69 -1.02 -34.54 -25.48
C HIS G 69 -2.01 -35.45 -26.21
N THR G 70 -3.30 -35.33 -25.92
CA THR G 70 -4.33 -36.09 -26.61
C THR G 70 -4.90 -35.26 -27.76
N VAL G 71 -5.70 -35.92 -28.61
CA VAL G 71 -6.36 -35.19 -29.69
C VAL G 71 -7.36 -34.22 -29.10
N GLU G 72 -7.93 -34.55 -27.94
CA GLU G 72 -8.75 -33.57 -27.22
C GLU G 72 -7.91 -32.38 -26.79
N ALA G 73 -6.69 -32.63 -26.31
CA ALA G 73 -5.82 -31.54 -25.90
C ALA G 73 -5.48 -30.64 -27.09
N VAL G 74 -5.20 -31.24 -28.24
CA VAL G 74 -4.99 -30.45 -29.46
C VAL G 74 -6.22 -29.64 -29.80
N ALA G 75 -7.40 -30.26 -29.69
CA ALA G 75 -8.64 -29.55 -29.95
C ALA G 75 -8.91 -28.47 -28.92
N TYR G 76 -8.30 -28.55 -27.73
CA TYR G 76 -8.59 -27.65 -26.62
C TYR G 76 -7.38 -26.74 -26.44
N ALA G 77 -7.39 -25.62 -27.18
CA ALA G 77 -6.31 -24.65 -27.13
C ALA G 77 -6.78 -23.35 -27.77
N PRO G 78 -6.51 -22.21 -27.16
CA PRO G 78 -6.90 -20.93 -27.80
C PRO G 78 -6.09 -20.69 -29.05
N LYS G 79 -6.65 -19.88 -29.95
CA LYS G 79 -5.98 -19.62 -31.22
C LYS G 79 -4.64 -18.93 -31.01
N LYS G 80 -4.59 -17.95 -30.11
CA LYS G 80 -3.34 -17.22 -29.89
C LYS G 80 -2.25 -18.14 -29.33
N GLU G 81 -2.60 -19.01 -28.40
CA GLU G 81 -1.65 -19.98 -27.88
C GLU G 81 -1.37 -21.11 -28.86
N LEU G 82 -2.30 -21.36 -29.79
CA LEU G 82 -2.08 -22.42 -30.78
C LEU G 82 -1.08 -21.96 -31.84
N ILE G 83 -1.17 -20.70 -32.27
CA ILE G 83 -0.20 -20.20 -33.25
C ILE G 83 1.16 -19.94 -32.60
N ASN G 84 1.22 -19.81 -31.29
CA ASN G 84 2.50 -19.59 -30.60
C ASN G 84 3.16 -20.92 -30.25
N ILE G 85 3.29 -21.77 -31.26
CA ILE G 85 3.92 -23.08 -31.14
C ILE G 85 4.96 -23.19 -32.25
N LYS G 86 6.16 -23.64 -31.89
CA LYS G 86 7.25 -23.73 -32.86
C LYS G 86 6.98 -24.86 -33.83
N GLY G 87 6.57 -24.51 -35.04
CA GLY G 87 6.35 -25.49 -36.08
C GLY G 87 4.94 -25.50 -36.64
N ILE G 88 4.19 -24.42 -36.42
CA ILE G 88 2.82 -24.32 -36.90
C ILE G 88 2.58 -22.89 -37.38
N SER G 89 1.76 -22.75 -38.41
CA SER G 89 1.40 -21.46 -38.98
C SER G 89 -0.06 -21.14 -38.71
N GLU G 90 -0.47 -19.94 -39.12
CA GLU G 90 -1.83 -19.49 -38.88
C GLU G 90 -2.85 -20.34 -39.62
N ALA G 91 -2.56 -20.68 -40.88
CA ALA G 91 -3.49 -21.48 -41.66
C ALA G 91 -3.67 -22.87 -41.08
N LYS G 92 -2.57 -23.52 -40.69
CA LYS G 92 -2.69 -24.83 -40.06
C LYS G 92 -3.44 -24.73 -38.73
N ALA G 93 -3.18 -23.68 -37.96
CA ALA G 93 -3.84 -23.52 -36.67
C ALA G 93 -5.35 -23.38 -36.84
N ASP G 94 -5.79 -22.49 -37.75
CA ASP G 94 -7.23 -22.29 -37.86
C ASP G 94 -7.92 -23.45 -38.57
N LYS G 95 -7.23 -24.16 -39.48
CA LYS G 95 -7.84 -25.34 -40.05
C LYS G 95 -7.99 -26.44 -39.00
N ILE G 96 -7.01 -26.58 -38.10
CA ILE G 96 -7.14 -27.54 -37.00
C ILE G 96 -8.30 -27.15 -36.09
N LEU G 97 -8.42 -25.85 -35.79
CA LEU G 97 -9.51 -25.41 -34.92
C LEU G 97 -10.88 -25.67 -35.55
N THR G 98 -11.03 -25.38 -36.85
CA THR G 98 -12.29 -25.65 -37.53
C THR G 98 -12.57 -27.14 -37.59
N GLU G 99 -11.53 -27.94 -37.83
CA GLU G 99 -11.71 -29.39 -37.85
C GLU G 99 -12.18 -29.92 -36.51
N ALA G 100 -11.59 -29.42 -35.42
CA ALA G 100 -12.02 -29.83 -34.09
C ALA G 100 -13.46 -29.40 -33.81
N ALA G 101 -13.81 -28.17 -34.18
CA ALA G 101 -15.18 -27.70 -34.01
C ALA G 101 -16.17 -28.44 -34.92
N LYS G 102 -15.68 -29.12 -35.96
CA LYS G 102 -16.51 -29.90 -36.88
C LYS G 102 -17.00 -31.26 -36.27
N LEU G 103 -16.88 -31.37 -34.94
CA LEU G 103 -17.44 -32.47 -34.16
C LEU G 103 -16.70 -33.79 -34.38
N VAL G 104 -15.39 -33.74 -34.52
CA VAL G 104 -14.58 -34.96 -34.65
C VAL G 104 -14.54 -35.71 -33.32
N PRO G 105 -14.46 -35.04 -32.15
CA PRO G 105 -14.57 -35.80 -30.90
C PRO G 105 -15.92 -35.60 -30.24
N MET G 106 -15.93 -34.95 -29.07
CA MET G 106 -17.15 -34.56 -28.38
C MET G 106 -17.24 -33.03 -28.28
N GLY G 107 -16.74 -32.34 -29.30
CA GLY G 107 -16.66 -30.88 -29.23
C GLY G 107 -18.01 -30.22 -29.12
N PHE G 108 -19.00 -30.70 -29.88
CA PHE G 108 -20.34 -30.14 -29.89
C PHE G 108 -21.33 -31.29 -29.69
N THR G 109 -21.58 -31.64 -28.43
CA THR G 109 -22.61 -32.63 -28.14
C THR G 109 -24.00 -32.07 -28.45
N THR G 110 -24.24 -30.82 -28.04
CA THR G 110 -25.46 -30.05 -28.31
C THR G 110 -26.72 -30.92 -28.27
N ALA G 111 -26.90 -31.59 -27.14
CA ALA G 111 -28.07 -32.42 -26.92
C ALA G 111 -28.29 -32.58 -25.42
N THR G 112 -29.49 -33.01 -25.06
CA THR G 112 -29.85 -33.20 -23.66
C THR G 112 -29.20 -34.42 -23.03
N GLU G 113 -28.32 -35.12 -23.75
CA GLU G 113 -27.64 -36.29 -23.19
C GLU G 113 -26.67 -35.95 -22.07
N PHE G 114 -26.56 -34.68 -21.70
CA PHE G 114 -25.85 -34.33 -20.47
C PHE G 114 -26.42 -35.09 -19.28
N HIS G 115 -27.73 -35.01 -19.11
CA HIS G 115 -28.40 -35.76 -18.06
C HIS G 115 -28.41 -37.26 -18.32
N GLN G 116 -28.24 -37.68 -19.57
CA GLN G 116 -28.09 -39.12 -19.84
C GLN G 116 -26.76 -39.62 -19.30
N ARG G 117 -25.68 -38.85 -19.52
CA ARG G 117 -24.36 -39.28 -19.09
C ARG G 117 -24.16 -39.13 -17.59
N ARG G 118 -24.79 -38.12 -16.97
CA ARG G 118 -24.67 -37.91 -15.53
C ARG G 118 -26.05 -37.82 -14.87
N SER G 119 -26.92 -38.77 -15.21
CA SER G 119 -28.31 -38.69 -14.76
C SER G 119 -28.41 -38.73 -13.25
N GLU G 120 -27.69 -39.64 -12.62
CA GLU G 120 -27.56 -39.66 -11.17
C GLU G 120 -26.27 -39.03 -10.70
N ILE G 121 -25.45 -38.51 -11.62
CA ILE G 121 -24.18 -37.85 -11.33
C ILE G 121 -23.20 -38.85 -10.73
N ILE G 122 -22.14 -39.19 -11.48
CA ILE G 122 -21.08 -40.02 -10.93
C ILE G 122 -20.47 -39.28 -9.75
N GLN G 123 -20.65 -39.83 -8.56
CA GLN G 123 -20.39 -39.10 -7.31
C GLN G 123 -19.44 -39.89 -6.42
N ILE G 124 -18.16 -39.49 -6.42
CA ILE G 124 -17.25 -39.97 -5.39
C ILE G 124 -17.75 -39.48 -4.03
N THR G 125 -17.49 -40.27 -3.00
CA THR G 125 -18.07 -40.05 -1.68
C THR G 125 -16.98 -39.59 -0.72
N THR G 126 -17.03 -38.31 -0.35
CA THR G 126 -16.05 -37.77 0.58
C THR G 126 -16.30 -38.28 1.99
N GLY G 127 -15.26 -38.22 2.82
CA GLY G 127 -15.37 -38.53 4.24
C GLY G 127 -15.96 -39.88 4.57
N SER G 128 -17.16 -39.87 5.13
CA SER G 128 -17.81 -41.08 5.63
C SER G 128 -19.28 -41.03 5.23
N LYS G 129 -20.10 -41.88 5.85
CA LYS G 129 -21.53 -41.84 5.59
C LYS G 129 -22.12 -40.49 5.92
N GLU G 130 -21.69 -39.89 7.04
CA GLU G 130 -22.18 -38.56 7.41
C GLU G 130 -21.81 -37.53 6.37
N LEU G 131 -20.62 -37.63 5.78
CA LEU G 131 -20.22 -36.70 4.73
C LEU G 131 -20.82 -37.05 3.37
N ASP G 132 -21.19 -38.32 3.15
CA ASP G 132 -21.96 -38.66 1.96
C ASP G 132 -23.36 -38.07 2.03
N LYS G 133 -23.95 -38.00 3.22
CA LYS G 133 -25.19 -37.25 3.40
C LYS G 133 -24.95 -35.75 3.41
N LEU G 134 -23.75 -35.30 3.81
CA LEU G 134 -23.42 -33.89 3.76
C LEU G 134 -23.55 -33.34 2.34
N LEU G 135 -22.91 -34.00 1.39
CA LEU G 135 -23.11 -33.69 -0.01
C LEU G 135 -24.45 -34.23 -0.45
N GLN G 136 -25.21 -33.44 -1.20
CA GLN G 136 -26.46 -33.94 -1.76
C GLN G 136 -26.12 -34.92 -2.86
N GLY G 137 -26.06 -36.20 -2.51
CA GLY G 137 -25.54 -37.22 -3.40
C GLY G 137 -24.07 -37.48 -3.18
N GLY G 138 -23.22 -36.52 -3.56
CA GLY G 138 -21.80 -36.69 -3.41
C GLY G 138 -21.03 -35.64 -4.17
N ILE G 139 -19.71 -35.81 -4.16
CA ILE G 139 -18.80 -34.90 -4.86
C ILE G 139 -18.68 -35.35 -6.31
N GLU G 140 -18.80 -34.40 -7.24
CA GLU G 140 -18.75 -34.69 -8.66
C GLU G 140 -17.44 -35.35 -9.09
N THR G 141 -17.50 -36.62 -9.47
CA THR G 141 -16.38 -37.25 -10.13
C THR G 141 -16.19 -36.63 -11.51
N GLY G 142 -14.94 -36.51 -11.94
CA GLY G 142 -14.62 -35.69 -13.09
C GLY G 142 -14.32 -34.26 -12.74
N SER G 143 -13.98 -33.97 -11.47
CA SER G 143 -13.69 -32.63 -11.01
C SER G 143 -12.54 -32.70 -10.02
N ILE G 144 -12.08 -31.53 -9.59
CA ILE G 144 -10.94 -31.40 -8.69
C ILE G 144 -11.45 -31.02 -7.31
N THR G 145 -11.01 -31.75 -6.29
CA THR G 145 -11.42 -31.51 -4.92
C THR G 145 -10.20 -31.09 -4.10
N GLU G 146 -10.41 -30.15 -3.18
CA GLU G 146 -9.35 -29.68 -2.29
C GLU G 146 -9.98 -28.93 -1.12
N MET G 147 -9.43 -29.10 0.07
CA MET G 147 -10.05 -28.61 1.30
C MET G 147 -9.15 -27.57 1.97
N PHE G 148 -9.78 -26.63 2.66
CA PHE G 148 -9.05 -25.61 3.42
C PHE G 148 -9.56 -25.59 4.86
N GLY G 149 -8.68 -25.22 5.77
CA GLY G 149 -9.00 -25.21 7.18
C GLY G 149 -7.74 -25.07 8.01
N GLU G 150 -7.90 -25.25 9.31
CA GLU G 150 -6.78 -25.16 10.24
C GLU G 150 -5.88 -26.39 10.10
N PHE G 151 -4.71 -26.32 10.76
CA PHE G 151 -3.76 -27.42 10.67
C PHE G 151 -4.29 -28.66 11.38
N ARG G 152 -5.02 -28.49 12.48
CA ARG G 152 -5.57 -29.64 13.19
C ARG G 152 -6.57 -30.40 12.33
N THR G 153 -7.43 -29.67 11.64
CA THR G 153 -8.35 -30.29 10.69
C THR G 153 -7.57 -30.85 9.53
N GLY G 154 -7.62 -32.17 9.36
CA GLY G 154 -6.74 -32.77 8.39
C GLY G 154 -7.29 -32.74 6.99
N LYS G 155 -6.88 -31.73 6.23
CA LYS G 155 -7.27 -31.66 4.82
C LYS G 155 -6.72 -32.85 4.05
N THR G 156 -5.47 -33.22 4.33
CA THR G 156 -4.88 -34.39 3.70
C THR G 156 -5.55 -35.68 4.15
N GLN G 157 -6.29 -35.65 5.26
CA GLN G 157 -6.90 -36.88 5.76
C GLN G 157 -8.11 -37.28 4.92
N ILE G 158 -8.95 -36.32 4.54
CA ILE G 158 -10.02 -36.66 3.60
C ILE G 158 -9.44 -37.02 2.24
N CYS G 159 -8.34 -36.38 1.84
CA CYS G 159 -7.69 -36.76 0.60
C CYS G 159 -7.31 -38.23 0.58
N HIS G 160 -6.74 -38.73 1.68
CA HIS G 160 -6.43 -40.15 1.78
C HIS G 160 -7.69 -41.02 1.83
N THR G 161 -8.85 -40.43 2.13
CA THR G 161 -10.09 -41.19 2.16
C THR G 161 -10.71 -41.31 0.77
N LEU G 162 -10.75 -40.22 0.01
CA LEU G 162 -11.29 -40.30 -1.34
C LEU G 162 -10.42 -41.16 -2.26
N ALA G 163 -9.16 -41.40 -1.91
CA ALA G 163 -8.29 -42.23 -2.72
C ALA G 163 -8.68 -43.70 -2.70
N VAL G 164 -9.37 -44.16 -1.67
CA VAL G 164 -9.78 -45.55 -1.57
C VAL G 164 -11.26 -45.64 -1.23
N THR G 165 -12.00 -44.58 -1.52
CA THR G 165 -13.44 -44.56 -1.26
C THR G 165 -14.18 -45.11 -2.46
N CYS G 166 -15.45 -45.43 -2.24
CA CYS G 166 -16.30 -46.05 -3.26
C CYS G 166 -17.45 -45.12 -3.61
N GLN G 167 -17.55 -44.79 -4.90
CA GLN G 167 -18.70 -44.01 -5.38
C GLN G 167 -19.99 -44.78 -5.14
N LEU G 168 -21.00 -44.08 -4.59
CA LEU G 168 -22.23 -44.72 -4.12
C LEU G 168 -21.84 -45.77 -3.08
N PRO G 169 -22.69 -46.75 -2.72
CA PRO G 169 -22.18 -47.85 -1.90
C PRO G 169 -20.99 -48.55 -2.54
N ILE G 170 -21.17 -49.14 -3.72
CA ILE G 170 -20.08 -49.71 -4.49
C ILE G 170 -20.39 -49.58 -5.98
N ASP G 171 -19.54 -48.87 -6.70
CA ASP G 171 -19.62 -48.77 -8.15
C ASP G 171 -18.40 -49.42 -8.76
N ARG G 172 -18.41 -49.55 -10.09
CA ARG G 172 -17.28 -50.10 -10.83
C ARG G 172 -16.51 -49.03 -11.59
N GLY G 173 -17.01 -47.81 -11.65
CA GLY G 173 -16.26 -46.72 -12.26
C GLY G 173 -15.48 -45.92 -11.23
N GLY G 174 -16.16 -45.45 -10.20
CA GLY G 174 -15.52 -44.69 -9.14
C GLY G 174 -15.57 -45.39 -7.80
N GLY G 175 -16.22 -46.54 -7.75
CA GLY G 175 -16.29 -47.31 -6.52
C GLY G 175 -15.05 -48.14 -6.28
N GLU G 176 -13.89 -47.51 -6.35
CA GLU G 176 -12.61 -48.21 -6.27
C GLU G 176 -11.51 -47.21 -5.96
N GLY G 177 -10.28 -47.71 -5.90
CA GLY G 177 -9.14 -46.89 -5.56
C GLY G 177 -8.32 -46.46 -6.76
N LYS G 178 -7.21 -47.15 -7.00
CA LYS G 178 -6.35 -46.91 -8.15
C LYS G 178 -5.81 -45.48 -8.14
N ALA G 179 -4.96 -45.17 -7.16
CA ALA G 179 -4.43 -43.83 -7.00
C ALA G 179 -3.06 -43.70 -7.68
N MET G 180 -2.63 -42.46 -7.89
CA MET G 180 -1.27 -42.16 -8.34
C MET G 180 -0.72 -40.92 -7.63
N TYR G 181 -0.88 -40.89 -6.31
CA TYR G 181 -0.62 -39.69 -5.50
C TYR G 181 0.79 -39.16 -5.75
N ILE G 182 0.91 -37.84 -5.82
CA ILE G 182 2.18 -37.12 -5.82
C ILE G 182 2.12 -36.06 -4.73
N ASP G 183 3.19 -35.93 -3.95
CA ASP G 183 3.21 -35.00 -2.83
C ASP G 183 3.60 -33.59 -3.27
N THR G 184 3.25 -32.63 -2.44
CA THR G 184 3.60 -31.22 -2.62
C THR G 184 4.17 -30.59 -1.37
N GLU G 185 3.94 -31.16 -0.19
CA GLU G 185 4.56 -30.73 1.04
C GLU G 185 5.26 -31.85 1.78
N GLY G 186 5.26 -33.06 1.22
CA GLY G 186 5.92 -34.19 1.84
C GLY G 186 5.04 -34.91 2.83
N THR G 187 3.79 -35.19 2.45
CA THR G 187 2.81 -35.78 3.35
C THR G 187 2.11 -36.94 2.62
N PHE G 188 2.92 -37.84 2.06
CA PHE G 188 2.43 -39.11 1.54
C PHE G 188 2.73 -40.23 2.52
N ARG G 189 1.68 -40.94 2.91
CA ARG G 189 1.75 -42.14 3.73
C ARG G 189 0.82 -43.18 3.15
N PRO G 190 1.34 -44.19 2.45
CA PRO G 190 0.47 -45.21 1.86
C PRO G 190 -0.29 -46.02 2.90
N GLU G 191 0.20 -46.06 4.14
CA GLU G 191 -0.52 -46.78 5.19
C GLU G 191 -1.84 -46.10 5.54
N ARG G 192 -1.94 -44.79 5.33
CA ARG G 192 -3.22 -44.11 5.46
C ARG G 192 -4.19 -44.51 4.35
N LEU G 193 -3.72 -45.20 3.32
CA LEU G 193 -4.57 -45.80 2.30
C LEU G 193 -4.90 -47.25 2.65
N LEU G 194 -3.88 -48.06 2.95
CA LEU G 194 -4.11 -49.47 3.26
C LEU G 194 -4.99 -49.64 4.50
N ALA G 195 -4.86 -48.75 5.48
CA ALA G 195 -5.73 -48.82 6.64
C ALA G 195 -7.19 -48.74 6.24
N VAL G 196 -7.50 -48.04 5.16
CA VAL G 196 -8.85 -48.04 4.63
C VAL G 196 -9.08 -49.16 3.63
N ALA G 197 -8.02 -49.66 2.99
CA ALA G 197 -8.16 -50.81 2.11
C ALA G 197 -8.62 -52.04 2.88
N GLU G 198 -8.08 -52.24 4.08
CA GLU G 198 -8.60 -53.29 4.95
C GLU G 198 -10.00 -52.97 5.43
N ARG G 199 -10.38 -51.68 5.46
CA ARG G 199 -11.72 -51.31 5.87
C ARG G 199 -12.76 -51.80 4.88
N TYR G 200 -12.51 -51.62 3.59
CA TYR G 200 -13.46 -52.01 2.55
C TYR G 200 -13.14 -53.36 1.92
N GLY G 201 -12.07 -54.02 2.36
CA GLY G 201 -11.72 -55.34 1.87
C GLY G 201 -10.94 -55.39 0.58
N LEU G 202 -10.66 -54.26 -0.04
CA LEU G 202 -9.85 -54.26 -1.26
C LEU G 202 -8.43 -54.75 -0.96
N SER G 203 -7.88 -55.50 -1.91
CA SER G 203 -6.54 -56.03 -1.76
C SER G 203 -5.51 -54.91 -1.75
N GLY G 204 -4.38 -55.17 -1.10
CA GLY G 204 -3.34 -54.16 -1.02
C GLY G 204 -2.80 -53.77 -2.37
N SER G 205 -2.53 -54.74 -3.23
CA SER G 205 -2.02 -54.45 -4.56
C SER G 205 -3.04 -53.74 -5.43
N ASP G 206 -4.33 -53.81 -5.08
CA ASP G 206 -5.33 -53.11 -5.88
C ASP G 206 -5.16 -51.60 -5.79
N VAL G 207 -4.57 -51.10 -4.71
CA VAL G 207 -4.39 -49.67 -4.50
C VAL G 207 -2.94 -49.26 -4.34
N LEU G 208 -2.01 -50.22 -4.24
CA LEU G 208 -0.59 -49.89 -4.13
C LEU G 208 0.30 -50.50 -5.21
N ASP G 209 -0.19 -51.42 -6.02
CA ASP G 209 0.61 -51.93 -7.13
C ASP G 209 0.43 -51.11 -8.40
N ASN G 210 -0.36 -50.04 -8.33
CA ASN G 210 -0.56 -49.14 -9.46
C ASN G 210 -0.10 -47.71 -9.19
N VAL G 211 0.13 -47.35 -7.92
CA VAL G 211 0.50 -45.99 -7.58
C VAL G 211 1.87 -45.66 -8.16
N ALA G 212 2.02 -44.42 -8.61
CA ALA G 212 3.31 -43.89 -9.06
C ALA G 212 3.57 -42.58 -8.33
N TYR G 213 4.75 -42.44 -7.75
CA TYR G 213 5.01 -41.31 -6.86
C TYR G 213 6.51 -41.11 -6.72
N ALA G 214 7.02 -39.95 -7.14
CA ALA G 214 8.36 -39.55 -6.74
C ALA G 214 8.35 -38.28 -5.90
N ARG G 215 7.89 -37.14 -6.46
CA ARG G 215 7.74 -35.90 -5.70
C ARG G 215 7.17 -34.77 -6.57
N GLY G 216 6.42 -33.87 -5.96
CA GLY G 216 6.13 -32.57 -6.54
C GLY G 216 6.83 -31.47 -5.78
N PHE G 217 7.87 -30.87 -6.39
CA PHE G 217 8.83 -30.06 -5.64
C PHE G 217 8.43 -28.59 -5.56
N ASN G 218 8.35 -27.92 -6.71
CA ASN G 218 8.08 -26.49 -6.78
C ASN G 218 6.86 -26.23 -7.65
N THR G 219 6.56 -24.94 -7.86
CA THR G 219 5.36 -24.57 -8.60
C THR G 219 5.49 -24.92 -10.08
N ASP G 220 6.63 -24.57 -10.68
CA ASP G 220 6.86 -24.92 -12.08
C ASP G 220 6.90 -26.44 -12.26
N HIS G 221 7.53 -27.14 -11.32
CA HIS G 221 7.53 -28.60 -11.34
C HIS G 221 6.11 -29.14 -11.20
N GLN G 222 5.29 -28.51 -10.37
CA GLN G 222 3.90 -28.92 -10.22
C GLN G 222 3.15 -28.80 -11.55
N THR G 223 3.31 -27.67 -12.22
CA THR G 223 2.67 -27.50 -13.53
C THR G 223 3.19 -28.53 -14.52
N GLN G 224 4.49 -28.84 -14.45
CA GLN G 224 5.03 -29.87 -15.33
C GLN G 224 4.41 -31.23 -15.04
N LEU G 225 4.14 -31.54 -13.77
CA LEU G 225 3.46 -32.79 -13.45
C LEU G 225 2.05 -32.81 -14.04
N LEU G 226 1.34 -31.69 -13.96
CA LEU G 226 0.04 -31.62 -14.64
C LEU G 226 0.19 -31.86 -16.13
N TYR G 227 1.23 -31.30 -16.75
CA TYR G 227 1.44 -31.48 -18.18
C TYR G 227 1.70 -32.95 -18.51
N GLN G 228 2.55 -33.61 -17.73
CA GLN G 228 2.94 -34.97 -18.05
C GLN G 228 1.91 -36.00 -17.63
N ALA G 229 0.93 -35.61 -16.81
CA ALA G 229 -0.10 -36.56 -16.42
C ALA G 229 -1.03 -36.94 -17.57
N GLU G 230 -1.10 -36.11 -18.61
CA GLU G 230 -1.99 -36.42 -19.73
C GLU G 230 -1.58 -37.72 -20.42
N ASP G 231 -0.28 -38.01 -20.47
CA ASP G 231 0.18 -39.23 -21.10
C ASP G 231 -0.30 -40.48 -20.37
N MET G 232 -0.80 -40.35 -19.13
CA MET G 232 -1.37 -41.48 -18.43
C MET G 232 -2.88 -41.40 -18.25
N MET G 233 -3.48 -40.21 -18.26
CA MET G 233 -4.94 -40.20 -18.42
C MET G 233 -5.34 -40.71 -19.79
N VAL G 234 -4.50 -40.51 -20.82
CA VAL G 234 -4.80 -41.06 -22.14
C VAL G 234 -4.61 -42.57 -22.17
N GLU G 235 -3.78 -43.13 -21.28
CA GLU G 235 -3.55 -44.56 -21.28
C GLU G 235 -4.79 -45.33 -20.82
N SER G 236 -5.44 -44.85 -19.77
CA SER G 236 -6.61 -45.53 -19.23
C SER G 236 -7.43 -44.53 -18.42
N ARG G 237 -8.69 -44.88 -18.19
CA ARG G 237 -9.54 -44.09 -17.32
C ARG G 237 -8.97 -44.10 -15.90
N TYR G 238 -8.88 -42.92 -15.29
CA TYR G 238 -8.26 -42.78 -13.99
C TYR G 238 -9.27 -42.29 -12.98
N ALA G 239 -9.28 -42.92 -11.80
CA ALA G 239 -10.21 -42.56 -10.73
C ALA G 239 -9.61 -41.49 -9.82
N LEU G 240 -8.47 -41.79 -9.19
CA LEU G 240 -7.86 -40.88 -8.25
C LEU G 240 -6.41 -40.59 -8.66
N LEU G 241 -6.07 -39.31 -8.73
CA LEU G 241 -4.72 -38.86 -9.09
C LEU G 241 -4.30 -37.73 -8.15
N ILE G 242 -4.37 -38.00 -6.85
CA ILE G 242 -4.02 -37.01 -5.84
C ILE G 242 -2.69 -36.34 -6.19
N VAL G 243 -2.62 -35.01 -6.00
CA VAL G 243 -1.38 -34.28 -6.23
C VAL G 243 -1.06 -33.44 -4.98
N ASP G 244 -1.49 -33.90 -3.82
CA ASP G 244 -1.22 -33.28 -2.50
C ASP G 244 -1.73 -31.84 -2.51
N SER G 245 -1.05 -30.90 -1.86
CA SER G 245 -1.53 -29.53 -1.74
C SER G 245 -1.44 -28.80 -3.08
N ALA G 246 -2.35 -27.83 -3.27
CA ALA G 246 -2.35 -27.03 -4.48
C ALA G 246 -1.54 -25.75 -4.31
N THR G 247 -1.92 -24.92 -3.35
CA THR G 247 -1.24 -23.65 -3.09
C THR G 247 -0.56 -23.76 -1.73
N ALA G 248 0.64 -24.31 -1.72
CA ALA G 248 1.52 -24.26 -0.56
C ALA G 248 2.94 -23.84 -0.91
N LEU G 249 3.35 -23.99 -2.17
CA LEU G 249 4.64 -23.50 -2.63
C LEU G 249 4.57 -22.11 -3.24
N TYR G 250 3.38 -21.66 -3.64
CA TYR G 250 3.22 -20.28 -4.06
C TYR G 250 3.53 -19.32 -2.92
N ARG G 251 3.29 -19.76 -1.68
CA ARG G 251 3.60 -18.95 -0.51
C ARG G 251 5.09 -18.71 -0.35
N THR G 252 5.93 -19.55 -0.94
CA THR G 252 7.39 -19.48 -0.75
C THR G 252 8.15 -19.16 -2.02
N ASP G 253 7.75 -19.71 -3.16
CA ASP G 253 8.43 -19.43 -4.41
C ASP G 253 8.33 -17.96 -4.77
N TYR G 254 7.14 -17.38 -4.65
CA TYR G 254 6.93 -15.97 -4.86
C TYR G 254 6.79 -15.29 -3.51
N SER G 255 7.72 -14.38 -3.21
CA SER G 255 7.84 -13.79 -1.88
C SER G 255 7.30 -12.36 -1.90
N GLY G 256 6.33 -12.09 -1.04
CA GLY G 256 5.84 -10.75 -0.82
C GLY G 256 5.12 -10.15 -2.01
N ARG G 257 4.89 -8.84 -1.91
CA ARG G 257 4.25 -8.08 -2.98
C ARG G 257 5.25 -7.82 -4.10
N GLY G 258 4.73 -7.34 -5.23
CA GLY G 258 5.53 -7.15 -6.43
C GLY G 258 5.63 -8.44 -7.23
N GLU G 259 5.77 -9.56 -6.53
CA GLU G 259 5.69 -10.88 -7.14
C GLU G 259 4.31 -11.49 -7.00
N LEU G 260 3.35 -10.75 -6.45
CA LEU G 260 2.01 -11.27 -6.24
C LEU G 260 1.27 -11.43 -7.57
N SER G 261 1.46 -10.50 -8.51
CA SER G 261 0.79 -10.61 -9.79
C SER G 261 1.22 -11.85 -10.55
N ALA G 262 2.53 -12.13 -10.58
CA ALA G 262 3.02 -13.34 -11.23
C ALA G 262 2.52 -14.59 -10.53
N ARG G 263 2.50 -14.56 -9.19
CA ARG G 263 2.00 -15.71 -8.43
C ARG G 263 0.53 -15.99 -8.75
N GLN G 264 -0.28 -14.93 -8.85
CA GLN G 264 -1.69 -15.13 -9.15
C GLN G 264 -1.92 -15.52 -10.59
N MET G 265 -1.08 -15.04 -11.51
CA MET G 265 -1.18 -15.52 -12.90
C MET G 265 -0.83 -17.00 -12.99
N HIS G 266 0.21 -17.44 -12.28
CA HIS G 266 0.53 -18.86 -12.24
C HIS G 266 -0.60 -19.67 -11.61
N LEU G 267 -1.19 -19.14 -10.53
CA LEU G 267 -2.31 -19.83 -9.90
C LEU G 267 -3.51 -19.92 -10.83
N ALA G 268 -3.80 -18.85 -11.58
CA ALA G 268 -4.90 -18.87 -12.53
C ALA G 268 -4.66 -19.88 -13.64
N ARG G 269 -3.42 -19.96 -14.13
CA ARG G 269 -3.10 -20.98 -15.12
C ARG G 269 -3.24 -22.38 -14.55
N PHE G 270 -2.81 -22.57 -13.29
CA PHE G 270 -3.02 -23.83 -12.58
C PHE G 270 -4.48 -24.21 -12.56
N LEU G 271 -5.33 -23.27 -12.16
CA LEU G 271 -6.76 -23.58 -12.01
C LEU G 271 -7.44 -23.76 -13.36
N ARG G 272 -6.98 -23.07 -14.39
CA ARG G 272 -7.53 -23.30 -15.73
C ARG G 272 -7.14 -24.66 -16.25
N MET G 273 -5.91 -25.10 -15.99
CA MET G 273 -5.53 -26.47 -16.34
C MET G 273 -6.38 -27.46 -15.56
N LEU G 274 -6.65 -27.18 -14.28
CA LEU G 274 -7.51 -28.06 -13.50
C LEU G 274 -8.91 -28.16 -14.08
N LEU G 275 -9.49 -27.01 -14.46
CA LEU G 275 -10.82 -26.99 -15.04
C LEU G 275 -10.86 -27.74 -16.37
N ARG G 276 -9.83 -27.52 -17.20
CA ARG G 276 -9.74 -28.23 -18.47
C ARG G 276 -9.63 -29.73 -18.25
N LEU G 277 -8.86 -30.14 -17.25
CA LEU G 277 -8.73 -31.56 -16.94
C LEU G 277 -10.05 -32.14 -16.44
N ALA G 278 -10.79 -31.34 -15.66
CA ALA G 278 -12.08 -31.80 -15.16
C ALA G 278 -13.07 -32.00 -16.29
N ASP G 279 -13.14 -31.06 -17.23
CA ASP G 279 -14.14 -31.15 -18.28
C ASP G 279 -13.69 -31.99 -19.47
N GLU G 280 -12.40 -32.31 -19.57
CA GLU G 280 -11.92 -33.13 -20.68
C GLU G 280 -12.50 -34.54 -20.60
N PHE G 281 -12.36 -35.17 -19.44
CA PHE G 281 -12.86 -36.52 -19.24
C PHE G 281 -13.09 -36.71 -17.75
N GLY G 282 -13.89 -37.72 -17.42
CA GLY G 282 -14.19 -38.02 -16.03
C GLY G 282 -12.99 -38.54 -15.27
N VAL G 283 -12.47 -37.72 -14.35
CA VAL G 283 -11.36 -38.12 -13.49
C VAL G 283 -11.40 -37.25 -12.24
N ALA G 284 -11.22 -37.89 -11.09
CA ALA G 284 -11.21 -37.20 -9.81
C ALA G 284 -9.76 -36.99 -9.36
N VAL G 285 -9.37 -35.74 -9.24
CA VAL G 285 -8.00 -35.37 -8.85
C VAL G 285 -8.12 -34.56 -7.58
N VAL G 286 -7.96 -35.21 -6.42
CA VAL G 286 -8.22 -34.58 -5.13
C VAL G 286 -6.92 -33.96 -4.63
N ILE G 287 -6.67 -32.73 -5.07
CA ILE G 287 -5.61 -31.86 -4.58
C ILE G 287 -6.01 -31.34 -3.20
N THR G 288 -5.12 -30.61 -2.52
CA THR G 288 -5.38 -30.09 -1.18
C THR G 288 -5.19 -28.57 -1.17
N ASN G 289 -5.19 -27.97 0.03
CA ASN G 289 -5.07 -26.51 0.13
C ASN G 289 -4.62 -26.15 1.55
N GLN G 290 -4.64 -24.84 1.85
CA GLN G 290 -4.14 -24.30 3.11
C GLN G 290 -4.86 -23.00 3.43
N VAL G 291 -4.70 -22.54 4.68
CA VAL G 291 -5.45 -21.41 5.20
C VAL G 291 -4.50 -20.38 5.80
N VAL G 292 -5.00 -19.16 6.00
CA VAL G 292 -4.26 -18.07 6.61
C VAL G 292 -5.17 -17.38 7.63
N ALA G 293 -4.55 -16.59 8.49
CA ALA G 293 -5.26 -15.85 9.52
C ALA G 293 -5.36 -14.38 9.14
N GLN G 294 -6.58 -13.86 9.11
CA GLN G 294 -6.82 -12.46 8.73
C GLN G 294 -6.74 -11.57 9.97
N VAL G 295 -5.96 -10.51 9.87
CA VAL G 295 -5.78 -9.58 10.98
C VAL G 295 -6.62 -8.33 10.77
N PRO G 305 -11.34 -16.36 12.63
CA PRO G 305 -10.69 -15.38 11.75
C PRO G 305 -9.72 -16.04 10.79
N LYS G 306 -10.14 -17.14 10.17
CA LYS G 306 -9.32 -17.89 9.22
C LYS G 306 -9.96 -17.82 7.84
N LYS G 307 -9.17 -17.47 6.84
CA LYS G 307 -9.66 -17.40 5.47
C LYS G 307 -8.71 -18.16 4.56
N PRO G 308 -9.24 -18.77 3.49
CA PRO G 308 -8.38 -19.54 2.59
C PRO G 308 -7.42 -18.64 1.83
N ILE G 309 -6.27 -19.21 1.46
CA ILE G 309 -5.28 -18.50 0.67
C ILE G 309 -5.58 -18.73 -0.81
N GLY G 310 -4.98 -17.93 -1.67
CA GLY G 310 -5.24 -17.95 -3.10
C GLY G 310 -6.08 -16.79 -3.59
N GLY G 311 -6.74 -16.07 -2.68
CA GLY G 311 -7.46 -14.88 -3.04
C GLY G 311 -8.67 -15.13 -3.93
N ASN G 312 -9.08 -14.07 -4.62
CA ASN G 312 -10.23 -14.15 -5.51
C ASN G 312 -9.97 -15.09 -6.70
N ILE G 313 -8.70 -15.35 -7.03
CA ILE G 313 -8.40 -16.23 -8.16
C ILE G 313 -8.90 -17.63 -7.88
N ILE G 314 -8.60 -18.17 -6.70
CA ILE G 314 -9.07 -19.50 -6.33
C ILE G 314 -10.46 -19.46 -5.72
N ALA G 315 -10.90 -18.31 -5.20
CA ALA G 315 -12.26 -18.16 -4.73
C ALA G 315 -13.27 -18.07 -5.87
N HIS G 316 -12.80 -17.90 -7.10
CA HIS G 316 -13.65 -17.77 -8.27
C HIS G 316 -13.47 -18.88 -9.28
N ALA G 317 -12.56 -19.83 -9.05
CA ALA G 317 -12.25 -20.85 -10.06
C ALA G 317 -11.87 -22.15 -9.35
N SER G 318 -12.87 -23.01 -9.16
CA SER G 318 -12.68 -24.34 -8.61
C SER G 318 -13.99 -25.09 -8.71
N THR G 319 -13.91 -26.42 -8.77
CA THR G 319 -15.10 -27.23 -8.93
C THR G 319 -15.70 -27.65 -7.59
N THR G 320 -14.93 -28.31 -6.75
CA THR G 320 -15.41 -28.70 -5.43
C THR G 320 -14.32 -28.48 -4.39
N ARG G 321 -14.71 -27.90 -3.25
CA ARG G 321 -13.80 -27.64 -2.15
C ARG G 321 -14.54 -27.84 -0.84
N LEU G 322 -13.78 -27.89 0.26
CA LEU G 322 -14.35 -28.17 1.58
C LEU G 322 -13.76 -27.23 2.62
N TYR G 323 -14.56 -26.88 3.62
CA TYR G 323 -14.10 -26.11 4.77
C TYR G 323 -14.16 -26.98 6.01
N LEU G 324 -13.05 -27.10 6.71
CA LEU G 324 -12.93 -27.98 7.87
C LEU G 324 -12.62 -27.17 9.12
N ARG G 325 -13.35 -27.45 10.20
CA ARG G 325 -13.24 -26.72 11.45
C ARG G 325 -13.06 -27.69 12.61
N LYS G 326 -12.22 -27.31 13.56
CA LYS G 326 -11.90 -28.19 14.69
C LYS G 326 -13.14 -28.50 15.52
N GLY G 327 -13.25 -29.74 15.95
CA GLY G 327 -14.37 -30.16 16.77
C GLY G 327 -13.95 -30.54 18.18
N ARG G 328 -14.38 -31.72 18.63
CA ARG G 328 -14.03 -32.23 19.96
C ARG G 328 -13.46 -33.63 19.80
N GLY G 329 -12.30 -33.87 20.40
CA GLY G 329 -11.66 -35.16 20.29
C GLY G 329 -11.25 -35.49 18.87
N GLU G 330 -11.96 -36.43 18.24
CA GLU G 330 -11.71 -36.79 16.85
C GLU G 330 -12.75 -36.24 15.90
N THR G 331 -13.86 -35.69 16.41
CA THR G 331 -14.88 -35.12 15.53
C THR G 331 -14.34 -33.87 14.85
N ARG G 332 -14.68 -33.71 13.57
CA ARG G 332 -14.27 -32.56 12.77
C ARG G 332 -15.49 -32.04 12.03
N ILE G 333 -15.89 -30.82 12.34
CA ILE G 333 -17.11 -30.24 11.77
C ILE G 333 -16.79 -29.79 10.35
N CYS G 334 -17.19 -30.60 9.36
CA CYS G 334 -16.90 -30.35 7.97
C CYS G 334 -17.84 -29.31 7.39
N LYS G 335 -17.60 -28.96 6.13
CA LYS G 335 -18.43 -28.06 5.34
C LYS G 335 -18.01 -28.23 3.89
N ILE G 336 -18.57 -27.40 3.01
CA ILE G 336 -18.23 -27.43 1.59
C ILE G 336 -18.02 -25.99 1.11
N TYR G 337 -16.87 -25.73 0.49
CA TYR G 337 -16.59 -24.39 0.01
C TYR G 337 -17.23 -24.14 -1.35
N ASP G 338 -16.80 -24.87 -2.38
CA ASP G 338 -17.27 -24.67 -3.74
C ASP G 338 -18.15 -25.84 -4.14
N SER G 339 -19.45 -25.59 -4.29
CA SER G 339 -20.36 -26.60 -4.81
C SER G 339 -21.62 -25.93 -5.34
N PRO G 340 -21.70 -25.62 -6.63
CA PRO G 340 -22.88 -24.91 -7.16
C PRO G 340 -24.16 -25.71 -7.12
N CYS G 341 -24.12 -26.97 -6.67
CA CYS G 341 -25.28 -27.86 -6.64
C CYS G 341 -25.41 -28.52 -5.28
N LEU G 342 -25.23 -27.76 -4.21
CA LEU G 342 -25.18 -28.40 -2.90
C LEU G 342 -25.47 -27.42 -1.77
N PRO G 343 -26.40 -27.75 -0.87
CA PRO G 343 -26.62 -26.90 0.30
C PRO G 343 -25.46 -26.99 1.27
N GLU G 344 -25.30 -25.93 2.06
CA GLU G 344 -24.19 -25.83 3.01
C GLU G 344 -24.62 -26.44 4.34
N ALA G 345 -23.93 -27.51 4.75
CA ALA G 345 -24.21 -28.20 5.99
C ALA G 345 -22.90 -28.53 6.68
N GLU G 346 -23.01 -29.03 7.91
CA GLU G 346 -21.84 -29.30 8.75
C GLU G 346 -21.95 -30.74 9.26
N ALA G 347 -21.15 -31.64 8.71
CA ALA G 347 -21.22 -33.06 9.04
C ALA G 347 -19.93 -33.48 9.73
N MET G 348 -20.03 -33.88 10.99
CA MET G 348 -18.87 -34.30 11.74
C MET G 348 -18.36 -35.65 11.25
N PHE G 349 -17.07 -35.89 11.46
CA PHE G 349 -16.44 -37.14 11.06
C PHE G 349 -15.20 -37.35 11.91
N ALA G 350 -14.72 -38.58 11.94
CA ALA G 350 -13.58 -38.96 12.76
C ALA G 350 -12.51 -39.65 11.91
N ILE G 351 -11.26 -39.31 12.15
CA ILE G 351 -10.13 -39.97 11.49
C ILE G 351 -9.76 -41.16 12.36
N ASN G 352 -10.43 -42.27 12.14
CA ASN G 352 -10.19 -43.48 12.91
C ASN G 352 -8.91 -44.16 12.44
N ALA G 353 -8.57 -45.28 13.09
CA ALA G 353 -7.35 -46.00 12.74
C ALA G 353 -7.40 -46.52 11.31
N ASP G 354 -8.55 -47.05 10.89
CA ASP G 354 -8.68 -47.51 9.52
C ASP G 354 -8.78 -46.34 8.54
N GLY G 355 -9.49 -45.30 8.92
CA GLY G 355 -9.63 -44.16 8.04
C GLY G 355 -10.74 -43.25 8.53
N VAL G 356 -11.11 -42.29 7.69
CA VAL G 356 -12.18 -41.37 8.05
C VAL G 356 -13.49 -42.15 8.07
N GLY G 357 -13.99 -42.40 9.28
CA GLY G 357 -15.23 -43.12 9.46
C GLY G 357 -16.15 -42.39 10.42
N ASP G 358 -16.61 -43.09 11.46
CA ASP G 358 -17.46 -42.48 12.47
C ASP G 358 -17.33 -43.22 13.79
N PRO H 44 15.69 48.22 -44.32
CA PRO H 44 14.38 48.53 -44.89
C PRO H 44 14.04 47.66 -46.09
N GLN H 45 12.77 47.70 -46.52
CA GLN H 45 12.31 46.94 -47.68
C GLN H 45 11.56 47.87 -48.62
N PRO H 46 12.29 48.73 -49.32
CA PRO H 46 11.62 49.71 -50.20
C PRO H 46 10.96 49.07 -51.40
N ILE H 47 9.90 49.70 -51.87
CA ILE H 47 9.17 49.26 -53.04
C ILE H 47 9.29 50.31 -54.14
N SER H 48 9.09 49.89 -55.38
CA SER H 48 9.20 50.77 -56.52
C SER H 48 7.84 51.39 -56.83
N ARG H 49 7.71 52.02 -57.99
CA ARG H 49 6.47 52.67 -58.40
C ARG H 49 5.50 51.64 -59.00
N LEU H 50 5.14 50.66 -58.17
CA LEU H 50 4.21 49.59 -58.55
C LEU H 50 4.70 48.81 -59.77
N GLU H 51 6.02 48.81 -59.98
CA GLU H 51 6.64 48.14 -61.13
C GLU H 51 6.00 48.59 -62.45
N GLN H 52 5.80 49.90 -62.55
CA GLN H 52 5.21 50.49 -63.75
C GLN H 52 6.14 51.50 -64.42
N CYS H 53 7.40 51.59 -63.98
CA CYS H 53 8.34 52.49 -64.62
C CYS H 53 8.65 52.05 -66.05
N GLY H 54 8.76 50.74 -66.28
CA GLY H 54 9.00 50.22 -67.61
C GLY H 54 8.07 49.10 -67.99
N ILE H 55 7.02 48.88 -67.18
CA ILE H 55 6.07 47.81 -67.41
C ILE H 55 4.68 48.42 -67.46
N ASN H 56 3.84 47.89 -68.36
CA ASN H 56 2.48 48.38 -68.51
C ASN H 56 1.63 48.00 -67.29
N ALA H 57 0.52 48.71 -67.11
CA ALA H 57 -0.34 48.48 -65.96
C ALA H 57 -1.05 47.13 -66.04
N ASN H 58 -1.39 46.68 -67.25
CA ASN H 58 -2.10 45.41 -67.38
C ASN H 58 -1.21 44.24 -66.93
N ASP H 59 0.09 44.32 -67.22
CA ASP H 59 1.01 43.29 -66.75
C ASP H 59 1.08 43.26 -65.22
N VAL H 60 1.08 44.44 -64.60
CA VAL H 60 1.11 44.51 -63.14
C VAL H 60 -0.18 43.92 -62.56
N LYS H 61 -1.32 44.22 -63.19
CA LYS H 61 -2.59 43.63 -62.74
C LYS H 61 -2.57 42.11 -62.88
N LYS H 62 -2.03 41.60 -63.99
CA LYS H 62 -1.93 40.16 -64.17
C LYS H 62 -1.03 39.54 -63.12
N LEU H 63 0.08 40.22 -62.78
CA LEU H 63 0.96 39.73 -61.73
C LEU H 63 0.24 39.71 -60.39
N GLU H 64 -0.56 40.72 -60.10
CA GLU H 64 -1.27 40.82 -58.83
C GLU H 64 -2.50 39.91 -58.76
N GLU H 65 -2.95 39.38 -59.89
CA GLU H 65 -4.12 38.51 -59.89
C GLU H 65 -3.83 37.11 -59.32
N ALA H 66 -2.57 36.73 -59.21
CA ALA H 66 -2.17 35.41 -58.72
C ALA H 66 -1.07 35.53 -57.68
N GLY H 67 -1.27 36.41 -56.71
CA GLY H 67 -0.26 36.72 -55.73
C GLY H 67 0.51 37.97 -56.11
N TYR H 68 1.71 38.09 -55.55
CA TYR H 68 2.63 39.18 -55.87
C TYR H 68 1.95 40.54 -55.70
N HIS H 69 1.36 40.75 -54.53
CA HIS H 69 0.53 41.93 -54.31
C HIS H 69 1.34 43.20 -54.12
N THR H 70 2.61 43.09 -53.77
CA THR H 70 3.46 44.25 -53.57
C THR H 70 4.50 44.35 -54.67
N VAL H 71 5.10 45.54 -54.79
CA VAL H 71 6.13 45.77 -55.79
C VAL H 71 7.32 44.86 -55.54
N GLU H 72 7.70 44.70 -54.27
CA GLU H 72 8.77 43.78 -53.93
C GLU H 72 8.40 42.35 -54.29
N ALA H 73 7.12 42.01 -54.15
CA ALA H 73 6.68 40.63 -54.33
C ALA H 73 6.88 40.15 -55.76
N VAL H 74 6.62 41.02 -56.75
CA VAL H 74 6.80 40.61 -58.14
C VAL H 74 8.27 40.32 -58.43
N ALA H 75 9.17 41.05 -57.77
CA ALA H 75 10.60 40.74 -57.85
C ALA H 75 10.94 39.46 -57.11
N TYR H 76 10.07 39.04 -56.18
CA TYR H 76 10.29 37.82 -55.40
C TYR H 76 9.47 36.71 -56.06
N ALA H 77 10.01 36.19 -57.17
CA ALA H 77 9.28 35.21 -57.95
C ALA H 77 10.25 34.39 -58.79
N PRO H 78 10.01 33.08 -58.96
CA PRO H 78 10.80 32.30 -59.91
C PRO H 78 10.52 32.73 -61.34
N LYS H 79 11.49 32.46 -62.22
CA LYS H 79 11.34 32.85 -63.62
C LYS H 79 10.18 32.13 -64.30
N LYS H 80 9.99 30.85 -63.99
CA LYS H 80 8.93 30.07 -64.62
C LYS H 80 7.56 30.32 -64.02
N GLU H 81 7.50 30.77 -62.76
CA GLU H 81 6.21 30.88 -62.09
C GLU H 81 5.39 32.05 -62.63
N LEU H 82 6.02 33.21 -62.80
CA LEU H 82 5.30 34.39 -63.26
C LEU H 82 5.14 34.42 -64.78
N ILE H 83 5.35 33.30 -65.46
CA ILE H 83 5.05 33.21 -66.88
C ILE H 83 3.68 32.61 -67.15
N ASN H 84 3.14 31.82 -66.23
CA ASN H 84 1.81 31.23 -66.38
C ASN H 84 0.78 32.03 -65.58
N ILE H 85 0.57 33.29 -65.99
CA ILE H 85 -0.41 34.15 -65.34
C ILE H 85 -1.09 34.98 -66.43
N LYS H 86 -2.34 34.63 -66.77
CA LYS H 86 -3.17 35.39 -67.69
C LYS H 86 -2.49 35.59 -69.05
N GLY H 87 -1.69 34.63 -69.48
CA GLY H 87 -1.03 34.72 -70.76
C GLY H 87 -0.02 35.83 -70.86
N ILE H 88 1.08 35.73 -70.13
CA ILE H 88 2.17 36.70 -70.17
C ILE H 88 3.26 36.17 -71.08
N SER H 89 3.68 36.98 -72.04
CA SER H 89 4.69 36.56 -73.00
C SER H 89 6.03 36.35 -72.31
N GLU H 90 6.82 35.41 -72.84
CA GLU H 90 8.14 35.14 -72.28
C GLU H 90 9.07 36.34 -72.45
N ALA H 91 9.03 36.98 -73.62
CA ALA H 91 9.87 38.16 -73.85
C ALA H 91 9.48 39.31 -72.93
N LYS H 92 8.22 39.39 -72.55
CA LYS H 92 7.81 40.37 -71.54
C LYS H 92 8.26 39.92 -70.15
N ALA H 93 8.10 38.63 -69.84
CA ALA H 93 8.39 38.15 -68.49
C ALA H 93 9.86 38.34 -68.14
N ASP H 94 10.76 37.92 -69.04
CA ASP H 94 12.18 38.10 -68.75
C ASP H 94 12.55 39.57 -68.63
N LYS H 95 11.81 40.45 -69.32
CA LYS H 95 12.00 41.88 -69.11
C LYS H 95 11.59 42.28 -67.70
N ILE H 96 10.49 41.71 -67.18
CA ILE H 96 10.09 42.01 -65.81
C ILE H 96 11.17 41.55 -64.83
N LEU H 97 11.70 40.34 -65.01
CA LEU H 97 12.77 39.89 -64.10
C LEU H 97 14.01 40.77 -64.22
N THR H 98 14.40 41.14 -65.43
CA THR H 98 15.57 42.00 -65.60
C THR H 98 15.37 43.35 -64.92
N GLU H 99 14.18 43.94 -65.07
CA GLU H 99 13.91 45.22 -64.42
C GLU H 99 13.86 45.08 -62.91
N ALA H 100 13.27 43.99 -62.41
CA ALA H 100 13.12 43.82 -60.97
C ALA H 100 14.43 43.42 -60.29
N ALA H 101 15.40 42.92 -61.05
CA ALA H 101 16.70 42.61 -60.48
C ALA H 101 17.44 43.86 -60.01
N LYS H 102 17.04 45.04 -60.49
CA LYS H 102 17.69 46.29 -60.13
C LYS H 102 16.73 47.32 -59.53
N LEU H 103 15.48 47.38 -60.00
CA LEU H 103 14.55 48.38 -59.50
C LEU H 103 14.24 48.15 -58.03
N VAL H 104 13.90 46.91 -57.67
CA VAL H 104 13.79 46.53 -56.26
C VAL H 104 15.19 46.56 -55.68
N PRO H 105 15.38 46.90 -54.40
CA PRO H 105 16.73 46.88 -53.81
C PRO H 105 17.26 45.47 -53.61
N MET H 106 17.51 44.77 -54.72
CA MET H 106 18.12 43.45 -54.70
C MET H 106 19.60 43.62 -55.04
N GLY H 107 20.37 44.01 -54.02
CA GLY H 107 21.78 44.28 -54.21
C GLY H 107 22.62 43.71 -53.09
N PHE H 108 23.91 43.54 -53.39
CA PHE H 108 24.85 43.02 -52.41
C PHE H 108 25.04 44.04 -51.28
N THR H 109 25.34 43.53 -50.09
CA THR H 109 25.61 44.35 -48.93
C THR H 109 26.95 43.95 -48.34
N THR H 110 27.37 44.67 -47.30
CA THR H 110 28.66 44.46 -46.66
C THR H 110 28.43 44.01 -45.21
N ALA H 111 29.52 43.95 -44.46
CA ALA H 111 29.45 43.54 -43.06
C ALA H 111 28.58 44.48 -42.25
N THR H 112 29.01 45.74 -42.14
CA THR H 112 28.23 46.72 -41.38
C THR H 112 26.87 46.98 -42.01
N GLU H 113 26.72 46.68 -43.30
CA GLU H 113 25.43 46.85 -43.97
C GLU H 113 24.45 45.72 -43.66
N PHE H 114 24.91 44.59 -43.13
CA PHE H 114 24.01 43.48 -42.86
C PHE H 114 23.93 43.11 -41.39
N HIS H 115 25.06 42.95 -40.68
CA HIS H 115 25.02 42.41 -39.34
C HIS H 115 24.81 43.47 -38.27
N GLN H 116 24.11 44.56 -38.61
CA GLN H 116 23.91 45.67 -37.69
C GLN H 116 22.89 45.33 -36.61
N ARG H 117 23.24 44.39 -35.73
CA ARG H 117 22.45 43.92 -34.59
C ARG H 117 20.95 44.07 -34.75
N ARG H 118 20.40 45.15 -34.20
CA ARG H 118 18.95 45.34 -34.21
C ARG H 118 18.40 45.52 -35.63
N SER H 119 19.11 46.28 -36.47
CA SER H 119 18.67 46.47 -37.85
C SER H 119 18.65 45.15 -38.61
N GLU H 120 19.48 44.19 -38.21
CA GLU H 120 19.47 42.88 -38.87
C GLU H 120 18.36 42.01 -38.32
N ILE H 121 18.42 41.68 -37.03
CA ILE H 121 17.48 40.77 -36.39
C ILE H 121 16.86 41.49 -35.19
N ILE H 122 15.54 41.44 -35.09
CA ILE H 122 14.80 42.03 -33.99
C ILE H 122 14.18 40.92 -33.17
N GLN H 123 14.40 40.97 -31.85
CA GLN H 123 13.88 39.96 -30.95
C GLN H 123 12.49 40.36 -30.45
N ILE H 124 11.73 39.36 -30.04
CA ILE H 124 10.35 39.55 -29.60
C ILE H 124 10.17 38.85 -28.25
N THR H 125 9.61 39.58 -27.28
CA THR H 125 9.29 38.98 -25.99
C THR H 125 8.09 38.06 -26.14
N THR H 126 8.12 36.94 -25.40
CA THR H 126 7.04 35.98 -25.38
C THR H 126 6.16 36.10 -24.15
N GLY H 127 6.26 37.22 -23.41
CA GLY H 127 5.45 37.45 -22.25
C GLY H 127 6.06 36.99 -20.94
N SER H 128 7.04 36.10 -20.98
CA SER H 128 7.72 35.62 -19.78
C SER H 128 9.20 35.93 -19.89
N LYS H 129 9.77 36.40 -18.77
CA LYS H 129 11.18 36.76 -18.76
C LYS H 129 12.07 35.54 -18.96
N GLU H 130 11.68 34.40 -18.38
CA GLU H 130 12.48 33.18 -18.51
C GLU H 130 12.52 32.71 -19.96
N LEU H 131 11.39 32.80 -20.67
CA LEU H 131 11.39 32.43 -22.09
C LEU H 131 12.25 33.39 -22.91
N ASP H 132 12.18 34.68 -22.60
CA ASP H 132 13.00 35.66 -23.32
C ASP H 132 14.48 35.38 -23.14
N LYS H 133 14.90 35.08 -21.90
CA LYS H 133 16.29 34.69 -21.68
C LYS H 133 16.59 33.36 -22.34
N LEU H 134 15.60 32.47 -22.44
CA LEU H 134 15.81 31.15 -23.03
C LEU H 134 16.18 31.25 -24.50
N LEU H 135 15.48 32.12 -25.23
CA LEU H 135 15.67 32.26 -26.67
C LEU H 135 16.74 33.29 -27.02
N GLN H 136 17.47 33.80 -26.02
CA GLN H 136 18.49 34.83 -26.22
C GLN H 136 17.89 36.08 -26.85
N GLY H 137 16.97 36.70 -26.11
CA GLY H 137 16.30 37.90 -26.57
C GLY H 137 14.87 37.64 -27.01
N GLY H 138 14.65 36.52 -27.68
CA GLY H 138 13.34 36.15 -28.16
C GLY H 138 13.45 35.40 -29.47
N ILE H 139 12.32 35.33 -30.17
CA ILE H 139 12.26 34.65 -31.46
C ILE H 139 12.92 35.55 -32.49
N GLU H 140 14.11 35.16 -32.95
CA GLU H 140 14.84 35.95 -33.94
C GLU H 140 14.06 36.02 -35.24
N THR H 141 13.98 37.24 -35.80
CA THR H 141 13.22 37.44 -37.01
C THR H 141 13.97 36.89 -38.23
N GLY H 142 13.24 36.72 -39.32
CA GLY H 142 13.78 36.13 -40.53
C GLY H 142 13.82 34.63 -40.55
N SER H 143 13.15 33.97 -39.62
CA SER H 143 13.15 32.51 -39.53
C SER H 143 11.72 31.99 -39.52
N ILE H 144 11.60 30.68 -39.77
CA ILE H 144 10.31 30.00 -39.82
C ILE H 144 9.97 29.38 -38.46
N THR H 145 10.82 29.56 -37.46
CA THR H 145 10.81 28.84 -36.19
C THR H 145 9.40 28.53 -35.70
N GLU H 146 9.15 27.25 -35.42
CA GLU H 146 7.85 26.76 -35.01
C GLU H 146 7.95 26.09 -33.65
N MET H 147 6.78 25.79 -33.08
CA MET H 147 6.69 25.05 -31.83
C MET H 147 5.65 23.94 -31.96
N PHE H 148 5.85 22.90 -31.17
CA PHE H 148 5.01 21.71 -31.24
C PHE H 148 4.98 21.04 -29.88
N GLY H 149 3.95 20.25 -29.65
CA GLY H 149 3.83 19.49 -28.42
C GLY H 149 2.44 18.91 -28.30
N GLU H 150 2.31 18.03 -27.30
CA GLU H 150 1.02 17.45 -26.97
C GLU H 150 0.04 18.54 -26.55
N PHE H 151 -1.24 18.19 -26.48
CA PHE H 151 -2.23 19.10 -25.95
C PHE H 151 -1.90 19.45 -24.50
N ARG H 152 -2.64 20.43 -23.96
CA ARG H 152 -2.53 20.94 -22.60
C ARG H 152 -1.25 21.70 -22.37
N THR H 153 -0.35 21.79 -23.35
CA THR H 153 0.95 22.42 -23.14
C THR H 153 0.93 23.91 -23.45
N GLY H 154 -0.22 24.46 -23.82
CA GLY H 154 -0.34 25.89 -24.01
C GLY H 154 0.42 26.44 -25.21
N LYS H 155 0.70 25.60 -26.21
CA LYS H 155 1.43 26.07 -27.38
C LYS H 155 0.65 27.10 -28.17
N THR H 156 -0.67 27.18 -27.99
CA THR H 156 -1.45 28.24 -28.59
C THR H 156 -1.58 29.45 -27.66
N GLN H 157 -1.49 29.24 -26.34
CA GLN H 157 -1.54 30.37 -25.41
C GLN H 157 -0.34 31.28 -25.59
N ILE H 158 0.84 30.70 -25.86
CA ILE H 158 2.01 31.50 -26.18
C ILE H 158 1.74 32.35 -27.42
N CYS H 159 1.09 31.77 -28.42
CA CYS H 159 0.69 32.55 -29.58
C CYS H 159 -0.32 33.63 -29.22
N HIS H 160 -1.20 33.35 -28.26
CA HIS H 160 -2.17 34.35 -27.81
C HIS H 160 -1.48 35.54 -27.19
N THR H 161 -0.44 35.30 -26.39
CA THR H 161 0.30 36.40 -25.77
C THR H 161 1.28 37.05 -26.73
N LEU H 162 1.70 36.35 -27.79
CA LEU H 162 2.57 36.98 -28.78
C LEU H 162 1.86 38.12 -29.51
N ALA H 163 0.52 38.11 -29.51
CA ALA H 163 -0.21 39.23 -30.09
C ALA H 163 0.02 40.52 -29.31
N VAL H 164 -0.01 40.44 -27.98
CA VAL H 164 0.15 41.66 -27.18
C VAL H 164 1.62 42.02 -27.04
N THR H 165 2.49 41.03 -26.83
CA THR H 165 3.89 41.37 -26.60
C THR H 165 4.58 41.88 -27.86
N CYS H 166 3.94 41.79 -29.02
CA CYS H 166 4.51 42.33 -30.25
C CYS H 166 4.03 43.74 -30.57
N GLN H 167 3.01 44.23 -29.86
CA GLN H 167 2.50 45.57 -30.09
C GLN H 167 3.10 46.60 -29.13
N LEU H 168 3.97 46.18 -28.22
CA LEU H 168 4.58 47.13 -27.30
C LEU H 168 5.56 48.03 -28.04
N PRO H 169 5.83 49.21 -27.51
CA PRO H 169 6.79 50.11 -28.17
C PRO H 169 8.17 49.50 -28.25
N ILE H 170 8.96 50.00 -29.21
CA ILE H 170 10.32 49.52 -29.40
C ILE H 170 11.13 49.73 -28.12
N ASP H 171 12.00 48.76 -27.82
CA ASP H 171 12.91 48.71 -26.67
C ASP H 171 12.20 48.31 -25.39
N ARG H 172 10.89 48.03 -25.44
CA ARG H 172 10.19 47.51 -24.26
C ARG H 172 10.42 46.02 -24.06
N GLY H 173 11.04 45.33 -25.02
CA GLY H 173 11.37 43.94 -24.86
C GLY H 173 11.04 43.06 -26.06
N GLY H 174 10.33 43.61 -27.03
CA GLY H 174 9.89 42.84 -28.18
C GLY H 174 9.76 43.70 -29.42
N GLY H 175 8.85 43.28 -30.31
CA GLY H 175 8.64 43.97 -31.57
C GLY H 175 7.72 45.16 -31.42
N GLU H 176 7.37 45.74 -32.58
CA GLU H 176 6.56 46.93 -32.65
C GLU H 176 5.47 46.75 -33.71
N GLY H 177 4.70 47.80 -33.93
CA GLY H 177 3.66 47.74 -34.95
C GLY H 177 2.59 46.74 -34.58
N LYS H 178 2.29 45.82 -35.51
CA LYS H 178 1.25 44.82 -35.28
C LYS H 178 1.80 43.42 -35.52
N ALA H 179 0.90 42.43 -35.54
CA ALA H 179 1.26 41.05 -35.80
C ALA H 179 0.00 40.30 -36.19
N MET H 180 0.09 39.45 -37.21
CA MET H 180 -1.08 38.73 -37.68
C MET H 180 -1.39 37.58 -36.74
N TYR H 181 -2.41 36.81 -37.12
CA TYR H 181 -2.77 35.58 -36.43
C TYR H 181 -3.74 34.81 -37.31
N ILE H 182 -3.44 33.56 -37.63
CA ILE H 182 -4.32 32.72 -38.44
C ILE H 182 -4.49 31.41 -37.67
N ASP H 183 -5.51 31.34 -36.84
CA ASP H 183 -5.86 30.12 -36.13
C ASP H 183 -7.01 29.45 -36.86
N THR H 184 -6.77 28.23 -37.33
CA THR H 184 -7.72 27.51 -38.17
C THR H 184 -8.50 26.45 -37.40
N GLU H 185 -8.60 26.60 -36.07
CA GLU H 185 -9.39 25.71 -35.26
C GLU H 185 -10.52 26.42 -34.53
N GLY H 186 -10.64 27.73 -34.68
CA GLY H 186 -11.63 28.49 -33.94
C GLY H 186 -11.26 28.78 -32.51
N THR H 187 -10.03 28.48 -32.10
CA THR H 187 -9.58 28.66 -30.72
C THR H 187 -8.82 29.95 -30.51
N PHE H 188 -9.17 31.02 -31.23
CA PHE H 188 -8.63 32.33 -30.96
C PHE H 188 -9.50 32.98 -29.88
N ARG H 189 -8.89 33.27 -28.73
CA ARG H 189 -9.64 33.69 -27.55
C ARG H 189 -9.48 35.19 -27.34
N PRO H 190 -10.52 35.99 -27.56
CA PRO H 190 -10.42 37.43 -27.31
C PRO H 190 -10.65 37.79 -25.85
N GLU H 191 -10.07 37.01 -24.94
CA GLU H 191 -10.15 37.35 -23.52
C GLU H 191 -8.77 37.24 -22.86
N ARG H 192 -7.94 36.31 -23.34
CA ARG H 192 -6.62 36.12 -22.74
C ARG H 192 -5.67 37.23 -23.13
N LEU H 193 -5.70 37.63 -24.40
CA LEU H 193 -4.85 38.73 -24.84
C LEU H 193 -5.21 40.01 -24.10
N LEU H 194 -6.50 40.22 -23.80
CA LEU H 194 -6.91 41.39 -23.03
C LEU H 194 -6.32 41.35 -21.62
N ALA H 195 -6.39 40.20 -20.95
CA ALA H 195 -5.89 40.10 -19.59
C ALA H 195 -4.37 40.32 -19.54
N VAL H 196 -3.65 39.68 -20.46
CA VAL H 196 -2.20 39.84 -20.46
C VAL H 196 -1.79 41.23 -20.93
N ALA H 197 -2.62 41.90 -21.74
CA ALA H 197 -2.37 43.29 -22.06
C ALA H 197 -2.55 44.17 -20.83
N GLU H 198 -3.60 43.90 -20.05
CA GLU H 198 -3.78 44.62 -18.79
C GLU H 198 -2.61 44.37 -17.84
N ARG H 199 -2.00 43.19 -17.93
CA ARG H 199 -0.78 42.92 -17.17
C ARG H 199 0.34 43.87 -17.60
N TYR H 200 0.47 44.12 -18.89
CA TYR H 200 1.54 44.94 -19.43
C TYR H 200 1.20 46.43 -19.49
N GLY H 201 0.02 46.82 -18.99
CA GLY H 201 -0.36 48.21 -19.02
C GLY H 201 -0.58 48.78 -20.41
N LEU H 202 -1.26 48.02 -21.27
CA LEU H 202 -1.57 48.46 -22.62
C LEU H 202 -3.09 48.45 -22.80
N SER H 203 -3.60 49.47 -23.47
CA SER H 203 -5.05 49.59 -23.67
C SER H 203 -5.59 48.39 -24.42
N GLY H 204 -6.67 47.81 -23.91
CA GLY H 204 -7.25 46.63 -24.53
C GLY H 204 -7.80 46.92 -25.92
N SER H 205 -8.46 48.06 -26.09
CA SER H 205 -8.96 48.43 -27.41
C SER H 205 -7.82 48.64 -28.39
N ASP H 206 -6.72 49.24 -27.94
CA ASP H 206 -5.60 49.52 -28.83
C ASP H 206 -5.01 48.23 -29.40
N VAL H 207 -4.76 47.24 -28.53
CA VAL H 207 -4.21 45.97 -29.02
C VAL H 207 -5.26 45.21 -29.82
N LEU H 208 -6.51 45.22 -29.37
CA LEU H 208 -7.54 44.45 -30.05
C LEU H 208 -7.75 44.94 -31.47
N ASP H 209 -7.76 46.26 -31.68
CA ASP H 209 -8.00 46.81 -33.00
C ASP H 209 -6.80 46.67 -33.94
N ASN H 210 -5.60 46.44 -33.39
CA ASN H 210 -4.39 46.36 -34.21
C ASN H 210 -4.02 44.92 -34.57
N VAL H 211 -4.04 44.01 -33.60
CA VAL H 211 -3.65 42.63 -33.86
C VAL H 211 -4.68 41.98 -34.78
N ALA H 212 -4.19 41.34 -35.83
CA ALA H 212 -5.06 40.72 -36.82
C ALA H 212 -5.59 39.38 -36.32
N TYR H 213 -6.54 38.83 -37.06
CA TYR H 213 -7.04 37.48 -36.82
C TYR H 213 -7.86 37.00 -38.00
N ALA H 214 -7.60 35.77 -38.46
CA ALA H 214 -8.41 35.13 -39.48
C ALA H 214 -8.68 33.70 -39.06
N ARG H 215 -9.80 33.16 -39.54
CA ARG H 215 -10.13 31.77 -39.33
C ARG H 215 -10.29 31.10 -40.68
N GLY H 216 -9.52 30.04 -40.90
CA GLY H 216 -9.58 29.29 -42.14
C GLY H 216 -10.35 27.99 -41.94
N PHE H 217 -11.16 27.65 -42.93
CA PHE H 217 -11.94 26.42 -42.88
C PHE H 217 -11.31 25.28 -43.67
N ASN H 218 -10.43 25.58 -44.62
CA ASN H 218 -9.85 24.57 -45.48
C ASN H 218 -8.43 24.97 -45.84
N THR H 219 -7.64 23.97 -46.29
CA THR H 219 -6.25 24.22 -46.65
C THR H 219 -6.15 25.19 -47.83
N ASP H 220 -7.10 25.14 -48.75
CA ASP H 220 -7.11 26.08 -49.86
C ASP H 220 -7.47 27.49 -49.43
N HIS H 221 -7.90 27.69 -48.17
CA HIS H 221 -8.31 29.00 -47.72
C HIS H 221 -7.16 29.78 -47.06
N GLN H 222 -6.27 29.10 -46.35
CA GLN H 222 -5.19 29.81 -45.66
C GLN H 222 -4.21 30.42 -46.64
N THR H 223 -3.99 29.80 -47.79
CA THR H 223 -3.09 30.39 -48.79
C THR H 223 -3.66 31.70 -49.34
N GLN H 224 -4.96 31.71 -49.66
CA GLN H 224 -5.57 32.96 -50.09
C GLN H 224 -5.67 33.96 -48.94
N LEU H 225 -5.75 33.48 -47.70
CA LEU H 225 -5.67 34.39 -46.57
C LEU H 225 -4.30 35.05 -46.49
N LEU H 226 -3.24 34.30 -46.78
CA LEU H 226 -1.91 34.88 -46.84
C LEU H 226 -1.82 35.88 -48.00
N TYR H 227 -2.44 35.56 -49.12
CA TYR H 227 -2.52 36.52 -50.24
C TYR H 227 -3.18 37.81 -49.80
N GLN H 228 -4.31 37.71 -49.09
CA GLN H 228 -5.01 38.90 -48.61
C GLN H 228 -4.16 39.67 -47.61
N ALA H 229 -3.46 38.96 -46.72
CA ALA H 229 -2.58 39.61 -45.76
C ALA H 229 -1.42 40.31 -46.45
N GLU H 230 -1.02 39.83 -47.63
CA GLU H 230 0.01 40.53 -48.39
C GLU H 230 -0.44 41.94 -48.76
N ASP H 231 -1.75 42.17 -48.84
CA ASP H 231 -2.25 43.52 -49.10
C ASP H 231 -1.95 44.46 -47.94
N MET H 232 -2.07 43.97 -46.70
CA MET H 232 -1.77 44.80 -45.55
C MET H 232 -0.29 44.77 -45.15
N MET H 233 0.49 43.85 -45.71
CA MET H 233 1.94 43.95 -45.55
C MET H 233 2.51 45.16 -46.26
N VAL H 234 1.75 45.78 -47.17
CA VAL H 234 2.21 46.96 -47.89
C VAL H 234 1.61 48.25 -47.36
N GLU H 235 0.55 48.18 -46.57
CA GLU H 235 -0.06 49.39 -46.00
C GLU H 235 0.49 49.69 -44.60
N SER H 236 0.31 48.75 -43.67
CA SER H 236 0.74 48.92 -42.29
C SER H 236 2.00 48.09 -42.03
N ARG H 237 2.82 48.57 -41.10
CA ARG H 237 4.07 47.91 -40.74
C ARG H 237 3.78 46.83 -39.70
N TYR H 238 3.80 45.58 -40.12
CA TYR H 238 3.61 44.44 -39.23
C TYR H 238 4.96 43.86 -38.85
N ALA H 239 4.99 43.19 -37.70
CA ALA H 239 6.25 42.71 -37.13
C ALA H 239 6.48 41.22 -37.35
N LEU H 240 5.56 40.36 -36.95
CA LEU H 240 5.78 38.93 -37.08
C LEU H 240 4.45 38.23 -37.33
N LEU H 241 4.53 37.04 -37.89
CA LEU H 241 3.37 36.24 -38.26
C LEU H 241 3.22 35.08 -37.29
N ILE H 242 1.99 34.80 -36.88
CA ILE H 242 1.72 33.80 -35.86
C ILE H 242 0.79 32.72 -36.42
N VAL H 243 0.98 32.35 -37.68
CA VAL H 243 0.13 31.32 -38.29
C VAL H 243 0.06 30.12 -37.36
N ASP H 244 -1.14 29.76 -36.94
CA ASP H 244 -1.36 28.72 -35.94
C ASP H 244 -2.09 27.55 -36.55
N SER H 245 -1.66 26.34 -36.19
CA SER H 245 -2.32 25.09 -36.55
C SER H 245 -2.62 25.02 -38.05
N ALA H 246 -1.69 25.52 -38.86
CA ALA H 246 -1.83 25.40 -40.30
C ALA H 246 -1.82 23.93 -40.72
N THR H 247 -0.99 23.13 -40.06
CA THR H 247 -0.95 21.68 -40.32
C THR H 247 -2.19 20.96 -39.82
N ALA H 248 -2.99 21.60 -38.97
CA ALA H 248 -4.21 20.95 -38.48
C ALA H 248 -5.17 20.67 -39.62
N LEU H 249 -5.32 21.61 -40.56
CA LEU H 249 -6.19 21.36 -41.71
C LEU H 249 -5.55 20.42 -42.71
N TYR H 250 -4.22 20.40 -42.78
CA TYR H 250 -3.55 19.41 -43.64
C TYR H 250 -3.76 18.00 -43.11
N ARG H 251 -3.93 17.87 -41.80
CA ARG H 251 -4.17 16.55 -41.21
C ARG H 251 -5.50 15.95 -41.68
N THR H 252 -6.52 16.78 -41.88
CA THR H 252 -7.86 16.28 -42.20
C THR H 252 -8.28 16.49 -43.65
N ASP H 253 -7.67 17.44 -44.37
CA ASP H 253 -8.04 17.65 -45.77
C ASP H 253 -7.48 16.54 -46.66
N TYR H 254 -6.23 16.16 -46.43
CA TYR H 254 -5.60 15.05 -47.13
C TYR H 254 -5.49 13.88 -46.16
N SER H 255 -6.09 12.75 -46.53
CA SER H 255 -6.11 11.58 -45.66
C SER H 255 -5.58 10.37 -46.43
N GLY H 256 -4.75 9.58 -45.76
CA GLY H 256 -4.19 8.39 -46.36
C GLY H 256 -2.89 8.65 -47.09
N ARG H 257 -2.29 7.55 -47.56
CA ARG H 257 -1.03 7.64 -48.29
C ARG H 257 -1.21 8.10 -49.73
N GLY H 258 -2.44 8.05 -50.26
CA GLY H 258 -2.65 8.47 -51.63
C GLY H 258 -2.43 9.95 -51.84
N GLU H 259 -2.92 10.77 -50.92
CA GLU H 259 -2.79 12.22 -51.04
C GLU H 259 -1.56 12.78 -50.34
N LEU H 260 -0.81 11.93 -49.61
CA LEU H 260 0.26 12.43 -48.76
C LEU H 260 1.23 13.31 -49.52
N SER H 261 1.71 12.83 -50.67
CA SER H 261 2.66 13.63 -51.47
C SER H 261 2.07 15.00 -51.78
N ALA H 262 0.81 15.03 -52.26
CA ALA H 262 0.18 16.32 -52.52
C ALA H 262 0.09 17.15 -51.25
N ARG H 263 -0.29 16.51 -50.14
CA ARG H 263 -0.33 17.19 -48.85
C ARG H 263 1.01 17.84 -48.54
N GLN H 264 2.09 17.18 -48.92
CA GLN H 264 3.41 17.76 -48.69
C GLN H 264 3.68 18.90 -49.67
N MET H 265 3.33 18.71 -50.95
CA MET H 265 3.61 19.74 -51.94
C MET H 265 2.91 21.04 -51.58
N HIS H 266 1.60 20.97 -51.31
CA HIS H 266 0.88 22.13 -50.80
C HIS H 266 1.58 22.71 -49.59
N LEU H 267 1.99 21.85 -48.66
CA LEU H 267 2.68 22.33 -47.47
C LEU H 267 3.94 23.10 -47.83
N ALA H 268 4.70 22.61 -48.82
CA ALA H 268 5.86 23.34 -49.29
C ALA H 268 5.45 24.72 -49.78
N ARG H 269 4.41 24.77 -50.62
CA ARG H 269 3.94 26.06 -51.14
C ARG H 269 3.42 26.95 -50.02
N PHE H 270 3.17 26.38 -48.84
CA PHE H 270 2.92 27.20 -47.67
C PHE H 270 4.23 27.76 -47.12
N LEU H 271 5.15 26.88 -46.76
CA LEU H 271 6.32 27.32 -45.99
C LEU H 271 7.20 28.27 -46.80
N ARG H 272 7.47 27.94 -48.07
CA ARG H 272 8.22 28.86 -48.90
C ARG H 272 7.51 30.20 -49.01
N MET H 273 6.17 30.15 -49.11
CA MET H 273 5.38 31.38 -49.06
C MET H 273 5.71 32.18 -47.81
N LEU H 274 5.74 31.49 -46.66
CA LEU H 274 6.09 32.16 -45.41
C LEU H 274 7.49 32.74 -45.48
N LEU H 275 8.42 32.03 -46.13
CA LEU H 275 9.74 32.60 -46.37
C LEU H 275 9.63 33.96 -47.04
N ARG H 276 8.82 34.04 -48.09
CA ARG H 276 8.60 35.31 -48.78
C ARG H 276 8.02 36.35 -47.82
N LEU H 277 7.11 35.92 -46.95
CA LEU H 277 6.56 36.86 -45.97
C LEU H 277 7.65 37.36 -45.05
N ALA H 278 8.57 36.47 -44.65
CA ALA H 278 9.69 36.86 -43.81
C ALA H 278 10.64 37.83 -44.52
N ASP H 279 10.35 38.18 -45.76
CA ASP H 279 11.13 39.18 -46.48
C ASP H 279 10.30 40.39 -46.89
N GLU H 280 8.99 40.40 -46.63
CA GLU H 280 8.23 41.63 -46.75
C GLU H 280 8.56 42.58 -45.60
N PHE H 281 8.67 42.04 -44.39
CA PHE H 281 9.19 42.77 -43.23
C PHE H 281 10.22 41.89 -42.54
N GLY H 282 10.69 42.30 -41.37
CA GLY H 282 11.50 41.41 -40.57
C GLY H 282 10.59 40.57 -39.70
N VAL H 283 10.26 39.37 -40.16
CA VAL H 283 9.17 38.58 -39.59
C VAL H 283 9.73 37.23 -39.14
N ALA H 284 9.47 36.89 -37.87
CA ALA H 284 9.79 35.58 -37.33
C ALA H 284 8.50 34.76 -37.35
N VAL H 285 8.26 34.08 -38.47
CA VAL H 285 7.04 33.28 -38.62
C VAL H 285 7.02 32.22 -37.53
N VAL H 286 5.95 32.20 -36.75
CA VAL H 286 5.77 31.24 -35.66
C VAL H 286 4.58 30.35 -36.02
N ILE H 287 4.84 29.06 -36.17
CA ILE H 287 3.81 28.09 -36.49
C ILE H 287 3.64 27.17 -35.28
N THR H 288 2.44 26.61 -35.15
CA THR H 288 2.21 25.52 -34.23
C THR H 288 2.07 24.22 -35.01
N ASN H 289 2.46 23.13 -34.38
CA ASN H 289 2.48 21.83 -35.04
C ASN H 289 1.92 20.78 -34.11
N GLN H 290 0.90 20.07 -34.55
CA GLN H 290 0.37 18.95 -33.78
C GLN H 290 1.34 17.78 -33.84
N VAL H 291 1.13 16.80 -32.97
CA VAL H 291 2.04 15.68 -32.82
C VAL H 291 1.34 14.39 -33.18
N VAL H 292 2.14 13.36 -33.44
CA VAL H 292 1.65 11.99 -33.62
C VAL H 292 2.26 11.13 -32.53
N ALA H 293 1.91 9.84 -32.51
CA ALA H 293 2.32 8.96 -31.42
C ALA H 293 3.64 8.26 -31.67
N GLN H 294 4.18 8.31 -32.89
CA GLN H 294 5.38 7.56 -33.26
C GLN H 294 5.26 6.11 -32.83
N VAL H 295 4.27 5.43 -33.42
CA VAL H 295 3.94 4.07 -33.02
C VAL H 295 5.08 3.11 -33.33
N ASP H 296 5.93 3.44 -34.30
CA ASP H 296 7.04 2.58 -34.69
C ASP H 296 8.01 2.30 -33.55
N PRO H 305 7.80 8.98 -27.21
CA PRO H 305 7.43 8.86 -28.62
C PRO H 305 6.40 9.89 -29.06
N LYS H 306 6.87 11.06 -29.45
CA LYS H 306 5.98 12.14 -29.90
C LYS H 306 6.71 12.92 -30.99
N LYS H 307 6.28 12.74 -32.23
CA LYS H 307 6.94 13.36 -33.36
C LYS H 307 6.06 14.44 -33.97
N PRO H 308 6.63 15.60 -34.31
CA PRO H 308 5.86 16.62 -35.02
C PRO H 308 5.44 16.15 -36.40
N ILE H 309 4.28 16.63 -36.85
CA ILE H 309 3.76 16.26 -38.17
C ILE H 309 4.43 17.12 -39.23
N GLY H 310 4.25 16.77 -40.49
CA GLY H 310 4.86 17.47 -41.60
C GLY H 310 6.09 16.79 -42.17
N GLY H 311 6.72 15.91 -41.40
CA GLY H 311 7.81 15.12 -41.93
C GLY H 311 9.07 15.93 -42.23
N ASN H 312 9.81 15.44 -43.23
CA ASN H 312 11.09 16.06 -43.57
C ASN H 312 10.91 17.47 -44.13
N ILE H 313 9.75 17.77 -44.72
CA ILE H 313 9.52 19.10 -45.27
C ILE H 313 9.49 20.13 -44.14
N ILE H 314 8.71 19.86 -43.10
CA ILE H 314 8.71 20.74 -41.92
C ILE H 314 10.05 20.68 -41.20
N ALA H 315 10.72 19.53 -41.26
CA ALA H 315 12.00 19.39 -40.56
C ALA H 315 13.07 20.28 -41.19
N HIS H 316 13.12 20.34 -42.50
CA HIS H 316 14.14 21.10 -43.21
C HIS H 316 13.77 22.54 -43.48
N ALA H 317 12.48 22.87 -43.52
CA ALA H 317 12.04 24.23 -43.77
C ALA H 317 11.96 25.08 -42.52
N SER H 318 12.23 24.51 -41.35
CA SER H 318 12.18 25.24 -40.08
C SER H 318 13.59 25.43 -39.55
N THR H 319 13.93 26.68 -39.21
CA THR H 319 15.26 26.95 -38.70
C THR H 319 15.42 26.47 -37.26
N THR H 320 14.41 26.69 -36.42
CA THR H 320 14.43 26.26 -35.03
C THR H 320 13.09 25.65 -34.67
N ARG H 321 13.11 24.69 -33.76
CA ARG H 321 11.90 24.01 -33.31
C ARG H 321 11.82 24.06 -31.80
N LEU H 322 10.61 24.27 -31.28
CA LEU H 322 10.36 24.37 -29.85
C LEU H 322 9.49 23.19 -29.43
N TYR H 323 10.13 22.15 -28.89
CA TYR H 323 9.42 21.05 -28.27
C TYR H 323 8.86 21.52 -26.93
N LEU H 324 7.59 21.22 -26.69
CA LEU H 324 6.93 21.61 -25.45
C LEU H 324 6.46 20.36 -24.71
N ARG H 325 6.76 20.31 -23.40
CA ARG H 325 6.37 19.20 -22.55
C ARG H 325 5.54 19.74 -21.38
N LYS H 326 4.49 19.00 -21.02
CA LYS H 326 3.64 19.44 -19.93
C LYS H 326 4.32 19.24 -18.58
N GLY H 327 3.91 20.05 -17.61
CA GLY H 327 4.43 19.94 -16.26
C GLY H 327 3.31 20.12 -15.26
N ARG H 328 3.61 19.74 -14.01
CA ARG H 328 2.61 19.78 -12.95
C ARG H 328 2.14 21.20 -12.71
N GLY H 329 0.85 21.36 -12.46
CA GLY H 329 0.28 22.67 -12.23
C GLY H 329 0.14 23.49 -13.50
N GLU H 330 0.89 24.60 -13.58
CA GLU H 330 0.90 25.43 -14.77
C GLU H 330 2.26 25.52 -15.44
N THR H 331 3.31 24.97 -14.84
CA THR H 331 4.63 25.03 -15.42
C THR H 331 4.76 24.06 -16.60
N ARG H 332 5.54 24.48 -17.59
CA ARG H 332 5.83 23.66 -18.78
C ARG H 332 7.33 23.56 -18.95
N ILE H 333 7.75 22.83 -19.98
CA ILE H 333 9.16 22.59 -20.26
C ILE H 333 9.38 22.83 -21.75
N CYS H 334 10.12 23.89 -22.08
CA CYS H 334 10.49 24.15 -23.46
C CYS H 334 11.84 23.49 -23.77
N LYS H 335 12.05 23.18 -25.05
CA LYS H 335 13.29 22.56 -25.48
C LYS H 335 13.55 22.92 -26.93
N ILE H 336 14.81 23.12 -27.28
CA ILE H 336 15.21 23.42 -28.65
C ILE H 336 15.63 22.10 -29.30
N TYR H 337 15.02 21.81 -30.46
CA TYR H 337 15.28 20.56 -31.18
C TYR H 337 16.25 20.77 -32.33
N ASP H 338 15.92 21.64 -33.27
CA ASP H 338 16.83 22.02 -34.34
C ASP H 338 17.54 23.31 -33.93
N SER H 339 18.86 23.30 -33.99
CA SER H 339 19.68 24.36 -33.42
C SER H 339 20.46 25.09 -34.50
N PRO H 340 19.98 26.21 -35.00
CA PRO H 340 20.83 27.06 -35.84
C PRO H 340 21.92 27.71 -35.02
N CYS H 341 21.52 28.37 -33.92
CA CYS H 341 22.46 28.96 -32.97
C CYS H 341 22.28 28.43 -31.55
N LEU H 342 21.06 28.42 -31.04
CA LEU H 342 20.80 28.05 -29.65
C LEU H 342 21.00 26.55 -29.46
N PRO H 343 22.03 26.11 -28.71
CA PRO H 343 22.39 24.69 -28.74
C PRO H 343 21.34 23.75 -28.17
N GLU H 344 21.02 23.90 -26.89
CA GLU H 344 20.11 23.01 -26.16
C GLU H 344 19.22 23.83 -25.22
N ALA H 345 18.70 24.94 -25.72
CA ALA H 345 17.96 25.88 -24.88
C ALA H 345 16.71 25.21 -24.34
N GLU H 346 16.72 24.88 -23.05
CA GLU H 346 15.60 24.23 -22.38
C GLU H 346 15.36 24.94 -21.06
N ALA H 347 14.10 25.29 -20.79
CA ALA H 347 13.76 26.05 -19.59
C ALA H 347 12.30 25.77 -19.25
N MET H 348 11.72 26.61 -18.38
CA MET H 348 10.33 26.47 -17.97
C MET H 348 9.60 27.79 -18.16
N PHE H 349 8.28 27.71 -18.10
CA PHE H 349 7.40 28.87 -18.16
C PHE H 349 6.06 28.46 -17.56
N ALA H 350 5.14 29.43 -17.47
CA ALA H 350 3.86 29.16 -16.83
C ALA H 350 2.77 29.95 -17.51
N ILE H 351 1.53 29.49 -17.33
CA ILE H 351 0.33 30.17 -17.81
C ILE H 351 -0.53 30.51 -16.61
N ASN H 352 -0.97 31.76 -16.54
CA ASN H 352 -1.75 32.23 -15.40
C ASN H 352 -2.87 33.14 -15.91
N ALA H 353 -3.48 33.88 -14.98
CA ALA H 353 -4.64 34.71 -15.31
C ALA H 353 -4.29 35.84 -16.27
N ASP H 354 -3.01 36.14 -16.45
CA ASP H 354 -2.56 37.18 -17.39
C ASP H 354 -1.58 36.54 -18.36
N GLY H 355 -2.13 35.91 -19.40
CA GLY H 355 -1.39 35.26 -20.47
C GLY H 355 -0.29 34.37 -19.96
N VAL H 356 0.75 34.22 -20.77
CA VAL H 356 1.92 33.45 -20.39
C VAL H 356 2.84 34.32 -19.54
N GLY H 357 3.62 33.68 -18.68
CA GLY H 357 4.49 34.37 -17.77
C GLY H 357 5.20 33.42 -16.82
N ASP H 358 5.21 33.76 -15.53
CA ASP H 358 5.79 32.88 -14.52
C ASP H 358 5.29 33.24 -13.14
N PRO I 44 22.73 -37.46 -2.67
CA PRO I 44 23.39 -36.16 -2.53
C PRO I 44 24.57 -36.01 -3.49
N GLN I 45 24.31 -36.09 -4.78
CA GLN I 45 25.38 -35.94 -5.77
C GLN I 45 25.94 -34.53 -5.71
N PRO I 46 27.26 -34.38 -5.65
CA PRO I 46 27.85 -33.03 -5.56
C PRO I 46 27.61 -32.25 -6.84
N ILE I 47 27.82 -30.92 -6.73
CA ILE I 47 27.60 -30.03 -7.87
C ILE I 47 28.56 -30.33 -9.01
N SER I 48 29.65 -31.05 -8.74
CA SER I 48 30.58 -31.42 -9.80
C SER I 48 30.04 -32.48 -10.74
N ARG I 49 28.92 -33.13 -10.38
CA ARG I 49 28.36 -34.16 -11.25
C ARG I 49 27.89 -33.57 -12.57
N LEU I 50 27.21 -32.42 -12.53
CA LEU I 50 26.77 -31.76 -13.75
C LEU I 50 27.89 -30.97 -14.42
N GLU I 51 29.03 -30.81 -13.75
CA GLU I 51 30.16 -30.13 -14.38
C GLU I 51 30.66 -30.90 -15.60
N GLN I 52 30.72 -32.23 -15.49
CA GLN I 52 31.17 -33.04 -16.61
C GLN I 52 30.23 -32.99 -17.80
N CYS I 53 28.94 -32.69 -17.58
CA CYS I 53 27.93 -32.71 -18.63
C CYS I 53 27.48 -31.26 -18.90
N GLY I 54 28.19 -30.60 -19.80
CA GLY I 54 27.76 -29.31 -20.30
C GLY I 54 28.22 -28.11 -19.50
N ILE I 55 27.77 -28.00 -18.25
CA ILE I 55 28.01 -26.81 -17.45
C ILE I 55 29.50 -26.69 -17.16
N ASN I 56 30.06 -25.51 -17.42
CA ASN I 56 31.49 -25.29 -17.24
C ASN I 56 31.79 -24.99 -15.77
N ALA I 57 33.08 -24.80 -15.47
CA ALA I 57 33.51 -24.60 -14.09
C ALA I 57 33.04 -23.26 -13.54
N ASN I 58 33.00 -22.23 -14.38
CA ASN I 58 32.59 -20.91 -13.91
C ASN I 58 31.15 -20.91 -13.44
N ASP I 59 30.25 -21.54 -14.21
CA ASP I 59 28.85 -21.62 -13.81
C ASP I 59 28.69 -22.44 -12.54
N VAL I 60 29.45 -23.54 -12.41
CA VAL I 60 29.39 -24.35 -11.21
C VAL I 60 29.83 -23.55 -9.99
N LYS I 61 30.89 -22.75 -10.15
CA LYS I 61 31.34 -21.90 -9.05
C LYS I 61 30.30 -20.85 -8.70
N LYS I 62 29.63 -20.29 -9.71
CA LYS I 62 28.56 -19.33 -9.44
C LYS I 62 27.42 -19.98 -8.67
N LEU I 63 27.05 -21.20 -9.05
CA LEU I 63 26.03 -21.93 -8.30
C LEU I 63 26.48 -22.19 -6.86
N GLU I 64 27.74 -22.59 -6.68
CA GLU I 64 28.24 -22.92 -5.35
C GLU I 64 28.24 -21.69 -4.46
N GLU I 65 28.66 -20.54 -4.99
CA GLU I 65 28.61 -19.32 -4.18
C GLU I 65 27.18 -18.86 -3.97
N ALA I 66 26.28 -19.20 -4.89
CA ALA I 66 24.85 -18.93 -4.66
C ALA I 66 24.32 -19.77 -3.51
N GLY I 67 24.73 -21.02 -3.41
CA GLY I 67 24.28 -21.90 -2.35
C GLY I 67 23.79 -23.25 -2.82
N TYR I 68 24.08 -23.60 -4.07
CA TYR I 68 23.67 -24.88 -4.65
C TYR I 68 24.91 -25.78 -4.71
N HIS I 69 25.17 -26.48 -3.62
CA HIS I 69 26.33 -27.35 -3.51
C HIS I 69 26.06 -28.78 -3.95
N THR I 70 24.85 -29.07 -4.44
CA THR I 70 24.50 -30.41 -4.88
C THR I 70 23.60 -30.31 -6.10
N VAL I 71 23.57 -31.40 -6.88
CA VAL I 71 22.69 -31.47 -8.05
C VAL I 71 21.24 -31.34 -7.63
N GLU I 72 20.88 -31.92 -6.48
CA GLU I 72 19.51 -31.86 -6.00
C GLU I 72 19.08 -30.43 -5.73
N ALA I 73 19.96 -29.62 -5.13
CA ALA I 73 19.61 -28.23 -4.85
C ALA I 73 19.31 -27.46 -6.12
N VAL I 74 20.06 -27.74 -7.18
CA VAL I 74 19.80 -27.09 -8.47
C VAL I 74 18.47 -27.59 -9.05
N ALA I 75 18.24 -28.90 -9.01
CA ALA I 75 17.05 -29.47 -9.62
C ALA I 75 15.78 -29.03 -8.89
N TYR I 76 15.85 -28.89 -7.56
CA TYR I 76 14.67 -28.54 -6.79
C TYR I 76 14.26 -27.09 -7.00
N ALA I 77 15.21 -26.21 -7.28
CA ALA I 77 14.93 -24.80 -7.41
C ALA I 77 14.14 -24.52 -8.69
N PRO I 78 13.25 -23.52 -8.67
CA PRO I 78 12.49 -23.18 -9.88
C PRO I 78 13.38 -22.46 -10.88
N LYS I 79 12.85 -22.35 -12.11
CA LYS I 79 13.57 -21.65 -13.16
C LYS I 79 13.77 -20.18 -12.85
N LYS I 80 12.83 -19.58 -12.11
CA LYS I 80 12.94 -18.16 -11.78
C LYS I 80 14.04 -17.90 -10.76
N GLU I 81 14.51 -18.92 -10.05
CA GLU I 81 15.56 -18.74 -9.06
C GLU I 81 16.95 -18.90 -9.65
N LEU I 82 17.10 -19.68 -10.72
CA LEU I 82 18.37 -19.80 -11.41
C LEU I 82 18.63 -18.66 -12.37
N ILE I 83 17.85 -17.58 -12.28
CA ILE I 83 17.99 -16.42 -13.14
C ILE I 83 18.45 -15.20 -12.36
N ASN I 84 17.91 -15.01 -11.15
CA ASN I 84 18.31 -13.85 -10.34
C ASN I 84 19.78 -13.89 -9.98
N ILE I 85 20.37 -15.09 -9.87
CA ILE I 85 21.80 -15.22 -9.64
C ILE I 85 22.53 -14.87 -10.93
N LYS I 86 23.35 -13.82 -10.89
CA LYS I 86 23.99 -13.34 -12.09
C LYS I 86 25.04 -14.34 -12.59
N GLY I 87 25.32 -14.26 -13.89
CA GLY I 87 26.24 -15.16 -14.55
C GLY I 87 25.58 -16.32 -15.26
N ILE I 88 24.29 -16.54 -15.05
CA ILE I 88 23.54 -17.61 -15.69
C ILE I 88 22.46 -16.97 -16.56
N SER I 89 22.48 -17.30 -17.85
CA SER I 89 21.48 -16.78 -18.77
C SER I 89 20.19 -17.60 -18.65
N GLU I 90 19.16 -17.16 -19.38
CA GLU I 90 17.89 -17.89 -19.35
C GLU I 90 18.02 -19.22 -20.07
N ALA I 91 18.61 -19.21 -21.27
CA ALA I 91 18.84 -20.46 -21.99
C ALA I 91 19.78 -21.38 -21.22
N LYS I 92 20.82 -20.80 -20.62
CA LYS I 92 21.72 -21.59 -19.78
C LYS I 92 20.97 -22.15 -18.57
N ALA I 93 20.06 -21.38 -17.99
CA ALA I 93 19.28 -21.86 -16.85
C ALA I 93 18.40 -23.04 -17.26
N ASP I 94 17.73 -22.94 -18.41
CA ASP I 94 16.93 -24.07 -18.88
C ASP I 94 17.81 -25.28 -19.15
N LYS I 95 19.00 -25.06 -19.71
CA LYS I 95 19.91 -26.16 -19.97
C LYS I 95 20.32 -26.88 -18.69
N ILE I 96 20.75 -26.11 -17.68
CA ILE I 96 21.19 -26.75 -16.44
C ILE I 96 20.02 -27.43 -15.74
N LEU I 97 18.83 -26.84 -15.83
CA LEU I 97 17.66 -27.49 -15.27
C LEU I 97 17.40 -28.83 -15.95
N THR I 98 17.54 -28.88 -17.27
CA THR I 98 17.36 -30.14 -17.99
C THR I 98 18.39 -31.17 -17.54
N GLU I 99 19.66 -30.78 -17.48
CA GLU I 99 20.70 -31.72 -17.07
C GLU I 99 20.47 -32.22 -15.65
N ALA I 100 20.09 -31.32 -14.74
CA ALA I 100 19.82 -31.72 -13.37
C ALA I 100 18.64 -32.68 -13.30
N ALA I 101 17.58 -32.40 -14.07
CA ALA I 101 16.44 -33.31 -14.11
C ALA I 101 16.78 -34.64 -14.75
N LYS I 102 17.88 -34.71 -15.52
CA LYS I 102 18.27 -35.98 -16.11
C LYS I 102 18.66 -37.03 -15.07
N LEU I 103 19.12 -36.61 -13.88
CA LEU I 103 19.50 -37.55 -12.83
C LEU I 103 18.49 -37.62 -11.69
N VAL I 104 17.98 -36.49 -11.22
CA VAL I 104 17.04 -36.47 -10.10
C VAL I 104 15.67 -36.96 -10.58
N PRO I 105 15.10 -37.98 -9.96
CA PRO I 105 13.81 -38.51 -10.43
C PRO I 105 12.67 -37.58 -10.08
N MET I 106 11.82 -37.31 -11.07
CA MET I 106 10.67 -36.43 -10.90
C MET I 106 9.46 -37.04 -11.58
N GLY I 107 8.27 -36.68 -11.08
CA GLY I 107 7.03 -37.12 -11.69
C GLY I 107 6.59 -38.50 -11.26
N PHE I 108 5.54 -38.98 -11.91
CA PHE I 108 4.96 -40.30 -11.66
C PHE I 108 5.89 -41.35 -12.22
N THR I 109 6.70 -41.99 -11.36
CA THR I 109 7.58 -43.06 -11.80
C THR I 109 7.20 -44.40 -11.22
N THR I 110 7.22 -44.54 -9.89
CA THR I 110 6.87 -45.78 -9.19
C THR I 110 6.64 -45.42 -7.73
N ALA I 111 5.59 -45.99 -7.14
CA ALA I 111 5.29 -45.73 -5.74
C ALA I 111 5.29 -46.97 -4.85
N THR I 112 5.30 -48.18 -5.42
CA THR I 112 5.62 -49.34 -4.61
C THR I 112 7.04 -49.23 -4.07
N GLU I 113 7.95 -48.69 -4.90
CA GLU I 113 9.30 -48.41 -4.42
C GLU I 113 9.28 -47.38 -3.30
N PHE I 114 8.41 -46.38 -3.38
CA PHE I 114 8.34 -45.41 -2.29
C PHE I 114 7.74 -46.01 -1.03
N HIS I 115 6.78 -46.93 -1.17
CA HIS I 115 6.29 -47.64 0.00
C HIS I 115 7.40 -48.47 0.63
N GLN I 116 8.22 -49.11 -0.20
CA GLN I 116 9.39 -49.82 0.31
C GLN I 116 10.34 -48.86 1.03
N ARG I 117 10.54 -47.67 0.46
CA ARG I 117 11.41 -46.68 1.10
C ARG I 117 10.87 -46.24 2.45
N ARG I 118 9.55 -46.02 2.54
CA ARG I 118 8.93 -45.66 3.81
C ARG I 118 9.07 -46.79 4.82
N SER I 119 8.96 -48.04 4.36
CA SER I 119 9.24 -49.17 5.22
C SER I 119 10.72 -49.24 5.61
N GLU I 120 11.60 -48.62 4.83
CA GLU I 120 13.03 -48.58 5.12
C GLU I 120 13.46 -47.30 5.80
N ILE I 121 12.51 -46.50 6.30
CA ILE I 121 12.86 -45.26 6.97
C ILE I 121 13.67 -45.56 8.23
N ILE I 122 14.62 -44.67 8.53
CA ILE I 122 15.61 -44.95 9.57
C ILE I 122 14.96 -44.95 10.95
N GLN I 123 14.15 -43.93 11.25
CA GLN I 123 13.39 -43.84 12.50
C GLN I 123 14.31 -43.87 13.72
N ILE I 124 15.10 -42.80 13.84
CA ILE I 124 16.01 -42.65 14.98
C ILE I 124 15.23 -42.74 16.28
N THR I 125 15.76 -43.51 17.23
CA THR I 125 15.07 -43.77 18.49
C THR I 125 15.34 -42.66 19.51
N THR I 126 14.33 -42.36 20.31
CA THR I 126 14.44 -41.29 21.30
C THR I 126 15.34 -41.68 22.45
N GLY I 127 15.44 -42.96 22.76
CA GLY I 127 16.14 -43.44 23.93
C GLY I 127 15.23 -43.85 25.07
N SER I 128 13.94 -43.55 24.99
CA SER I 128 12.96 -43.91 26.01
C SER I 128 11.98 -44.92 25.43
N LYS I 129 11.57 -45.89 26.26
CA LYS I 129 10.72 -46.97 25.79
C LYS I 129 9.31 -46.50 25.45
N GLU I 130 8.85 -45.38 26.01
CA GLU I 130 7.53 -44.86 25.72
C GLU I 130 7.52 -43.81 24.63
N LEU I 131 8.61 -43.06 24.48
CA LEU I 131 8.66 -42.06 23.41
C LEU I 131 8.86 -42.72 22.05
N ASP I 132 9.71 -43.74 21.98
CA ASP I 132 9.93 -44.44 20.72
C ASP I 132 8.77 -45.38 20.37
N LYS I 133 7.85 -45.62 21.31
CA LYS I 133 6.67 -46.44 21.05
C LYS I 133 5.46 -45.61 20.69
N LEU I 134 5.29 -44.44 21.32
CA LEU I 134 4.21 -43.54 20.93
C LEU I 134 4.41 -43.01 19.52
N LEU I 135 5.65 -42.73 19.15
CA LEU I 135 5.97 -42.27 17.80
C LEU I 135 6.00 -43.42 16.79
N GLN I 136 5.68 -44.64 17.21
CA GLN I 136 5.69 -45.82 16.34
C GLN I 136 7.07 -46.05 15.73
N GLY I 137 8.10 -45.81 16.53
CA GLY I 137 9.47 -46.05 16.09
C GLY I 137 10.45 -44.96 16.50
N GLY I 138 9.99 -43.72 16.59
CA GLY I 138 10.84 -42.62 16.95
C GLY I 138 10.73 -41.50 15.93
N ILE I 139 11.77 -40.68 15.87
CA ILE I 139 11.79 -39.55 14.94
C ILE I 139 11.97 -40.08 13.52
N GLU I 140 11.03 -39.74 12.64
CA GLU I 140 11.14 -40.10 11.24
C GLU I 140 12.15 -39.21 10.54
N THR I 141 12.89 -39.79 9.60
CA THR I 141 13.87 -39.04 8.84
C THR I 141 13.27 -38.54 7.53
N GLY I 142 13.84 -37.46 7.01
CA GLY I 142 13.30 -36.83 5.82
C GLY I 142 12.14 -35.89 6.06
N SER I 143 11.85 -35.57 7.31
CA SER I 143 10.75 -34.68 7.66
C SER I 143 11.22 -33.77 8.79
N ILE I 144 10.30 -32.98 9.33
CA ILE I 144 10.58 -32.04 10.41
C ILE I 144 9.72 -32.41 11.60
N THR I 145 10.36 -32.54 12.77
CA THR I 145 9.70 -32.93 14.02
C THR I 145 9.82 -31.76 14.99
N GLU I 146 8.88 -30.83 14.92
CA GLU I 146 8.84 -29.74 15.88
C GLU I 146 8.35 -30.24 17.22
N MET I 147 8.98 -29.76 18.30
CA MET I 147 8.55 -30.07 19.65
C MET I 147 8.38 -28.77 20.42
N PHE I 148 7.20 -28.57 21.01
CA PHE I 148 6.90 -27.36 21.72
C PHE I 148 6.37 -27.68 23.12
N GLY I 149 6.72 -26.82 24.07
CA GLY I 149 6.31 -26.98 25.44
C GLY I 149 6.44 -25.66 26.17
N GLU I 150 6.00 -25.65 27.43
CA GLU I 150 5.99 -24.41 28.20
C GLU I 150 7.39 -23.96 28.56
N PHE I 151 8.10 -24.76 29.34
CA PHE I 151 9.51 -24.59 29.69
C PHE I 151 9.86 -25.78 30.59
N ARG I 152 11.16 -26.09 30.66
CA ARG I 152 11.62 -27.21 31.49
C ARG I 152 10.86 -28.49 31.13
N THR I 153 10.61 -28.67 29.83
CA THR I 153 9.83 -29.79 29.35
C THR I 153 10.68 -30.86 28.67
N GLY I 154 11.99 -30.66 28.59
CA GLY I 154 12.87 -31.66 28.02
C GLY I 154 13.12 -31.54 26.54
N LYS I 155 12.85 -30.38 25.93
CA LYS I 155 13.14 -30.23 24.51
C LYS I 155 14.64 -30.29 24.26
N THR I 156 15.41 -29.46 24.97
CA THR I 156 16.87 -29.49 24.83
C THR I 156 17.44 -30.82 25.29
N GLN I 157 16.85 -31.41 26.33
CA GLN I 157 17.30 -32.72 26.78
C GLN I 157 17.09 -33.78 25.70
N ILE I 158 15.94 -33.73 25.02
CA ILE I 158 15.68 -34.66 23.93
C ILE I 158 16.66 -34.43 22.78
N CYS I 159 16.92 -33.17 22.45
CA CYS I 159 17.87 -32.86 21.39
C CYS I 159 19.27 -33.38 21.72
N HIS I 160 19.70 -33.19 22.98
CA HIS I 160 21.01 -33.66 23.39
C HIS I 160 21.10 -35.18 23.33
N THR I 161 20.04 -35.86 23.76
CA THR I 161 20.04 -37.32 23.68
C THR I 161 20.11 -37.78 22.23
N LEU I 162 19.35 -37.13 21.34
CA LEU I 162 19.36 -37.52 19.93
C LEU I 162 20.70 -37.25 19.27
N ALA I 163 21.41 -36.19 19.70
CA ALA I 163 22.72 -35.91 19.14
C ALA I 163 23.70 -37.04 19.39
N VAL I 164 23.47 -37.87 20.39
CA VAL I 164 24.30 -39.04 20.66
C VAL I 164 23.71 -40.30 20.06
N THR I 165 22.37 -40.42 20.08
CA THR I 165 21.72 -41.62 19.57
C THR I 165 21.74 -41.70 18.05
N CYS I 166 21.89 -40.57 17.35
CA CYS I 166 22.02 -40.63 15.90
C CYS I 166 23.32 -41.27 15.46
N GLN I 167 24.29 -41.41 16.36
CA GLN I 167 25.53 -42.12 16.08
C GLN I 167 25.43 -43.60 16.39
N LEU I 168 24.34 -44.05 16.99
CA LEU I 168 24.17 -45.47 17.26
C LEU I 168 23.89 -46.22 15.97
N PRO I 169 24.36 -47.46 15.85
CA PRO I 169 24.06 -48.25 14.65
C PRO I 169 22.57 -48.52 14.52
N ILE I 170 22.20 -49.07 13.36
CA ILE I 170 20.79 -49.41 13.11
C ILE I 170 20.30 -50.48 14.07
N ASP I 171 21.23 -51.27 14.63
CA ASP I 171 20.84 -52.27 15.63
C ASP I 171 20.25 -51.60 16.87
N ARG I 172 20.82 -50.47 17.29
CA ARG I 172 20.36 -49.75 18.46
C ARG I 172 19.41 -48.61 18.13
N GLY I 173 19.30 -48.22 16.86
CA GLY I 173 18.43 -47.13 16.46
C GLY I 173 19.16 -45.83 16.22
N GLY I 174 19.43 -45.52 14.96
CA GLY I 174 20.20 -44.34 14.63
C GLY I 174 20.59 -44.34 13.17
N GLY I 175 21.62 -43.56 12.86
CA GLY I 175 22.06 -43.42 11.48
C GLY I 175 23.55 -43.57 11.26
N GLU I 176 24.29 -43.83 12.35
CA GLU I 176 25.74 -44.02 12.30
C GLU I 176 26.47 -42.83 11.67
N GLY I 177 25.93 -41.63 11.88
CA GLY I 177 26.53 -40.44 11.29
C GLY I 177 26.86 -39.37 12.31
N LYS I 178 27.17 -38.17 11.83
CA LYS I 178 27.48 -37.05 12.70
C LYS I 178 26.19 -36.44 13.23
N ALA I 179 26.28 -35.26 13.82
CA ALA I 179 25.09 -34.59 14.33
C ALA I 179 25.29 -33.08 14.20
N MET I 180 24.46 -32.45 13.38
CA MET I 180 24.42 -30.99 13.30
C MET I 180 23.63 -30.44 14.47
N TYR I 181 24.21 -29.47 15.17
CA TYR I 181 23.55 -28.82 16.30
C TYR I 181 23.56 -27.32 16.07
N ILE I 182 22.48 -26.81 15.48
CA ILE I 182 22.25 -25.37 15.40
C ILE I 182 21.55 -24.96 16.68
N ASP I 183 22.27 -24.26 17.55
CA ASP I 183 21.78 -23.90 18.88
C ASP I 183 21.73 -22.38 18.98
N THR I 184 20.52 -21.83 19.09
CA THR I 184 20.32 -20.39 19.06
C THR I 184 20.06 -19.78 20.42
N GLU I 185 20.31 -20.51 21.52
CA GLU I 185 20.15 -19.96 22.85
C GLU I 185 21.42 -20.03 23.69
N GLY I 186 22.51 -20.55 23.15
CA GLY I 186 23.68 -20.81 23.98
C GLY I 186 23.41 -21.85 25.04
N THR I 187 22.73 -22.93 24.68
CA THR I 187 22.26 -23.95 25.62
C THR I 187 22.75 -25.32 25.16
N PHE I 188 24.04 -25.41 24.83
CA PHE I 188 24.67 -26.65 24.43
C PHE I 188 25.68 -27.05 25.49
N ARG I 189 25.41 -28.18 26.15
CA ARG I 189 26.27 -28.68 27.23
C ARG I 189 26.79 -30.07 26.86
N PRO I 190 28.03 -30.18 26.40
CA PRO I 190 28.56 -31.49 25.99
C PRO I 190 28.65 -32.51 27.10
N GLU I 191 28.60 -32.09 28.37
CA GLU I 191 28.62 -33.04 29.47
C GLU I 191 27.41 -33.98 29.41
N ARG I 192 26.25 -33.46 28.99
CA ARG I 192 25.09 -34.31 28.80
C ARG I 192 25.35 -35.36 27.72
N LEU I 193 26.01 -34.96 26.62
CA LEU I 193 26.33 -35.90 25.56
C LEU I 193 27.30 -36.97 26.06
N LEU I 194 28.29 -36.57 26.87
CA LEU I 194 29.21 -37.55 27.43
C LEU I 194 28.49 -38.53 28.34
N ALA I 195 27.54 -38.03 29.15
CA ALA I 195 26.76 -38.92 30.01
C ALA I 195 25.93 -39.89 29.19
N VAL I 196 25.30 -39.42 28.11
CA VAL I 196 24.52 -40.31 27.26
C VAL I 196 25.43 -41.35 26.62
N ALA I 197 26.61 -40.93 26.16
CA ALA I 197 27.55 -41.87 25.55
C ALA I 197 28.00 -42.93 26.53
N GLU I 198 28.33 -42.54 27.76
CA GLU I 198 28.75 -43.53 28.75
C GLU I 198 27.59 -44.42 29.16
N ARG I 199 26.36 -43.93 29.07
CA ARG I 199 25.20 -44.80 29.27
C ARG I 199 25.09 -45.83 28.16
N TYR I 200 25.34 -45.43 26.93
CA TYR I 200 25.23 -46.32 25.79
C TYR I 200 26.51 -47.12 25.54
N GLY I 201 27.52 -46.95 26.38
CA GLY I 201 28.77 -47.67 26.22
C GLY I 201 29.56 -47.31 24.97
N LEU I 202 29.52 -46.05 24.58
CA LEU I 202 30.28 -45.54 23.44
C LEU I 202 31.41 -44.65 23.92
N SER I 203 32.45 -44.54 23.10
CA SER I 203 33.61 -43.74 23.47
C SER I 203 33.22 -42.28 23.67
N GLY I 204 33.71 -41.67 24.74
CA GLY I 204 33.39 -40.29 25.01
C GLY I 204 33.95 -39.35 23.96
N SER I 205 35.14 -39.66 23.44
CA SER I 205 35.75 -38.81 22.44
C SER I 205 35.03 -38.92 21.09
N ASP I 206 34.53 -40.12 20.77
CA ASP I 206 33.92 -40.32 19.46
C ASP I 206 32.66 -39.49 19.28
N VAL I 207 31.80 -39.45 20.30
CA VAL I 207 30.52 -38.76 20.17
C VAL I 207 30.74 -37.25 20.06
N LEU I 208 31.72 -36.71 20.79
CA LEU I 208 31.99 -35.29 20.69
C LEU I 208 32.85 -34.93 19.48
N ASP I 209 33.48 -35.92 18.85
CA ASP I 209 34.13 -35.65 17.57
C ASP I 209 33.12 -35.65 16.43
N ASN I 210 32.13 -36.54 16.50
CA ASN I 210 31.11 -36.59 15.45
C ASN I 210 30.24 -35.35 15.47
N VAL I 211 29.84 -34.88 16.66
CA VAL I 211 28.90 -33.79 16.78
C VAL I 211 29.54 -32.49 16.31
N ALA I 212 28.95 -31.87 15.29
CA ALA I 212 29.34 -30.54 14.84
C ALA I 212 28.33 -29.53 15.35
N TYR I 213 28.82 -28.42 15.91
CA TYR I 213 28.00 -27.45 16.61
C TYR I 213 28.17 -26.07 15.99
N ALA I 214 27.05 -25.37 15.81
CA ALA I 214 27.06 -23.98 15.38
C ALA I 214 25.95 -23.25 16.10
N ARG I 215 26.13 -21.94 16.28
CA ARG I 215 25.17 -21.11 16.98
C ARG I 215 24.68 -20.01 16.06
N GLY I 216 23.37 -19.94 15.85
CA GLY I 216 22.79 -18.85 15.10
C GLY I 216 22.57 -17.64 16.00
N PHE I 217 22.85 -16.46 15.45
CA PHE I 217 22.68 -15.21 16.19
C PHE I 217 21.52 -14.38 15.70
N ASN I 218 20.92 -14.73 14.57
CA ASN I 218 19.73 -14.06 14.05
C ASN I 218 19.09 -14.98 13.02
N THR I 219 17.97 -14.54 12.47
CA THR I 219 17.25 -15.35 11.50
C THR I 219 18.02 -15.46 10.19
N ASP I 220 18.57 -14.34 9.71
CA ASP I 220 19.39 -14.39 8.49
C ASP I 220 20.62 -15.26 8.70
N HIS I 221 21.28 -15.10 9.84
CA HIS I 221 22.42 -15.96 10.16
C HIS I 221 22.00 -17.42 10.32
N GLN I 222 20.78 -17.66 10.78
CA GLN I 222 20.25 -19.02 10.80
C GLN I 222 20.17 -19.59 9.39
N THR I 223 19.69 -18.79 8.44
CA THR I 223 19.62 -19.24 7.05
C THR I 223 21.01 -19.49 6.47
N GLN I 224 21.97 -18.60 6.76
CA GLN I 224 23.33 -18.82 6.28
C GLN I 224 23.95 -20.06 6.90
N LEU I 225 23.66 -20.31 8.18
CA LEU I 225 24.14 -21.53 8.83
C LEU I 225 23.53 -22.76 8.15
N LEU I 226 22.25 -22.67 7.76
CA LEU I 226 21.62 -23.76 7.04
C LEU I 226 22.31 -23.99 5.70
N TYR I 227 22.67 -22.91 5.00
CA TYR I 227 23.38 -23.02 3.74
C TYR I 227 24.74 -23.69 3.92
N GLN I 228 25.47 -23.29 4.97
CA GLN I 228 26.78 -23.89 5.24
C GLN I 228 26.63 -25.36 5.61
N ALA I 229 25.58 -25.70 6.36
CA ALA I 229 25.32 -27.10 6.68
C ALA I 229 25.05 -27.91 5.43
N GLU I 230 24.27 -27.35 4.50
CA GLU I 230 24.02 -28.02 3.23
C GLU I 230 25.32 -28.18 2.44
N ASP I 231 26.18 -27.17 2.49
CA ASP I 231 27.47 -27.24 1.80
C ASP I 231 28.35 -28.35 2.36
N MET I 232 28.39 -28.49 3.69
CA MET I 232 29.30 -29.44 4.31
C MET I 232 28.69 -30.80 4.58
N MET I 233 27.40 -30.99 4.29
CA MET I 233 26.78 -32.30 4.50
C MET I 233 27.05 -33.28 3.36
N VAL I 234 27.65 -32.84 2.26
CA VAL I 234 27.96 -33.76 1.17
C VAL I 234 29.31 -34.44 1.37
N GLU I 235 30.24 -33.78 2.05
CA GLU I 235 31.57 -34.34 2.27
C GLU I 235 31.54 -35.58 3.17
N SER I 236 30.48 -35.76 3.95
CA SER I 236 30.37 -36.91 4.84
C SER I 236 28.89 -37.26 4.98
N ARG I 237 28.58 -38.07 5.98
CA ARG I 237 27.22 -38.51 6.26
C ARG I 237 26.77 -37.94 7.59
N TYR I 238 25.66 -37.20 7.60
CA TYR I 238 25.08 -36.64 8.80
C TYR I 238 23.70 -37.27 9.00
N ALA I 239 23.49 -37.86 10.17
CA ALA I 239 22.25 -38.56 10.46
C ALA I 239 21.22 -37.68 11.17
N LEU I 240 21.56 -36.45 11.51
CA LEU I 240 20.63 -35.60 12.24
C LEU I 240 20.96 -34.14 11.99
N LEU I 241 19.96 -33.29 12.22
CA LEU I 241 20.11 -31.84 12.13
C LEU I 241 19.14 -31.24 13.13
N ILE I 242 19.68 -30.66 14.20
CA ILE I 242 18.88 -30.11 15.28
C ILE I 242 18.86 -28.59 15.15
N VAL I 243 17.66 -28.03 15.14
CA VAL I 243 17.48 -26.58 15.17
C VAL I 243 16.79 -26.27 16.49
N ASP I 244 17.58 -25.96 17.51
CA ASP I 244 17.02 -25.65 18.83
C ASP I 244 16.37 -24.28 18.79
N SER I 245 15.09 -24.23 19.18
CA SER I 245 14.24 -23.05 19.06
C SER I 245 14.37 -22.44 17.65
N ALA I 246 13.91 -23.23 16.68
CA ALA I 246 13.96 -22.81 15.28
C ALA I 246 13.26 -21.47 15.08
N THR I 247 12.20 -21.23 15.83
CA THR I 247 11.53 -19.93 15.85
C THR I 247 11.54 -19.39 17.28
N ALA I 248 12.64 -18.76 17.64
CA ALA I 248 12.76 -17.98 18.86
C ALA I 248 13.29 -16.59 18.60
N LEU I 249 14.23 -16.45 17.66
CA LEU I 249 14.71 -15.13 17.26
C LEU I 249 13.70 -14.41 16.38
N TYR I 250 12.75 -15.14 15.78
CA TYR I 250 11.66 -14.49 15.06
C TYR I 250 10.79 -13.69 16.01
N ARG I 251 10.58 -14.21 17.22
CA ARG I 251 9.76 -13.53 18.20
C ARG I 251 10.33 -12.16 18.57
N THR I 252 11.64 -11.98 18.41
CA THR I 252 12.32 -10.75 18.82
C THR I 252 12.68 -9.86 17.63
N ASP I 253 13.26 -10.43 16.58
CA ASP I 253 13.71 -9.62 15.44
C ASP I 253 12.55 -8.88 14.81
N TYR I 254 11.41 -9.53 14.67
CA TYR I 254 10.21 -8.94 14.10
C TYR I 254 9.27 -8.53 15.23
N SER I 255 9.15 -7.24 15.47
CA SER I 255 8.33 -6.70 16.55
C SER I 255 7.14 -5.95 15.98
N GLY I 256 5.97 -6.21 16.55
CA GLY I 256 4.76 -5.53 16.14
C GLY I 256 4.00 -6.27 15.05
N ARG I 257 2.80 -5.76 14.76
CA ARG I 257 1.96 -6.35 13.73
C ARG I 257 2.44 -6.00 12.33
N GLY I 258 3.07 -4.85 12.16
CA GLY I 258 3.53 -4.42 10.85
C GLY I 258 4.59 -5.32 10.25
N GLU I 259 5.32 -6.06 11.08
CA GLU I 259 6.34 -7.00 10.62
C GLU I 259 5.85 -8.45 10.65
N LEU I 260 4.55 -8.67 10.86
CA LEU I 260 4.03 -10.03 10.91
C LEU I 260 4.13 -10.72 9.56
N SER I 261 3.76 -10.02 8.48
CA SER I 261 3.82 -10.63 7.15
C SER I 261 5.25 -10.96 6.75
N ALA I 262 6.18 -10.04 6.98
CA ALA I 262 7.57 -10.28 6.66
C ALA I 262 8.15 -11.41 7.51
N ARG I 263 7.79 -11.45 8.79
CA ARG I 263 8.26 -12.53 9.66
C ARG I 263 7.76 -13.88 9.19
N GLN I 264 6.48 -13.95 8.82
CA GLN I 264 5.92 -15.21 8.34
C GLN I 264 6.54 -15.62 7.02
N MET I 265 6.81 -14.66 6.14
CA MET I 265 7.48 -14.98 4.88
C MET I 265 8.89 -15.52 5.11
N HIS I 266 9.64 -14.89 6.03
CA HIS I 266 10.99 -15.37 6.33
C HIS I 266 10.94 -16.75 6.97
N LEU I 267 9.98 -16.99 7.86
CA LEU I 267 9.84 -18.31 8.47
C LEU I 267 9.46 -19.35 7.43
N ALA I 268 8.61 -18.98 6.48
CA ALA I 268 8.26 -19.89 5.39
C ALA I 268 9.47 -20.24 4.55
N ARG I 269 10.30 -19.25 4.23
CA ARG I 269 11.52 -19.53 3.48
C ARG I 269 12.45 -20.43 4.27
N PHE I 270 12.60 -20.18 5.57
CA PHE I 270 13.47 -21.01 6.40
C PHE I 270 12.97 -22.45 6.46
N LEU I 271 11.65 -22.63 6.62
CA LEU I 271 11.10 -23.98 6.67
C LEU I 271 11.19 -24.68 5.34
N ARG I 272 11.03 -23.95 4.23
CA ARG I 272 11.23 -24.54 2.91
C ARG I 272 12.67 -24.99 2.72
N MET I 273 13.63 -24.18 3.16
CA MET I 273 15.03 -24.57 3.10
C MET I 273 15.29 -25.81 3.94
N LEU I 274 14.69 -25.87 5.13
CA LEU I 274 14.83 -27.04 5.98
C LEU I 274 14.23 -28.28 5.32
N LEU I 275 13.08 -28.13 4.67
CA LEU I 275 12.49 -29.25 3.95
C LEU I 275 13.37 -29.71 2.80
N ARG I 276 13.96 -28.76 2.06
CA ARG I 276 14.87 -29.12 0.98
C ARG I 276 16.06 -29.90 1.52
N LEU I 277 16.61 -29.47 2.66
CA LEU I 277 17.67 -30.24 3.30
C LEU I 277 17.19 -31.63 3.68
N ALA I 278 15.95 -31.73 4.19
CA ALA I 278 15.42 -33.02 4.62
C ALA I 278 15.31 -33.99 3.45
N ASP I 279 14.83 -33.52 2.30
CA ASP I 279 14.68 -34.45 1.18
C ASP I 279 16.01 -34.72 0.49
N GLU I 280 16.78 -33.68 0.17
CA GLU I 280 17.98 -33.87 -0.63
C GLU I 280 19.08 -34.61 0.12
N PHE I 281 18.99 -34.71 1.45
CA PHE I 281 20.01 -35.38 2.24
C PHE I 281 19.50 -36.61 2.98
N GLY I 282 18.19 -36.71 3.23
CA GLY I 282 17.67 -37.79 4.03
C GLY I 282 17.91 -37.65 5.51
N VAL I 283 18.39 -36.49 5.96
CA VAL I 283 18.65 -36.25 7.37
C VAL I 283 17.33 -36.14 8.11
N ALA I 284 17.38 -36.21 9.44
CA ALA I 284 16.21 -36.02 10.28
C ALA I 284 16.34 -34.66 10.95
N VAL I 285 15.38 -33.77 10.68
CA VAL I 285 15.38 -32.43 11.23
C VAL I 285 14.44 -32.40 12.43
N VAL I 286 14.98 -32.13 13.61
CA VAL I 286 14.20 -32.07 14.83
C VAL I 286 14.30 -30.64 15.33
N ILE I 287 13.35 -29.80 14.92
CA ILE I 287 13.35 -28.41 15.34
C ILE I 287 12.55 -28.28 16.64
N THR I 288 12.78 -27.18 17.34
CA THR I 288 12.19 -26.93 18.64
C THR I 288 11.38 -25.64 18.58
N ASN I 289 10.22 -25.63 19.21
CA ASN I 289 9.33 -24.48 19.22
C ASN I 289 8.97 -24.12 20.66
N GLN I 290 8.68 -22.85 20.87
CA GLN I 290 8.25 -22.36 22.18
C GLN I 290 6.72 -22.41 22.25
N VAL I 291 6.16 -21.82 23.31
CA VAL I 291 4.71 -21.86 23.52
C VAL I 291 4.22 -20.47 23.91
N VAL I 292 2.94 -20.23 23.68
CA VAL I 292 2.29 -18.95 23.96
C VAL I 292 0.95 -19.26 24.63
N ALA I 293 0.42 -18.28 25.34
CA ALA I 293 -0.82 -18.44 26.09
C ALA I 293 -1.96 -17.74 25.37
N GLN I 294 -3.07 -18.45 25.19
CA GLN I 294 -4.26 -17.91 24.55
C GLN I 294 -4.95 -16.99 25.54
N VAL I 295 -4.69 -15.69 25.42
CA VAL I 295 -5.26 -14.70 26.32
C VAL I 295 -6.71 -14.42 25.93
N PRO I 305 -4.61 -23.80 27.58
CA PRO I 305 -4.33 -22.39 27.30
C PRO I 305 -2.93 -22.19 26.72
N LYS I 306 -2.47 -23.13 25.91
CA LYS I 306 -1.15 -23.07 25.29
C LYS I 306 -1.28 -23.35 23.81
N LYS I 307 -0.38 -22.74 23.03
CA LYS I 307 -0.37 -22.91 21.59
C LYS I 307 1.01 -22.57 21.07
N PRO I 308 1.54 -23.30 20.10
CA PRO I 308 2.90 -22.99 19.62
C PRO I 308 3.00 -21.58 19.06
N ILE I 309 4.16 -20.94 19.30
CA ILE I 309 4.33 -19.52 18.95
C ILE I 309 4.49 -19.29 17.47
N GLY I 310 4.47 -20.33 16.64
CA GLY I 310 4.48 -20.14 15.20
C GLY I 310 3.05 -20.17 14.66
N GLY I 311 2.81 -19.33 13.65
CA GLY I 311 1.48 -19.24 13.08
C GLY I 311 1.11 -20.47 12.26
N ASN I 312 0.22 -20.28 11.28
CA ASN I 312 -0.15 -21.40 10.42
C ASN I 312 1.00 -21.85 9.54
N ILE I 313 1.98 -20.99 9.31
CA ILE I 313 3.12 -21.36 8.45
C ILE I 313 3.87 -22.54 9.05
N ILE I 314 4.24 -22.43 10.33
CA ILE I 314 4.97 -23.52 10.96
C ILE I 314 4.06 -24.69 11.31
N ALA I 315 2.76 -24.44 11.50
CA ALA I 315 1.84 -25.54 11.72
C ALA I 315 1.76 -26.44 10.50
N HIS I 316 1.64 -25.85 9.31
CA HIS I 316 1.59 -26.65 8.10
C HIS I 316 2.95 -27.22 7.74
N ALA I 317 4.01 -26.41 7.85
CA ALA I 317 5.33 -26.86 7.41
C ALA I 317 5.86 -28.02 8.24
N SER I 318 5.71 -27.95 9.55
CA SER I 318 6.21 -29.01 10.43
C SER I 318 5.45 -30.31 10.16
N THR I 319 6.17 -31.35 9.73
CA THR I 319 5.53 -32.62 9.42
C THR I 319 4.92 -33.23 10.67
N THR I 320 5.67 -33.24 11.77
CA THR I 320 5.21 -33.75 13.05
C THR I 320 5.41 -32.68 14.10
N ARG I 321 4.52 -32.66 15.10
CA ARG I 321 4.67 -31.78 16.24
C ARG I 321 4.45 -32.59 17.50
N LEU I 322 5.15 -32.21 18.56
CA LEU I 322 5.06 -32.87 19.85
C LEU I 322 4.70 -31.82 20.90
N TYR I 323 3.72 -32.11 21.73
CA TYR I 323 3.35 -31.25 22.85
C TYR I 323 3.96 -31.84 24.12
N LEU I 324 4.89 -31.11 24.73
CA LEU I 324 5.59 -31.57 25.91
C LEU I 324 5.03 -30.87 27.14
N ARG I 325 4.74 -31.64 28.18
CA ARG I 325 4.08 -31.15 29.38
C ARG I 325 4.83 -31.63 30.60
N LYS I 326 4.78 -30.85 31.67
CA LYS I 326 5.40 -31.21 32.93
C LYS I 326 4.50 -32.14 33.73
N GLY I 327 5.04 -33.26 34.16
CA GLY I 327 4.28 -34.21 34.95
C GLY I 327 4.56 -34.09 36.43
N ARG I 328 5.02 -35.16 37.06
CA ARG I 328 5.34 -35.18 38.48
C ARG I 328 6.82 -35.45 38.65
N GLY I 329 7.51 -34.59 39.40
CA GLY I 329 8.93 -34.78 39.61
C GLY I 329 9.70 -34.64 38.32
N GLU I 330 10.58 -35.61 38.06
CA GLU I 330 11.41 -35.58 36.86
C GLU I 330 10.71 -36.12 35.63
N THR I 331 9.52 -36.70 35.78
CA THR I 331 8.81 -37.28 34.66
C THR I 331 7.96 -36.22 33.95
N ARG I 332 7.83 -36.38 32.63
CA ARG I 332 7.08 -35.46 31.79
C ARG I 332 6.12 -36.26 30.92
N ILE I 333 5.43 -35.56 30.02
CA ILE I 333 4.42 -36.17 29.16
C ILE I 333 4.61 -35.63 27.75
N CYS I 334 4.45 -36.49 26.75
CA CYS I 334 4.55 -36.11 25.36
C CYS I 334 3.30 -36.54 24.61
N LYS I 335 2.72 -35.62 23.84
CA LYS I 335 1.51 -35.89 23.08
C LYS I 335 1.75 -35.60 21.60
N ILE I 336 1.21 -36.46 20.73
CA ILE I 336 1.38 -36.26 19.29
C ILE I 336 0.56 -35.06 18.83
N TYR I 337 0.96 -34.48 17.71
CA TYR I 337 0.35 -33.27 17.18
C TYR I 337 0.59 -33.23 15.68
N ASP I 338 -0.48 -33.06 14.91
CA ASP I 338 -0.39 -32.79 13.47
C ASP I 338 0.55 -33.77 12.76
N SER I 339 0.44 -35.05 13.10
CA SER I 339 1.23 -36.07 12.45
C SER I 339 0.34 -36.89 11.52
N PRO I 340 0.50 -36.78 10.20
CA PRO I 340 -0.43 -37.47 9.29
C PRO I 340 -0.40 -38.98 9.40
N CYS I 341 0.62 -39.58 10.03
CA CYS I 341 0.75 -41.03 10.10
C CYS I 341 0.77 -41.55 11.53
N LEU I 342 0.40 -40.74 12.52
CA LEU I 342 0.45 -41.16 13.92
C LEU I 342 -0.86 -40.83 14.62
N PRO I 343 -1.26 -41.64 15.59
CA PRO I 343 -2.46 -41.33 16.37
C PRO I 343 -2.16 -40.26 17.42
N GLU I 344 -3.23 -39.79 18.05
CA GLU I 344 -3.12 -38.80 19.13
C GLU I 344 -3.25 -39.51 20.47
N ALA I 345 -2.26 -39.33 21.33
CA ALA I 345 -2.19 -39.99 22.63
C ALA I 345 -1.11 -39.30 23.44
N GLU I 346 -0.78 -39.87 24.59
CA GLU I 346 0.27 -39.36 25.46
C GLU I 346 1.32 -40.44 25.68
N ALA I 347 2.43 -40.04 26.32
CA ALA I 347 3.54 -40.93 26.60
C ALA I 347 4.00 -40.68 28.03
N MET I 348 5.14 -41.27 28.38
CA MET I 348 5.63 -41.18 29.76
C MET I 348 7.15 -41.36 29.71
N PHE I 349 7.87 -40.25 29.85
CA PHE I 349 9.33 -40.28 29.84
C PHE I 349 9.87 -39.44 30.98
N ALA I 350 11.09 -39.74 31.39
CA ALA I 350 11.73 -39.05 32.50
C ALA I 350 13.09 -38.52 32.07
N ILE I 351 13.53 -37.46 32.73
CA ILE I 351 14.83 -36.85 32.47
C ILE I 351 15.79 -37.36 33.54
N ASN I 352 16.62 -38.33 33.19
CA ASN I 352 17.57 -38.92 34.12
C ASN I 352 18.96 -38.32 33.88
N ALA I 353 19.94 -38.81 34.63
CA ALA I 353 21.32 -38.40 34.39
C ALA I 353 21.81 -38.86 33.01
N ASP I 354 21.25 -39.97 32.51
CA ASP I 354 21.59 -40.48 31.19
C ASP I 354 20.60 -39.99 30.13
N GLY I 355 20.43 -38.67 30.03
CA GLY I 355 19.52 -38.11 29.06
C GLY I 355 18.06 -38.35 29.39
N VAL I 356 17.34 -38.99 28.48
CA VAL I 356 15.92 -39.30 28.66
C VAL I 356 15.78 -40.80 28.79
N GLY I 357 15.11 -41.24 29.85
CA GLY I 357 14.88 -42.65 30.09
C GLY I 357 13.45 -42.95 30.49
N ASP I 358 13.26 -43.60 31.62
CA ASP I 358 11.92 -43.91 32.10
C ASP I 358 11.84 -43.90 33.63
N PRO J 44 -28.54 31.09 -40.93
CA PRO J 44 -27.98 30.24 -41.99
C PRO J 44 -28.77 30.34 -43.29
N GLN J 45 -28.07 30.29 -44.42
CA GLN J 45 -28.69 30.39 -45.73
C GLN J 45 -28.67 29.01 -46.39
N PRO J 46 -29.83 28.46 -46.74
CA PRO J 46 -29.86 27.10 -47.30
C PRO J 46 -29.23 27.04 -48.68
N ILE J 47 -28.90 25.82 -49.10
CA ILE J 47 -28.26 25.61 -50.40
C ILE J 47 -29.19 26.02 -51.54
N SER J 48 -30.50 25.99 -51.30
CA SER J 48 -31.44 26.41 -52.33
C SER J 48 -31.24 27.86 -52.75
N ARG J 49 -30.63 28.68 -51.89
CA ARG J 49 -30.34 30.05 -52.25
C ARG J 49 -29.40 30.15 -53.44
N LEU J 50 -28.68 29.07 -53.76
CA LEU J 50 -27.80 29.05 -54.91
C LEU J 50 -28.56 28.85 -56.22
N GLU J 51 -29.89 28.69 -56.17
CA GLU J 51 -30.67 28.57 -57.40
C GLU J 51 -30.59 29.83 -58.26
N GLN J 52 -30.25 30.98 -57.65
CA GLN J 52 -29.99 32.20 -58.38
C GLN J 52 -28.48 32.37 -58.57
N CYS J 53 -28.07 33.53 -59.07
CA CYS J 53 -26.66 33.90 -59.21
C CYS J 53 -25.90 32.92 -60.10
N GLY J 54 -26.53 32.51 -61.20
CA GLY J 54 -25.84 31.77 -62.24
C GLY J 54 -25.72 30.27 -62.03
N ILE J 55 -26.35 29.72 -61.01
CA ILE J 55 -26.33 28.28 -60.77
C ILE J 55 -27.77 27.77 -60.85
N ASN J 56 -28.02 26.86 -61.78
CA ASN J 56 -29.35 26.30 -61.96
C ASN J 56 -29.62 25.21 -60.93
N ALA J 57 -30.87 24.77 -60.86
CA ALA J 57 -31.28 23.71 -59.95
C ALA J 57 -31.03 22.32 -60.55
N ASN J 58 -29.83 22.12 -61.06
CA ASN J 58 -29.37 20.83 -61.58
C ASN J 58 -28.09 20.37 -60.92
N ASP J 59 -27.15 21.29 -60.68
CA ASP J 59 -25.98 20.97 -59.87
C ASP J 59 -26.26 21.15 -58.39
N VAL J 60 -27.34 21.86 -58.03
CA VAL J 60 -27.73 21.97 -56.64
C VAL J 60 -28.21 20.62 -56.11
N LYS J 61 -28.92 19.86 -56.95
CA LYS J 61 -29.35 18.52 -56.56
C LYS J 61 -28.15 17.61 -56.30
N LYS J 62 -27.12 17.69 -57.14
CA LYS J 62 -25.89 16.97 -56.88
C LYS J 62 -25.20 17.50 -55.62
N LEU J 63 -25.21 18.82 -55.44
CA LEU J 63 -24.70 19.45 -54.23
C LEU J 63 -25.64 19.30 -53.04
N GLU J 64 -26.69 18.49 -53.17
CA GLU J 64 -27.55 18.14 -52.05
C GLU J 64 -27.23 16.77 -51.49
N GLU J 65 -26.75 15.85 -52.32
CA GLU J 65 -26.26 14.57 -51.82
C GLU J 65 -24.91 14.78 -51.13
N ALA J 66 -24.53 13.78 -50.33
CA ALA J 66 -23.31 13.78 -49.53
C ALA J 66 -23.27 14.90 -48.49
N GLY J 67 -24.40 15.53 -48.21
CA GLY J 67 -24.49 16.48 -47.11
C GLY J 67 -23.90 17.85 -47.37
N TYR J 68 -24.44 18.58 -48.32
CA TYR J 68 -24.03 19.96 -48.60
C TYR J 68 -25.25 20.86 -48.71
N HIS J 69 -26.16 20.76 -47.73
CA HIS J 69 -27.40 21.54 -47.77
C HIS J 69 -27.25 22.91 -47.10
N THR J 70 -26.21 23.67 -47.47
CA THR J 70 -26.08 25.05 -47.02
C THR J 70 -25.08 25.76 -47.92
N VAL J 71 -25.18 27.10 -47.92
CA VAL J 71 -24.16 27.90 -48.57
C VAL J 71 -22.83 27.81 -47.81
N GLU J 72 -22.91 27.65 -46.49
CA GLU J 72 -21.70 27.42 -45.71
C GLU J 72 -21.07 26.07 -46.00
N ALA J 73 -21.90 25.06 -46.29
CA ALA J 73 -21.39 23.73 -46.60
C ALA J 73 -20.64 23.69 -47.93
N VAL J 74 -20.79 24.69 -48.78
CA VAL J 74 -20.07 24.74 -50.04
C VAL J 74 -19.01 25.85 -50.05
N ALA J 75 -19.23 26.95 -49.34
CA ALA J 75 -18.20 27.97 -49.22
C ALA J 75 -17.01 27.48 -48.41
N TYR J 76 -17.27 26.72 -47.35
CA TYR J 76 -16.21 26.19 -46.51
C TYR J 76 -15.60 24.91 -47.09
N ALA J 77 -16.16 24.39 -48.17
CA ALA J 77 -15.71 23.14 -48.78
C ALA J 77 -14.56 23.42 -49.74
N PRO J 78 -13.46 22.67 -49.64
CA PRO J 78 -12.33 22.88 -50.56
C PRO J 78 -12.71 22.54 -52.00
N LYS J 79 -12.05 23.22 -52.94
CA LYS J 79 -12.31 22.96 -54.35
C LYS J 79 -12.00 21.52 -54.73
N LYS J 80 -10.93 20.97 -54.15
CA LYS J 80 -10.57 19.58 -54.43
C LYS J 80 -11.69 18.63 -54.00
N GLU J 81 -12.31 18.90 -52.85
CA GLU J 81 -13.40 18.05 -52.39
C GLU J 81 -14.60 18.10 -53.33
N LEU J 82 -14.92 19.30 -53.83
CA LEU J 82 -16.01 19.43 -54.79
C LEU J 82 -15.68 18.81 -56.14
N ILE J 83 -14.40 18.72 -56.48
CA ILE J 83 -14.01 18.07 -57.73
C ILE J 83 -14.41 16.61 -57.71
N ASN J 84 -14.30 15.96 -56.54
CA ASN J 84 -14.61 14.54 -56.42
C ASN J 84 -16.09 14.23 -56.62
N ILE J 85 -16.96 15.23 -56.62
CA ILE J 85 -18.39 15.02 -56.83
C ILE J 85 -18.67 14.90 -58.32
N LYS J 86 -19.34 13.82 -58.72
CA LYS J 86 -19.61 13.59 -60.13
C LYS J 86 -20.53 14.66 -60.69
N GLY J 87 -20.31 15.01 -61.95
CA GLY J 87 -21.12 15.99 -62.65
C GLY J 87 -20.70 17.43 -62.47
N ILE J 88 -19.68 17.69 -61.66
CA ILE J 88 -19.20 19.05 -61.41
C ILE J 88 -17.78 19.15 -61.96
N SER J 89 -17.59 20.03 -62.94
CA SER J 89 -16.28 20.22 -63.55
C SER J 89 -15.43 21.15 -62.69
N GLU J 90 -14.18 21.34 -63.10
CA GLU J 90 -13.30 22.25 -62.38
C GLU J 90 -13.81 23.69 -62.49
N ALA J 91 -14.21 24.11 -63.69
CA ALA J 91 -14.73 25.46 -63.86
C ALA J 91 -16.05 25.64 -63.12
N LYS J 92 -16.93 24.64 -63.19
CA LYS J 92 -18.20 24.73 -62.47
C LYS J 92 -17.96 24.79 -60.96
N ALA J 93 -17.05 23.96 -60.46
CA ALA J 93 -16.73 23.98 -59.03
C ALA J 93 -16.16 25.33 -58.62
N ASP J 94 -15.30 25.91 -59.45
CA ASP J 94 -14.78 27.24 -59.17
C ASP J 94 -15.90 28.28 -59.15
N LYS J 95 -16.88 28.12 -60.05
CA LYS J 95 -18.02 29.04 -60.05
C LYS J 95 -18.81 28.96 -58.76
N ILE J 96 -19.10 27.73 -58.30
CA ILE J 96 -19.82 27.58 -57.03
C ILE J 96 -19.00 28.14 -55.88
N LEU J 97 -17.68 27.90 -55.90
CA LEU J 97 -16.83 28.43 -54.84
C LEU J 97 -16.88 29.95 -54.80
N THR J 98 -16.79 30.59 -55.97
CA THR J 98 -16.81 32.05 -56.01
C THR J 98 -18.15 32.59 -55.55
N GLU J 99 -19.25 31.98 -56.00
CA GLU J 99 -20.57 32.48 -55.59
C GLU J 99 -20.79 32.30 -54.09
N ALA J 100 -20.42 31.15 -53.55
CA ALA J 100 -20.59 30.90 -52.12
C ALA J 100 -19.70 31.82 -51.29
N ALA J 101 -18.46 32.05 -51.73
CA ALA J 101 -17.57 32.95 -51.00
C ALA J 101 -17.98 34.41 -51.17
N LYS J 102 -18.76 34.72 -52.20
CA LYS J 102 -19.37 36.05 -52.27
C LYS J 102 -20.56 36.18 -51.34
N LEU J 103 -21.32 35.09 -51.16
CA LEU J 103 -22.51 35.16 -50.31
C LEU J 103 -22.15 35.20 -48.83
N VAL J 104 -21.07 34.54 -48.43
CA VAL J 104 -20.67 34.48 -47.03
C VAL J 104 -19.26 35.06 -46.88
N PRO J 105 -18.89 35.60 -45.73
CA PRO J 105 -17.55 36.20 -45.59
C PRO J 105 -16.48 35.20 -45.18
N MET J 106 -15.41 35.10 -45.97
CA MET J 106 -14.25 34.27 -45.66
C MET J 106 -13.01 35.12 -45.93
N GLY J 107 -12.58 35.88 -44.94
CA GLY J 107 -11.45 36.77 -45.12
C GLY J 107 -10.83 37.17 -43.80
N PHE J 108 -10.32 38.40 -43.77
CA PHE J 108 -9.63 38.94 -42.60
C PHE J 108 -10.51 39.96 -41.90
N THR J 109 -10.67 39.80 -40.58
CA THR J 109 -11.43 40.73 -39.77
C THR J 109 -10.65 41.00 -38.49
N THR J 110 -10.87 42.19 -37.92
CA THR J 110 -10.14 42.58 -36.71
C THR J 110 -10.65 41.78 -35.52
N ALA J 111 -9.84 41.79 -34.45
CA ALA J 111 -10.19 41.04 -33.25
C ALA J 111 -11.40 41.64 -32.53
N THR J 112 -11.58 42.97 -32.63
CA THR J 112 -12.70 43.60 -31.94
C THR J 112 -14.03 43.13 -32.50
N GLU J 113 -14.11 42.95 -33.83
CA GLU J 113 -15.36 42.54 -34.44
C GLU J 113 -15.80 41.17 -33.93
N PHE J 114 -14.89 40.19 -33.94
CA PHE J 114 -15.22 38.89 -33.41
C PHE J 114 -15.46 38.96 -31.91
N HIS J 115 -14.81 39.90 -31.22
CA HIS J 115 -15.05 40.06 -29.79
C HIS J 115 -16.50 40.47 -29.52
N GLN J 116 -16.99 41.49 -30.23
CA GLN J 116 -18.37 41.91 -29.99
C GLN J 116 -19.36 40.88 -30.52
N ARG J 117 -18.98 40.10 -31.54
CA ARG J 117 -19.86 39.04 -32.02
C ARG J 117 -19.98 37.92 -30.99
N ARG J 118 -18.86 37.47 -30.43
CA ARG J 118 -18.87 36.41 -29.44
C ARG J 118 -19.43 36.88 -28.11
N SER J 119 -19.45 38.20 -27.86
CA SER J 119 -20.11 38.71 -26.66
C SER J 119 -21.61 38.44 -26.69
N GLU J 120 -22.17 38.17 -27.87
CA GLU J 120 -23.58 37.78 -27.99
C GLU J 120 -23.77 36.27 -27.97
N ILE J 121 -22.70 35.49 -27.95
CA ILE J 121 -22.82 34.04 -27.87
C ILE J 121 -23.25 33.66 -26.46
N ILE J 122 -24.28 32.81 -26.37
CA ILE J 122 -24.89 32.45 -25.10
C ILE J 122 -24.33 31.11 -24.64
N GLN J 123 -24.34 30.90 -23.34
CA GLN J 123 -23.94 29.64 -22.72
C GLN J 123 -25.16 28.99 -22.10
N ILE J 124 -25.48 27.77 -22.54
CA ILE J 124 -26.66 27.08 -22.04
C ILE J 124 -26.37 26.57 -20.64
N THR J 125 -27.25 26.89 -19.69
CA THR J 125 -27.02 26.55 -18.31
C THR J 125 -27.32 25.08 -18.05
N THR J 126 -26.66 24.53 -17.04
CA THR J 126 -26.88 23.15 -16.59
C THR J 126 -27.65 23.19 -15.28
N GLY J 127 -28.01 22.00 -14.78
CA GLY J 127 -28.74 21.93 -13.53
C GLY J 127 -27.95 22.44 -12.34
N SER J 128 -26.69 22.04 -12.25
CA SER J 128 -25.86 22.43 -11.12
C SER J 128 -25.43 23.89 -11.22
N LYS J 129 -25.14 24.47 -10.07
CA LYS J 129 -24.68 25.86 -9.98
C LYS J 129 -23.17 25.97 -9.84
N GLU J 130 -22.53 25.02 -9.13
CA GLU J 130 -21.08 25.02 -9.06
C GLU J 130 -20.46 24.71 -10.42
N LEU J 131 -21.11 23.82 -11.19
CA LEU J 131 -20.67 23.59 -12.56
C LEU J 131 -20.80 24.84 -13.40
N ASP J 132 -21.90 25.59 -13.21
CA ASP J 132 -22.07 26.84 -13.94
C ASP J 132 -20.98 27.85 -13.57
N LYS J 133 -20.60 27.90 -12.30
CA LYS J 133 -19.52 28.78 -11.88
C LYS J 133 -18.19 28.33 -12.46
N LEU J 134 -17.99 27.02 -12.58
CA LEU J 134 -16.73 26.49 -13.12
C LEU J 134 -16.52 26.95 -14.57
N LEU J 135 -17.52 26.72 -15.42
CA LEU J 135 -17.52 27.21 -16.79
C LEU J 135 -18.60 28.28 -16.87
N GLN J 136 -18.16 29.55 -16.82
CA GLN J 136 -19.07 30.67 -16.61
C GLN J 136 -20.19 30.67 -17.65
N GLY J 137 -21.41 30.81 -17.17
CA GLY J 137 -22.59 30.75 -18.02
C GLY J 137 -23.09 29.36 -18.32
N GLY J 138 -22.18 28.45 -18.64
CA GLY J 138 -22.56 27.09 -18.97
C GLY J 138 -21.82 26.55 -20.17
N ILE J 139 -22.50 25.72 -20.97
CA ILE J 139 -21.91 25.15 -22.17
C ILE J 139 -21.98 26.17 -23.29
N GLU J 140 -20.83 26.50 -23.88
CA GLU J 140 -20.78 27.54 -24.90
C GLU J 140 -21.39 27.04 -26.20
N THR J 141 -22.21 27.89 -26.82
CA THR J 141 -22.79 27.57 -28.12
C THR J 141 -21.79 27.84 -29.23
N GLY J 142 -21.88 27.05 -30.30
CA GLY J 142 -20.94 27.16 -31.40
C GLY J 142 -19.52 26.74 -31.07
N SER J 143 -19.38 25.64 -30.32
CA SER J 143 -18.05 25.13 -29.98
C SER J 143 -18.17 23.70 -29.49
N ILE J 144 -17.16 22.90 -29.83
CA ILE J 144 -17.12 21.51 -29.35
C ILE J 144 -16.80 21.51 -27.87
N THR J 145 -17.61 20.78 -27.09
CA THR J 145 -17.39 20.60 -25.66
C THR J 145 -17.39 19.11 -25.37
N GLU J 146 -16.20 18.56 -25.10
CA GLU J 146 -16.05 17.13 -24.88
C GLU J 146 -15.94 16.85 -23.38
N MET J 147 -16.67 15.84 -22.91
CA MET J 147 -16.63 15.43 -21.51
C MET J 147 -16.25 13.96 -21.43
N PHE J 148 -15.30 13.63 -20.56
CA PHE J 148 -14.82 12.27 -20.42
C PHE J 148 -14.59 11.96 -18.95
N GLY J 149 -14.54 10.68 -18.64
CA GLY J 149 -14.27 10.24 -17.29
C GLY J 149 -14.53 8.75 -17.16
N GLU J 150 -14.46 8.29 -15.93
CA GLU J 150 -14.78 6.90 -15.62
C GLU J 150 -16.28 6.65 -15.81
N PHE J 151 -16.67 5.39 -15.68
CA PHE J 151 -18.09 5.07 -15.63
C PHE J 151 -18.69 5.69 -14.37
N ARG J 152 -20.01 5.90 -14.40
CA ARG J 152 -20.73 6.49 -13.28
C ARG J 152 -20.16 7.87 -12.95
N THR J 153 -20.32 8.77 -13.90
CA THR J 153 -19.87 10.15 -13.73
C THR J 153 -20.90 11.19 -14.13
N GLY J 154 -21.97 10.81 -14.82
CA GLY J 154 -23.00 11.76 -15.15
C GLY J 154 -22.91 12.40 -16.51
N LYS J 155 -22.15 11.81 -17.44
CA LYS J 155 -22.12 12.34 -18.80
C LYS J 155 -23.49 12.23 -19.45
N THR J 156 -24.13 11.07 -19.32
CA THR J 156 -25.48 10.91 -19.84
C THR J 156 -26.46 11.80 -19.08
N GLN J 157 -26.29 11.92 -17.76
CA GLN J 157 -27.19 12.77 -16.98
C GLN J 157 -27.05 14.24 -17.37
N ILE J 158 -25.81 14.71 -17.55
CA ILE J 158 -25.60 16.09 -17.97
C ILE J 158 -26.14 16.30 -19.38
N CYS J 159 -25.99 15.30 -20.25
CA CYS J 159 -26.56 15.40 -21.59
C CYS J 159 -28.08 15.52 -21.53
N HIS J 160 -28.72 14.72 -20.67
CA HIS J 160 -30.17 14.81 -20.50
C HIS J 160 -30.56 16.19 -19.99
N THR J 161 -29.84 16.69 -18.99
CA THR J 161 -30.15 18.01 -18.43
C THR J 161 -30.02 19.10 -19.49
N LEU J 162 -28.91 19.10 -20.22
CA LEU J 162 -28.68 20.12 -21.24
C LEU J 162 -29.69 20.01 -22.38
N ALA J 163 -29.99 18.79 -22.81
CA ALA J 163 -31.00 18.60 -23.85
C ALA J 163 -32.35 19.11 -23.40
N VAL J 164 -32.65 19.01 -22.11
CA VAL J 164 -33.85 19.65 -21.58
C VAL J 164 -33.74 21.16 -21.67
N THR J 165 -32.60 21.71 -21.22
CA THR J 165 -32.46 23.15 -21.04
C THR J 165 -32.53 23.95 -22.34
N CYS J 166 -32.45 23.29 -23.49
CA CYS J 166 -32.60 23.99 -24.76
C CYS J 166 -33.95 24.71 -24.82
N GLN J 167 -35.04 24.00 -24.49
CA GLN J 167 -36.36 24.59 -24.60
C GLN J 167 -36.61 25.64 -23.52
N LEU J 168 -35.90 25.54 -22.40
CA LEU J 168 -35.96 26.58 -21.39
C LEU J 168 -35.36 27.89 -21.93
N PRO J 169 -36.02 29.02 -21.69
CA PRO J 169 -35.69 30.24 -22.43
C PRO J 169 -34.38 30.90 -22.05
N ILE J 170 -34.15 32.09 -22.62
CA ILE J 170 -32.95 32.86 -22.37
C ILE J 170 -32.87 33.31 -20.91
N ASP J 171 -34.01 33.34 -20.21
CA ASP J 171 -34.02 33.78 -18.82
C ASP J 171 -33.06 32.98 -17.94
N ARG J 172 -32.74 31.74 -18.32
CA ARG J 172 -31.74 30.96 -17.64
C ARG J 172 -30.61 30.48 -18.54
N GLY J 173 -30.79 30.49 -19.86
CA GLY J 173 -29.73 30.10 -20.77
C GLY J 173 -30.06 28.90 -21.63
N GLY J 174 -30.18 29.12 -22.94
CA GLY J 174 -30.51 28.04 -23.86
C GLY J 174 -31.42 28.46 -24.98
N GLY J 175 -31.96 29.67 -24.90
CA GLY J 175 -32.83 30.17 -25.95
C GLY J 175 -34.11 29.37 -26.07
N GLU J 176 -34.69 29.39 -27.28
CA GLU J 176 -35.91 28.66 -27.56
C GLU J 176 -35.66 27.48 -28.52
N GLY J 177 -34.40 27.11 -28.72
CA GLY J 177 -34.08 26.03 -29.62
C GLY J 177 -34.37 24.66 -29.04
N LYS J 178 -34.36 23.67 -29.91
CA LYS J 178 -34.66 22.30 -29.53
C LYS J 178 -33.35 21.58 -29.16
N ALA J 179 -33.41 20.26 -29.03
CA ALA J 179 -32.25 19.44 -28.73
C ALA J 179 -32.08 18.38 -29.81
N MET J 180 -30.83 17.93 -29.97
CA MET J 180 -30.40 17.08 -31.07
C MET J 180 -29.62 15.88 -30.54
N TYR J 181 -30.22 15.16 -29.61
CA TYR J 181 -29.54 14.01 -29.04
C TYR J 181 -29.21 12.98 -30.11
N ILE J 182 -27.94 12.58 -30.17
CA ILE J 182 -27.50 11.45 -30.97
C ILE J 182 -26.83 10.47 -30.01
N ASP J 183 -27.33 9.25 -29.98
CA ASP J 183 -26.92 8.24 -29.01
C ASP J 183 -26.32 7.06 -29.75
N THR J 184 -25.08 6.72 -29.41
CA THR J 184 -24.38 5.62 -30.05
C THR J 184 -24.27 4.39 -29.18
N GLU J 185 -24.88 4.39 -27.99
CA GLU J 185 -24.94 3.22 -27.14
C GLU J 185 -26.37 2.79 -26.81
N GLY J 186 -27.36 3.61 -27.09
CA GLY J 186 -28.73 3.33 -26.73
C GLY J 186 -29.11 3.75 -25.33
N THR J 187 -28.16 4.20 -24.52
CA THR J 187 -28.43 4.65 -23.16
C THR J 187 -29.06 6.04 -23.25
N PHE J 188 -30.38 6.06 -23.32
CA PHE J 188 -31.14 7.30 -23.46
C PHE J 188 -32.52 7.04 -22.86
N ARG J 189 -32.75 7.58 -21.66
CA ARG J 189 -33.98 7.30 -20.94
C ARG J 189 -34.84 8.55 -20.84
N PRO J 190 -35.90 8.66 -21.65
CA PRO J 190 -36.74 9.87 -21.60
C PRO J 190 -37.44 10.09 -20.26
N GLU J 191 -37.51 9.07 -19.41
CA GLU J 191 -38.07 9.27 -18.07
C GLU J 191 -37.25 10.29 -17.29
N ARG J 192 -35.92 10.18 -17.35
CA ARG J 192 -35.07 11.19 -16.73
C ARG J 192 -35.23 12.54 -17.40
N LEU J 193 -35.46 12.55 -18.71
CA LEU J 193 -35.71 13.80 -19.42
C LEU J 193 -36.90 14.54 -18.82
N LEU J 194 -38.03 13.85 -18.69
CA LEU J 194 -39.21 14.53 -18.15
C LEU J 194 -39.08 14.81 -16.66
N ALA J 195 -38.38 13.95 -15.92
CA ALA J 195 -38.18 14.17 -14.49
C ALA J 195 -37.36 15.43 -14.24
N VAL J 196 -36.33 15.67 -15.04
CA VAL J 196 -35.54 16.89 -14.88
C VAL J 196 -36.18 18.06 -15.59
N ALA J 197 -37.10 17.82 -16.52
CA ALA J 197 -37.81 18.92 -17.16
C ALA J 197 -38.87 19.52 -16.26
N GLU J 198 -39.54 18.68 -15.47
CA GLU J 198 -40.61 19.19 -14.61
C GLU J 198 -40.10 20.07 -13.47
N ARG J 199 -38.79 20.11 -13.23
CA ARG J 199 -38.24 20.87 -12.12
C ARG J 199 -37.96 22.33 -12.46
N TYR J 200 -38.11 22.73 -13.72
CA TYR J 200 -37.90 24.11 -14.13
C TYR J 200 -39.19 24.77 -14.62
N GLY J 201 -39.77 24.25 -15.68
CA GLY J 201 -41.02 24.77 -16.23
C GLY J 201 -42.14 23.76 -16.19
N LEU J 202 -42.50 23.24 -17.36
CA LEU J 202 -43.52 22.21 -17.49
C LEU J 202 -42.93 21.04 -18.28
N SER J 203 -43.75 20.00 -18.47
CA SER J 203 -43.30 18.81 -19.18
C SER J 203 -44.30 18.26 -20.18
N GLY J 204 -45.47 18.86 -20.31
CA GLY J 204 -46.45 18.35 -21.25
C GLY J 204 -45.99 18.43 -22.70
N SER J 205 -45.33 19.52 -23.05
CA SER J 205 -44.78 19.69 -24.40
C SER J 205 -43.34 20.19 -24.40
N ASP J 206 -42.78 20.53 -23.23
CA ASP J 206 -41.40 21.02 -23.19
C ASP J 206 -40.42 19.93 -23.60
N VAL J 207 -40.43 18.81 -22.90
CA VAL J 207 -39.53 17.71 -23.18
C VAL J 207 -40.28 16.67 -24.00
N LEU J 208 -39.54 15.71 -24.55
CA LEU J 208 -40.06 14.53 -25.24
C LEU J 208 -40.63 14.93 -26.59
N ASP J 209 -40.73 16.23 -26.87
CA ASP J 209 -41.29 16.75 -28.10
C ASP J 209 -40.26 17.49 -28.93
N ASN J 210 -39.60 18.49 -28.37
CA ASN J 210 -38.56 19.22 -29.10
C ASN J 210 -37.27 18.42 -29.21
N VAL J 211 -37.04 17.49 -28.29
CA VAL J 211 -35.78 16.74 -28.27
C VAL J 211 -35.84 15.70 -29.39
N ALA J 212 -35.15 15.97 -30.50
CA ALA J 212 -34.97 14.97 -31.53
C ALA J 212 -33.92 13.97 -31.07
N TYR J 213 -34.17 12.69 -31.34
CA TYR J 213 -33.30 11.62 -30.92
C TYR J 213 -32.93 10.76 -32.12
N ALA J 214 -31.64 10.62 -32.37
CA ALA J 214 -31.12 9.70 -33.37
C ALA J 214 -30.26 8.66 -32.69
N ARG J 215 -30.22 7.46 -33.26
CA ARG J 215 -29.40 6.37 -32.73
C ARG J 215 -28.42 5.94 -33.81
N GLY J 216 -27.13 5.96 -33.47
CA GLY J 216 -26.08 5.58 -34.40
C GLY J 216 -25.61 4.16 -34.11
N PHE J 217 -25.55 3.36 -35.17
CA PHE J 217 -25.16 1.96 -35.05
C PHE J 217 -23.73 1.68 -35.51
N ASN J 218 -23.05 2.67 -36.07
CA ASN J 218 -21.67 2.51 -36.55
C ASN J 218 -21.10 3.89 -36.81
N THR J 219 -19.83 3.93 -37.22
CA THR J 219 -19.15 5.20 -37.42
C THR J 219 -19.61 5.89 -38.71
N ASP J 220 -19.78 5.13 -39.79
CA ASP J 220 -20.31 5.72 -41.02
C ASP J 220 -21.74 6.20 -40.82
N HIS J 221 -22.54 5.44 -40.08
CA HIS J 221 -23.87 5.93 -39.73
C HIS J 221 -23.79 7.16 -38.83
N GLN J 222 -22.77 7.23 -37.97
CA GLN J 222 -22.62 8.38 -37.10
C GLN J 222 -22.27 9.63 -37.89
N THR J 223 -21.50 9.48 -38.98
CA THR J 223 -21.22 10.63 -39.84
C THR J 223 -22.44 10.96 -40.71
N GLN J 224 -23.13 9.95 -41.20
CA GLN J 224 -24.32 10.18 -42.02
C GLN J 224 -25.44 10.82 -41.23
N LEU J 225 -25.47 10.61 -39.91
CA LEU J 225 -26.47 11.28 -39.09
C LEU J 225 -26.25 12.79 -39.09
N LEU J 226 -25.00 13.23 -38.99
CA LEU J 226 -24.72 14.66 -39.09
C LEU J 226 -24.94 15.16 -40.51
N TYR J 227 -24.65 14.32 -41.51
CA TYR J 227 -24.95 14.69 -42.90
C TYR J 227 -26.44 14.93 -43.09
N GLN J 228 -27.28 14.07 -42.51
CA GLN J 228 -28.72 14.27 -42.55
C GLN J 228 -29.12 15.53 -41.78
N ALA J 229 -28.55 15.72 -40.59
CA ALA J 229 -28.85 16.88 -39.78
C ALA J 229 -28.34 18.17 -40.39
N GLU J 230 -27.53 18.09 -41.45
CA GLU J 230 -27.01 19.29 -42.10
C GLU J 230 -28.13 20.28 -42.45
N ASP J 231 -29.28 19.78 -42.88
CA ASP J 231 -30.41 20.64 -43.22
C ASP J 231 -31.48 20.70 -42.14
N MET J 232 -31.30 19.99 -41.02
CA MET J 232 -32.31 20.00 -39.97
C MET J 232 -32.33 21.34 -39.24
N MET J 233 -31.16 21.91 -38.94
CA MET J 233 -31.16 23.24 -38.34
C MET J 233 -31.51 24.34 -39.33
N VAL J 234 -31.54 24.05 -40.63
CA VAL J 234 -31.96 25.05 -41.61
C VAL J 234 -33.46 25.35 -41.45
N GLU J 235 -34.28 24.30 -41.36
CA GLU J 235 -35.72 24.45 -41.28
C GLU J 235 -36.24 24.46 -39.84
N SER J 236 -35.46 23.99 -38.88
CA SER J 236 -35.89 23.92 -37.49
C SER J 236 -34.73 24.36 -36.60
N ARG J 237 -34.95 25.40 -35.81
CA ARG J 237 -33.87 25.96 -34.99
C ARG J 237 -33.53 24.99 -33.86
N TYR J 238 -32.30 24.51 -33.85
CA TYR J 238 -31.76 23.70 -32.76
C TYR J 238 -30.68 24.52 -32.05
N ALA J 239 -30.81 24.65 -30.73
CA ALA J 239 -29.85 25.41 -29.93
C ALA J 239 -28.84 24.52 -29.23
N LEU J 240 -28.89 23.20 -29.43
CA LEU J 240 -27.93 22.31 -28.82
C LEU J 240 -27.86 21.02 -29.61
N LEU J 241 -26.66 20.44 -29.68
CA LEU J 241 -26.43 19.19 -30.39
C LEU J 241 -25.60 18.29 -29.49
N ILE J 242 -25.94 17.00 -29.46
CA ILE J 242 -25.28 16.02 -28.62
C ILE J 242 -24.87 14.83 -29.48
N VAL J 243 -23.62 14.40 -29.34
CA VAL J 243 -23.10 13.27 -30.08
C VAL J 243 -22.60 12.24 -29.07
N ASP J 244 -23.31 12.13 -27.95
CA ASP J 244 -22.91 11.33 -26.79
C ASP J 244 -22.24 10.02 -27.19
N SER J 245 -21.01 9.83 -26.68
CA SER J 245 -20.18 8.64 -26.92
C SER J 245 -19.74 8.54 -28.38
N ALA J 246 -19.16 9.62 -28.90
CA ALA J 246 -18.69 9.62 -30.27
C ALA J 246 -17.56 8.61 -30.47
N THR J 247 -16.59 8.59 -29.56
CA THR J 247 -15.37 7.81 -29.76
C THR J 247 -15.55 6.32 -29.53
N ALA J 248 -16.54 5.91 -28.73
CA ALA J 248 -16.66 4.50 -28.38
C ALA J 248 -16.80 3.62 -29.61
N LEU J 249 -17.67 4.02 -30.54
CA LEU J 249 -17.88 3.24 -31.76
C LEU J 249 -16.62 3.14 -32.60
N TYR J 250 -15.68 4.07 -32.43
CA TYR J 250 -14.41 3.98 -33.17
C TYR J 250 -13.49 2.91 -32.58
N ARG J 251 -13.62 2.62 -31.29
CA ARG J 251 -12.77 1.59 -30.68
C ARG J 251 -13.10 0.21 -31.24
N THR J 252 -14.39 -0.13 -31.32
CA THR J 252 -14.77 -1.44 -31.81
C THR J 252 -14.63 -1.53 -33.32
N ASP J 253 -14.88 -0.43 -34.05
CA ASP J 253 -14.83 -0.47 -35.50
C ASP J 253 -13.41 -0.70 -35.99
N TYR J 254 -12.45 0.08 -35.49
CA TYR J 254 -11.04 -0.05 -35.85
C TYR J 254 -10.27 -0.42 -34.59
N SER J 255 -9.73 -1.64 -34.57
CA SER J 255 -9.02 -2.14 -33.40
C SER J 255 -7.66 -2.67 -33.81
N GLY J 256 -6.66 -2.37 -32.98
CA GLY J 256 -5.32 -2.89 -33.16
C GLY J 256 -4.45 -2.03 -34.06
N ARG J 257 -3.15 -2.26 -33.97
CA ARG J 257 -2.20 -1.57 -34.83
C ARG J 257 -2.36 -2.04 -36.27
N GLY J 258 -1.97 -1.19 -37.20
CA GLY J 258 -2.27 -1.41 -38.60
C GLY J 258 -3.65 -0.96 -39.01
N GLU J 259 -4.51 -0.64 -38.04
CA GLU J 259 -5.82 -0.06 -38.29
C GLU J 259 -5.96 1.29 -37.60
N LEU J 260 -4.88 1.79 -36.98
CA LEU J 260 -4.94 3.03 -36.20
C LEU J 260 -4.96 4.26 -37.11
N SER J 261 -4.20 4.24 -38.21
CA SER J 261 -4.14 5.42 -39.06
C SER J 261 -5.50 5.73 -39.66
N ALA J 262 -6.18 4.71 -40.20
CA ALA J 262 -7.51 4.93 -40.76
C ALA J 262 -8.50 5.36 -39.68
N ARG J 263 -8.37 4.77 -38.49
CA ARG J 263 -9.24 5.15 -37.38
C ARG J 263 -9.10 6.63 -37.06
N GLN J 264 -7.87 7.10 -36.92
CA GLN J 264 -7.66 8.51 -36.59
C GLN J 264 -8.05 9.42 -37.73
N MET J 265 -7.86 8.99 -38.98
CA MET J 265 -8.32 9.78 -40.11
C MET J 265 -9.83 9.96 -40.09
N HIS J 266 -10.57 8.88 -39.87
CA HIS J 266 -12.03 8.98 -39.81
C HIS J 266 -12.48 9.81 -38.62
N LEU J 267 -11.84 9.64 -37.46
CA LEU J 267 -12.20 10.43 -36.30
C LEU J 267 -11.95 11.91 -36.54
N ALA J 268 -10.82 12.25 -37.18
CA ALA J 268 -10.53 13.64 -37.49
C ALA J 268 -11.53 14.21 -38.49
N ARG J 269 -11.95 13.41 -39.47
CA ARG J 269 -12.97 13.86 -40.41
C ARG J 269 -14.28 14.13 -39.70
N PHE J 270 -14.69 13.24 -38.78
CA PHE J 270 -15.92 13.46 -38.04
C PHE J 270 -15.83 14.69 -37.16
N LEU J 271 -14.68 14.90 -36.51
CA LEU J 271 -14.52 16.07 -35.67
C LEU J 271 -14.53 17.35 -36.52
N ARG J 272 -13.96 17.30 -37.72
CA ARG J 272 -14.03 18.44 -38.63
C ARG J 272 -15.46 18.75 -39.02
N MET J 273 -16.25 17.72 -39.32
CA MET J 273 -17.66 17.93 -39.65
C MET J 273 -18.41 18.52 -38.46
N LEU J 274 -18.13 18.02 -37.25
CA LEU J 274 -18.78 18.56 -36.07
C LEU J 274 -18.41 20.02 -35.83
N LEU J 275 -17.14 20.36 -36.03
CA LEU J 275 -16.71 21.75 -35.89
C LEU J 275 -17.38 22.65 -36.92
N ARG J 276 -17.51 22.15 -38.16
CA ARG J 276 -18.18 22.93 -39.20
C ARG J 276 -19.66 23.15 -38.84
N LEU J 277 -20.34 22.10 -38.36
CA LEU J 277 -21.74 22.26 -37.98
C LEU J 277 -21.89 23.15 -36.75
N ALA J 278 -20.89 23.16 -35.87
CA ALA J 278 -20.96 24.03 -34.70
C ALA J 278 -20.74 25.48 -35.06
N ASP J 279 -19.84 25.76 -36.01
CA ASP J 279 -19.53 27.14 -36.35
C ASP J 279 -20.52 27.73 -37.35
N GLU J 280 -21.04 26.92 -38.28
CA GLU J 280 -21.97 27.44 -39.28
C GLU J 280 -23.36 27.70 -38.70
N PHE J 281 -23.77 26.94 -37.69
CA PHE J 281 -25.08 27.10 -37.08
C PHE J 281 -25.04 27.77 -35.72
N GLY J 282 -23.90 27.75 -35.05
CA GLY J 282 -23.82 28.24 -33.68
C GLY J 282 -24.35 27.28 -32.64
N VAL J 283 -24.63 26.03 -33.01
CA VAL J 283 -25.18 25.07 -32.05
C VAL J 283 -24.09 24.65 -31.07
N ALA J 284 -24.50 24.34 -29.84
CA ALA J 284 -23.60 23.91 -28.79
C ALA J 284 -23.39 22.40 -28.93
N VAL J 285 -22.28 22.02 -29.53
CA VAL J 285 -21.96 20.61 -29.71
C VAL J 285 -21.39 20.07 -28.40
N VAL J 286 -22.02 19.01 -27.89
CA VAL J 286 -21.58 18.34 -26.67
C VAL J 286 -21.25 16.90 -27.02
N ILE J 287 -20.06 16.45 -26.63
CA ILE J 287 -19.53 15.15 -26.98
C ILE J 287 -19.14 14.41 -25.71
N THR J 288 -19.19 13.09 -25.76
CA THR J 288 -18.81 12.24 -24.64
C THR J 288 -17.71 11.28 -25.07
N ASN J 289 -16.72 11.09 -24.19
CA ASN J 289 -15.54 10.31 -24.48
C ASN J 289 -15.31 9.30 -23.34
N GLN J 290 -14.68 8.19 -23.68
CA GLN J 290 -14.38 7.15 -22.70
C GLN J 290 -12.97 7.39 -22.13
N VAL J 291 -12.48 6.44 -21.32
CA VAL J 291 -11.16 6.54 -20.74
C VAL J 291 -10.44 5.20 -20.84
N VAL J 292 -9.11 5.26 -20.74
CA VAL J 292 -8.25 4.09 -20.80
C VAL J 292 -7.23 4.20 -19.67
N ALA J 293 -6.69 3.05 -19.28
CA ALA J 293 -5.70 2.98 -18.21
C ALA J 293 -4.31 2.90 -18.82
N GLN J 294 -3.45 3.84 -18.43
CA GLN J 294 -2.07 3.86 -18.90
C GLN J 294 -1.23 2.91 -18.07
N VAL J 295 -0.62 1.92 -18.73
CA VAL J 295 0.21 0.92 -18.08
C VAL J 295 1.65 1.15 -18.47
N ASP J 296 2.56 0.95 -17.52
CA ASP J 296 3.98 1.14 -17.74
C ASP J 296 4.80 0.50 -16.63
N PRO J 305 -3.54 5.63 -13.12
CA PRO J 305 -4.26 6.81 -13.62
C PRO J 305 -5.16 6.48 -14.80
N LYS J 306 -5.74 7.52 -15.40
CA LYS J 306 -6.60 7.36 -16.57
C LYS J 306 -6.15 8.31 -17.66
N LYS J 307 -6.76 8.15 -18.83
CA LYS J 307 -6.46 8.98 -19.99
C LYS J 307 -7.59 8.86 -20.99
N PRO J 308 -8.08 9.98 -21.55
CA PRO J 308 -9.16 9.89 -22.53
C PRO J 308 -8.72 9.16 -23.79
N ILE J 309 -9.67 8.48 -24.41
CA ILE J 309 -9.40 7.67 -25.60
C ILE J 309 -9.65 8.53 -26.84
N GLY J 310 -8.74 8.47 -27.80
CA GLY J 310 -8.85 9.25 -29.01
C GLY J 310 -7.51 9.74 -29.50
N GLY J 311 -6.49 9.60 -28.67
CA GLY J 311 -5.15 9.97 -29.07
C GLY J 311 -4.97 11.48 -29.11
N ASN J 312 -4.19 11.94 -30.09
CA ASN J 312 -3.92 13.36 -30.25
C ASN J 312 -4.92 14.06 -31.16
N ILE J 313 -5.64 13.32 -31.99
CA ILE J 313 -6.64 13.93 -32.86
C ILE J 313 -7.74 14.59 -32.03
N ILE J 314 -8.29 13.84 -31.07
CA ILE J 314 -9.31 14.43 -30.20
C ILE J 314 -8.70 15.45 -29.26
N ALA J 315 -7.42 15.27 -28.88
CA ALA J 315 -6.80 16.20 -27.95
C ALA J 315 -6.63 17.58 -28.58
N HIS J 316 -6.13 17.63 -29.82
CA HIS J 316 -5.97 18.90 -30.51
C HIS J 316 -7.30 19.44 -31.04
N ALA J 317 -8.21 18.56 -31.47
CA ALA J 317 -9.43 19.00 -32.13
C ALA J 317 -10.46 19.55 -31.15
N SER J 318 -10.57 18.96 -29.97
CA SER J 318 -11.61 19.37 -29.02
C SER J 318 -11.27 20.71 -28.40
N THR J 319 -12.31 21.55 -28.22
CA THR J 319 -12.10 22.88 -27.67
C THR J 319 -11.90 22.84 -26.16
N THR J 320 -12.91 22.38 -25.43
CA THR J 320 -12.87 22.30 -23.98
C THR J 320 -13.21 20.89 -23.55
N ARG J 321 -12.32 20.27 -22.77
CA ARG J 321 -12.57 18.93 -22.25
C ARG J 321 -12.87 19.01 -20.76
N LEU J 322 -13.69 18.09 -20.29
CA LEU J 322 -14.05 17.99 -18.89
C LEU J 322 -13.64 16.62 -18.37
N TYR J 323 -12.98 16.59 -17.21
CA TYR J 323 -12.65 15.35 -16.54
C TYR J 323 -13.64 15.17 -15.40
N LEU J 324 -14.48 14.15 -15.49
CA LEU J 324 -15.48 13.85 -14.47
C LEU J 324 -14.98 12.69 -13.62
N ARG J 325 -14.94 12.92 -12.31
CA ARG J 325 -14.32 12.00 -11.37
C ARG J 325 -15.33 11.61 -10.29
N LYS J 326 -15.33 10.33 -9.94
CA LYS J 326 -16.22 9.84 -8.90
C LYS J 326 -15.85 10.44 -7.54
N GLY J 327 -16.87 10.82 -6.78
CA GLY J 327 -16.64 11.40 -5.48
C GLY J 327 -17.22 10.58 -4.35
N ARG J 328 -18.00 11.21 -3.49
CA ARG J 328 -18.59 10.55 -2.33
C ARG J 328 -20.10 10.46 -2.53
N GLY J 329 -20.62 9.24 -2.61
CA GLY J 329 -22.04 9.03 -2.78
C GLY J 329 -22.60 9.63 -4.06
N GLU J 330 -23.45 10.64 -3.91
CA GLU J 330 -24.05 11.31 -5.06
C GLU J 330 -23.17 12.43 -5.61
N THR J 331 -22.13 12.84 -4.90
CA THR J 331 -21.29 13.93 -5.35
C THR J 331 -20.26 13.44 -6.37
N ARG J 332 -20.06 14.22 -7.42
CA ARG J 332 -19.06 13.95 -8.44
C ARG J 332 -18.34 15.25 -8.75
N ILE J 333 -17.09 15.13 -9.18
CA ILE J 333 -16.21 16.28 -9.36
C ILE J 333 -15.96 16.49 -10.85
N CYS J 334 -15.87 17.76 -11.24
CA CYS J 334 -15.59 18.16 -12.62
C CYS J 334 -14.35 19.03 -12.63
N LYS J 335 -13.42 18.74 -13.54
CA LYS J 335 -12.17 19.48 -13.68
C LYS J 335 -11.99 19.91 -15.13
N ILE J 336 -11.54 21.15 -15.32
CA ILE J 336 -11.33 21.67 -16.66
C ILE J 336 -10.12 20.98 -17.30
N TYR J 337 -10.12 20.91 -18.62
CA TYR J 337 -9.06 20.25 -19.37
C TYR J 337 -8.87 20.98 -20.69
N ASP J 338 -7.68 21.55 -20.88
CA ASP J 338 -7.28 22.15 -22.15
C ASP J 338 -8.33 23.13 -22.67
N SER J 339 -8.90 23.91 -21.78
CA SER J 339 -9.78 24.99 -22.23
C SER J 339 -8.94 26.19 -22.63
N PRO J 340 -9.10 26.71 -23.85
CA PRO J 340 -8.31 27.88 -24.25
C PRO J 340 -8.56 29.10 -23.39
N CYS J 341 -9.73 29.23 -22.78
CA CYS J 341 -10.10 30.44 -22.03
C CYS J 341 -10.77 30.09 -20.71
N LEU J 342 -10.22 29.12 -19.98
CA LEU J 342 -10.73 28.78 -18.66
C LEU J 342 -9.64 28.09 -17.86
N PRO J 343 -9.48 28.41 -16.58
CA PRO J 343 -8.43 27.77 -15.77
C PRO J 343 -8.85 26.38 -15.31
N GLU J 344 -7.85 25.62 -14.88
CA GLU J 344 -8.05 24.27 -14.34
C GLU J 344 -8.56 24.41 -12.91
N ALA J 345 -9.87 24.26 -12.72
CA ALA J 345 -10.50 24.41 -11.42
C ALA J 345 -11.33 23.17 -11.09
N GLU J 346 -12.10 23.25 -10.01
CA GLU J 346 -12.82 22.10 -9.48
C GLU J 346 -14.27 22.50 -9.23
N ALA J 347 -15.20 21.60 -9.56
CA ALA J 347 -16.60 21.82 -9.24
C ALA J 347 -17.22 20.53 -8.74
N MET J 348 -18.22 20.65 -7.87
CA MET J 348 -18.92 19.51 -7.30
C MET J 348 -20.38 19.56 -7.72
N PHE J 349 -20.94 18.42 -8.05
CA PHE J 349 -22.35 18.35 -8.43
C PHE J 349 -22.91 16.98 -8.11
N ALA J 350 -24.19 16.94 -7.74
CA ALA J 350 -24.83 15.72 -7.33
C ALA J 350 -25.68 15.14 -8.45
N ILE J 351 -25.81 13.81 -8.46
CA ILE J 351 -26.61 13.10 -9.44
C ILE J 351 -27.59 12.19 -8.69
N ASN J 352 -28.87 12.28 -9.05
CA ASN J 352 -29.93 11.58 -8.33
C ASN J 352 -30.96 11.10 -9.35
N ALA J 353 -32.11 10.65 -8.84
CA ALA J 353 -33.20 10.19 -9.71
C ALA J 353 -33.75 11.31 -10.58
N ASP J 354 -33.47 12.57 -10.24
CA ASP J 354 -33.86 13.72 -11.04
C ASP J 354 -32.70 14.27 -11.87
N GLY J 355 -31.66 13.46 -12.10
CA GLY J 355 -30.57 13.87 -12.95
C GLY J 355 -29.46 14.63 -12.22
N VAL J 356 -28.95 15.68 -12.86
CA VAL J 356 -27.80 16.42 -12.36
C VAL J 356 -28.29 17.71 -11.69
N GLY J 357 -27.77 17.99 -10.50
CA GLY J 357 -28.10 19.22 -9.82
C GLY J 357 -27.06 19.54 -8.76
N ASP J 358 -27.44 20.42 -7.85
CA ASP J 358 -26.56 20.81 -6.75
C ASP J 358 -26.24 19.64 -5.85
#